data_4LMH
#
_entry.id   4LMH
#
_cell.length_a   92.640
_cell.length_b   245.380
_cell.length_c   135.630
_cell.angle_alpha   90.00
_cell.angle_beta   97.89
_cell.angle_gamma   90.00
#
_symmetry.space_group_name_H-M   'P 1 21 1'
#
loop_
_entity.id
_entity.type
_entity.pdbx_description
1 polymer 'Extracellular iron oxide respiratory system surface decaheme cytochrome c component OmcA'
2 non-polymer 'HEME C'
3 non-polymer 'CALCIUM ION'
4 non-polymer 'DIMETHYL SULFOXIDE'
5 water water
#
_entity_poly.entity_id   1
_entity_poly.type   'polypeptide(L)'
_entity_poly.pdbx_seq_one_letter_code
;MKFKLNLITLALLANTGLAVAAGGSDGKDGEDGKPGVVGVNINSTSTLKAKFTNATVDAGKVTVNFTLENANGVAVLGLT
KDHDLRFGIAQLTPVKEKVGETEADRGYQWQAYINAKKEPGTVPSGVDNLNPSTQFQANVESANKCDTCLVDHGDGSYSY
TYQVNVANVTEPVKVTYSADATQRATMELELPQLAANAHFDWQPSTGKTEGIQTRNVVSIQACYTCHQPESLALHGGRRI
DIENCASCHTATSGDPESGNSIEFTYMIHAIHKGGERHTFDATGAQVPAPYKIIGYGGKVIDYGKVHYPQKPAADCAACH
VEGAGAPANADLFKADLSNQACIGCHTEKPSAHHSSTDCMACHNATKPYGGTGSAAKRHGDVMKAYNDSLGYKAKFSNIG
IKNNALTFDVQILDNKDQPIGKEFISDPSAYTKSSIYFSWGIDKDYPAYTAGSRYSDRGFALSNSKVSTYNEATKTFTID
STNSNLKLPADLTGMNVELYAGVATCFNKGGYGVEDVVATPCSTDTRYAYIQDQPFRFKWNGTDTNSAAEKRRAIIDTAK
CSGCHNKEIVHYDNGVNCQACHTPDKGLKTDNTYPGTKVPTSFAWKAHESEGHYLKYAGVQSGTVLKTDCATCHTADKSN
VVTGIALGRSPERAWLYGDIKNNGAVIWVSSDAGACLSCHQKYLSDAAKSHIETNGGILNGTSAADVQTRASESCATCHT
PSQLMEAHGNKGELKLEGKPIPNPLLGLDSTRTGHHHHHH
;
_entity_poly.pdbx_strand_id   A,B,C,D
#
# COMPACT_ATOMS: atom_id res chain seq x y z
N VAL A 38 60.14 6.90 -99.54
CA VAL A 38 59.59 5.68 -98.96
C VAL A 38 59.11 5.93 -97.52
N GLY A 39 59.71 6.90 -96.85
CA GLY A 39 59.32 7.27 -95.50
C GLY A 39 59.81 8.64 -95.11
N VAL A 40 59.72 8.98 -93.83
CA VAL A 40 60.17 10.28 -93.36
C VAL A 40 61.11 10.11 -92.16
N ASN A 41 62.12 10.96 -92.05
CA ASN A 41 63.09 10.87 -90.97
C ASN A 41 62.53 11.36 -89.63
N ILE A 42 62.91 10.68 -88.56
CA ILE A 42 62.43 10.98 -87.21
C ILE A 42 62.83 12.39 -86.74
N ASN A 43 63.96 12.88 -87.21
CA ASN A 43 64.48 14.16 -86.77
C ASN A 43 63.85 15.32 -87.54
N SER A 44 62.93 15.00 -88.44
CA SER A 44 62.29 16.00 -89.29
C SER A 44 60.77 16.02 -89.11
N THR A 45 60.21 14.88 -88.72
CA THR A 45 58.76 14.78 -88.64
C THR A 45 58.19 15.68 -87.54
N SER A 46 57.06 16.30 -87.83
CA SER A 46 56.41 17.20 -86.87
C SER A 46 55.35 16.46 -86.07
N THR A 47 54.94 15.31 -86.60
CA THR A 47 53.96 14.46 -85.91
C THR A 47 54.50 13.05 -85.78
N LEU A 48 54.12 12.37 -84.72
CA LEU A 48 54.58 11.00 -84.50
C LEU A 48 53.60 10.20 -83.67
N LYS A 49 53.32 8.99 -84.13
CA LYS A 49 52.44 8.08 -83.41
C LYS A 49 53.12 6.73 -83.26
N ALA A 50 53.32 6.32 -82.00
CA ALA A 50 53.92 5.03 -81.70
C ALA A 50 52.84 4.01 -81.37
N LYS A 51 52.95 2.81 -81.95
CA LYS A 51 51.97 1.75 -81.73
C LYS A 51 52.66 0.40 -81.53
N PHE A 52 52.43 -0.22 -80.38
CA PHE A 52 52.91 -1.58 -80.15
C PHE A 52 52.07 -2.58 -80.94
N THR A 53 52.74 -3.56 -81.56
CA THR A 53 52.06 -4.55 -82.39
C THR A 53 51.91 -5.87 -81.67
N ASN A 54 52.99 -6.29 -81.00
CA ASN A 54 52.95 -7.51 -80.19
C ASN A 54 54.15 -7.57 -79.26
N ALA A 55 54.12 -8.52 -78.34
CA ALA A 55 55.19 -8.68 -77.36
C ALA A 55 55.39 -10.16 -77.05
N THR A 56 56.57 -10.51 -76.58
CA THR A 56 56.87 -11.90 -76.25
C THR A 56 57.80 -12.02 -75.05
N VAL A 57 57.58 -13.05 -74.24
CA VAL A 57 58.40 -13.33 -73.06
C VAL A 57 59.06 -14.69 -73.19
N ASP A 58 60.38 -14.73 -73.24
CA ASP A 58 61.11 -15.98 -73.32
C ASP A 58 62.06 -16.10 -72.12
N ALA A 59 61.65 -16.91 -71.14
CA ALA A 59 62.43 -17.10 -69.92
C ALA A 59 62.82 -15.79 -69.25
N GLY A 60 61.86 -14.87 -69.16
CA GLY A 60 62.08 -13.60 -68.51
C GLY A 60 62.51 -12.50 -69.47
N LYS A 61 62.95 -12.90 -70.65
CA LYS A 61 63.39 -11.93 -71.66
C LYS A 61 62.19 -11.38 -72.41
N VAL A 62 61.98 -10.07 -72.31
CA VAL A 62 60.86 -9.43 -72.98
C VAL A 62 61.30 -8.75 -74.27
N THR A 63 60.63 -9.07 -75.38
CA THR A 63 60.86 -8.40 -76.64
C THR A 63 59.55 -7.79 -77.14
N VAL A 64 59.55 -6.48 -77.36
CA VAL A 64 58.36 -5.80 -77.88
C VAL A 64 58.56 -5.33 -79.32
N ASN A 65 57.48 -5.27 -80.07
CA ASN A 65 57.51 -4.77 -81.44
C ASN A 65 56.56 -3.59 -81.59
N PHE A 66 57.00 -2.55 -82.27
CA PHE A 66 56.18 -1.36 -82.44
C PHE A 66 56.44 -0.65 -83.77
N THR A 67 55.54 0.27 -84.14
CA THR A 67 55.68 1.04 -85.37
C THR A 67 55.69 2.54 -85.08
N LEU A 68 56.36 3.29 -85.94
CA LEU A 68 56.33 4.75 -85.88
C LEU A 68 55.72 5.32 -87.16
N GLU A 69 54.80 6.25 -87.01
CA GLU A 69 54.15 6.87 -88.17
C GLU A 69 53.80 8.32 -87.87
N ASN A 70 53.60 9.11 -88.91
CA ASN A 70 53.17 10.49 -88.76
C ASN A 70 51.64 10.59 -88.78
N ALA A 71 51.12 11.81 -88.89
CA ALA A 71 49.68 12.01 -88.91
C ALA A 71 49.04 11.38 -90.15
N ASN A 72 49.73 11.47 -91.28
CA ASN A 72 49.23 10.89 -92.53
C ASN A 72 49.37 9.37 -92.59
N GLY A 73 50.19 8.81 -91.71
CA GLY A 73 50.38 7.37 -91.68
C GLY A 73 51.68 6.91 -92.34
N VAL A 74 52.50 7.86 -92.79
CA VAL A 74 53.77 7.54 -93.41
C VAL A 74 54.76 7.03 -92.37
N ALA A 75 55.54 6.01 -92.74
CA ALA A 75 56.52 5.43 -91.82
C ALA A 75 57.60 6.43 -91.39
N VAL A 76 57.92 6.41 -90.10
CA VAL A 76 58.98 7.24 -89.54
C VAL A 76 60.24 6.41 -89.30
N LEU A 77 61.36 6.85 -89.88
CA LEU A 77 62.60 6.10 -89.84
C LEU A 77 63.70 6.80 -89.03
N GLY A 78 64.67 6.03 -88.55
CA GLY A 78 65.88 6.61 -87.97
C GLY A 78 65.92 6.70 -86.45
N LEU A 79 65.04 5.97 -85.79
CA LEU A 79 65.03 5.95 -84.33
C LEU A 79 66.22 5.18 -83.80
N THR A 80 67.01 5.81 -82.93
CA THR A 80 68.17 5.15 -82.34
C THR A 80 68.07 5.04 -80.83
N LYS A 81 69.01 4.31 -80.23
CA LYS A 81 69.05 4.15 -78.78
C LYS A 81 69.49 5.45 -78.12
N ASP A 82 70.13 6.31 -78.89
CA ASP A 82 70.70 7.54 -78.36
C ASP A 82 69.68 8.68 -78.35
N HIS A 83 68.50 8.42 -78.90
CA HIS A 83 67.38 9.32 -78.72
C HIS A 83 66.84 9.14 -77.31
N ASP A 84 66.12 10.14 -76.80
CA ASP A 84 65.59 10.05 -75.45
C ASP A 84 64.48 9.00 -75.39
N LEU A 85 64.88 7.75 -75.52
CA LEU A 85 63.96 6.63 -75.66
C LEU A 85 64.04 5.71 -74.44
N ARG A 86 62.94 5.58 -73.71
CA ARG A 86 62.92 4.73 -72.52
C ARG A 86 61.73 3.76 -72.54
N PHE A 87 61.87 2.65 -71.83
CA PHE A 87 60.85 1.61 -71.79
C PHE A 87 60.55 1.16 -70.38
N GLY A 88 59.29 0.84 -70.12
CA GLY A 88 58.88 0.28 -68.84
C GLY A 88 58.25 -1.08 -69.03
N ILE A 89 58.23 -1.87 -67.97
CA ILE A 89 57.55 -3.16 -67.98
C ILE A 89 56.96 -3.44 -66.58
N ALA A 90 55.67 -3.78 -66.55
CA ALA A 90 55.00 -4.00 -65.28
C ALA A 90 53.96 -5.11 -65.36
N GLN A 91 53.66 -5.73 -64.22
CA GLN A 91 52.63 -6.75 -64.17
C GLN A 91 51.39 -6.24 -63.43
N LEU A 92 50.22 -6.58 -63.95
CA LEU A 92 48.98 -6.31 -63.25
C LEU A 92 48.70 -7.47 -62.29
N THR A 93 49.18 -7.31 -61.07
CA THR A 93 49.20 -8.40 -60.10
C THR A 93 48.02 -8.38 -59.13
N PRO A 94 47.36 -9.54 -58.96
CA PRO A 94 46.34 -9.68 -57.91
C PRO A 94 46.98 -9.56 -56.53
N VAL A 95 46.43 -8.67 -55.70
CA VAL A 95 47.02 -8.41 -54.39
C VAL A 95 46.03 -8.68 -53.25
N LYS A 96 46.47 -9.48 -52.28
CA LYS A 96 45.73 -9.65 -51.04
C LYS A 96 46.53 -8.97 -49.93
N GLU A 97 45.84 -8.40 -48.94
CA GLU A 97 46.55 -7.79 -47.81
C GLU A 97 46.10 -8.42 -46.50
N LYS A 98 47.05 -8.88 -45.69
CA LYS A 98 46.72 -9.40 -44.38
C LYS A 98 46.55 -8.24 -43.39
N VAL A 99 45.30 -7.94 -43.04
CA VAL A 99 45.01 -6.88 -42.08
C VAL A 99 44.55 -7.49 -40.77
N GLY A 100 45.51 -7.87 -39.94
CA GLY A 100 45.20 -8.52 -38.68
C GLY A 100 45.19 -10.03 -38.81
N GLU A 101 44.00 -10.62 -38.66
CA GLU A 101 43.87 -12.07 -38.69
C GLU A 101 43.12 -12.55 -39.93
N THR A 102 43.14 -11.74 -40.97
CA THR A 102 42.43 -12.05 -42.20
C THR A 102 43.09 -11.41 -43.41
N GLU A 103 42.69 -11.84 -44.61
CA GLU A 103 43.18 -11.24 -45.84
C GLU A 103 42.08 -10.46 -46.54
N ALA A 104 42.41 -9.24 -46.95
CA ALA A 104 41.48 -8.40 -47.72
C ALA A 104 41.91 -8.36 -49.18
N ASP A 105 40.95 -8.49 -50.09
CA ASP A 105 41.24 -8.38 -51.52
C ASP A 105 41.50 -6.92 -51.86
N ARG A 106 42.56 -6.66 -52.61
CA ARG A 106 42.93 -5.30 -52.98
C ARG A 106 42.79 -5.09 -54.48
N GLY A 107 42.29 -6.12 -55.16
CA GLY A 107 42.16 -6.07 -56.60
C GLY A 107 43.48 -6.30 -57.29
N TYR A 108 43.67 -5.64 -58.44
CA TYR A 108 44.89 -5.78 -59.21
C TYR A 108 45.69 -4.49 -59.17
N GLN A 109 46.97 -4.59 -58.81
CA GLN A 109 47.84 -3.43 -58.72
C GLN A 109 49.01 -3.54 -59.68
N TRP A 110 49.37 -2.43 -60.33
CA TRP A 110 50.55 -2.43 -61.19
C TRP A 110 51.80 -2.63 -60.34
N GLN A 111 52.64 -3.56 -60.78
CA GLN A 111 53.95 -3.77 -60.18
C GLN A 111 55.00 -3.72 -61.26
N ALA A 112 55.78 -2.65 -61.26
CA ALA A 112 56.88 -2.50 -62.21
C ALA A 112 58.01 -3.48 -61.89
N TYR A 113 58.65 -3.98 -62.95
CA TYR A 113 59.81 -4.86 -62.77
C TYR A 113 61.08 -4.05 -62.55
N ILE A 114 61.00 -2.74 -62.79
CA ILE A 114 62.15 -1.86 -62.59
C ILE A 114 61.89 -0.93 -61.40
N ASN A 115 62.54 -1.22 -60.28
CA ASN A 115 62.42 -0.38 -59.09
C ASN A 115 63.80 -0.12 -58.49
N ALA A 116 63.92 1.00 -57.79
CA ALA A 116 65.15 1.34 -57.10
C ALA A 116 64.82 1.76 -55.67
N LYS A 117 65.73 1.47 -54.75
CA LYS A 117 65.58 1.88 -53.37
C LYS A 117 66.26 3.24 -53.19
N LYS A 118 65.49 4.25 -52.77
CA LYS A 118 66.04 5.60 -52.67
C LYS A 118 66.05 6.18 -51.25
N GLU A 119 67.24 6.47 -50.75
CA GLU A 119 67.40 7.20 -49.50
C GLU A 119 67.13 8.67 -49.76
N PRO A 120 66.58 9.39 -48.77
CA PRO A 120 66.25 10.81 -48.96
C PRO A 120 67.47 11.64 -49.34
N GLY A 121 67.32 12.48 -50.37
CA GLY A 121 68.32 13.47 -50.72
C GLY A 121 68.00 14.76 -49.98
N THR A 122 68.29 15.90 -50.58
CA THR A 122 68.08 17.20 -49.93
C THR A 122 66.68 17.39 -49.37
N VAL A 123 66.60 17.70 -48.08
CA VAL A 123 65.33 18.05 -47.44
C VAL A 123 65.39 19.48 -46.94
N PRO A 124 64.45 20.33 -47.40
CA PRO A 124 64.45 21.73 -47.01
C PRO A 124 64.07 21.89 -45.54
N SER A 125 64.54 22.96 -44.91
CA SER A 125 64.22 23.22 -43.51
C SER A 125 63.10 24.24 -43.38
N GLY A 126 62.44 24.23 -42.23
CA GLY A 126 61.31 25.12 -41.98
C GLY A 126 60.09 24.72 -42.79
N VAL A 127 60.08 23.49 -43.28
CA VAL A 127 58.93 22.99 -44.04
C VAL A 127 58.19 21.90 -43.26
N ASP A 128 56.96 22.20 -42.87
CA ASP A 128 56.17 21.28 -42.09
C ASP A 128 55.53 20.18 -42.94
N ASN A 129 54.95 19.20 -42.27
CA ASN A 129 54.20 18.10 -42.91
C ASN A 129 55.07 17.18 -43.77
N LEU A 130 56.33 17.02 -43.38
CA LEU A 130 57.23 16.08 -44.03
C LEU A 130 57.65 14.97 -43.07
N ASN A 131 58.06 13.84 -43.62
CA ASN A 131 58.60 12.74 -42.82
C ASN A 131 59.57 11.89 -43.64
N PRO A 132 60.77 12.45 -43.92
CA PRO A 132 61.74 11.82 -44.82
C PRO A 132 62.06 10.38 -44.40
N SER A 133 62.03 9.46 -45.35
CA SER A 133 62.31 8.07 -45.07
C SER A 133 62.69 7.37 -46.36
N THR A 134 63.30 6.19 -46.22
CA THR A 134 63.64 5.39 -47.38
C THR A 134 62.36 5.00 -48.15
N GLN A 135 62.37 5.21 -49.46
CA GLN A 135 61.22 4.84 -50.28
C GLN A 135 61.66 4.13 -51.57
N PHE A 136 60.78 3.30 -52.11
CA PHE A 136 61.02 2.69 -53.41
C PHE A 136 60.44 3.58 -54.49
N GLN A 137 61.06 3.58 -55.65
CA GLN A 137 60.51 4.26 -56.82
C GLN A 137 60.63 3.34 -58.04
N ALA A 138 59.51 3.15 -58.73
CA ALA A 138 59.54 2.42 -59.99
C ALA A 138 60.20 3.31 -61.04
N ASN A 139 60.68 2.72 -62.12
CA ASN A 139 61.32 3.50 -63.16
C ASN A 139 61.20 2.85 -64.53
N VAL A 140 61.64 3.58 -65.56
CA VAL A 140 61.81 3.02 -66.89
C VAL A 140 63.29 2.75 -67.09
N GLU A 141 63.63 2.01 -68.13
CA GLU A 141 65.03 1.79 -68.49
C GLU A 141 65.35 2.54 -69.78
N SER A 142 66.50 3.22 -69.82
CA SER A 142 66.89 3.95 -71.02
C SER A 142 67.51 3.01 -72.05
N ALA A 143 67.12 3.18 -73.30
CA ALA A 143 67.63 2.33 -74.37
C ALA A 143 69.12 2.53 -74.66
N ASN A 144 69.63 3.71 -74.33
CA ASN A 144 71.04 4.04 -74.61
C ASN A 144 72.03 3.22 -73.80
N LYS A 145 71.53 2.42 -72.87
CA LYS A 145 72.38 1.58 -72.04
C LYS A 145 72.67 0.23 -72.66
N CYS A 146 72.04 -0.03 -73.80
CA CYS A 146 72.14 -1.33 -74.46
C CYS A 146 72.43 -1.16 -75.94
N ASP A 147 73.61 -1.58 -76.38
CA ASP A 147 74.01 -1.36 -77.77
C ASP A 147 73.20 -2.20 -78.76
N THR A 148 72.67 -3.33 -78.29
CA THR A 148 72.02 -4.28 -79.19
C THR A 148 70.58 -4.60 -78.81
N CYS A 149 69.91 -3.69 -78.09
CA CYS A 149 68.54 -3.95 -77.67
C CYS A 149 67.51 -3.49 -78.70
N LEU A 150 67.81 -2.39 -79.38
CA LEU A 150 66.87 -1.79 -80.32
C LEU A 150 67.24 -2.10 -81.76
N VAL A 151 66.24 -2.50 -82.54
CA VAL A 151 66.48 -2.79 -83.96
C VAL A 151 65.57 -1.97 -84.86
N ASP A 152 66.17 -1.26 -85.81
CA ASP A 152 65.43 -0.55 -86.85
C ASP A 152 65.28 -1.48 -88.05
N HIS A 153 64.04 -1.73 -88.46
CA HIS A 153 63.77 -2.65 -89.56
C HIS A 153 63.73 -1.93 -90.89
N GLY A 154 63.86 -0.59 -90.84
CA GLY A 154 63.94 0.21 -92.04
C GLY A 154 62.62 0.48 -92.73
N ASP A 155 61.53 -0.08 -92.20
CA ASP A 155 60.23 0.05 -92.83
C ASP A 155 59.24 0.79 -91.94
N GLY A 156 59.73 1.38 -90.85
CA GLY A 156 58.88 2.10 -89.92
C GLY A 156 58.57 1.30 -88.67
N SER A 157 58.98 0.02 -88.67
CA SER A 157 58.75 -0.84 -87.52
C SER A 157 60.04 -1.07 -86.74
N TYR A 158 59.90 -1.33 -85.45
CA TYR A 158 61.07 -1.52 -84.59
C TYR A 158 60.85 -2.70 -83.64
N SER A 159 61.94 -3.20 -83.08
CA SER A 159 61.87 -4.25 -82.08
C SER A 159 62.82 -3.91 -80.93
N TYR A 160 62.33 -4.05 -79.70
CA TYR A 160 63.13 -3.73 -78.52
C TYR A 160 63.15 -4.92 -77.56
N THR A 161 64.35 -5.28 -77.11
CA THR A 161 64.51 -6.34 -76.13
C THR A 161 64.92 -5.73 -74.80
N TYR A 162 64.13 -5.98 -73.76
CA TYR A 162 64.37 -5.38 -72.46
C TYR A 162 65.70 -5.83 -71.87
N GLN A 163 66.29 -4.94 -71.06
CA GLN A 163 67.54 -5.25 -70.39
C GLN A 163 67.24 -6.00 -69.09
N VAL A 164 66.06 -5.73 -68.53
CA VAL A 164 65.64 -6.43 -67.31
C VAL A 164 65.05 -7.80 -67.65
N ASN A 165 65.33 -8.79 -66.80
CA ASN A 165 64.69 -10.09 -66.92
C ASN A 165 63.56 -10.21 -65.92
N VAL A 166 62.34 -10.45 -66.41
CA VAL A 166 61.16 -10.42 -65.54
C VAL A 166 60.84 -11.74 -64.86
N ALA A 167 61.67 -12.77 -65.05
CA ALA A 167 61.41 -14.07 -64.44
C ALA A 167 61.59 -14.08 -62.93
N ASN A 168 62.66 -13.48 -62.42
CA ASN A 168 62.91 -13.47 -60.99
C ASN A 168 63.45 -12.15 -60.42
N VAL A 169 62.60 -11.13 -60.40
CA VAL A 169 62.94 -9.86 -59.78
C VAL A 169 62.55 -9.91 -58.30
N THR A 170 63.53 -9.76 -57.42
CA THR A 170 63.31 -9.90 -55.98
C THR A 170 63.77 -8.68 -55.18
N GLU A 171 64.58 -7.83 -55.81
CA GLU A 171 65.23 -6.75 -55.10
C GLU A 171 65.37 -5.54 -56.01
N PRO A 172 65.09 -4.33 -55.49
CA PRO A 172 64.68 -4.02 -54.11
C PRO A 172 63.19 -4.23 -53.88
N VAL A 173 62.42 -4.45 -54.95
CA VAL A 173 61.00 -4.77 -54.82
C VAL A 173 60.69 -6.07 -55.56
N LYS A 174 60.08 -7.03 -54.87
CA LYS A 174 59.79 -8.33 -55.50
C LYS A 174 58.51 -8.30 -56.32
N VAL A 175 58.61 -8.84 -57.54
CA VAL A 175 57.45 -9.01 -58.40
C VAL A 175 57.39 -10.47 -58.86
N THR A 176 56.43 -11.22 -58.34
CA THR A 176 56.27 -12.62 -58.70
C THR A 176 55.58 -12.78 -60.06
N TYR A 177 56.36 -13.13 -61.07
CA TYR A 177 55.86 -13.22 -62.44
C TYR A 177 54.80 -14.31 -62.63
N SER A 178 53.73 -13.96 -63.34
CA SER A 178 52.70 -14.92 -63.74
C SER A 178 52.32 -14.71 -65.20
N ALA A 179 52.39 -15.78 -65.99
CA ALA A 179 52.09 -15.68 -67.41
C ALA A 179 50.60 -15.47 -67.68
N ASP A 180 49.78 -15.82 -66.69
CA ASP A 180 48.34 -15.61 -66.78
C ASP A 180 47.98 -14.18 -66.42
N ALA A 181 48.87 -13.51 -65.68
CA ALA A 181 48.67 -12.12 -65.32
C ALA A 181 48.97 -11.18 -66.50
N THR A 182 48.26 -10.05 -66.54
CA THR A 182 48.43 -9.08 -67.61
C THR A 182 49.72 -8.28 -67.43
N GLN A 183 50.47 -8.13 -68.52
CA GLN A 183 51.71 -7.36 -68.48
C GLN A 183 51.52 -6.07 -69.26
N ARG A 184 52.08 -4.96 -68.78
CA ARG A 184 52.05 -3.70 -69.51
C ARG A 184 53.44 -3.20 -69.88
N ALA A 185 53.69 -3.10 -71.19
CA ALA A 185 54.89 -2.45 -71.68
C ALA A 185 54.56 -0.99 -71.95
N THR A 186 55.47 -0.11 -71.58
CA THR A 186 55.32 1.32 -71.86
C THR A 186 56.56 1.83 -72.57
N MET A 187 56.39 2.82 -73.43
CA MET A 187 57.53 3.50 -74.02
C MET A 187 57.31 5.01 -74.02
N GLU A 188 58.36 5.74 -73.71
CA GLU A 188 58.32 7.19 -73.76
C GLU A 188 59.45 7.69 -74.65
N LEU A 189 59.15 8.68 -75.47
CA LEU A 189 60.12 9.21 -76.42
C LEU A 189 60.05 10.72 -76.42
N GLU A 190 61.19 11.38 -76.27
CA GLU A 190 61.23 12.83 -76.27
C GLU A 190 62.11 13.37 -77.41
N LEU A 191 61.48 14.05 -78.36
CA LEU A 191 62.18 14.61 -79.52
C LEU A 191 62.17 16.14 -79.42
N PRO A 192 62.99 16.81 -80.24
CA PRO A 192 62.99 18.28 -80.30
C PRO A 192 61.61 18.90 -80.51
N GLN A 193 60.78 18.28 -81.33
CA GLN A 193 59.51 18.88 -81.75
C GLN A 193 58.28 18.29 -81.07
N LEU A 194 58.43 17.13 -80.44
CA LEU A 194 57.29 16.45 -79.82
C LEU A 194 57.73 15.43 -78.77
N ALA A 195 56.79 15.00 -77.93
CA ALA A 195 57.01 13.87 -77.03
C ALA A 195 55.94 12.83 -77.29
N ALA A 196 56.32 11.55 -77.27
CA ALA A 196 55.35 10.49 -77.54
C ALA A 196 55.34 9.39 -76.48
N ASN A 197 54.15 8.89 -76.17
CA ASN A 197 53.99 7.74 -75.30
C ASN A 197 53.26 6.61 -76.02
N ALA A 198 53.33 5.41 -75.47
CA ALA A 198 52.60 4.26 -75.99
C ALA A 198 52.61 3.15 -74.94
N HIS A 199 51.55 2.35 -74.91
CA HIS A 199 51.46 1.25 -73.95
C HIS A 199 50.92 0.01 -74.65
N PHE A 200 51.00 -1.13 -73.97
CA PHE A 200 50.57 -2.40 -74.55
C PHE A 200 50.28 -3.41 -73.45
N ASP A 201 49.01 -3.76 -73.28
CA ASP A 201 48.61 -4.77 -72.30
C ASP A 201 48.34 -6.10 -73.01
N TRP A 202 48.93 -7.18 -72.52
CA TRP A 202 48.74 -8.50 -73.11
C TRP A 202 48.92 -9.61 -72.09
N GLN A 203 48.32 -10.77 -72.36
CA GLN A 203 48.48 -11.94 -71.53
C GLN A 203 49.45 -12.90 -72.20
N PRO A 204 50.63 -13.09 -71.60
CA PRO A 204 51.72 -13.90 -72.16
C PRO A 204 51.33 -15.35 -72.45
N SER A 205 50.55 -15.96 -71.55
CA SER A 205 50.18 -17.36 -71.69
C SER A 205 49.32 -17.63 -72.93
N THR A 206 48.66 -16.60 -73.43
CA THR A 206 47.70 -16.76 -74.53
C THR A 206 47.95 -15.80 -75.68
N GLY A 207 48.54 -14.64 -75.39
CA GLY A 207 48.78 -13.63 -76.40
C GLY A 207 47.57 -12.74 -76.65
N LYS A 208 46.57 -12.81 -75.77
CA LYS A 208 45.38 -12.00 -75.93
C LYS A 208 45.62 -10.55 -75.49
N THR A 209 45.05 -9.61 -76.24
CA THR A 209 45.09 -8.20 -75.88
C THR A 209 43.69 -7.71 -75.57
N GLU A 210 42.70 -8.55 -75.88
CA GLU A 210 41.31 -8.28 -75.57
C GLU A 210 40.75 -9.41 -74.71
N GLY A 211 39.80 -9.09 -73.84
CA GLY A 211 39.20 -10.10 -72.98
C GLY A 211 40.14 -10.59 -71.89
N ILE A 212 40.96 -9.70 -71.38
CA ILE A 212 41.88 -10.02 -70.29
C ILE A 212 41.68 -9.03 -69.15
N GLN A 213 42.20 -9.38 -67.97
CA GLN A 213 42.14 -8.48 -66.82
C GLN A 213 42.80 -7.13 -67.10
N THR A 214 42.10 -6.05 -66.82
CA THR A 214 42.62 -4.71 -67.03
C THR A 214 42.43 -3.82 -65.79
N ARG A 215 43.03 -2.64 -65.81
CA ARG A 215 42.78 -1.63 -64.80
C ARG A 215 42.65 -0.29 -65.50
N ASN A 216 41.72 -0.23 -66.45
CA ASN A 216 41.40 1.02 -67.12
C ASN A 216 40.26 1.71 -66.38
N VAL A 217 40.61 2.71 -65.58
CA VAL A 217 39.68 3.34 -64.64
C VAL A 217 39.24 4.72 -65.08
N VAL A 218 40.21 5.61 -65.34
CA VAL A 218 39.92 6.97 -65.77
C VAL A 218 40.42 7.24 -67.19
N SER A 219 39.92 8.32 -67.79
CA SER A 219 40.34 8.75 -69.12
C SER A 219 40.83 10.19 -69.07
N ILE A 220 41.84 10.52 -69.88
CA ILE A 220 42.42 11.87 -69.89
C ILE A 220 41.38 12.92 -70.30
N GLN A 221 40.34 12.51 -71.01
CA GLN A 221 39.31 13.43 -71.45
C GLN A 221 38.54 14.07 -70.30
N ALA A 222 38.38 13.34 -69.21
CA ALA A 222 37.74 13.90 -68.02
C ALA A 222 38.66 14.93 -67.37
N CYS A 223 39.95 14.64 -67.35
CA CYS A 223 40.93 15.58 -66.82
C CYS A 223 40.95 16.85 -67.65
N TYR A 224 40.83 16.70 -68.97
CA TYR A 224 40.89 17.86 -69.87
C TYR A 224 39.71 18.83 -69.69
N THR A 225 38.70 18.42 -68.94
CA THR A 225 37.57 19.30 -68.63
C THR A 225 38.01 20.47 -67.76
N CYS A 226 39.01 20.23 -66.91
CA CYS A 226 39.59 21.28 -66.09
C CYS A 226 41.00 21.65 -66.53
N HIS A 227 41.72 20.70 -67.14
CA HIS A 227 43.15 20.88 -67.39
C HIS A 227 43.52 21.32 -68.81
N GLN A 228 44.31 22.37 -68.90
CA GLN A 228 45.07 22.65 -70.12
C GLN A 228 45.94 21.44 -70.34
N PRO A 229 45.92 20.90 -71.56
CA PRO A 229 46.72 19.70 -71.91
C PRO A 229 48.18 19.82 -71.49
N GLU A 230 48.73 21.03 -71.56
CA GLU A 230 50.12 21.25 -71.18
C GLU A 230 50.32 20.98 -69.68
N SER A 231 49.31 21.32 -68.88
CA SER A 231 49.40 21.14 -67.43
C SER A 231 49.45 19.67 -67.02
N LEU A 232 49.12 18.77 -67.93
CA LEU A 232 49.19 17.34 -67.63
C LEU A 232 50.34 16.66 -68.37
N ALA A 233 51.01 17.40 -69.25
CA ALA A 233 52.26 16.92 -69.83
C ALA A 233 53.34 16.99 -68.77
N LEU A 234 53.47 15.95 -67.96
CA LEU A 234 54.29 16.06 -66.74
C LEU A 234 55.76 15.64 -66.84
N HIS A 235 56.48 15.91 -65.76
CA HIS A 235 57.93 15.80 -65.68
C HIS A 235 58.64 16.62 -66.76
N GLY A 236 59.22 15.98 -67.76
CA GLY A 236 59.88 16.74 -68.80
C GLY A 236 58.89 17.37 -69.76
N GLY A 237 57.61 17.10 -69.52
CA GLY A 237 56.60 17.32 -70.52
C GLY A 237 56.60 16.11 -71.42
N ARG A 238 57.33 15.09 -70.98
CA ARG A 238 57.56 13.91 -71.80
C ARG A 238 56.65 12.75 -71.41
N ARG A 239 55.83 12.96 -70.39
CA ARG A 239 54.87 11.93 -69.98
C ARG A 239 53.44 12.43 -70.16
N ILE A 240 52.71 11.78 -71.06
CA ILE A 240 51.41 12.27 -71.53
C ILE A 240 50.25 11.34 -71.20
N ASP A 241 50.40 10.05 -71.47
CA ASP A 241 49.31 9.11 -71.34
C ASP A 241 49.10 8.58 -69.92
N ILE A 242 47.83 8.46 -69.54
CA ILE A 242 47.41 7.90 -68.25
C ILE A 242 48.08 6.54 -67.98
N GLU A 243 48.11 5.69 -68.99
CA GLU A 243 48.66 4.34 -68.85
C GLU A 243 50.14 4.37 -68.45
N ASN A 244 50.87 5.37 -68.92
CA ASN A 244 52.25 5.57 -68.47
C ASN A 244 52.32 5.98 -66.99
N CYS A 245 51.46 6.91 -66.58
CA CYS A 245 51.39 7.32 -65.18
C CYS A 245 51.21 6.12 -64.27
N ALA A 246 50.21 5.30 -64.58
CA ALA A 246 49.87 4.14 -63.78
C ALA A 246 50.99 3.09 -63.76
N SER A 247 51.76 3.03 -64.84
CA SER A 247 52.82 2.04 -64.95
C SER A 247 53.98 2.32 -64.01
N CYS A 248 54.11 3.57 -63.57
CA CYS A 248 55.25 3.96 -62.75
C CYS A 248 54.86 4.45 -61.34
N HIS A 249 53.70 5.08 -61.22
CA HIS A 249 53.23 5.52 -59.91
C HIS A 249 52.52 4.38 -59.17
N THR A 250 53.30 3.36 -58.82
CA THR A 250 52.79 2.12 -58.26
C THR A 250 52.57 2.17 -56.75
N ALA A 251 51.80 1.21 -56.24
CA ALA A 251 51.38 1.18 -54.84
C ALA A 251 52.55 1.12 -53.86
N THR A 252 53.70 0.66 -54.34
CA THR A 252 54.85 0.47 -53.48
C THR A 252 55.83 1.65 -53.59
N SER A 253 55.48 2.66 -54.39
CA SER A 253 56.34 3.81 -54.62
C SER A 253 56.01 5.04 -53.76
N GLY A 254 57.03 5.82 -53.44
CA GLY A 254 56.85 7.02 -52.65
C GLY A 254 57.98 8.03 -52.82
N ASP A 255 57.77 9.23 -52.28
CA ASP A 255 58.79 10.28 -52.31
C ASP A 255 59.60 10.24 -51.02
N PRO A 256 60.90 9.93 -51.14
CA PRO A 256 61.81 9.79 -50.01
C PRO A 256 61.89 11.03 -49.12
N GLU A 257 61.85 12.21 -49.72
CA GLU A 257 62.09 13.43 -48.96
C GLU A 257 60.86 13.94 -48.23
N SER A 258 59.68 13.43 -48.58
CA SER A 258 58.46 13.78 -47.88
C SER A 258 57.94 12.58 -47.09
N GLY A 259 58.25 11.38 -47.57
CA GLY A 259 57.73 10.17 -47.00
C GLY A 259 56.35 9.82 -47.52
N ASN A 260 55.85 10.63 -48.45
CA ASN A 260 54.53 10.41 -49.01
C ASN A 260 54.52 9.34 -50.10
N SER A 261 53.42 8.60 -50.18
CA SER A 261 53.21 7.67 -51.28
C SER A 261 52.96 8.48 -52.54
N ILE A 262 53.44 7.98 -53.67
CA ILE A 262 53.17 8.62 -54.96
C ILE A 262 52.38 7.66 -55.84
N GLU A 263 51.71 6.69 -55.21
CA GLU A 263 50.82 5.77 -55.92
C GLU A 263 49.75 6.58 -56.65
N PHE A 264 49.51 6.21 -57.91
CA PHE A 264 48.61 6.96 -58.81
C PHE A 264 47.30 7.39 -58.16
N THR A 265 46.60 6.44 -57.55
CA THR A 265 45.33 6.72 -56.89
C THR A 265 45.49 7.70 -55.72
N TYR A 266 46.41 7.39 -54.82
CA TYR A 266 46.64 8.19 -53.61
C TYR A 266 47.04 9.61 -53.98
N MET A 267 48.06 9.73 -54.82
CA MET A 267 48.60 11.02 -55.25
C MET A 267 47.55 11.95 -55.88
N ILE A 268 46.84 11.47 -56.90
CA ILE A 268 45.84 12.29 -57.59
C ILE A 268 44.72 12.72 -56.64
N HIS A 269 44.26 11.79 -55.80
CA HIS A 269 43.29 12.12 -54.76
C HIS A 269 43.84 13.21 -53.84
N ALA A 270 45.00 12.98 -53.24
CA ALA A 270 45.62 13.94 -52.33
C ALA A 270 45.81 15.32 -52.95
N ILE A 271 46.30 15.34 -54.19
CA ILE A 271 46.52 16.59 -54.90
C ILE A 271 45.23 17.40 -55.01
N HIS A 272 44.15 16.77 -55.44
CA HIS A 272 42.92 17.50 -55.67
C HIS A 272 42.13 17.82 -54.40
N LYS A 273 42.41 17.11 -53.31
CA LYS A 273 41.83 17.48 -52.03
C LYS A 273 42.42 18.83 -51.62
N GLY A 274 43.66 19.06 -52.06
CA GLY A 274 44.30 20.36 -51.94
C GLY A 274 44.38 20.95 -50.54
N GLY A 275 44.01 22.22 -50.43
CA GLY A 275 44.03 22.91 -49.15
C GLY A 275 42.93 22.43 -48.22
N GLU A 276 42.05 21.59 -48.74
CA GLU A 276 40.96 21.04 -47.95
C GLU A 276 41.32 19.68 -47.34
N ARG A 277 42.59 19.31 -47.44
CA ARG A 277 43.05 18.05 -46.85
C ARG A 277 43.44 18.30 -45.39
N HIS A 278 42.68 17.69 -44.48
CA HIS A 278 42.90 17.88 -43.06
C HIS A 278 42.83 16.55 -42.31
N THR A 279 43.26 16.58 -41.04
CA THR A 279 43.23 15.41 -40.20
C THR A 279 42.99 15.82 -38.75
N PHE A 280 42.98 14.85 -37.85
CA PHE A 280 42.73 15.13 -36.43
C PHE A 280 43.83 14.52 -35.58
N ASP A 281 44.33 15.30 -34.62
CA ASP A 281 45.38 14.82 -33.71
C ASP A 281 44.82 13.96 -32.58
N ALA A 282 45.65 13.70 -31.56
CA ALA A 282 45.24 12.86 -30.45
C ALA A 282 44.25 13.57 -29.52
N THR A 283 44.21 14.91 -29.62
CA THR A 283 43.26 15.69 -28.83
C THR A 283 41.92 15.84 -29.54
N GLY A 284 41.87 15.44 -30.80
CA GLY A 284 40.65 15.52 -31.58
C GLY A 284 40.44 16.86 -32.24
N ALA A 285 41.51 17.61 -32.42
CA ALA A 285 41.45 18.91 -33.10
C ALA A 285 41.78 18.76 -34.59
N GLN A 286 41.00 19.44 -35.43
CA GLN A 286 41.25 19.42 -36.87
C GLN A 286 42.50 20.23 -37.24
N VAL A 287 43.48 19.57 -37.84
CA VAL A 287 44.69 20.23 -38.29
C VAL A 287 44.91 19.98 -39.79
N PRO A 288 45.53 20.95 -40.49
CA PRO A 288 45.79 20.78 -41.92
C PRO A 288 46.70 19.59 -42.18
N ALA A 289 46.44 18.86 -43.25
CA ALA A 289 47.32 17.77 -43.68
C ALA A 289 47.61 17.90 -45.16
N PRO A 290 48.46 18.87 -45.52
CA PRO A 290 48.80 19.14 -46.92
C PRO A 290 49.65 18.01 -47.50
N TYR A 291 49.37 17.63 -48.74
CA TYR A 291 50.18 16.64 -49.45
C TYR A 291 51.33 17.38 -50.15
N LYS A 292 52.55 17.16 -49.66
CA LYS A 292 53.72 17.83 -50.21
C LYS A 292 54.68 16.85 -50.87
N ILE A 293 55.18 17.23 -52.04
CA ILE A 293 56.23 16.45 -52.71
C ILE A 293 57.52 17.26 -52.78
N ILE A 294 58.59 16.74 -52.18
CA ILE A 294 59.90 17.36 -52.26
C ILE A 294 60.68 16.78 -53.44
N GLY A 295 61.21 17.66 -54.30
CA GLY A 295 61.95 17.24 -55.49
C GLY A 295 63.34 17.82 -55.63
N TYR A 296 63.78 18.01 -56.88
CA TYR A 296 65.14 18.44 -57.21
C TYR A 296 65.58 19.67 -56.44
N GLY A 297 66.76 19.56 -55.83
CA GLY A 297 67.35 20.65 -55.08
C GLY A 297 66.58 20.98 -53.82
N GLY A 298 65.65 20.09 -53.45
CA GLY A 298 64.83 20.30 -52.27
C GLY A 298 63.67 21.25 -52.50
N LYS A 299 63.24 21.39 -53.75
CA LYS A 299 62.12 22.28 -54.04
C LYS A 299 60.82 21.70 -53.50
N VAL A 300 59.89 22.58 -53.14
CA VAL A 300 58.65 22.16 -52.51
C VAL A 300 57.47 22.38 -53.43
N ILE A 301 56.75 21.29 -53.74
CA ILE A 301 55.44 21.40 -54.36
C ILE A 301 54.41 21.14 -53.26
N ASP A 302 53.80 22.22 -52.76
CA ASP A 302 52.85 22.13 -51.67
C ASP A 302 51.42 22.13 -52.21
N TYR A 303 50.81 20.95 -52.25
CA TYR A 303 49.45 20.82 -52.79
C TYR A 303 48.38 21.36 -51.84
N GLY A 304 48.82 21.89 -50.70
CA GLY A 304 47.93 22.61 -49.81
C GLY A 304 47.52 23.93 -50.42
N LYS A 305 48.23 24.34 -51.48
CA LYS A 305 47.91 25.57 -52.22
C LYS A 305 46.81 25.34 -53.25
N VAL A 306 46.57 24.08 -53.60
CA VAL A 306 45.55 23.73 -54.60
C VAL A 306 44.15 24.03 -54.10
N HIS A 307 43.35 24.71 -54.93
CA HIS A 307 41.94 24.94 -54.62
C HIS A 307 41.06 24.27 -55.66
N TYR A 308 40.52 23.11 -55.30
CA TYR A 308 39.62 22.37 -56.18
C TYR A 308 38.35 23.19 -56.45
N PRO A 309 38.02 23.37 -57.73
CA PRO A 309 36.93 24.27 -58.15
C PRO A 309 35.53 23.69 -57.98
N GLN A 310 35.42 22.38 -57.75
CA GLN A 310 34.12 21.72 -57.68
C GLN A 310 33.35 21.97 -56.39
N LYS A 311 32.11 22.44 -56.52
CA LYS A 311 31.18 22.52 -55.40
C LYS A 311 29.94 21.68 -55.72
N PRO A 312 29.68 20.65 -54.91
CA PRO A 312 30.53 20.17 -53.82
C PRO A 312 31.70 19.35 -54.36
N ALA A 313 32.61 18.95 -53.49
CA ALA A 313 33.86 18.33 -53.91
C ALA A 313 33.80 16.82 -53.81
N ALA A 314 32.61 16.29 -53.53
CA ALA A 314 32.44 14.86 -53.29
C ALA A 314 31.92 14.12 -54.52
N ASP A 315 31.77 14.83 -55.63
CA ASP A 315 31.31 14.19 -56.85
C ASP A 315 32.46 13.46 -57.54
N CYS A 316 32.53 12.16 -57.33
CA CYS A 316 33.62 11.35 -57.87
C CYS A 316 33.61 11.33 -59.38
N ALA A 317 32.43 11.53 -59.96
CA ALA A 317 32.23 11.41 -61.41
C ALA A 317 33.04 12.41 -62.23
N ALA A 318 33.60 13.42 -61.56
CA ALA A 318 34.42 14.42 -62.26
C ALA A 318 35.60 13.74 -62.95
N CYS A 319 36.06 12.65 -62.34
CA CYS A 319 37.16 11.86 -62.89
C CYS A 319 36.67 10.47 -63.23
N HIS A 320 35.86 9.89 -62.35
CA HIS A 320 35.36 8.54 -62.55
C HIS A 320 34.08 8.56 -63.38
N VAL A 321 34.25 8.69 -64.69
CA VAL A 321 33.14 8.77 -65.61
C VAL A 321 32.65 7.37 -65.99
N GLU A 322 31.34 7.17 -65.96
CA GLU A 322 30.75 5.91 -66.41
C GLU A 322 29.76 6.15 -67.54
N GLY A 323 29.46 5.10 -68.32
CA GLY A 323 28.55 5.22 -69.44
C GLY A 323 29.13 4.66 -70.73
N ALA A 324 28.54 5.02 -71.86
CA ALA A 324 29.00 4.53 -73.15
C ALA A 324 30.38 5.10 -73.50
N GLY A 325 31.31 4.21 -73.84
CA GLY A 325 32.65 4.63 -74.22
C GLY A 325 33.56 4.91 -73.04
N ALA A 326 33.05 4.65 -71.84
CA ALA A 326 33.84 4.77 -70.62
C ALA A 326 34.80 3.57 -70.53
N PRO A 327 35.92 3.74 -69.79
CA PRO A 327 36.91 2.67 -69.61
C PRO A 327 36.29 1.41 -68.99
N ALA A 328 36.81 0.25 -69.36
CA ALA A 328 36.26 -1.04 -68.93
C ALA A 328 36.06 -1.15 -67.41
N ASN A 329 37.00 -0.62 -66.64
CA ASN A 329 36.97 -0.76 -65.19
C ASN A 329 36.61 0.54 -64.48
N ALA A 330 35.78 1.35 -65.13
CA ALA A 330 35.40 2.67 -64.59
C ALA A 330 34.65 2.58 -63.27
N ASP A 331 34.10 1.41 -62.96
CA ASP A 331 33.35 1.23 -61.72
C ASP A 331 34.22 0.77 -60.55
N LEU A 332 35.54 0.86 -60.72
CA LEU A 332 36.47 0.41 -59.69
C LEU A 332 36.44 1.28 -58.43
N PHE A 333 35.91 2.50 -58.55
CA PHE A 333 35.88 3.42 -57.41
C PHE A 333 34.75 3.07 -56.44
N LYS A 334 33.97 2.05 -56.79
CA LYS A 334 32.91 1.56 -55.93
C LYS A 334 33.14 0.10 -55.56
N ALA A 335 34.27 -0.46 -55.97
CA ALA A 335 34.58 -1.87 -55.72
C ALA A 335 34.95 -2.12 -54.26
N ASP A 336 35.26 -1.03 -53.56
CA ASP A 336 35.62 -1.07 -52.14
C ASP A 336 36.80 -2.00 -51.88
N LEU A 337 37.85 -1.86 -52.66
CA LEU A 337 39.01 -2.73 -52.55
C LEU A 337 40.25 -2.02 -51.99
N SER A 338 40.16 -0.72 -51.76
CA SER A 338 41.32 0.05 -51.35
C SER A 338 41.07 0.94 -50.13
N ASN A 339 41.97 0.87 -49.16
CA ASN A 339 41.97 1.82 -48.06
C ASN A 339 42.78 3.04 -48.43
N GLN A 340 43.89 2.82 -49.13
CA GLN A 340 44.76 3.91 -49.57
C GLN A 340 43.98 4.96 -50.35
N ALA A 341 43.09 4.50 -51.24
CA ALA A 341 42.22 5.40 -52.00
C ALA A 341 41.49 6.41 -51.12
N CYS A 342 40.87 5.94 -50.03
CA CYS A 342 40.19 6.83 -49.10
C CYS A 342 41.18 7.74 -48.39
N ILE A 343 42.27 7.13 -47.92
CA ILE A 343 43.27 7.84 -47.12
C ILE A 343 43.88 9.00 -47.91
N GLY A 344 43.96 8.82 -49.23
CA GLY A 344 44.41 9.87 -50.13
C GLY A 344 43.74 11.21 -49.88
N CYS A 345 42.42 11.20 -49.64
CA CYS A 345 41.67 12.43 -49.40
C CYS A 345 41.37 12.71 -47.93
N HIS A 346 41.12 11.66 -47.15
CA HIS A 346 40.67 11.84 -45.76
C HIS A 346 41.77 11.62 -44.70
N THR A 347 42.96 11.17 -45.13
CA THR A 347 44.02 10.71 -44.23
C THR A 347 43.60 9.52 -43.37
N GLU A 348 44.38 9.23 -42.34
CA GLU A 348 44.14 8.05 -41.50
C GLU A 348 43.23 8.35 -40.31
N LYS A 349 43.09 9.62 -39.97
CA LYS A 349 42.16 10.05 -38.93
C LYS A 349 41.17 11.05 -39.50
N PRO A 350 40.12 10.54 -40.17
CA PRO A 350 39.09 11.37 -40.83
C PRO A 350 38.12 12.05 -39.88
N SER A 351 38.15 11.68 -38.60
CA SER A 351 37.36 12.36 -37.58
C SER A 351 38.02 12.21 -36.22
N ALA A 352 37.44 12.89 -35.22
CA ALA A 352 37.97 12.84 -33.87
C ALA A 352 37.69 11.49 -33.20
N HIS A 353 36.81 10.70 -33.80
CA HIS A 353 36.31 9.47 -33.19
C HIS A 353 36.82 8.23 -33.87
N HIS A 354 37.55 8.42 -34.98
CA HIS A 354 38.16 7.30 -35.67
C HIS A 354 39.40 6.82 -34.89
N SER A 355 39.63 5.51 -34.92
CA SER A 355 40.79 4.93 -34.24
C SER A 355 41.41 3.80 -35.07
N SER A 356 40.58 3.11 -35.85
CA SER A 356 41.08 2.10 -36.78
C SER A 356 41.31 2.72 -38.15
N THR A 357 42.23 2.14 -38.92
CA THR A 357 42.55 2.66 -40.25
C THR A 357 42.02 1.75 -41.37
N ASP A 358 41.49 0.58 -40.99
CA ASP A 358 40.95 -0.35 -41.97
C ASP A 358 39.62 0.17 -42.50
N CYS A 359 39.70 1.10 -43.46
CA CYS A 359 38.49 1.76 -43.97
C CYS A 359 37.44 0.79 -44.50
N MET A 360 37.86 -0.18 -45.30
CA MET A 360 36.92 -1.10 -45.93
C MET A 360 36.26 -2.09 -44.97
N ALA A 361 36.73 -2.13 -43.73
CA ALA A 361 36.13 -3.01 -42.74
C ALA A 361 34.81 -2.44 -42.25
N CYS A 362 34.67 -1.12 -42.34
CA CYS A 362 33.48 -0.43 -41.83
C CYS A 362 32.67 0.24 -42.94
N HIS A 363 33.37 0.86 -43.89
CA HIS A 363 32.70 1.53 -44.99
C HIS A 363 32.63 0.63 -46.22
N ASN A 364 31.58 -0.19 -46.29
CA ASN A 364 31.37 -1.03 -47.46
C ASN A 364 29.89 -1.31 -47.70
N ALA A 365 29.59 -2.04 -48.78
CA ALA A 365 28.22 -2.25 -49.20
C ALA A 365 27.65 -3.60 -48.78
N THR A 366 28.54 -4.58 -48.62
CA THR A 366 28.12 -5.95 -48.31
C THR A 366 27.68 -6.09 -46.86
N LYS A 367 28.43 -5.48 -45.95
CA LYS A 367 28.17 -5.58 -44.53
C LYS A 367 28.68 -4.36 -43.78
N PRO A 368 27.98 -3.21 -43.94
CA PRO A 368 28.47 -1.94 -43.38
C PRO A 368 28.55 -1.94 -41.85
N TYR A 369 29.35 -1.03 -41.30
CA TYR A 369 29.41 -0.86 -39.86
C TYR A 369 28.15 -0.15 -39.38
N GLY A 370 27.74 -0.40 -38.14
CA GLY A 370 26.56 0.22 -37.57
C GLY A 370 26.64 1.74 -37.59
N GLY A 371 25.63 2.37 -38.19
CA GLY A 371 25.53 3.82 -38.19
C GLY A 371 26.11 4.51 -39.43
N THR A 372 26.99 3.81 -40.14
CA THR A 372 27.61 4.40 -41.33
C THR A 372 27.30 3.59 -42.59
N GLY A 373 27.95 3.93 -43.69
CA GLY A 373 27.76 3.19 -44.93
C GLY A 373 29.00 3.20 -45.80
N SER A 374 28.86 2.72 -47.04
CA SER A 374 29.94 2.72 -48.01
C SER A 374 30.21 4.15 -48.49
N ALA A 375 31.37 4.35 -49.09
CA ALA A 375 31.70 5.66 -49.67
C ALA A 375 30.63 6.13 -50.66
N ALA A 376 30.20 5.23 -51.54
CA ALA A 376 29.19 5.58 -52.54
C ALA A 376 27.91 6.16 -51.89
N LYS A 377 27.47 5.51 -50.81
CA LYS A 377 26.26 5.94 -50.11
C LYS A 377 26.48 7.25 -49.35
N ARG A 378 27.59 7.35 -48.65
CA ARG A 378 27.87 8.53 -47.84
C ARG A 378 28.20 9.74 -48.71
N HIS A 379 29.06 9.55 -49.72
CA HIS A 379 29.29 10.58 -50.71
C HIS A 379 27.99 10.90 -51.43
N GLY A 380 27.18 9.86 -51.65
CA GLY A 380 25.86 10.01 -52.22
C GLY A 380 24.96 10.93 -51.41
N ASP A 381 25.08 10.85 -50.09
CA ASP A 381 24.30 11.72 -49.20
C ASP A 381 24.60 13.20 -49.47
N VAL A 382 25.88 13.51 -49.61
CA VAL A 382 26.31 14.87 -49.93
C VAL A 382 25.69 15.34 -51.24
N MET A 383 25.83 14.52 -52.28
CA MET A 383 25.32 14.84 -53.62
C MET A 383 23.79 14.96 -53.69
N LYS A 384 23.10 14.24 -52.82
CA LYS A 384 21.64 14.14 -52.82
C LYS A 384 20.92 15.49 -52.88
N ALA A 385 21.34 16.42 -52.03
CA ALA A 385 20.72 17.74 -51.96
C ALA A 385 20.86 18.49 -53.27
N TYR A 386 22.02 18.35 -53.90
CA TYR A 386 22.31 19.06 -55.14
C TYR A 386 21.61 18.40 -56.32
N ASN A 387 21.65 17.07 -56.36
CA ASN A 387 20.96 16.33 -57.41
C ASN A 387 19.45 16.58 -57.38
N ASP A 388 18.88 16.61 -56.18
CA ASP A 388 17.48 16.97 -56.02
C ASP A 388 17.21 18.38 -56.54
N SER A 389 18.06 19.33 -56.16
CA SER A 389 17.85 20.73 -56.51
C SER A 389 17.87 21.01 -58.02
N LEU A 390 18.39 20.05 -58.79
CA LEU A 390 18.38 20.14 -60.26
C LEU A 390 16.95 20.06 -60.80
N GLY A 391 16.04 19.51 -60.01
CA GLY A 391 14.65 19.41 -60.41
C GLY A 391 13.78 20.38 -59.65
N TYR A 392 14.39 21.33 -58.94
CA TYR A 392 13.63 22.35 -58.23
C TYR A 392 13.48 23.57 -59.14
N LYS A 393 12.28 24.17 -59.18
CA LYS A 393 12.03 25.35 -60.01
C LYS A 393 11.04 26.31 -59.40
N ALA A 394 10.91 27.48 -60.01
CA ALA A 394 9.95 28.47 -59.57
C ALA A 394 8.78 28.56 -60.55
N LYS A 395 7.57 28.71 -60.01
CA LYS A 395 6.40 28.97 -60.87
C LYS A 395 5.86 30.36 -60.58
N PHE A 396 5.90 31.24 -61.58
CA PHE A 396 5.35 32.58 -61.42
C PHE A 396 3.93 32.64 -61.99
N SER A 397 3.09 33.46 -61.37
CA SER A 397 1.72 33.66 -61.82
C SER A 397 1.23 35.04 -61.39
N ASN A 398 0.13 35.48 -61.97
CA ASN A 398 -0.48 36.76 -61.63
C ASN A 398 0.47 37.96 -61.71
N ILE A 399 1.33 37.97 -62.72
CA ILE A 399 2.24 39.08 -62.94
C ILE A 399 1.49 40.30 -63.49
N GLY A 400 1.73 41.47 -62.89
CA GLY A 400 1.14 42.71 -63.36
C GLY A 400 1.54 43.94 -62.56
N ILE A 401 0.70 44.96 -62.63
CA ILE A 401 0.97 46.21 -61.92
C ILE A 401 -0.20 46.59 -61.01
N LYS A 402 0.06 46.81 -59.71
CA LYS A 402 -0.96 47.29 -58.77
C LYS A 402 -0.53 48.62 -58.16
N ASN A 403 -1.27 49.68 -58.46
CA ASN A 403 -0.93 51.04 -58.02
C ASN A 403 0.47 51.43 -58.46
N ASN A 404 0.72 51.30 -59.76
CA ASN A 404 2.04 51.59 -60.33
C ASN A 404 3.22 50.89 -59.64
N ALA A 405 2.90 49.77 -58.98
CA ALA A 405 3.91 48.95 -58.32
C ALA A 405 3.91 47.53 -58.92
N LEU A 406 5.08 46.90 -58.94
CA LEU A 406 5.20 45.55 -59.46
C LEU A 406 4.59 44.53 -58.51
N THR A 407 3.83 43.59 -59.06
CA THR A 407 3.25 42.51 -58.26
C THR A 407 3.26 41.19 -59.03
N PHE A 408 3.40 40.09 -58.29
CA PHE A 408 3.37 38.75 -58.87
C PHE A 408 3.31 37.68 -57.78
N ASP A 409 2.83 36.50 -58.14
CA ASP A 409 2.84 35.36 -57.23
C ASP A 409 3.96 34.40 -57.62
N VAL A 410 4.44 33.62 -56.65
CA VAL A 410 5.54 32.69 -56.91
C VAL A 410 5.47 31.46 -56.01
N GLN A 411 5.63 30.29 -56.61
CA GLN A 411 5.76 29.04 -55.87
C GLN A 411 7.14 28.45 -56.12
N ILE A 412 7.68 27.74 -55.13
CA ILE A 412 8.93 27.02 -55.32
C ILE A 412 8.63 25.52 -55.32
N LEU A 413 8.94 24.85 -56.43
CA LEU A 413 8.55 23.46 -56.63
C LEU A 413 9.73 22.51 -56.47
N ASP A 414 9.46 21.31 -55.95
CA ASP A 414 10.48 20.27 -55.87
C ASP A 414 10.50 19.45 -57.16
N ASN A 415 11.18 18.31 -57.13
CA ASN A 415 11.25 17.45 -58.32
C ASN A 415 10.04 16.52 -58.46
N LYS A 416 9.02 16.77 -57.64
CA LYS A 416 7.72 16.11 -57.82
C LYS A 416 6.71 17.14 -58.29
N ASP A 417 7.21 18.32 -58.66
CA ASP A 417 6.38 19.45 -59.10
C ASP A 417 5.40 19.93 -58.02
N GLN A 418 5.76 19.71 -56.76
CA GLN A 418 4.92 20.12 -55.65
C GLN A 418 5.53 21.33 -54.94
N PRO A 419 4.68 22.23 -54.42
CA PRO A 419 5.21 23.43 -53.77
C PRO A 419 5.83 23.12 -52.43
N ILE A 420 6.84 23.89 -52.04
CA ILE A 420 7.48 23.71 -50.75
C ILE A 420 7.11 24.86 -49.81
N GLY A 421 6.99 24.55 -48.52
CA GLY A 421 6.67 25.56 -47.53
C GLY A 421 7.80 26.53 -47.27
N LYS A 422 7.48 27.67 -46.68
CA LYS A 422 8.47 28.70 -46.41
C LYS A 422 9.56 28.24 -45.45
N GLU A 423 9.25 27.20 -44.67
CA GLU A 423 10.21 26.64 -43.72
C GLU A 423 11.43 26.07 -44.43
N PHE A 424 11.27 25.71 -45.70
CA PHE A 424 12.34 25.09 -46.46
C PHE A 424 13.15 26.12 -47.25
N ILE A 425 12.61 27.33 -47.38
CA ILE A 425 13.31 28.39 -48.10
C ILE A 425 14.44 28.94 -47.24
N SER A 426 15.62 29.12 -47.83
CA SER A 426 16.83 29.45 -47.06
C SER A 426 17.23 30.92 -47.15
N ASP A 427 17.68 31.48 -46.03
CA ASP A 427 18.43 32.74 -46.06
C ASP A 427 19.84 32.41 -45.61
N PRO A 428 20.74 32.17 -46.58
CA PRO A 428 22.15 31.80 -46.33
C PRO A 428 22.84 32.72 -45.32
N SER A 429 22.65 34.02 -45.45
CA SER A 429 23.16 34.97 -44.46
C SER A 429 22.13 36.07 -44.24
N ALA A 430 22.49 37.09 -43.45
CA ALA A 430 21.57 38.20 -43.21
C ALA A 430 21.69 39.22 -44.34
N TYR A 431 22.66 39.00 -45.21
CA TYR A 431 22.90 39.90 -46.34
C TYR A 431 22.63 39.18 -47.66
N THR A 432 22.49 37.86 -47.58
CA THR A 432 22.16 37.05 -48.75
C THR A 432 20.88 36.27 -48.46
N LYS A 433 19.78 36.68 -49.08
CA LYS A 433 18.48 36.05 -48.83
C LYS A 433 17.89 35.49 -50.12
N SER A 434 17.13 34.40 -50.00
CA SER A 434 16.35 33.90 -51.13
C SER A 434 15.42 35.01 -51.59
N SER A 435 15.63 35.48 -52.82
CA SER A 435 14.91 36.63 -53.33
C SER A 435 14.51 36.45 -54.78
N ILE A 436 13.54 37.25 -55.22
CA ILE A 436 13.16 37.28 -56.61
C ILE A 436 13.67 38.59 -57.20
N TYR A 437 14.35 38.50 -58.33
CA TYR A 437 14.91 39.69 -58.97
C TYR A 437 14.24 39.97 -60.31
N PHE A 438 13.70 41.17 -60.44
CA PHE A 438 13.05 41.60 -61.68
C PHE A 438 14.05 42.41 -62.53
N SER A 439 14.26 41.99 -63.77
CA SER A 439 15.20 42.66 -64.66
C SER A 439 14.52 43.14 -65.95
N TRP A 440 15.05 44.20 -66.54
CA TRP A 440 14.59 44.69 -67.83
C TRP A 440 15.79 45.10 -68.69
N GLY A 441 15.62 45.11 -70.01
CA GLY A 441 16.74 45.32 -70.90
C GLY A 441 17.70 44.15 -70.82
N ILE A 442 17.14 42.94 -70.70
CA ILE A 442 17.94 41.73 -70.51
C ILE A 442 18.58 41.25 -71.80
N ASP A 443 18.22 41.86 -72.92
CA ASP A 443 18.81 41.51 -74.21
C ASP A 443 20.02 42.40 -74.46
N LYS A 444 20.24 43.37 -73.58
CA LYS A 444 21.37 44.28 -73.71
C LYS A 444 22.43 43.99 -72.66
N ASP A 445 22.32 44.64 -71.51
CA ASP A 445 23.27 44.43 -70.42
C ASP A 445 22.62 44.61 -69.05
N TYR A 446 21.30 44.40 -68.99
CA TYR A 446 20.53 44.50 -67.74
C TYR A 446 20.46 45.94 -67.21
N PRO A 447 19.55 46.23 -66.24
CA PRO A 447 19.35 47.63 -65.83
C PRO A 447 20.61 48.31 -65.31
N ALA A 448 20.68 49.63 -65.45
CA ALA A 448 21.83 50.39 -64.98
C ALA A 448 21.92 50.40 -63.45
N TYR A 449 23.13 50.50 -62.92
CA TYR A 449 23.33 50.55 -61.48
C TYR A 449 23.14 51.97 -60.96
N THR A 450 21.87 52.35 -60.79
CA THR A 450 21.52 53.67 -60.28
C THR A 450 20.32 53.57 -59.35
N ALA A 451 20.01 54.66 -58.65
CA ALA A 451 18.94 54.69 -57.66
C ALA A 451 17.60 54.20 -58.22
N GLY A 452 17.23 52.97 -57.87
CA GLY A 452 15.97 52.41 -58.30
C GLY A 452 16.11 51.23 -59.24
N SER A 453 17.25 51.12 -59.92
CA SER A 453 17.48 50.00 -60.83
C SER A 453 18.69 49.15 -60.44
N ARG A 454 19.05 49.16 -59.16
CA ARG A 454 20.10 48.28 -58.67
C ARG A 454 19.54 46.89 -58.35
N TYR A 455 20.44 45.91 -58.23
CA TYR A 455 20.04 44.56 -57.86
C TYR A 455 19.24 44.59 -56.56
N SER A 456 19.64 45.48 -55.65
CA SER A 456 19.01 45.58 -54.34
C SER A 456 17.68 46.31 -54.43
N ASP A 457 17.51 47.10 -55.49
CA ASP A 457 16.27 47.84 -55.69
C ASP A 457 15.25 46.97 -56.44
N ARG A 458 15.75 46.03 -57.23
CA ARG A 458 14.89 45.17 -58.04
C ARG A 458 14.71 43.78 -57.43
N GLY A 459 15.16 43.62 -56.19
CA GLY A 459 15.10 42.33 -55.52
C GLY A 459 14.10 42.28 -54.38
N PHE A 460 13.52 41.10 -54.16
CA PHE A 460 12.46 40.94 -53.17
C PHE A 460 12.59 39.63 -52.42
N ALA A 461 12.97 39.71 -51.15
CA ALA A 461 13.17 38.51 -50.33
C ALA A 461 11.85 37.89 -49.89
N LEU A 462 11.74 36.58 -50.02
CA LEU A 462 10.52 35.87 -49.64
C LEU A 462 10.23 35.95 -48.14
N SER A 463 11.25 36.28 -47.35
CA SER A 463 11.10 36.33 -45.90
C SER A 463 10.80 37.75 -45.41
N ASN A 464 10.93 38.72 -46.31
CA ASN A 464 10.65 40.11 -45.99
C ASN A 464 9.15 40.43 -46.10
N SER A 465 8.49 40.52 -44.95
CA SER A 465 7.05 40.74 -44.87
C SER A 465 6.61 42.08 -45.48
N LYS A 466 7.55 43.02 -45.65
CA LYS A 466 7.23 44.31 -46.25
C LYS A 466 6.86 44.20 -47.73
N VAL A 467 7.40 43.19 -48.39
CA VAL A 467 7.17 43.02 -49.83
C VAL A 467 6.68 41.63 -50.20
N SER A 468 6.64 40.73 -49.23
CA SER A 468 6.33 39.32 -49.49
C SER A 468 5.32 38.76 -48.50
N THR A 469 4.23 38.21 -49.02
CA THR A 469 3.21 37.61 -48.17
C THR A 469 3.02 36.14 -48.55
N TYR A 470 2.94 35.28 -47.54
CA TYR A 470 2.85 33.85 -47.80
C TYR A 470 1.44 33.31 -47.56
N ASN A 471 0.85 32.72 -48.61
CA ASN A 471 -0.40 31.98 -48.48
C ASN A 471 -0.11 30.51 -48.14
N GLU A 472 -0.51 30.10 -46.93
CA GLU A 472 -0.22 28.74 -46.43
C GLU A 472 -1.09 27.67 -47.10
N ALA A 473 -2.28 28.07 -47.53
CA ALA A 473 -3.19 27.11 -48.18
C ALA A 473 -2.74 26.72 -49.59
N THR A 474 -1.98 27.59 -50.25
CA THR A 474 -1.49 27.30 -51.60
C THR A 474 0.02 27.26 -51.64
N LYS A 475 0.67 27.45 -50.49
CA LYS A 475 2.14 27.53 -50.44
C LYS A 475 2.66 28.46 -51.52
N THR A 476 2.10 29.67 -51.56
CA THR A 476 2.44 30.64 -52.59
C THR A 476 2.81 31.98 -51.96
N PHE A 477 3.86 32.59 -52.49
CA PHE A 477 4.27 33.91 -52.02
C PHE A 477 3.71 34.98 -52.94
N THR A 478 3.19 36.05 -52.34
CA THR A 478 2.71 37.19 -53.11
C THR A 478 3.65 38.37 -52.89
N ILE A 479 4.21 38.89 -53.99
CA ILE A 479 5.20 39.96 -53.90
C ILE A 479 4.63 41.30 -54.37
N ASP A 480 4.89 42.35 -53.59
CA ASP A 480 4.45 43.71 -53.93
C ASP A 480 5.61 44.68 -53.75
N SER A 481 5.92 45.45 -54.78
CA SER A 481 7.09 46.31 -54.78
C SER A 481 6.85 47.66 -54.12
N THR A 482 5.64 47.85 -53.59
CA THR A 482 5.24 49.14 -53.01
C THR A 482 6.21 49.59 -51.92
N ASN A 483 6.45 48.72 -50.94
CA ASN A 483 7.34 49.04 -49.83
C ASN A 483 8.79 48.68 -50.16
N SER A 484 9.33 49.31 -51.19
CA SER A 484 10.71 49.09 -51.60
C SER A 484 11.28 50.34 -52.24
N ASN A 485 12.48 50.23 -52.83
CA ASN A 485 13.08 51.35 -53.52
C ASN A 485 13.12 51.13 -55.03
N LEU A 486 12.25 50.24 -55.51
CA LEU A 486 12.17 49.96 -56.94
C LEU A 486 11.68 51.17 -57.74
N LYS A 487 12.48 51.60 -58.71
CA LYS A 487 12.06 52.64 -59.65
C LYS A 487 11.77 52.02 -61.01
N LEU A 488 10.53 51.59 -61.18
CA LEU A 488 10.08 50.96 -62.42
C LEU A 488 10.10 51.97 -63.58
N PRO A 489 10.54 51.53 -64.77
CA PRO A 489 10.53 52.36 -65.98
C PRO A 489 9.14 52.93 -66.26
N ALA A 490 9.08 54.10 -66.91
CA ALA A 490 7.81 54.76 -67.18
C ALA A 490 6.86 53.88 -68.00
N ASP A 491 7.43 53.20 -68.99
CA ASP A 491 6.65 52.28 -69.81
C ASP A 491 7.42 51.00 -70.08
N LEU A 492 6.89 49.89 -69.56
CA LEU A 492 7.53 48.59 -69.72
C LEU A 492 7.18 47.94 -71.06
N THR A 493 6.28 48.58 -71.82
CA THR A 493 5.84 48.04 -73.10
C THR A 493 6.98 47.96 -74.10
N GLY A 494 7.25 46.75 -74.58
CA GLY A 494 8.28 46.51 -75.57
C GLY A 494 9.55 46.01 -74.95
N MET A 495 9.66 46.12 -73.62
CA MET A 495 10.89 45.73 -72.94
C MET A 495 10.98 44.23 -72.74
N ASN A 496 12.19 43.70 -72.83
CA ASN A 496 12.44 42.29 -72.53
C ASN A 496 12.73 42.13 -71.04
N VAL A 497 11.76 41.63 -70.29
CA VAL A 497 11.89 41.54 -68.84
C VAL A 497 12.16 40.12 -68.35
N GLU A 498 12.55 40.01 -67.08
CA GLU A 498 12.94 38.74 -66.51
C GLU A 498 12.61 38.68 -65.01
N LEU A 499 12.05 37.55 -64.57
CA LEU A 499 11.92 37.26 -63.16
C LEU A 499 12.89 36.13 -62.79
N TYR A 500 13.89 36.47 -61.99
CA TYR A 500 14.93 35.51 -61.60
C TYR A 500 14.80 35.09 -60.14
N ALA A 501 14.85 33.79 -59.90
CA ALA A 501 14.69 33.27 -58.55
C ALA A 501 16.03 32.87 -57.92
N GLY A 502 16.66 33.81 -57.24
CA GLY A 502 17.86 33.53 -56.48
C GLY A 502 17.48 32.86 -55.16
N VAL A 503 17.03 31.62 -55.26
CA VAL A 503 16.43 30.94 -54.12
C VAL A 503 17.12 29.63 -53.82
N ALA A 504 17.37 29.38 -52.53
CA ALA A 504 17.95 28.12 -52.09
C ALA A 504 17.01 27.41 -51.11
N THR A 505 17.13 26.08 -51.03
CA THR A 505 16.26 25.25 -50.20
C THR A 505 17.12 24.46 -49.21
N CYS A 506 16.57 24.15 -48.04
CA CYS A 506 17.32 23.45 -47.01
C CYS A 506 17.18 21.93 -47.04
N PHE A 507 18.27 21.25 -46.73
CA PHE A 507 18.33 19.80 -46.68
C PHE A 507 19.11 19.40 -45.43
N ASN A 508 18.91 18.18 -44.96
CA ASN A 508 19.70 17.65 -43.86
C ASN A 508 21.03 17.09 -44.38
N LYS A 509 21.96 16.82 -43.46
CA LYS A 509 23.25 16.25 -43.82
C LYS A 509 23.27 14.76 -43.49
N GLY A 510 24.14 14.01 -44.16
CA GLY A 510 24.33 12.61 -43.82
C GLY A 510 25.12 12.50 -42.53
N GLY A 511 25.13 11.33 -41.91
CA GLY A 511 25.83 11.14 -40.65
C GLY A 511 25.43 9.86 -39.96
N TYR A 512 25.84 9.71 -38.70
CA TYR A 512 25.54 8.49 -37.96
C TYR A 512 24.05 8.22 -37.89
N GLY A 513 23.64 7.07 -38.41
CA GLY A 513 22.26 6.63 -38.33
C GLY A 513 21.30 7.30 -39.27
N VAL A 514 21.78 8.28 -40.05
CA VAL A 514 20.94 8.97 -41.02
C VAL A 514 20.83 8.15 -42.30
N GLU A 515 19.65 7.58 -42.54
CA GLU A 515 19.47 6.68 -43.67
C GLU A 515 19.32 7.44 -44.98
N ASP A 516 18.48 8.46 -44.98
CA ASP A 516 18.18 9.21 -46.19
C ASP A 516 18.41 10.71 -46.03
N VAL A 517 18.86 11.34 -47.09
CA VAL A 517 18.95 12.79 -47.12
C VAL A 517 17.75 13.36 -47.88
N VAL A 518 16.98 14.19 -47.18
CA VAL A 518 15.73 14.73 -47.75
C VAL A 518 15.59 16.21 -47.41
N ALA A 519 14.63 16.86 -48.06
CA ALA A 519 14.26 18.22 -47.73
C ALA A 519 13.97 18.32 -46.24
N THR A 520 14.52 19.36 -45.61
CA THR A 520 14.37 19.54 -44.18
C THR A 520 14.20 21.03 -43.89
N PRO A 521 13.22 21.38 -43.05
CA PRO A 521 13.02 22.78 -42.65
C PRO A 521 14.32 23.38 -42.12
N CYS A 522 14.68 24.57 -42.59
CA CYS A 522 15.96 25.18 -42.27
C CYS A 522 16.17 25.29 -40.76
N SER A 523 17.40 25.08 -40.33
CA SER A 523 17.76 25.16 -38.93
C SER A 523 19.23 25.45 -38.78
N THR A 524 19.76 25.26 -37.57
CA THR A 524 21.18 25.46 -37.35
C THR A 524 22.00 24.23 -37.74
N ASP A 525 21.31 23.14 -38.11
CA ASP A 525 21.97 21.89 -38.49
C ASP A 525 21.80 21.53 -39.97
N THR A 526 21.03 22.32 -40.71
CA THR A 526 20.82 22.04 -42.12
C THR A 526 21.85 22.73 -43.03
N ARG A 527 21.77 22.41 -44.32
CA ARG A 527 22.56 23.07 -45.34
C ARG A 527 21.59 23.51 -46.44
N TYR A 528 22.01 24.46 -47.26
CA TYR A 528 21.15 24.93 -48.36
C TYR A 528 21.74 24.62 -49.72
N ALA A 529 20.86 24.45 -50.70
CA ALA A 529 21.29 24.31 -52.09
C ALA A 529 20.36 25.15 -52.95
N TYR A 530 20.94 25.88 -53.90
CA TYR A 530 20.14 26.70 -54.78
C TYR A 530 19.31 25.84 -55.73
N ILE A 531 18.12 26.33 -56.09
CA ILE A 531 17.30 25.63 -57.07
C ILE A 531 17.94 25.86 -58.43
N GLN A 532 17.55 25.05 -59.42
CA GLN A 532 18.14 25.14 -60.75
C GLN A 532 17.09 25.19 -61.84
N ASP A 533 16.80 26.40 -62.30
CA ASP A 533 15.87 26.59 -63.41
C ASP A 533 16.28 27.78 -64.28
N GLN A 534 15.55 28.00 -65.36
CA GLN A 534 15.86 29.12 -66.24
C GLN A 534 15.02 30.31 -65.85
N PRO A 535 15.61 31.51 -65.86
CA PRO A 535 14.85 32.73 -65.52
C PRO A 535 13.61 32.90 -66.40
N PHE A 536 12.48 33.32 -65.83
CA PHE A 536 11.25 33.52 -66.60
C PHE A 536 11.37 34.82 -67.40
N ARG A 537 11.40 34.71 -68.72
CA ARG A 537 11.59 35.87 -69.59
C ARG A 537 10.46 36.05 -70.59
N PHE A 538 10.05 37.30 -70.79
CA PHE A 538 9.00 37.63 -71.77
C PHE A 538 9.07 39.09 -72.20
N LYS A 539 8.37 39.43 -73.29
CA LYS A 539 8.26 40.82 -73.72
C LYS A 539 6.98 41.44 -73.18
N TRP A 540 7.13 42.50 -72.38
CA TRP A 540 6.00 43.12 -71.70
C TRP A 540 5.04 43.78 -72.68
N ASN A 541 3.76 43.46 -72.56
CA ASN A 541 2.72 44.00 -73.41
C ASN A 541 1.56 44.59 -72.61
N GLY A 542 1.50 44.25 -71.33
CA GLY A 542 0.47 44.79 -70.46
C GLY A 542 -0.64 43.80 -70.19
N THR A 543 -0.66 42.70 -70.95
CA THR A 543 -1.77 41.74 -70.90
C THR A 543 -1.34 40.35 -70.48
N ASP A 544 -0.34 39.80 -71.17
CA ASP A 544 0.10 38.43 -70.92
C ASP A 544 1.62 38.27 -70.87
N THR A 545 2.06 37.06 -70.53
CA THR A 545 3.48 36.74 -70.51
C THR A 545 3.86 35.76 -71.61
N ASN A 546 3.03 35.70 -72.65
CA ASN A 546 3.18 34.70 -73.72
C ASN A 546 4.15 35.09 -74.83
N SER A 547 4.39 36.39 -74.98
CA SER A 547 5.30 36.89 -76.01
C SER A 547 6.76 36.69 -75.60
N ALA A 548 7.54 36.05 -76.45
CA ALA A 548 8.94 35.76 -76.17
C ALA A 548 9.77 37.03 -76.05
N ALA A 549 10.86 36.96 -75.29
CA ALA A 549 11.73 38.11 -75.14
C ALA A 549 12.88 38.05 -76.15
N GLU A 550 13.47 39.21 -76.43
CA GLU A 550 14.65 39.26 -77.29
C GLU A 550 15.83 38.62 -76.56
N LYS A 551 16.64 37.88 -77.31
CA LYS A 551 17.79 37.18 -76.74
C LYS A 551 19.01 38.09 -76.67
N ARG A 552 19.77 37.98 -75.58
CA ARG A 552 21.04 38.68 -75.47
C ARG A 552 22.08 37.96 -76.34
N ARG A 553 23.15 38.66 -76.69
CA ARG A 553 24.25 38.07 -77.46
C ARG A 553 24.89 36.90 -76.71
N ALA A 554 25.43 35.94 -77.46
CA ALA A 554 26.18 34.86 -76.84
C ALA A 554 27.55 35.37 -76.39
N ILE A 555 27.85 35.21 -75.10
CA ILE A 555 29.12 35.66 -74.56
C ILE A 555 29.93 34.50 -73.99
N ILE A 556 29.34 33.77 -73.04
CA ILE A 556 30.00 32.63 -72.42
C ILE A 556 29.13 31.37 -72.51
N ASP A 557 29.79 30.21 -72.54
CA ASP A 557 29.08 28.94 -72.53
C ASP A 557 29.03 28.42 -71.10
N THR A 558 27.86 28.53 -70.47
CA THR A 558 27.73 28.21 -69.05
C THR A 558 28.04 26.74 -68.71
N ALA A 559 27.93 25.87 -69.71
CA ALA A 559 28.34 24.48 -69.53
C ALA A 559 29.84 24.37 -69.26
N LYS A 560 30.62 25.30 -69.80
CA LYS A 560 32.05 25.34 -69.49
C LYS A 560 32.26 25.71 -68.02
N CYS A 561 31.53 26.73 -67.56
CA CYS A 561 31.54 27.10 -66.15
C CYS A 561 31.26 25.89 -65.29
N SER A 562 30.18 25.18 -65.63
CA SER A 562 29.72 24.05 -64.84
C SER A 562 30.64 22.83 -64.91
N GLY A 563 31.40 22.71 -66.00
CA GLY A 563 32.35 21.63 -66.14
C GLY A 563 33.37 21.60 -65.02
N CYS A 564 33.89 22.77 -64.66
CA CYS A 564 34.88 22.86 -63.60
C CYS A 564 34.25 23.00 -62.22
N HIS A 565 33.20 23.81 -62.13
CA HIS A 565 32.62 24.17 -60.83
C HIS A 565 31.57 23.19 -60.30
N ASN A 566 31.02 22.37 -61.19
CA ASN A 566 29.97 21.41 -60.88
C ASN A 566 28.58 22.02 -60.57
N LYS A 567 28.15 21.96 -59.32
CA LYS A 567 26.77 22.35 -58.98
C LYS A 567 26.59 23.84 -58.72
N GLU A 568 27.57 24.47 -58.06
CA GLU A 568 27.49 25.87 -57.69
C GLU A 568 28.85 26.55 -57.83
N ILE A 569 28.86 27.88 -57.86
CA ILE A 569 30.09 28.62 -58.13
C ILE A 569 30.56 29.46 -56.95
N VAL A 570 29.68 30.32 -56.43
CA VAL A 570 30.02 31.15 -55.28
C VAL A 570 28.81 31.58 -54.45
N HIS A 571 27.83 32.18 -55.10
CA HIS A 571 26.60 32.60 -54.43
C HIS A 571 25.50 32.87 -55.45
N TYR A 572 24.25 32.85 -55.00
CA TYR A 572 23.09 32.99 -55.88
C TYR A 572 23.19 32.03 -57.07
N ASP A 573 23.44 30.77 -56.76
CA ASP A 573 23.83 29.80 -57.78
C ASP A 573 22.67 29.06 -58.45
N ASN A 574 21.59 29.78 -58.74
CA ASN A 574 20.55 29.27 -59.61
C ASN A 574 21.01 29.43 -61.04
N GLY A 575 21.76 28.44 -61.53
CA GLY A 575 22.38 28.55 -62.84
C GLY A 575 23.43 29.64 -62.83
N VAL A 576 23.85 30.07 -64.02
CA VAL A 576 24.84 31.13 -64.15
C VAL A 576 24.20 32.40 -64.70
N ASN A 577 23.49 33.12 -63.85
CA ASN A 577 22.75 34.32 -64.23
C ASN A 577 23.36 35.56 -63.56
N CYS A 578 24.66 35.51 -63.30
CA CYS A 578 25.38 36.54 -62.55
C CYS A 578 25.24 37.94 -63.12
N GLN A 579 25.04 38.02 -64.43
CA GLN A 579 25.00 39.31 -65.12
C GLN A 579 23.76 40.13 -64.79
N ALA A 580 22.82 39.53 -64.06
CA ALA A 580 21.62 40.23 -63.62
C ALA A 580 21.94 41.26 -62.53
N CYS A 581 22.91 40.95 -61.69
CA CYS A 581 23.34 41.86 -60.63
C CYS A 581 24.67 42.54 -60.98
N HIS A 582 25.63 41.75 -61.47
CA HIS A 582 26.97 42.24 -61.74
C HIS A 582 27.08 42.94 -63.10
N THR A 583 26.55 44.16 -63.17
CA THR A 583 26.50 44.94 -64.39
C THR A 583 27.78 45.72 -64.65
N PRO A 584 28.04 46.09 -65.91
CA PRO A 584 29.28 46.81 -66.26
C PRO A 584 29.42 48.14 -65.51
N ASP A 585 28.30 48.72 -65.08
CA ASP A 585 28.33 50.00 -64.40
C ASP A 585 28.10 49.86 -62.89
N LYS A 586 28.32 48.67 -62.36
CA LYS A 586 28.11 48.41 -60.94
C LYS A 586 29.17 49.12 -60.11
N GLY A 587 28.80 49.50 -58.88
CA GLY A 587 29.65 50.28 -58.00
C GLY A 587 31.05 49.71 -57.79
N LEU A 588 32.00 50.60 -57.51
CA LEU A 588 33.39 50.20 -57.30
C LEU A 588 33.59 49.55 -55.94
N LYS A 589 34.57 48.65 -55.86
CA LYS A 589 34.88 47.95 -54.62
C LYS A 589 36.28 48.34 -54.16
N THR A 590 36.51 48.36 -52.85
CA THR A 590 37.82 48.68 -52.32
C THR A 590 38.76 47.47 -52.30
N ASP A 591 39.91 47.59 -52.96
CA ASP A 591 40.94 46.56 -52.92
C ASP A 591 42.29 47.22 -52.71
N ASN A 592 42.77 47.20 -51.47
CA ASN A 592 43.97 47.93 -51.08
C ASN A 592 45.26 47.46 -51.74
N THR A 593 45.22 46.26 -52.33
CA THR A 593 46.36 45.69 -53.03
C THR A 593 46.38 46.12 -54.50
N TYR A 594 45.44 46.99 -54.88
CA TYR A 594 45.30 47.43 -56.26
C TYR A 594 45.55 48.94 -56.38
N PRO A 595 46.19 49.36 -57.49
CA PRO A 595 46.51 50.78 -57.71
C PRO A 595 45.26 51.68 -57.66
N GLY A 596 45.18 52.55 -56.67
CA GLY A 596 44.03 53.42 -56.51
C GLY A 596 43.06 52.86 -55.49
N THR A 597 43.32 51.64 -55.05
CA THR A 597 42.47 50.95 -54.06
C THR A 597 41.01 50.80 -54.49
N LYS A 598 40.75 50.81 -55.79
CA LYS A 598 39.38 50.70 -56.29
C LYS A 598 39.26 49.77 -57.51
N VAL A 599 38.49 48.69 -57.34
CA VAL A 599 38.25 47.72 -58.40
C VAL A 599 36.78 47.64 -58.80
N PRO A 600 36.51 47.31 -60.07
CA PRO A 600 35.13 47.12 -60.57
C PRO A 600 34.46 45.91 -59.91
N THR A 601 33.18 45.74 -60.17
CA THR A 601 32.43 44.61 -59.65
C THR A 601 31.57 43.95 -60.72
N SER A 602 31.93 44.19 -61.98
CA SER A 602 31.20 43.65 -63.13
C SER A 602 31.40 42.14 -63.27
N PHE A 603 30.47 41.48 -63.96
CA PHE A 603 30.55 40.04 -64.18
C PHE A 603 31.88 39.70 -64.87
N ALA A 604 32.16 40.39 -65.97
CA ALA A 604 33.40 40.18 -66.69
C ALA A 604 34.63 40.32 -65.79
N TRP A 605 34.59 41.27 -64.87
CA TRP A 605 35.70 41.46 -63.93
C TRP A 605 35.84 40.27 -62.99
N LYS A 606 34.74 39.88 -62.35
CA LYS A 606 34.74 38.75 -61.41
C LYS A 606 35.36 37.50 -62.03
N ALA A 607 35.01 37.23 -63.28
CA ALA A 607 35.53 36.05 -63.97
C ALA A 607 36.96 36.25 -64.48
N HIS A 608 37.24 37.41 -65.04
CA HIS A 608 38.57 37.69 -65.61
C HIS A 608 39.63 37.83 -64.54
N GLU A 609 39.22 38.21 -63.33
CA GLU A 609 40.16 38.55 -62.27
C GLU A 609 40.34 37.43 -61.24
N SER A 610 39.47 36.43 -61.30
CA SER A 610 39.51 35.35 -60.31
C SER A 610 40.86 34.64 -60.35
N GLU A 611 41.45 34.43 -59.17
CA GLU A 611 42.78 33.85 -59.06
C GLU A 611 42.87 32.49 -59.76
N GLY A 612 41.86 31.66 -59.53
CA GLY A 612 41.87 30.30 -60.04
C GLY A 612 41.73 30.17 -61.54
N HIS A 613 41.44 31.28 -62.21
CA HIS A 613 41.34 31.28 -63.66
C HIS A 613 42.65 31.59 -64.34
N TYR A 614 43.70 31.81 -63.56
CA TYR A 614 45.03 32.08 -64.10
C TYR A 614 46.10 31.46 -63.21
N LEU A 615 46.32 30.17 -63.38
CA LEU A 615 47.19 29.41 -62.50
C LEU A 615 48.64 29.38 -63.02
N LYS A 616 49.14 30.57 -63.35
CA LYS A 616 50.53 30.72 -63.80
C LYS A 616 51.43 31.03 -62.61
N TYR A 617 50.99 31.93 -61.75
CA TYR A 617 51.76 32.30 -60.56
C TYR A 617 50.94 32.02 -59.30
N ALA A 618 49.79 31.38 -59.49
CA ALA A 618 48.95 30.96 -58.38
C ALA A 618 48.93 29.44 -58.27
N GLY A 619 48.39 28.93 -57.16
CA GLY A 619 48.35 27.51 -56.90
C GLY A 619 49.73 26.90 -56.96
N VAL A 620 49.85 25.76 -57.65
CA VAL A 620 51.15 25.12 -57.83
C VAL A 620 51.73 25.45 -59.21
N GLN A 621 51.23 26.52 -59.80
CA GLN A 621 51.77 27.08 -61.03
C GLN A 621 51.89 26.08 -62.18
N SER A 622 50.85 25.28 -62.37
CA SER A 622 50.82 24.23 -63.39
C SER A 622 50.24 24.76 -64.70
N GLY A 623 49.63 25.93 -64.64
CA GLY A 623 48.90 26.47 -65.76
C GLY A 623 47.71 25.61 -66.13
N THR A 624 47.11 24.96 -65.13
CA THR A 624 45.92 24.12 -65.32
C THR A 624 44.77 24.92 -65.92
N VAL A 625 44.56 26.12 -65.39
CA VAL A 625 43.61 27.05 -65.99
C VAL A 625 44.34 28.34 -66.38
N LEU A 626 44.17 28.76 -67.63
CA LEU A 626 44.78 29.99 -68.12
C LEU A 626 43.73 30.91 -68.76
N LYS A 627 43.53 32.08 -68.17
CA LYS A 627 42.55 33.05 -68.66
C LYS A 627 42.88 33.56 -70.07
N THR A 628 44.12 33.32 -70.51
CA THR A 628 44.56 33.75 -71.84
C THR A 628 43.87 32.95 -72.94
N ASP A 629 43.42 31.74 -72.58
CA ASP A 629 42.65 30.90 -73.49
C ASP A 629 41.18 31.28 -73.34
N CYS A 630 40.72 32.18 -74.20
CA CYS A 630 39.38 32.72 -74.07
C CYS A 630 38.30 31.66 -74.26
N ALA A 631 38.65 30.59 -74.99
CA ALA A 631 37.70 29.52 -75.23
C ALA A 631 37.44 28.67 -73.99
N THR A 632 38.14 28.99 -72.90
CA THR A 632 37.91 28.34 -71.62
C THR A 632 36.49 28.63 -71.12
N CYS A 633 36.06 29.87 -71.30
CA CYS A 633 34.74 30.28 -70.81
C CYS A 633 33.81 30.78 -71.92
N HIS A 634 34.38 31.38 -72.96
CA HIS A 634 33.58 32.02 -73.99
C HIS A 634 33.02 31.09 -75.04
N THR A 635 31.89 31.49 -75.62
CA THR A 635 31.19 30.69 -76.63
C THR A 635 32.03 30.53 -77.90
N ALA A 636 32.06 29.32 -78.42
CA ALA A 636 32.79 29.03 -79.65
C ALA A 636 31.93 28.18 -80.57
N ASP A 637 31.96 28.45 -81.87
CA ASP A 637 31.15 27.70 -82.82
C ASP A 637 31.70 26.30 -83.10
N LYS A 638 31.14 25.64 -84.11
CA LYS A 638 31.58 24.31 -84.50
C LYS A 638 32.94 24.34 -85.20
N SER A 639 33.28 25.50 -85.76
CA SER A 639 34.57 25.66 -86.42
C SER A 639 35.63 26.21 -85.47
N ASN A 640 35.32 26.14 -84.17
CA ASN A 640 36.22 26.63 -83.11
C ASN A 640 36.57 28.12 -83.17
N VAL A 641 35.61 28.92 -83.63
CA VAL A 641 35.74 30.38 -83.64
C VAL A 641 35.09 30.94 -82.38
N VAL A 642 35.87 31.65 -81.56
CA VAL A 642 35.36 32.19 -80.31
C VAL A 642 34.41 33.36 -80.56
N THR A 643 33.16 33.03 -80.88
CA THR A 643 32.14 34.04 -81.18
C THR A 643 31.75 34.85 -79.94
N GLY A 644 32.06 34.31 -78.77
CA GLY A 644 31.69 34.96 -77.52
C GLY A 644 32.46 36.23 -77.23
N ILE A 645 33.66 36.37 -77.81
CA ILE A 645 34.46 37.57 -77.60
C ILE A 645 34.37 38.54 -78.77
N ALA A 646 33.35 38.39 -79.61
CA ALA A 646 33.13 39.31 -80.72
C ALA A 646 32.89 40.73 -80.22
N LEU A 647 33.62 41.69 -80.78
CA LEU A 647 33.57 43.07 -80.30
C LEU A 647 32.50 43.92 -80.99
N GLY A 648 32.11 45.02 -80.32
CA GLY A 648 31.18 45.98 -80.88
C GLY A 648 29.75 45.50 -81.01
N ARG A 649 29.36 44.59 -80.12
CA ARG A 649 27.99 44.05 -80.14
C ARG A 649 27.11 44.76 -79.12
N SER A 650 27.71 45.66 -78.37
CA SER A 650 26.97 46.47 -77.39
C SER A 650 27.62 47.84 -77.23
N PRO A 651 27.45 48.70 -78.25
CA PRO A 651 28.09 50.02 -78.34
C PRO A 651 27.59 50.99 -77.27
N GLU A 652 26.37 50.80 -76.81
CA GLU A 652 25.77 51.72 -75.84
C GLU A 652 26.21 51.44 -74.41
N ARG A 653 26.98 50.38 -74.22
CA ARG A 653 27.44 50.00 -72.89
C ARG A 653 28.56 50.92 -72.40
N ALA A 654 28.45 51.37 -71.15
CA ALA A 654 29.52 52.13 -70.52
C ALA A 654 29.96 51.44 -69.23
N TRP A 655 31.25 51.17 -69.12
CA TRP A 655 31.80 50.50 -67.95
C TRP A 655 32.20 51.49 -66.85
N LEU A 656 32.20 51.04 -65.60
CA LEU A 656 32.64 51.86 -64.48
C LEU A 656 33.98 51.37 -63.94
N TYR A 657 35.00 52.24 -64.00
CA TYR A 657 36.33 51.89 -63.50
C TYR A 657 36.82 52.91 -62.49
N GLY A 658 38.00 52.65 -61.91
CA GLY A 658 38.64 53.60 -61.04
C GLY A 658 39.95 54.06 -61.67
N ASP A 659 40.24 55.34 -61.57
CA ASP A 659 41.48 55.88 -62.13
C ASP A 659 42.66 55.49 -61.25
N ILE A 660 43.53 54.62 -61.76
CA ILE A 660 44.65 54.10 -60.98
C ILE A 660 45.69 55.18 -60.65
N LYS A 661 45.48 56.38 -61.18
CA LYS A 661 46.31 57.53 -60.82
C LYS A 661 45.66 58.34 -59.70
N ASN A 662 44.47 58.88 -59.98
CA ASN A 662 43.76 59.74 -59.02
C ASN A 662 43.05 58.97 -57.91
N ASN A 663 43.77 58.03 -57.28
CA ASN A 663 43.27 57.28 -56.13
C ASN A 663 41.94 56.55 -56.39
N GLY A 664 41.86 55.83 -57.50
CA GLY A 664 40.66 55.11 -57.86
C GLY A 664 39.46 56.00 -58.08
N ALA A 665 39.70 57.17 -58.67
CA ALA A 665 38.62 58.10 -59.00
C ALA A 665 37.67 57.52 -60.03
N VAL A 666 36.38 57.72 -59.81
CA VAL A 666 35.35 57.20 -60.71
C VAL A 666 35.49 57.72 -62.14
N ILE A 667 35.80 56.82 -63.07
CA ILE A 667 35.90 57.18 -64.49
C ILE A 667 34.97 56.28 -65.28
N TRP A 668 34.77 56.60 -66.55
CA TRP A 668 33.87 55.80 -67.38
C TRP A 668 34.56 55.40 -68.68
N VAL A 669 34.41 54.13 -69.06
CA VAL A 669 35.12 53.58 -70.21
C VAL A 669 34.13 53.04 -71.24
N SER A 670 34.47 53.20 -72.51
CA SER A 670 33.63 52.71 -73.61
C SER A 670 33.50 51.19 -73.62
N SER A 671 32.63 50.69 -74.49
CA SER A 671 32.22 49.27 -74.49
C SER A 671 33.37 48.27 -74.66
N ASP A 672 33.97 48.26 -75.84
CA ASP A 672 35.04 47.29 -76.13
C ASP A 672 36.30 47.53 -75.29
N ALA A 673 36.58 48.79 -75.00
CA ALA A 673 37.75 49.14 -74.19
C ALA A 673 37.62 48.62 -72.76
N GLY A 674 36.45 48.79 -72.17
CA GLY A 674 36.19 48.32 -70.81
C GLY A 674 36.27 46.82 -70.69
N ALA A 675 35.94 46.13 -71.78
CA ALA A 675 36.08 44.68 -71.82
C ALA A 675 37.56 44.31 -71.82
N CYS A 676 38.37 45.12 -72.50
CA CYS A 676 39.81 44.88 -72.53
C CYS A 676 40.48 45.26 -71.21
N LEU A 677 39.92 46.26 -70.54
CA LEU A 677 40.53 46.76 -69.30
C LEU A 677 40.19 45.91 -68.10
N SER A 678 39.44 44.82 -68.30
CA SER A 678 39.14 43.92 -67.21
C SER A 678 40.37 43.07 -66.85
N CYS A 679 41.41 43.19 -67.66
CA CYS A 679 42.68 42.52 -67.40
C CYS A 679 43.85 43.45 -67.66
N HIS A 680 43.68 44.36 -68.60
CA HIS A 680 44.79 45.19 -69.08
C HIS A 680 44.94 46.53 -68.38
N GLN A 681 44.04 46.86 -67.46
CA GLN A 681 44.08 48.17 -66.80
C GLN A 681 45.34 48.44 -65.97
N LYS A 682 45.68 47.49 -65.10
CA LYS A 682 46.78 47.66 -64.15
C LYS A 682 48.14 47.93 -64.81
N TYR A 683 48.57 47.06 -65.74
CA TYR A 683 49.84 47.29 -66.44
C TYR A 683 49.68 47.97 -67.82
N LEU A 684 48.78 48.95 -67.90
CA LEU A 684 48.48 49.61 -69.17
C LEU A 684 49.49 50.70 -69.53
N SER A 685 50.05 50.65 -70.74
CA SER A 685 51.05 51.64 -71.19
C SER A 685 50.44 52.88 -71.86
N ASP A 686 51.24 53.95 -71.97
CA ASP A 686 50.78 55.17 -72.63
C ASP A 686 50.40 54.93 -74.08
N ALA A 687 51.26 54.21 -74.80
CA ALA A 687 51.02 53.83 -76.19
C ALA A 687 49.70 53.06 -76.35
N ALA A 688 49.46 52.12 -75.44
CA ALA A 688 48.24 51.35 -75.42
C ALA A 688 47.03 52.27 -75.24
N LYS A 689 47.15 53.24 -74.32
CA LYS A 689 46.07 54.20 -74.08
C LYS A 689 45.75 55.01 -75.35
N SER A 690 46.79 55.45 -76.04
CA SER A 690 46.62 56.20 -77.29
C SER A 690 46.05 55.29 -78.37
N HIS A 691 46.34 54.00 -78.27
CA HIS A 691 45.80 53.03 -79.23
C HIS A 691 44.27 52.96 -79.10
N ILE A 692 43.79 52.91 -77.86
CA ILE A 692 42.36 52.95 -77.56
C ILE A 692 41.72 54.21 -78.14
N GLU A 693 42.29 55.36 -77.78
CA GLU A 693 41.72 56.66 -78.09
C GLU A 693 41.75 56.97 -79.59
N THR A 694 42.86 56.63 -80.24
CA THR A 694 42.98 56.80 -81.69
C THR A 694 41.88 56.05 -82.44
N ASN A 695 41.45 54.91 -81.89
CA ASN A 695 40.46 54.07 -82.56
C ASN A 695 39.03 54.18 -82.03
N GLY A 696 38.76 55.26 -81.29
CA GLY A 696 37.40 55.57 -80.88
C GLY A 696 37.08 55.24 -79.44
N GLY A 697 38.11 54.96 -78.65
CA GLY A 697 37.93 54.56 -77.27
C GLY A 697 37.89 55.71 -76.29
N ILE A 698 37.20 55.50 -75.17
CA ILE A 698 37.10 56.50 -74.12
C ILE A 698 37.62 55.91 -72.82
N LEU A 699 38.43 56.65 -72.08
CA LEU A 699 39.04 56.14 -70.85
C LEU A 699 38.98 57.16 -69.71
N ASN A 700 38.16 58.20 -69.87
CA ASN A 700 38.06 59.24 -68.85
C ASN A 700 36.69 59.92 -68.79
N GLY A 701 35.63 59.16 -69.03
CA GLY A 701 34.28 59.70 -68.98
C GLY A 701 33.88 60.23 -67.61
N THR A 702 32.98 61.22 -67.60
CA THR A 702 32.45 61.74 -66.34
C THR A 702 31.11 61.08 -66.05
N SER A 703 30.54 60.45 -67.08
CA SER A 703 29.27 59.76 -66.99
C SER A 703 29.12 58.83 -68.18
N ALA A 704 28.05 58.05 -68.19
CA ALA A 704 27.79 57.13 -69.29
C ALA A 704 27.40 57.89 -70.55
N ALA A 705 26.51 58.87 -70.40
CA ALA A 705 26.07 59.70 -71.52
C ALA A 705 27.26 60.44 -72.12
N ASP A 706 28.15 60.91 -71.26
CA ASP A 706 29.40 61.52 -71.71
C ASP A 706 30.17 60.56 -72.62
N VAL A 707 30.22 59.28 -72.24
CA VAL A 707 30.95 58.28 -73.02
C VAL A 707 30.31 58.04 -74.39
N GLN A 708 29.02 57.73 -74.41
CA GLN A 708 28.29 57.51 -75.66
C GLN A 708 28.41 58.68 -76.65
N THR A 709 28.50 59.89 -76.11
CA THR A 709 28.72 61.08 -76.92
C THR A 709 30.04 60.96 -77.70
N ARG A 710 31.14 60.82 -76.96
CA ARG A 710 32.48 60.81 -77.53
C ARG A 710 32.93 59.46 -78.10
N ALA A 711 32.23 58.38 -77.75
CA ALA A 711 32.64 57.05 -78.19
C ALA A 711 32.26 56.75 -79.65
N SER A 712 33.23 56.21 -80.38
CA SER A 712 33.01 55.72 -81.73
C SER A 712 34.06 54.66 -82.06
N GLU A 713 33.91 53.48 -81.46
CA GLU A 713 34.91 52.41 -81.55
C GLU A 713 34.88 51.68 -82.90
N SER A 714 36.07 51.27 -83.37
CA SER A 714 36.20 50.49 -84.60
C SER A 714 37.12 49.30 -84.33
N CYS A 715 37.01 48.75 -83.13
CA CYS A 715 37.93 47.71 -82.67
C CYS A 715 37.70 46.38 -83.39
N ALA A 716 36.45 46.09 -83.75
CA ALA A 716 36.10 44.81 -84.33
C ALA A 716 36.67 44.62 -85.74
N THR A 717 37.15 45.70 -86.33
CA THR A 717 37.81 45.64 -87.64
C THR A 717 39.14 44.90 -87.56
N CYS A 718 39.94 45.21 -86.55
CA CYS A 718 41.22 44.54 -86.35
C CYS A 718 41.13 43.43 -85.30
N HIS A 719 40.83 43.81 -84.05
CA HIS A 719 40.73 42.86 -82.96
C HIS A 719 39.56 41.89 -83.12
N THR A 720 39.75 40.93 -84.01
CA THR A 720 38.73 39.93 -84.28
C THR A 720 38.95 38.74 -83.35
N PRO A 721 37.87 37.98 -83.07
CA PRO A 721 37.92 36.76 -82.26
C PRO A 721 39.15 35.87 -82.54
N SER A 722 39.47 35.68 -83.81
CA SER A 722 40.61 34.85 -84.21
C SER A 722 41.95 35.49 -83.87
N GLN A 723 42.07 36.77 -84.17
CA GLN A 723 43.31 37.48 -83.91
C GLN A 723 43.50 37.74 -82.42
N LEU A 724 42.40 37.78 -81.67
CA LEU A 724 42.46 37.94 -80.22
C LEU A 724 42.98 36.67 -79.55
N MET A 725 42.60 35.52 -80.10
CA MET A 725 43.13 34.24 -79.61
C MET A 725 44.63 34.11 -79.89
N GLU A 726 45.03 34.41 -81.12
CA GLU A 726 46.44 34.37 -81.49
C GLU A 726 47.27 35.36 -80.67
N ALA A 727 46.68 36.53 -80.39
CA ALA A 727 47.37 37.57 -79.64
C ALA A 727 47.62 37.14 -78.20
N HIS A 728 46.81 36.21 -77.72
CA HIS A 728 46.93 35.73 -76.35
C HIS A 728 47.63 34.37 -76.27
N GLY A 729 48.11 33.88 -77.41
CA GLY A 729 48.97 32.71 -77.44
C GLY A 729 48.32 31.41 -77.86
N ASN A 730 47.07 31.48 -78.31
CA ASN A 730 46.36 30.28 -78.74
C ASN A 730 46.59 29.97 -80.20
N VAL B 38 10.20 -11.17 32.57
CA VAL B 38 9.41 -10.22 31.79
C VAL B 38 9.50 -10.56 30.31
N GLY B 39 8.36 -10.62 29.64
CA GLY B 39 8.32 -10.92 28.23
C GLY B 39 6.93 -11.26 27.73
N VAL B 40 6.76 -11.29 26.42
CA VAL B 40 5.48 -11.64 25.82
C VAL B 40 5.63 -12.81 24.85
N ASN B 41 4.58 -13.60 24.70
CA ASN B 41 4.62 -14.73 23.79
C ASN B 41 4.49 -14.29 22.33
N ILE B 42 5.24 -14.96 21.46
CA ILE B 42 5.30 -14.61 20.04
C ILE B 42 3.94 -14.69 19.34
N ASN B 43 3.14 -15.69 19.71
CA ASN B 43 1.86 -15.93 19.04
C ASN B 43 0.85 -14.80 19.22
N SER B 44 1.05 -13.97 20.24
CA SER B 44 0.07 -12.94 20.56
C SER B 44 0.64 -11.51 20.60
N THR B 45 1.84 -11.33 20.04
CA THR B 45 2.41 -10.00 19.92
C THR B 45 1.94 -9.33 18.62
N SER B 46 1.52 -8.07 18.73
CA SER B 46 1.04 -7.34 17.56
C SER B 46 2.20 -6.67 16.83
N THR B 47 3.32 -6.53 17.54
CA THR B 47 4.53 -5.94 16.99
C THR B 47 5.70 -6.88 17.24
N LEU B 48 6.63 -6.92 16.29
CA LEU B 48 7.82 -7.76 16.42
C LEU B 48 8.97 -7.20 15.60
N LYS B 49 10.11 -7.01 16.25
CA LYS B 49 11.31 -6.50 15.59
C LYS B 49 12.49 -7.43 15.86
N ALA B 50 13.07 -7.96 14.78
CA ALA B 50 14.20 -8.88 14.90
C ALA B 50 15.53 -8.18 14.64
N LYS B 51 16.48 -8.39 15.54
CA LYS B 51 17.83 -7.84 15.39
C LYS B 51 18.89 -8.92 15.56
N PHE B 52 19.74 -9.08 14.55
CA PHE B 52 20.90 -9.95 14.66
C PHE B 52 21.94 -9.30 15.61
N THR B 53 22.60 -10.13 16.41
CA THR B 53 23.60 -9.64 17.36
C THR B 53 24.99 -10.19 17.04
N ASN B 54 25.05 -11.46 16.65
CA ASN B 54 26.31 -12.10 16.33
C ASN B 54 26.19 -13.17 15.26
N ALA B 55 27.32 -13.45 14.60
CA ALA B 55 27.38 -14.49 13.59
C ALA B 55 28.80 -15.04 13.51
N THR B 56 28.92 -16.36 13.49
CA THR B 56 30.23 -17.01 13.43
C THR B 56 30.23 -18.20 12.46
N VAL B 57 31.35 -18.40 11.76
CA VAL B 57 31.53 -19.57 10.90
C VAL B 57 32.58 -20.51 11.50
N ASP B 58 32.37 -21.82 11.42
CA ASP B 58 33.30 -22.78 12.03
C ASP B 58 33.34 -24.07 11.26
N ALA B 59 34.38 -24.22 10.43
CA ALA B 59 34.45 -25.31 9.46
C ALA B 59 33.21 -25.36 8.59
N GLY B 60 32.66 -24.21 8.24
CA GLY B 60 31.54 -24.16 7.33
C GLY B 60 30.19 -24.15 8.02
N LYS B 61 30.17 -24.45 9.31
CA LYS B 61 28.92 -24.42 10.06
C LYS B 61 28.69 -23.01 10.60
N VAL B 62 27.58 -22.40 10.19
CA VAL B 62 27.29 -21.02 10.56
C VAL B 62 26.32 -20.97 11.74
N THR B 63 26.62 -20.11 12.71
CA THR B 63 25.75 -19.92 13.86
C THR B 63 25.47 -18.45 14.06
N VAL B 64 24.18 -18.10 14.11
CA VAL B 64 23.79 -16.71 14.28
C VAL B 64 23.00 -16.49 15.57
N ASN B 65 23.16 -15.31 16.16
CA ASN B 65 22.37 -14.93 17.32
C ASN B 65 21.51 -13.72 16.97
N PHE B 66 20.28 -13.71 17.51
CA PHE B 66 19.38 -12.59 17.30
C PHE B 66 18.44 -12.38 18.47
N THR B 67 17.78 -11.24 18.49
CA THR B 67 16.85 -10.91 19.56
C THR B 67 15.48 -10.54 18.99
N LEU B 68 14.41 -10.93 19.69
CA LEU B 68 13.05 -10.58 19.29
C LEU B 68 12.40 -9.68 20.33
N GLU B 69 11.92 -8.51 19.91
CA GLU B 69 11.26 -7.58 20.82
C GLU B 69 10.01 -6.99 20.18
N ASN B 70 9.10 -6.49 21.01
CA ASN B 70 7.94 -5.79 20.50
C ASN B 70 8.24 -4.29 20.35
N ALA B 71 7.21 -3.50 20.03
CA ALA B 71 7.41 -2.09 19.78
C ALA B 71 7.86 -1.31 21.00
N ASN B 72 7.68 -1.87 22.20
CA ASN B 72 8.12 -1.22 23.41
C ASN B 72 9.45 -1.74 23.95
N GLY B 73 10.02 -2.71 23.26
CA GLY B 73 11.32 -3.24 23.62
C GLY B 73 11.25 -4.49 24.49
N VAL B 74 10.04 -4.86 24.93
CA VAL B 74 9.84 -6.05 25.75
C VAL B 74 10.22 -7.30 24.95
N ALA B 75 10.95 -8.20 25.59
CA ALA B 75 11.41 -9.41 24.92
C ALA B 75 10.25 -10.28 24.43
N VAL B 76 10.43 -10.89 23.26
CA VAL B 76 9.47 -11.83 22.69
C VAL B 76 9.98 -13.28 22.81
N LEU B 77 9.19 -14.14 23.45
CA LEU B 77 9.61 -15.50 23.73
C LEU B 77 8.66 -16.50 23.07
N GLY B 78 9.11 -17.73 22.86
CA GLY B 78 8.23 -18.75 22.31
C GLY B 78 8.45 -19.13 20.86
N LEU B 79 9.38 -18.43 20.20
CA LEU B 79 9.70 -18.74 18.82
C LEU B 79 10.23 -20.17 18.71
N THR B 80 9.64 -20.95 17.82
CA THR B 80 10.07 -22.33 17.59
C THR B 80 10.31 -22.56 16.12
N LYS B 81 10.78 -23.77 15.80
CA LYS B 81 11.09 -24.13 14.42
C LYS B 81 9.82 -24.32 13.59
N ASP B 82 8.69 -24.50 14.26
CA ASP B 82 7.45 -24.81 13.56
C ASP B 82 6.65 -23.57 13.15
N HIS B 83 7.12 -22.39 13.58
CA HIS B 83 6.65 -21.15 12.99
C HIS B 83 7.21 -21.05 11.56
N ASP B 84 6.65 -20.16 10.74
CA ASP B 84 7.15 -20.00 9.38
C ASP B 84 8.46 -19.21 9.43
N LEU B 85 9.51 -19.87 9.88
CA LEU B 85 10.81 -19.26 10.11
C LEU B 85 11.82 -19.83 9.12
N ARG B 86 12.44 -18.95 8.33
CA ARG B 86 13.42 -19.39 7.34
C ARG B 86 14.68 -18.55 7.40
N PHE B 87 15.80 -19.14 6.99
CA PHE B 87 17.10 -18.48 7.06
C PHE B 87 17.86 -18.58 5.75
N GLY B 88 18.60 -17.52 5.41
CA GLY B 88 19.44 -17.51 4.23
C GLY B 88 20.86 -17.08 4.52
N ILE B 89 21.79 -17.56 3.71
CA ILE B 89 23.20 -17.23 3.91
C ILE B 89 23.89 -17.03 2.56
N ALA B 90 24.58 -15.90 2.42
CA ALA B 90 25.16 -15.54 1.13
C ALA B 90 26.50 -14.85 1.26
N GLN B 91 27.32 -14.98 0.22
CA GLN B 91 28.61 -14.33 0.17
C GLN B 91 28.61 -13.19 -0.84
N LEU B 92 29.28 -12.11 -0.50
CA LEU B 92 29.47 -10.99 -1.41
C LEU B 92 30.77 -11.19 -2.20
N THR B 93 30.71 -12.05 -3.21
CA THR B 93 31.88 -12.48 -3.98
C THR B 93 32.31 -11.48 -5.04
N PRO B 94 33.61 -11.11 -5.04
CA PRO B 94 34.17 -10.35 -6.16
C PRO B 94 34.12 -11.20 -7.43
N VAL B 95 33.50 -10.68 -8.48
CA VAL B 95 33.30 -11.45 -9.70
C VAL B 95 34.01 -10.81 -10.89
N LYS B 96 34.77 -11.62 -11.63
CA LYS B 96 35.37 -11.19 -12.88
C LYS B 96 34.68 -11.96 -14.01
N GLU B 97 34.53 -11.34 -15.17
CA GLU B 97 33.94 -12.03 -16.30
C GLU B 97 34.89 -12.12 -17.48
N LYS B 98 35.02 -13.33 -18.04
CA LYS B 98 35.85 -13.54 -19.21
C LYS B 98 35.06 -13.17 -20.45
N VAL B 99 35.22 -11.93 -20.92
CA VAL B 99 34.59 -11.47 -22.17
C VAL B 99 35.63 -11.39 -23.29
N GLY B 100 35.59 -12.34 -24.22
CA GLY B 100 36.58 -12.41 -25.28
C GLY B 100 37.88 -13.04 -24.79
N GLU B 101 38.91 -12.21 -24.64
CA GLU B 101 40.20 -12.66 -24.15
C GLU B 101 40.60 -11.83 -22.93
N THR B 102 39.76 -10.85 -22.59
CA THR B 102 40.02 -9.98 -21.45
C THR B 102 39.09 -10.31 -20.28
N GLU B 103 39.56 -10.07 -19.06
CA GLU B 103 38.71 -10.24 -17.89
C GLU B 103 38.09 -8.91 -17.47
N ALA B 104 36.76 -8.89 -17.36
CA ALA B 104 36.05 -7.69 -16.96
C ALA B 104 35.73 -7.72 -15.46
N ASP B 105 35.98 -6.62 -14.76
CA ASP B 105 35.62 -6.52 -13.36
C ASP B 105 34.12 -6.21 -13.25
N ARG B 106 33.40 -7.03 -12.49
CA ARG B 106 31.95 -6.87 -12.32
C ARG B 106 31.59 -6.35 -10.93
N GLY B 107 32.59 -6.05 -10.12
CA GLY B 107 32.34 -5.62 -8.75
C GLY B 107 32.03 -6.81 -7.85
N TYR B 108 31.24 -6.58 -6.82
CA TYR B 108 30.86 -7.65 -5.89
C TYR B 108 29.39 -8.02 -6.04
N GLN B 109 29.13 -9.30 -6.26
CA GLN B 109 27.77 -9.82 -6.38
C GLN B 109 27.42 -10.72 -5.19
N TRP B 110 26.13 -10.89 -4.92
CA TRP B 110 25.68 -11.81 -3.88
C TRP B 110 25.62 -13.23 -4.41
N GLN B 111 26.16 -14.18 -3.64
CA GLN B 111 26.03 -15.59 -3.98
C GLN B 111 25.50 -16.39 -2.79
N ALA B 112 24.24 -16.81 -2.90
CA ALA B 112 23.59 -17.58 -1.84
C ALA B 112 24.15 -19.00 -1.80
N TYR B 113 24.31 -19.54 -0.60
CA TYR B 113 24.81 -20.91 -0.46
C TYR B 113 23.72 -21.94 -0.70
N ILE B 114 22.49 -21.46 -0.79
CA ILE B 114 21.34 -22.34 -1.04
C ILE B 114 20.77 -22.05 -2.41
N ASN B 115 20.89 -22.99 -3.32
CA ASN B 115 20.31 -22.84 -4.65
C ASN B 115 19.72 -24.17 -5.10
N ALA B 116 18.81 -24.11 -6.06
CA ALA B 116 18.16 -25.30 -6.60
C ALA B 116 17.93 -25.16 -8.10
N LYS B 117 18.07 -26.26 -8.83
CA LYS B 117 17.81 -26.24 -10.27
C LYS B 117 16.31 -26.26 -10.55
N LYS B 118 15.84 -25.29 -11.32
CA LYS B 118 14.42 -25.19 -11.64
C LYS B 118 14.14 -25.55 -13.09
N GLU B 119 13.16 -26.42 -13.30
CA GLU B 119 12.76 -26.78 -14.65
C GLU B 119 11.48 -26.04 -15.03
N PRO B 120 11.34 -25.69 -16.33
CA PRO B 120 10.13 -24.99 -16.79
C PRO B 120 8.84 -25.78 -16.52
N GLY B 121 7.78 -25.10 -16.10
CA GLY B 121 6.48 -25.72 -15.90
C GLY B 121 5.64 -25.80 -17.16
N THR B 122 4.32 -25.90 -16.99
CA THR B 122 3.42 -25.95 -18.13
C THR B 122 3.42 -24.62 -18.90
N VAL B 123 3.48 -24.71 -20.23
CA VAL B 123 3.57 -23.53 -21.08
C VAL B 123 2.29 -22.69 -21.03
N PRO B 124 2.40 -21.41 -20.62
CA PRO B 124 1.26 -20.48 -20.65
C PRO B 124 0.73 -20.30 -22.06
N SER B 125 -0.49 -20.75 -22.31
CA SER B 125 -1.06 -20.77 -23.65
C SER B 125 -1.31 -19.37 -24.22
N GLY B 126 -0.71 -19.12 -25.38
CA GLY B 126 -0.91 -17.88 -26.08
C GLY B 126 -0.11 -16.69 -25.56
N VAL B 127 0.87 -16.96 -24.70
CA VAL B 127 1.72 -15.89 -24.20
C VAL B 127 3.08 -15.85 -24.92
N ASP B 128 3.45 -14.66 -25.38
CA ASP B 128 4.67 -14.44 -26.15
C ASP B 128 5.77 -13.89 -25.25
N ASN B 129 6.88 -13.53 -25.87
CA ASN B 129 8.02 -12.95 -25.16
C ASN B 129 8.59 -13.84 -24.05
N LEU B 130 8.35 -15.16 -24.17
CA LEU B 130 8.90 -16.14 -23.24
C LEU B 130 9.95 -17.01 -23.92
N ASN B 131 10.99 -17.37 -23.18
CA ASN B 131 11.95 -18.35 -23.66
C ASN B 131 12.29 -19.35 -22.56
N PRO B 132 11.39 -20.32 -22.33
CA PRO B 132 11.51 -21.29 -21.23
C PRO B 132 12.78 -22.13 -21.30
N SER B 133 13.49 -22.24 -20.17
CA SER B 133 14.75 -22.99 -20.07
C SER B 133 15.02 -23.35 -18.60
N THR B 134 16.02 -24.20 -18.39
CA THR B 134 16.38 -24.59 -17.04
C THR B 134 17.09 -23.44 -16.31
N GLN B 135 16.62 -23.11 -15.09
CA GLN B 135 17.20 -22.01 -14.32
C GLN B 135 17.60 -22.43 -12.92
N PHE B 136 18.47 -21.65 -12.30
CA PHE B 136 18.76 -21.82 -10.88
C PHE B 136 18.01 -20.75 -10.10
N GLN B 137 17.59 -21.07 -8.88
CA GLN B 137 16.97 -20.07 -8.03
C GLN B 137 17.54 -20.16 -6.63
N ALA B 138 18.01 -19.03 -6.12
CA ALA B 138 18.46 -18.96 -4.74
C ALA B 138 17.25 -19.14 -3.83
N ASN B 139 17.50 -19.44 -2.56
CA ASN B 139 16.42 -19.70 -1.62
C ASN B 139 16.87 -19.48 -0.19
N VAL B 140 15.96 -19.75 0.75
CA VAL B 140 16.28 -19.85 2.16
C VAL B 140 16.02 -21.29 2.56
N GLU B 141 16.36 -21.62 3.80
CA GLU B 141 16.05 -22.96 4.34
C GLU B 141 15.05 -22.85 5.48
N SER B 142 14.05 -23.72 5.47
CA SER B 142 13.04 -23.73 6.53
C SER B 142 13.63 -24.27 7.83
N ALA B 143 13.42 -23.55 8.92
CA ALA B 143 13.94 -23.96 10.22
C ALA B 143 13.27 -25.22 10.76
N ASN B 144 12.13 -25.60 10.17
CA ASN B 144 11.40 -26.78 10.62
C ASN B 144 11.97 -28.09 10.10
N LYS B 145 13.03 -28.01 9.32
CA LYS B 145 13.68 -29.19 8.76
C LYS B 145 14.71 -29.77 9.72
N CYS B 146 15.14 -28.95 10.68
CA CYS B 146 16.10 -29.36 11.70
C CYS B 146 15.48 -29.26 13.09
N ASP B 147 15.63 -30.30 13.90
CA ASP B 147 15.01 -30.36 15.22
C ASP B 147 15.81 -29.63 16.30
N THR B 148 17.08 -29.39 16.04
CA THR B 148 17.96 -28.82 17.06
C THR B 148 18.62 -27.49 16.70
N CYS B 149 18.49 -27.09 15.43
CA CYS B 149 19.15 -25.89 14.92
C CYS B 149 18.78 -24.59 15.63
N LEU B 150 17.57 -24.53 16.19
CA LEU B 150 17.09 -23.31 16.85
C LEU B 150 17.05 -23.49 18.37
N VAL B 151 17.50 -22.48 19.09
CA VAL B 151 17.52 -22.52 20.55
C VAL B 151 16.93 -21.24 21.17
N ASP B 152 15.91 -21.41 22.00
CA ASP B 152 15.29 -20.29 22.71
C ASP B 152 15.98 -20.10 24.07
N HIS B 153 16.54 -18.92 24.31
CA HIS B 153 17.28 -18.66 25.55
C HIS B 153 16.40 -18.10 26.67
N GLY B 154 15.09 -18.06 26.46
CA GLY B 154 14.14 -17.67 27.50
C GLY B 154 14.24 -16.24 27.98
N ASP B 155 14.94 -15.39 27.24
CA ASP B 155 15.11 -13.99 27.62
C ASP B 155 14.92 -13.07 26.42
N GLY B 156 14.48 -13.63 25.31
CA GLY B 156 14.29 -12.84 24.10
C GLY B 156 15.37 -13.06 23.08
N SER B 157 16.49 -13.64 23.50
CA SER B 157 17.55 -13.97 22.56
C SER B 157 17.43 -15.41 22.08
N TYR B 158 17.93 -15.66 20.88
CA TYR B 158 17.86 -16.98 20.26
C TYR B 158 19.18 -17.28 19.56
N SER B 159 19.33 -18.51 19.09
CA SER B 159 20.49 -18.89 18.30
C SER B 159 20.09 -19.93 17.27
N TYR B 160 20.49 -19.71 16.03
CA TYR B 160 20.21 -20.67 14.97
C TYR B 160 21.50 -21.18 14.33
N THR B 161 21.53 -22.47 14.03
CA THR B 161 22.67 -23.08 13.35
C THR B 161 22.21 -23.57 11.98
N TYR B 162 22.85 -23.08 10.93
CA TYR B 162 22.42 -23.40 9.57
C TYR B 162 22.57 -24.88 9.24
N GLN B 163 21.58 -25.41 8.53
CA GLN B 163 21.61 -26.80 8.08
C GLN B 163 22.56 -26.94 6.91
N VAL B 164 22.82 -25.82 6.24
CA VAL B 164 23.72 -25.80 5.08
C VAL B 164 25.19 -25.67 5.50
N ASN B 165 26.08 -26.37 4.78
CA ASN B 165 27.52 -26.29 5.00
C ASN B 165 28.15 -25.35 3.99
N VAL B 166 28.66 -24.22 4.47
CA VAL B 166 29.20 -23.17 3.62
C VAL B 166 30.49 -23.57 2.87
N ALA B 167 31.35 -24.36 3.53
CA ALA B 167 32.69 -24.68 3.03
C ALA B 167 32.77 -25.19 1.58
N ASN B 168 31.94 -26.16 1.23
CA ASN B 168 32.01 -26.75 -0.12
C ASN B 168 30.67 -26.88 -0.83
N VAL B 169 30.08 -25.74 -1.19
CA VAL B 169 28.89 -25.75 -2.02
C VAL B 169 29.28 -25.71 -3.48
N THR B 170 28.90 -26.76 -4.20
CA THR B 170 29.31 -26.93 -5.59
C THR B 170 28.13 -27.21 -6.50
N GLU B 171 27.05 -27.71 -5.91
CA GLU B 171 25.87 -28.13 -6.66
C GLU B 171 24.58 -27.55 -6.09
N PRO B 172 23.69 -27.02 -6.96
CA PRO B 172 23.87 -26.91 -8.41
C PRO B 172 24.60 -25.61 -8.80
N VAL B 173 24.69 -24.67 -7.87
CA VAL B 173 25.42 -23.43 -8.10
C VAL B 173 26.61 -23.40 -7.17
N LYS B 174 27.80 -23.18 -7.74
CA LYS B 174 29.01 -23.18 -6.92
C LYS B 174 29.31 -21.81 -6.31
N VAL B 175 29.61 -21.81 -5.00
CA VAL B 175 30.12 -20.62 -4.33
C VAL B 175 31.43 -20.99 -3.63
N THR B 176 32.52 -20.33 -4.02
CA THR B 176 33.81 -20.59 -3.42
C THR B 176 34.00 -19.73 -2.18
N TYR B 177 33.96 -20.36 -1.01
CA TYR B 177 34.06 -19.63 0.25
C TYR B 177 35.36 -18.86 0.42
N SER B 178 35.24 -17.65 0.96
CA SER B 178 36.40 -16.86 1.36
C SER B 178 36.11 -16.17 2.69
N ALA B 179 36.93 -16.44 3.69
CA ALA B 179 36.70 -15.89 5.03
C ALA B 179 36.94 -14.39 5.05
N ASP B 180 37.68 -13.88 4.07
CA ASP B 180 37.92 -12.44 3.96
C ASP B 180 36.78 -11.71 3.24
N ALA B 181 35.98 -12.46 2.47
CA ALA B 181 34.79 -11.91 1.84
C ALA B 181 33.75 -11.51 2.88
N THR B 182 32.78 -10.68 2.49
CA THR B 182 31.70 -10.34 3.41
C THR B 182 30.49 -11.26 3.22
N GLN B 183 29.96 -11.79 4.31
CA GLN B 183 28.85 -12.73 4.25
C GLN B 183 27.59 -12.04 4.78
N ARG B 184 26.45 -12.35 4.19
CA ARG B 184 25.18 -11.81 4.69
C ARG B 184 24.27 -12.91 5.18
N ALA B 185 23.98 -12.89 6.48
CA ALA B 185 23.03 -13.82 7.06
C ALA B 185 21.66 -13.16 7.09
N THR B 186 20.65 -13.86 6.57
CA THR B 186 19.33 -13.29 6.42
C THR B 186 18.25 -14.18 7.05
N MET B 187 17.22 -13.55 7.62
CA MET B 187 16.10 -14.30 8.18
C MET B 187 14.75 -13.66 7.85
N GLU B 188 13.78 -14.52 7.55
CA GLU B 188 12.41 -14.07 7.33
C GLU B 188 11.45 -14.83 8.23
N LEU B 189 10.49 -14.10 8.81
CA LEU B 189 9.49 -14.73 9.68
C LEU B 189 8.08 -14.23 9.33
N GLU B 190 7.23 -15.16 8.94
CA GLU B 190 5.83 -14.84 8.67
C GLU B 190 4.93 -15.38 9.76
N LEU B 191 4.32 -14.47 10.52
CA LEU B 191 3.30 -14.83 11.48
C LEU B 191 1.96 -14.46 10.88
N PRO B 192 0.87 -15.04 11.40
CA PRO B 192 -0.46 -14.69 10.87
C PRO B 192 -0.78 -13.21 11.03
N GLN B 193 -0.21 -12.57 12.07
CA GLN B 193 -0.53 -11.18 12.36
C GLN B 193 0.52 -10.19 11.87
N LEU B 194 1.72 -10.68 11.51
CA LEU B 194 2.79 -9.80 11.07
C LEU B 194 3.93 -10.54 10.35
N ALA B 195 4.76 -9.78 9.65
CA ALA B 195 5.97 -10.32 9.04
C ALA B 195 7.21 -9.55 9.53
N ALA B 196 8.35 -10.24 9.58
CA ALA B 196 9.60 -9.60 10.01
C ALA B 196 10.80 -10.10 9.22
N ASN B 197 11.72 -9.18 8.92
CA ASN B 197 12.96 -9.53 8.25
C ASN B 197 14.14 -9.02 9.07
N ALA B 198 15.30 -9.64 8.88
CA ALA B 198 16.54 -9.14 9.48
C ALA B 198 17.73 -9.64 8.67
N HIS B 199 18.77 -8.82 8.62
CA HIS B 199 19.99 -9.20 7.90
C HIS B 199 21.20 -8.92 8.78
N PHE B 200 22.34 -9.51 8.42
CA PHE B 200 23.57 -9.30 9.17
C PHE B 200 24.78 -9.50 8.25
N ASP B 201 25.58 -8.45 8.09
CA ASP B 201 26.80 -8.52 7.29
C ASP B 201 28.02 -8.47 8.20
N TRP B 202 28.96 -9.39 7.99
CA TRP B 202 30.19 -9.40 8.77
C TRP B 202 31.31 -10.11 8.01
N GLN B 203 32.55 -9.86 8.43
CA GLN B 203 33.71 -10.53 7.84
C GLN B 203 34.23 -11.60 8.78
N PRO B 204 34.05 -12.88 8.40
CA PRO B 204 34.41 -14.06 9.20
C PRO B 204 35.84 -14.04 9.75
N SER B 205 36.78 -13.47 9.01
CA SER B 205 38.16 -13.38 9.45
C SER B 205 38.32 -12.48 10.67
N THR B 206 37.84 -11.25 10.57
CA THR B 206 38.05 -10.27 11.61
C THR B 206 36.86 -10.14 12.55
N GLY B 207 35.70 -10.62 12.12
CA GLY B 207 34.48 -10.48 12.89
C GLY B 207 33.96 -9.06 12.88
N LYS B 208 34.46 -8.25 11.95
CA LYS B 208 34.05 -6.85 11.83
C LYS B 208 32.69 -6.75 11.15
N THR B 209 31.89 -5.77 11.58
CA THR B 209 30.56 -5.53 11.01
C THR B 209 30.54 -4.18 10.29
N GLU B 210 31.55 -3.37 10.53
CA GLU B 210 31.73 -2.10 9.84
C GLU B 210 33.17 -1.93 9.32
N GLY B 211 33.35 -1.07 8.32
CA GLY B 211 34.66 -0.93 7.70
C GLY B 211 35.02 -2.12 6.81
N ILE B 212 33.99 -2.86 6.41
CA ILE B 212 34.15 -4.00 5.51
C ILE B 212 33.50 -3.73 4.16
N GLN B 213 33.79 -4.60 3.19
CA GLN B 213 33.22 -4.48 1.87
C GLN B 213 31.70 -4.69 1.93
N THR B 214 30.94 -3.82 1.27
CA THR B 214 29.49 -3.96 1.23
C THR B 214 28.90 -3.74 -0.16
N ARG B 215 27.58 -3.85 -0.25
CA ARG B 215 26.83 -3.53 -1.47
C ARG B 215 25.52 -2.90 -1.06
N ASN B 216 25.62 -1.80 -0.31
CA ASN B 216 24.46 -1.04 0.09
C ASN B 216 24.22 0.08 -0.93
N VAL B 217 23.34 -0.18 -1.90
CA VAL B 217 23.16 0.69 -3.05
C VAL B 217 21.93 1.59 -2.97
N VAL B 218 20.77 1.00 -2.65
CA VAL B 218 19.52 1.74 -2.57
C VAL B 218 18.87 1.65 -1.18
N SER B 219 18.02 2.62 -0.86
CA SER B 219 17.22 2.60 0.35
C SER B 219 15.74 2.54 -0.03
N ILE B 220 14.93 1.87 0.79
CA ILE B 220 13.52 1.72 0.49
C ILE B 220 12.76 3.04 0.62
N GLN B 221 13.37 4.00 1.30
CA GLN B 221 12.75 5.31 1.46
C GLN B 221 12.62 6.03 0.11
N ALA B 222 13.55 5.75 -0.80
CA ALA B 222 13.44 6.26 -2.16
C ALA B 222 12.30 5.55 -2.90
N CYS B 223 12.17 4.25 -2.65
CA CYS B 223 11.08 3.48 -3.24
C CYS B 223 9.72 3.98 -2.74
N TYR B 224 9.67 4.34 -1.46
CA TYR B 224 8.43 4.76 -0.83
C TYR B 224 7.89 6.10 -1.38
N THR B 225 8.70 6.79 -2.18
CA THR B 225 8.23 8.02 -2.83
C THR B 225 7.03 7.73 -3.74
N CYS B 226 7.15 6.65 -4.52
CA CYS B 226 6.06 6.23 -5.39
C CYS B 226 5.22 5.10 -4.79
N HIS B 227 5.81 4.34 -3.88
CA HIS B 227 5.22 3.07 -3.45
C HIS B 227 4.49 3.08 -2.11
N GLN B 228 3.25 2.59 -2.13
CA GLN B 228 2.58 2.19 -0.91
C GLN B 228 3.41 1.05 -0.33
N PRO B 229 3.73 1.12 0.98
CA PRO B 229 4.54 0.11 1.64
C PRO B 229 4.05 -1.31 1.36
N GLU B 230 2.74 -1.53 1.38
CA GLU B 230 2.21 -2.86 1.10
C GLU B 230 2.59 -3.35 -0.29
N SER B 231 2.68 -2.43 -1.25
CA SER B 231 2.99 -2.81 -2.63
C SER B 231 4.42 -3.31 -2.78
N LEU B 232 5.26 -3.07 -1.78
CA LEU B 232 6.64 -3.55 -1.83
C LEU B 232 6.89 -4.74 -0.90
N ALA B 233 5.85 -5.14 -0.17
CA ALA B 233 5.92 -6.33 0.67
C ALA B 233 5.52 -7.53 -0.20
N LEU B 234 6.49 -8.13 -0.85
CA LEU B 234 6.17 -9.17 -1.83
C LEU B 234 6.10 -10.59 -1.28
N HIS B 235 5.79 -11.53 -2.15
CA HIS B 235 5.70 -12.94 -1.79
C HIS B 235 4.78 -13.16 -0.59
N GLY B 236 3.60 -12.55 -0.64
CA GLY B 236 2.61 -12.70 0.41
C GLY B 236 2.85 -11.79 1.60
N GLY B 237 3.78 -10.85 1.46
CA GLY B 237 4.10 -9.93 2.54
C GLY B 237 5.26 -10.42 3.37
N ARG B 238 5.72 -11.63 3.06
CA ARG B 238 6.83 -12.26 3.76
C ARG B 238 8.13 -11.45 3.73
N ARG B 239 8.43 -10.88 2.57
CA ARG B 239 9.70 -10.17 2.37
C ARG B 239 9.51 -8.66 2.23
N ILE B 240 10.18 -7.91 3.11
CA ILE B 240 9.99 -6.47 3.21
C ILE B 240 11.28 -5.70 2.98
N ASP B 241 12.38 -6.18 3.55
CA ASP B 241 13.65 -5.46 3.52
C ASP B 241 14.43 -5.68 2.23
N ILE B 242 14.93 -4.57 1.68
CA ILE B 242 15.79 -4.58 0.50
C ILE B 242 16.94 -5.60 0.61
N GLU B 243 17.60 -5.62 1.77
CA GLU B 243 18.73 -6.51 1.99
C GLU B 243 18.34 -7.98 1.77
N ASN B 244 17.12 -8.33 2.18
CA ASN B 244 16.57 -9.65 1.92
C ASN B 244 16.37 -9.93 0.42
N CYS B 245 15.86 -8.94 -0.32
CA CYS B 245 15.66 -9.09 -1.76
C CYS B 245 16.99 -9.44 -2.43
N ALA B 246 18.00 -8.63 -2.15
CA ALA B 246 19.31 -8.78 -2.78
C ALA B 246 19.95 -10.12 -2.45
N SER B 247 19.61 -10.68 -1.30
CA SER B 247 20.23 -11.92 -0.84
C SER B 247 19.68 -13.15 -1.54
N CYS B 248 18.62 -12.98 -2.32
CA CYS B 248 17.97 -14.11 -2.99
C CYS B 248 17.86 -13.88 -4.49
N HIS B 249 17.61 -12.63 -4.87
CA HIS B 249 17.57 -12.28 -6.29
C HIS B 249 19.00 -12.10 -6.80
N THR B 250 19.65 -13.21 -7.11
CA THR B 250 21.07 -13.23 -7.44
C THR B 250 21.33 -13.29 -8.95
N ALA B 251 22.58 -13.02 -9.34
CA ALA B 251 22.95 -12.95 -10.76
C ALA B 251 22.83 -14.29 -11.49
N THR B 252 22.72 -15.39 -10.74
CA THR B 252 22.56 -16.71 -11.34
C THR B 252 21.11 -17.17 -11.33
N SER B 253 20.25 -16.36 -10.73
CA SER B 253 18.85 -16.75 -10.53
C SER B 253 17.95 -16.28 -11.67
N GLY B 254 16.98 -17.13 -12.04
CA GLY B 254 16.05 -16.80 -13.10
C GLY B 254 14.72 -17.53 -13.03
N ASP B 255 13.76 -17.08 -13.85
CA ASP B 255 12.46 -17.74 -13.94
C ASP B 255 12.45 -18.74 -15.09
N PRO B 256 12.28 -20.03 -14.78
CA PRO B 256 12.36 -21.10 -15.78
C PRO B 256 11.32 -21.02 -16.90
N GLU B 257 10.14 -20.50 -16.62
CA GLU B 257 9.07 -20.47 -17.63
C GLU B 257 9.23 -19.33 -18.62
N SER B 258 9.91 -18.26 -18.20
CA SER B 258 10.15 -17.13 -19.08
C SER B 258 11.59 -17.11 -19.58
N GLY B 259 12.50 -17.62 -18.77
CA GLY B 259 13.91 -17.66 -19.12
C GLY B 259 14.61 -16.35 -18.80
N ASN B 260 13.91 -15.47 -18.08
CA ASN B 260 14.43 -14.17 -17.72
C ASN B 260 15.25 -14.17 -16.44
N SER B 261 16.15 -13.21 -16.31
CA SER B 261 16.90 -13.04 -15.08
C SER B 261 16.02 -12.40 -14.01
N ILE B 262 16.11 -12.89 -12.78
CA ILE B 262 15.41 -12.26 -11.67
C ILE B 262 16.41 -11.62 -10.71
N GLU B 263 17.61 -11.40 -11.21
CA GLU B 263 18.63 -10.68 -10.45
C GLU B 263 18.12 -9.31 -10.05
N PHE B 264 18.41 -8.91 -8.81
CA PHE B 264 17.88 -7.67 -8.24
C PHE B 264 18.04 -6.46 -9.16
N THR B 265 19.26 -6.22 -9.64
CA THR B 265 19.50 -5.10 -10.56
C THR B 265 18.65 -5.22 -11.83
N TYR B 266 18.78 -6.33 -12.54
CA TYR B 266 18.06 -6.56 -13.78
C TYR B 266 16.54 -6.43 -13.63
N MET B 267 15.99 -7.15 -12.67
CA MET B 267 14.54 -7.21 -12.45
C MET B 267 13.92 -5.84 -12.17
N ILE B 268 14.43 -5.16 -11.14
CA ILE B 268 13.92 -3.85 -10.76
C ILE B 268 13.98 -2.86 -11.93
N HIS B 269 15.11 -2.85 -12.66
CA HIS B 269 15.23 -2.01 -13.84
C HIS B 269 14.18 -2.38 -14.90
N ALA B 270 14.13 -3.65 -15.27
CA ALA B 270 13.24 -4.11 -16.33
C ALA B 270 11.75 -3.87 -16.03
N ILE B 271 11.40 -3.96 -14.76
CA ILE B 271 10.03 -3.71 -14.33
C ILE B 271 9.65 -2.25 -14.58
N HIS B 272 10.52 -1.34 -14.17
CA HIS B 272 10.22 0.09 -14.25
C HIS B 272 10.43 0.67 -15.65
N LYS B 273 11.12 -0.06 -16.52
CA LYS B 273 11.17 0.30 -17.92
C LYS B 273 9.78 -0.01 -18.52
N GLY B 274 9.18 -1.08 -18.03
CA GLY B 274 7.79 -1.41 -18.34
C GLY B 274 7.39 -1.46 -19.81
N GLY B 275 6.32 -0.77 -20.14
CA GLY B 275 5.81 -0.71 -21.50
C GLY B 275 6.68 0.14 -22.41
N GLU B 276 7.74 0.71 -21.86
CA GLU B 276 8.70 1.47 -22.65
C GLU B 276 9.96 0.67 -22.94
N ARG B 277 9.92 -0.62 -22.62
CA ARG B 277 11.05 -1.51 -22.85
C ARG B 277 10.96 -2.16 -24.23
N HIS B 278 11.86 -1.76 -25.13
CA HIS B 278 11.79 -2.18 -26.51
C HIS B 278 13.15 -2.61 -27.04
N THR B 279 13.16 -3.34 -28.15
CA THR B 279 14.41 -3.76 -28.76
C THR B 279 14.35 -3.57 -30.28
N PHE B 280 15.36 -4.07 -30.99
CA PHE B 280 15.37 -3.98 -32.45
C PHE B 280 15.64 -5.34 -33.10
N ASP B 281 14.83 -5.69 -34.09
CA ASP B 281 14.98 -6.96 -34.80
C ASP B 281 16.14 -6.92 -35.80
N ALA B 282 16.33 -8.01 -36.54
CA ALA B 282 17.44 -8.12 -37.48
C ALA B 282 17.29 -7.16 -38.66
N THR B 283 16.08 -6.66 -38.88
CA THR B 283 15.84 -5.70 -39.95
C THR B 283 16.08 -4.28 -39.47
N GLY B 284 16.19 -4.10 -38.16
CA GLY B 284 16.44 -2.80 -37.57
C GLY B 284 15.18 -2.06 -37.15
N ALA B 285 14.08 -2.79 -37.02
CA ALA B 285 12.81 -2.20 -36.62
C ALA B 285 12.56 -2.30 -35.12
N GLN B 286 11.92 -1.29 -34.55
CA GLN B 286 11.65 -1.29 -33.11
C GLN B 286 10.55 -2.28 -32.73
N VAL B 287 10.86 -3.21 -31.84
CA VAL B 287 9.92 -4.21 -31.39
C VAL B 287 9.85 -4.18 -29.86
N PRO B 288 8.63 -4.26 -29.30
CA PRO B 288 8.46 -4.32 -27.83
C PRO B 288 9.25 -5.46 -27.21
N ALA B 289 9.85 -5.21 -26.05
CA ALA B 289 10.53 -6.26 -25.30
C ALA B 289 10.06 -6.30 -23.85
N PRO B 290 8.81 -6.73 -23.64
CA PRO B 290 8.22 -6.75 -22.30
C PRO B 290 8.98 -7.69 -21.38
N TYR B 291 9.16 -7.28 -20.13
CA TYR B 291 9.72 -8.16 -19.12
C TYR B 291 8.59 -8.97 -18.51
N LYS B 292 8.51 -10.25 -18.84
CA LYS B 292 7.46 -11.10 -18.30
C LYS B 292 8.02 -12.14 -17.31
N ILE B 293 7.35 -12.25 -16.17
CA ILE B 293 7.70 -13.28 -15.18
C ILE B 293 6.50 -14.18 -14.91
N ILE B 294 6.68 -15.49 -15.06
CA ILE B 294 5.63 -16.43 -14.64
C ILE B 294 5.81 -16.74 -13.15
N GLY B 295 4.81 -16.38 -12.35
CA GLY B 295 4.91 -16.45 -10.90
C GLY B 295 4.06 -17.53 -10.25
N TYR B 296 3.53 -17.22 -9.06
CA TYR B 296 2.75 -18.19 -8.30
C TYR B 296 1.52 -18.69 -9.04
N GLY B 297 1.40 -20.00 -9.15
CA GLY B 297 0.23 -20.60 -9.79
C GLY B 297 0.29 -20.54 -11.30
N GLY B 298 1.46 -20.20 -11.82
CA GLY B 298 1.64 -20.07 -13.26
C GLY B 298 1.15 -18.73 -13.76
N LYS B 299 0.91 -17.82 -12.83
CA LYS B 299 0.39 -16.49 -13.13
C LYS B 299 1.36 -15.71 -14.02
N VAL B 300 0.91 -15.37 -15.22
CA VAL B 300 1.69 -14.53 -16.12
C VAL B 300 1.67 -13.09 -15.61
N ILE B 301 2.86 -12.51 -15.44
CA ILE B 301 2.98 -11.13 -15.01
C ILE B 301 3.69 -10.27 -16.07
N ASP B 302 2.91 -9.64 -16.92
CA ASP B 302 3.43 -8.80 -17.99
C ASP B 302 3.76 -7.42 -17.44
N TYR B 303 5.04 -7.15 -17.24
CA TYR B 303 5.46 -5.83 -16.77
C TYR B 303 5.47 -4.82 -17.90
N GLY B 304 5.09 -5.27 -19.10
CA GLY B 304 4.84 -4.36 -20.20
C GLY B 304 3.62 -3.50 -19.90
N LYS B 305 2.87 -3.91 -18.87
CA LYS B 305 1.70 -3.16 -18.42
C LYS B 305 2.10 -2.01 -17.50
N VAL B 306 3.36 -1.97 -17.10
CA VAL B 306 3.83 -0.94 -16.18
C VAL B 306 4.05 0.39 -16.89
N HIS B 307 3.51 1.46 -16.34
CA HIS B 307 3.75 2.80 -16.86
C HIS B 307 4.50 3.65 -15.83
N TYR B 308 5.80 3.75 -16.02
CA TYR B 308 6.67 4.53 -15.13
C TYR B 308 6.27 6.00 -15.19
N PRO B 309 5.92 6.58 -14.05
CA PRO B 309 5.37 7.95 -14.01
C PRO B 309 6.39 9.07 -14.25
N GLN B 310 7.68 8.77 -14.28
CA GLN B 310 8.70 9.82 -14.37
C GLN B 310 8.96 10.35 -15.78
N LYS B 311 8.87 11.67 -15.93
CA LYS B 311 9.28 12.33 -17.17
C LYS B 311 10.37 13.34 -16.87
N PRO B 312 11.59 13.11 -17.37
CA PRO B 312 12.02 11.94 -18.17
C PRO B 312 12.29 10.71 -17.31
N ALA B 313 12.32 9.54 -17.95
CA ALA B 313 12.54 8.30 -17.24
C ALA B 313 14.04 7.97 -17.12
N ALA B 314 14.89 8.89 -17.55
CA ALA B 314 16.33 8.67 -17.53
C ALA B 314 17.00 9.21 -16.26
N ASP B 315 16.19 9.53 -15.25
CA ASP B 315 16.71 10.11 -14.01
C ASP B 315 16.99 9.05 -12.96
N CYS B 316 18.26 8.74 -12.78
CA CYS B 316 18.63 7.65 -11.89
C CYS B 316 18.39 7.98 -10.44
N ALA B 317 18.38 9.27 -10.07
CA ALA B 317 18.16 9.73 -8.67
C ALA B 317 16.85 9.27 -8.02
N ALA B 318 15.88 8.85 -8.84
CA ALA B 318 14.62 8.31 -8.34
C ALA B 318 14.86 7.14 -7.38
N CYS B 319 15.82 6.29 -7.71
CA CYS B 319 16.17 5.16 -6.86
C CYS B 319 17.60 5.28 -6.36
N HIS B 320 18.49 5.73 -7.24
CA HIS B 320 19.90 5.85 -6.90
C HIS B 320 20.19 7.20 -6.26
N VAL B 321 19.77 7.34 -5.00
CA VAL B 321 19.94 8.59 -4.28
C VAL B 321 21.33 8.71 -3.69
N GLU B 322 22.00 9.82 -3.95
CA GLU B 322 23.32 10.08 -3.38
C GLU B 322 23.25 11.25 -2.40
N GLY B 323 24.32 11.42 -1.61
CA GLY B 323 24.41 12.54 -0.71
C GLY B 323 24.64 12.14 0.74
N ALA B 324 24.28 13.04 1.66
CA ALA B 324 24.42 12.78 3.08
C ALA B 324 23.41 11.74 3.54
N GLY B 325 23.88 10.78 4.33
CA GLY B 325 23.01 9.73 4.86
C GLY B 325 22.67 8.67 3.83
N ALA B 326 23.15 8.86 2.60
CA ALA B 326 22.91 7.88 1.54
C ALA B 326 23.69 6.60 1.85
N PRO B 327 23.21 5.46 1.32
CA PRO B 327 23.90 4.18 1.50
C PRO B 327 25.38 4.24 1.08
N ALA B 328 26.20 3.40 1.70
CA ALA B 328 27.65 3.43 1.50
C ALA B 328 28.05 3.27 0.04
N ASN B 329 27.34 2.42 -0.69
CA ASN B 329 27.67 2.15 -2.09
C ASN B 329 26.68 2.75 -3.07
N ALA B 330 26.12 3.91 -2.72
CA ALA B 330 25.12 4.56 -3.56
C ALA B 330 25.65 4.93 -4.95
N ASP B 331 26.95 5.15 -5.06
CA ASP B 331 27.55 5.56 -6.32
C ASP B 331 27.83 4.39 -7.26
N LEU B 332 27.49 3.17 -6.83
CA LEU B 332 27.75 1.98 -7.63
C LEU B 332 27.12 2.03 -9.02
N PHE B 333 26.05 2.83 -9.18
CA PHE B 333 25.37 2.91 -10.46
C PHE B 333 26.19 3.65 -11.52
N LYS B 334 27.22 4.37 -11.06
CA LYS B 334 28.11 5.09 -11.95
C LYS B 334 29.49 4.43 -12.02
N ALA B 335 29.58 3.22 -11.47
CA ALA B 335 30.86 2.50 -11.42
C ALA B 335 31.21 1.82 -12.73
N ASP B 336 30.22 1.64 -13.60
CA ASP B 336 30.41 0.99 -14.90
C ASP B 336 30.98 -0.42 -14.80
N LEU B 337 30.32 -1.27 -14.01
CA LEU B 337 30.81 -2.63 -13.79
C LEU B 337 29.86 -3.71 -14.29
N SER B 338 28.70 -3.31 -14.81
CA SER B 338 27.67 -4.28 -15.17
C SER B 338 27.08 -4.02 -16.55
N ASN B 339 27.08 -5.03 -17.40
CA ASN B 339 26.37 -4.96 -18.67
C ASN B 339 24.90 -5.31 -18.45
N GLN B 340 24.64 -6.28 -17.58
CA GLN B 340 23.28 -6.71 -17.29
C GLN B 340 22.43 -5.56 -16.73
N ALA B 341 23.05 -4.65 -15.98
CA ALA B 341 22.34 -3.47 -15.49
C ALA B 341 21.73 -2.69 -16.65
N CYS B 342 22.54 -2.40 -17.67
CA CYS B 342 22.06 -1.67 -18.83
C CYS B 342 21.01 -2.47 -19.60
N ILE B 343 21.25 -3.78 -19.72
CA ILE B 343 20.36 -4.65 -20.50
C ILE B 343 18.97 -4.71 -19.86
N GLY B 344 18.93 -4.54 -18.54
CA GLY B 344 17.66 -4.47 -17.81
C GLY B 344 16.67 -3.54 -18.46
N CYS B 345 17.12 -2.34 -18.83
CA CYS B 345 16.25 -1.34 -19.45
C CYS B 345 16.31 -1.35 -20.97
N HIS B 346 17.51 -1.53 -21.52
CA HIS B 346 17.74 -1.32 -22.94
C HIS B 346 17.76 -2.58 -23.79
N THR B 347 17.67 -3.74 -23.14
CA THR B 347 17.92 -5.04 -23.79
C THR B 347 19.32 -5.13 -24.41
N GLU B 348 19.52 -6.16 -25.23
CA GLU B 348 20.83 -6.43 -25.83
C GLU B 348 21.01 -5.68 -27.14
N LYS B 349 19.90 -5.35 -27.80
CA LYS B 349 20.00 -4.55 -29.01
C LYS B 349 19.27 -3.24 -28.84
N PRO B 350 19.94 -2.27 -28.21
CA PRO B 350 19.37 -0.97 -27.86
C PRO B 350 19.22 -0.02 -29.06
N SER B 351 19.80 -0.37 -30.20
CA SER B 351 19.57 0.37 -31.43
C SER B 351 19.68 -0.54 -32.65
N ALA B 352 19.31 0.00 -33.80
CA ALA B 352 19.38 -0.74 -35.06
C ALA B 352 20.82 -0.93 -35.49
N HIS B 353 21.73 -0.16 -34.90
CA HIS B 353 23.12 -0.15 -35.32
C HIS B 353 24.04 -0.84 -34.31
N HIS B 354 23.44 -1.42 -33.28
CA HIS B 354 24.21 -2.15 -32.27
C HIS B 354 24.47 -3.59 -32.70
N SER B 355 25.58 -4.14 -32.23
CA SER B 355 25.93 -5.53 -32.53
C SER B 355 26.57 -6.22 -31.34
N SER B 356 27.58 -5.58 -30.77
CA SER B 356 28.26 -6.13 -29.61
C SER B 356 27.42 -5.93 -28.34
N THR B 357 27.47 -6.92 -27.44
CA THR B 357 26.70 -6.85 -26.19
C THR B 357 27.54 -6.45 -24.99
N ASP B 358 28.81 -6.12 -25.24
CA ASP B 358 29.70 -5.70 -24.16
C ASP B 358 29.58 -4.20 -23.94
N CYS B 359 28.52 -3.79 -23.25
CA CYS B 359 28.20 -2.38 -23.07
C CYS B 359 29.34 -1.58 -22.45
N MET B 360 30.04 -2.17 -21.47
CA MET B 360 31.08 -1.43 -20.75
C MET B 360 32.33 -1.22 -21.59
N ALA B 361 32.50 -2.03 -22.62
CA ALA B 361 33.62 -1.89 -23.54
C ALA B 361 33.56 -0.57 -24.30
N CYS B 362 32.34 -0.09 -24.55
CA CYS B 362 32.15 1.15 -25.30
C CYS B 362 31.61 2.27 -24.43
N HIS B 363 30.59 1.96 -23.64
CA HIS B 363 29.95 2.96 -22.80
C HIS B 363 30.63 3.04 -21.44
N ASN B 364 31.70 3.84 -21.35
CA ASN B 364 32.38 4.06 -20.09
C ASN B 364 33.03 5.44 -20.05
N ALA B 365 33.63 5.76 -18.91
CA ALA B 365 34.21 7.10 -18.73
C ALA B 365 35.72 7.11 -18.91
N THR B 366 36.37 5.99 -18.60
CA THR B 366 37.83 5.89 -18.70
C THR B 366 38.30 5.98 -20.14
N LYS B 367 38.12 4.90 -20.90
CA LYS B 367 38.47 4.89 -22.32
C LYS B 367 37.21 4.63 -23.13
N PRO B 368 36.40 5.67 -23.35
CA PRO B 368 35.12 5.53 -24.05
C PRO B 368 35.31 5.13 -25.50
N TYR B 369 34.21 4.78 -26.16
CA TYR B 369 34.23 4.48 -27.59
C TYR B 369 33.94 5.77 -28.35
N GLY B 370 34.53 5.89 -29.54
CA GLY B 370 34.36 7.09 -30.35
C GLY B 370 32.90 7.42 -30.64
N GLY B 371 32.54 8.67 -30.39
CA GLY B 371 31.22 9.15 -30.72
C GLY B 371 30.17 9.05 -29.63
N THR B 372 30.41 8.20 -28.64
CA THR B 372 29.47 8.04 -27.54
C THR B 372 30.10 8.41 -26.19
N GLY B 373 29.54 7.88 -25.11
CA GLY B 373 30.03 8.20 -23.78
C GLY B 373 29.49 7.24 -22.74
N SER B 374 29.74 7.55 -21.48
CA SER B 374 29.24 6.74 -20.37
C SER B 374 27.75 6.96 -20.19
N ALA B 375 27.12 6.09 -19.41
CA ALA B 375 25.71 6.23 -19.07
C ALA B 375 25.45 7.56 -18.34
N ALA B 376 26.27 7.86 -17.35
CA ALA B 376 26.16 9.13 -16.62
C ALA B 376 26.16 10.31 -17.59
N LYS B 377 27.03 10.25 -18.59
CA LYS B 377 27.14 11.31 -19.57
C LYS B 377 25.91 11.36 -20.49
N ARG B 378 25.52 10.21 -21.02
CA ARG B 378 24.41 10.15 -21.97
C ARG B 378 23.04 10.38 -21.31
N HIS B 379 22.82 9.79 -20.14
CA HIS B 379 21.62 10.08 -19.38
C HIS B 379 21.63 11.56 -18.95
N GLY B 380 22.83 12.06 -18.65
CA GLY B 380 23.01 13.45 -18.30
C GLY B 380 22.63 14.37 -19.45
N ASP B 381 22.86 13.91 -20.68
CA ASP B 381 22.44 14.64 -21.86
C ASP B 381 20.92 14.81 -21.88
N VAL B 382 20.20 13.77 -21.49
CA VAL B 382 18.74 13.82 -21.43
C VAL B 382 18.27 14.76 -20.34
N MET B 383 18.96 14.73 -19.20
CA MET B 383 18.60 15.56 -18.07
C MET B 383 18.88 17.04 -18.31
N LYS B 384 19.94 17.31 -19.07
CA LYS B 384 20.45 18.67 -19.28
C LYS B 384 19.35 19.69 -19.63
N ALA B 385 18.53 19.37 -20.62
CA ALA B 385 17.47 20.26 -21.06
C ALA B 385 16.51 20.63 -19.93
N TYR B 386 16.12 19.64 -19.14
CA TYR B 386 15.19 19.88 -18.03
C TYR B 386 15.86 20.56 -16.84
N ASN B 387 17.11 20.23 -16.57
CA ASN B 387 17.85 20.89 -15.50
C ASN B 387 18.07 22.37 -15.78
N ASP B 388 18.39 22.70 -17.03
CA ASP B 388 18.54 24.08 -17.44
C ASP B 388 17.20 24.83 -17.32
N SER B 389 16.12 24.18 -17.73
CA SER B 389 14.80 24.80 -17.74
C SER B 389 14.27 25.14 -16.35
N LEU B 390 14.84 24.53 -15.32
CA LEU B 390 14.50 24.87 -13.94
C LEU B 390 14.81 26.35 -13.66
N GLY B 391 15.77 26.90 -14.39
CA GLY B 391 16.17 28.28 -14.22
C GLY B 391 15.61 29.24 -15.25
N TYR B 392 14.75 28.75 -16.13
CA TYR B 392 14.07 29.62 -17.09
C TYR B 392 12.84 30.25 -16.45
N LYS B 393 12.58 31.52 -16.76
CA LYS B 393 11.41 32.20 -16.24
C LYS B 393 10.88 33.25 -17.21
N ALA B 394 9.67 33.71 -16.95
CA ALA B 394 9.07 34.79 -17.73
C ALA B 394 9.23 36.12 -17.00
N LYS B 395 9.35 37.19 -17.76
CA LYS B 395 9.44 38.52 -17.19
C LYS B 395 8.39 39.41 -17.83
N PHE B 396 7.38 39.77 -17.04
CA PHE B 396 6.31 40.63 -17.52
C PHE B 396 6.59 42.08 -17.20
N SER B 397 6.07 42.98 -18.03
CA SER B 397 6.28 44.40 -17.87
C SER B 397 5.27 45.15 -18.73
N ASN B 398 5.02 46.41 -18.37
CA ASN B 398 4.07 47.26 -19.09
C ASN B 398 2.69 46.64 -19.16
N ILE B 399 2.22 46.11 -18.03
CA ILE B 399 0.89 45.52 -17.95
C ILE B 399 -0.15 46.62 -17.73
N GLY B 400 -1.20 46.61 -18.55
CA GLY B 400 -2.26 47.60 -18.41
C GLY B 400 -3.40 47.44 -19.39
N ILE B 401 -4.23 48.48 -19.49
CA ILE B 401 -5.35 48.48 -20.42
C ILE B 401 -5.17 49.54 -21.50
N LYS B 402 -5.11 49.10 -22.76
CA LYS B 402 -5.02 50.00 -23.90
C LYS B 402 -6.24 49.77 -24.78
N ASN B 403 -7.03 50.82 -24.98
CA ASN B 403 -8.23 50.74 -25.81
C ASN B 403 -9.16 49.62 -25.38
N ASN B 404 -9.39 49.53 -24.07
CA ASN B 404 -10.29 48.54 -23.47
C ASN B 404 -9.84 47.09 -23.67
N ALA B 405 -8.57 46.90 -24.01
CA ALA B 405 -8.02 45.56 -24.17
C ALA B 405 -6.84 45.36 -23.22
N LEU B 406 -6.53 44.09 -22.93
CA LEU B 406 -5.36 43.77 -22.12
C LEU B 406 -4.08 43.93 -22.93
N THR B 407 -3.05 44.49 -22.30
CA THR B 407 -1.74 44.59 -22.94
C THR B 407 -0.59 44.43 -21.94
N PHE B 408 0.50 43.83 -22.41
CA PHE B 408 1.70 43.62 -21.61
C PHE B 408 2.88 43.14 -22.44
N ASP B 409 4.09 43.41 -21.97
CA ASP B 409 5.30 42.88 -22.59
C ASP B 409 5.75 41.64 -21.84
N VAL B 410 6.37 40.70 -22.55
CA VAL B 410 6.94 39.51 -21.92
C VAL B 410 8.28 39.10 -22.56
N GLN B 411 9.25 38.74 -21.71
CA GLN B 411 10.51 38.15 -22.14
C GLN B 411 10.63 36.76 -21.53
N ILE B 412 11.37 35.88 -22.19
CA ILE B 412 11.68 34.58 -21.60
C ILE B 412 13.18 34.52 -21.31
N LEU B 413 13.52 34.45 -20.03
CA LEU B 413 14.93 34.47 -19.59
C LEU B 413 15.45 33.06 -19.34
N ASP B 414 16.73 32.83 -19.65
CA ASP B 414 17.34 31.54 -19.38
C ASP B 414 17.85 31.46 -17.94
N ASN B 415 18.62 30.42 -17.64
CA ASN B 415 19.19 30.24 -16.31
C ASN B 415 20.24 31.28 -15.96
N LYS B 416 20.59 32.13 -16.94
CA LYS B 416 21.54 33.21 -16.70
C LYS B 416 20.85 34.56 -16.69
N ASP B 417 19.53 34.55 -16.55
CA ASP B 417 18.72 35.77 -16.56
C ASP B 417 18.82 36.54 -17.89
N GLN B 418 19.22 35.84 -18.95
CA GLN B 418 19.37 36.45 -20.27
C GLN B 418 18.18 36.15 -21.17
N PRO B 419 17.54 37.21 -21.71
CA PRO B 419 16.38 37.04 -22.60
C PRO B 419 16.73 36.22 -23.83
N ILE B 420 15.88 35.25 -24.15
CA ILE B 420 16.11 34.40 -25.32
C ILE B 420 15.27 34.86 -26.51
N GLY B 421 15.67 34.46 -27.72
CA GLY B 421 14.95 34.85 -28.92
C GLY B 421 13.81 33.93 -29.29
N LYS B 422 12.91 34.43 -30.14
CA LYS B 422 11.77 33.67 -30.65
C LYS B 422 12.17 32.30 -31.21
N GLU B 423 13.37 32.20 -31.76
CA GLU B 423 13.86 30.96 -32.38
C GLU B 423 13.89 29.80 -31.38
N PHE B 424 14.08 30.12 -30.11
CA PHE B 424 14.20 29.08 -29.10
C PHE B 424 12.84 28.70 -28.51
N ILE B 425 11.86 29.55 -28.71
CA ILE B 425 10.53 29.33 -28.13
C ILE B 425 9.68 28.36 -28.95
N SER B 426 9.22 27.31 -28.27
CA SER B 426 8.57 26.17 -28.93
C SER B 426 7.07 26.30 -29.10
N ASP B 427 6.58 25.74 -30.20
CA ASP B 427 5.17 25.42 -30.34
C ASP B 427 5.05 23.91 -30.53
N PRO B 428 4.90 23.18 -29.41
CA PRO B 428 4.91 21.72 -29.35
C PRO B 428 4.05 21.06 -30.42
N SER B 429 2.83 21.55 -30.63
CA SER B 429 2.05 21.09 -31.78
C SER B 429 1.22 22.21 -32.40
N ALA B 430 0.35 21.85 -33.34
CA ALA B 430 -0.48 22.86 -34.00
C ALA B 430 -1.56 23.37 -33.06
N TYR B 431 -1.84 22.63 -32.00
CA TYR B 431 -2.91 22.99 -31.08
C TYR B 431 -2.36 23.40 -29.71
N THR B 432 -1.11 23.08 -29.45
CA THR B 432 -0.45 23.57 -28.24
C THR B 432 0.65 24.55 -28.58
N LYS B 433 0.44 25.82 -28.22
CA LYS B 433 1.40 26.86 -28.50
C LYS B 433 1.93 27.42 -27.19
N SER B 434 3.20 27.85 -27.18
CA SER B 434 3.69 28.60 -26.03
C SER B 434 2.81 29.83 -25.90
N SER B 435 2.00 29.86 -24.84
CA SER B 435 1.07 30.96 -24.67
C SER B 435 1.18 31.59 -23.30
N ILE B 436 0.60 32.77 -23.16
CA ILE B 436 0.48 33.43 -21.87
C ILE B 436 -1.01 33.44 -21.52
N TYR B 437 -1.34 33.09 -20.27
CA TYR B 437 -2.74 33.01 -19.85
C TYR B 437 -3.04 33.99 -18.74
N PHE B 438 -4.04 34.85 -18.97
CA PHE B 438 -4.45 35.81 -17.96
C PHE B 438 -5.66 35.28 -17.19
N SER B 439 -5.58 35.36 -15.87
CA SER B 439 -6.63 34.82 -15.01
C SER B 439 -7.03 35.85 -13.96
N TRP B 440 -8.29 35.75 -13.53
CA TRP B 440 -8.78 36.53 -12.39
C TRP B 440 -9.54 35.58 -11.48
N GLY B 441 -9.84 36.02 -10.26
CA GLY B 441 -10.49 35.15 -9.29
C GLY B 441 -9.65 33.94 -8.93
N ILE B 442 -8.34 34.15 -8.81
CA ILE B 442 -7.40 33.06 -8.58
C ILE B 442 -7.34 32.60 -7.12
N ASP B 443 -8.00 33.35 -6.24
CA ASP B 443 -8.10 32.93 -4.85
C ASP B 443 -9.32 32.02 -4.68
N LYS B 444 -10.09 31.86 -5.75
CA LYS B 444 -11.31 31.05 -5.74
C LYS B 444 -11.08 29.74 -6.48
N ASP B 445 -11.42 29.73 -7.77
CA ASP B 445 -11.29 28.56 -8.61
C ASP B 445 -11.13 28.97 -10.06
N TYR B 446 -10.68 30.22 -10.26
CA TYR B 446 -10.37 30.77 -11.58
C TYR B 446 -11.63 31.08 -12.42
N PRO B 447 -11.49 31.83 -13.55
CA PRO B 447 -12.69 32.31 -14.26
C PRO B 447 -13.65 31.21 -14.72
N ALA B 448 -14.90 31.59 -14.96
CA ALA B 448 -15.92 30.64 -15.39
C ALA B 448 -15.62 30.13 -16.78
N TYR B 449 -15.89 28.85 -17.04
CA TYR B 449 -15.73 28.33 -18.38
C TYR B 449 -16.94 28.71 -19.22
N THR B 450 -16.93 29.94 -19.72
CA THR B 450 -18.02 30.44 -20.55
C THR B 450 -17.48 31.48 -21.55
N ALA B 451 -18.27 31.84 -22.55
CA ALA B 451 -17.82 32.71 -23.64
C ALA B 451 -17.09 33.97 -23.15
N GLY B 452 -15.81 34.06 -23.48
CA GLY B 452 -15.01 35.22 -23.12
C GLY B 452 -14.12 35.01 -21.90
N SER B 453 -14.35 33.94 -21.15
CA SER B 453 -13.53 33.67 -19.96
C SER B 453 -13.01 32.23 -19.90
N ARG B 454 -13.12 31.51 -21.01
CA ARG B 454 -12.51 30.18 -21.11
C ARG B 454 -10.99 30.33 -21.13
N TYR B 455 -10.26 29.26 -20.84
CA TYR B 455 -8.80 29.27 -20.91
C TYR B 455 -8.37 29.80 -22.29
N SER B 456 -9.09 29.39 -23.34
CA SER B 456 -8.73 29.71 -24.71
C SER B 456 -9.03 31.16 -25.09
N ASP B 457 -9.97 31.78 -24.39
CA ASP B 457 -10.28 33.18 -24.62
C ASP B 457 -9.29 34.04 -23.84
N ARG B 458 -8.62 33.42 -22.87
CA ARG B 458 -7.73 34.12 -21.97
C ARG B 458 -6.27 33.82 -22.27
N GLY B 459 -6.05 33.05 -23.33
CA GLY B 459 -4.71 32.65 -23.71
C GLY B 459 -4.23 33.35 -24.97
N PHE B 460 -2.93 33.61 -25.03
CA PHE B 460 -2.34 34.36 -26.14
C PHE B 460 -1.04 33.72 -26.59
N ALA B 461 -1.03 33.15 -27.78
CA ALA B 461 0.15 32.49 -28.33
C ALA B 461 1.19 33.50 -28.77
N LEU B 462 2.46 33.27 -28.41
CA LEU B 462 3.54 34.18 -28.79
C LEU B 462 3.76 34.21 -30.30
N SER B 463 3.33 33.16 -30.99
CA SER B 463 3.54 33.06 -32.43
C SER B 463 2.37 33.60 -33.26
N ASN B 464 1.27 33.93 -32.59
CA ASN B 464 0.09 34.47 -33.26
C ASN B 464 0.19 35.98 -33.45
N SER B 465 0.41 36.39 -34.69
CA SER B 465 0.64 37.81 -35.00
C SER B 465 -0.57 38.71 -34.71
N LYS B 466 -1.75 38.09 -34.53
CA LYS B 466 -2.96 38.86 -34.24
C LYS B 466 -2.97 39.39 -32.81
N VAL B 467 -2.16 38.79 -31.93
CA VAL B 467 -2.13 39.21 -30.54
C VAL B 467 -0.71 39.45 -30.04
N SER B 468 0.28 38.99 -30.80
CA SER B 468 1.68 39.04 -30.35
C SER B 468 2.59 39.69 -31.39
N THR B 469 3.32 40.72 -30.96
CA THR B 469 4.28 41.40 -31.83
C THR B 469 5.67 41.33 -31.21
N TYR B 470 6.65 40.85 -32.00
CA TYR B 470 7.99 40.58 -31.47
C TYR B 470 9.04 41.64 -31.86
N ASN B 471 9.78 42.10 -30.85
CA ASN B 471 10.89 43.04 -31.06
C ASN B 471 12.22 42.29 -31.04
N GLU B 472 12.88 42.23 -32.20
CA GLU B 472 14.10 41.47 -32.36
C GLU B 472 15.25 42.04 -31.53
N ALA B 473 15.31 43.36 -31.46
CA ALA B 473 16.36 44.04 -30.70
C ALA B 473 16.35 43.69 -29.20
N THR B 474 15.17 43.76 -28.59
CA THR B 474 15.03 43.55 -27.14
C THR B 474 14.50 42.16 -26.80
N LYS B 475 14.21 41.36 -27.81
CA LYS B 475 13.65 40.03 -27.61
C LYS B 475 12.43 40.06 -26.68
N THR B 476 11.48 40.92 -27.03
CA THR B 476 10.31 41.15 -26.20
C THR B 476 9.03 40.96 -27.01
N PHE B 477 8.07 40.24 -26.46
CA PHE B 477 6.78 40.09 -27.12
C PHE B 477 5.84 41.14 -26.55
N THR B 478 5.09 41.82 -27.41
CA THR B 478 4.04 42.71 -26.96
C THR B 478 2.70 42.05 -27.23
N ILE B 479 1.90 41.88 -26.17
CA ILE B 479 0.61 41.22 -26.30
C ILE B 479 -0.53 42.24 -26.23
N ASP B 480 -1.51 42.07 -27.12
CA ASP B 480 -2.70 42.91 -27.16
C ASP B 480 -3.92 42.02 -27.41
N SER B 481 -4.87 42.06 -26.48
CA SER B 481 -6.02 41.15 -26.54
C SER B 481 -7.12 41.60 -27.50
N THR B 482 -6.84 42.63 -28.30
CA THR B 482 -7.85 43.17 -29.22
C THR B 482 -8.39 42.11 -30.17
N ASN B 483 -7.51 41.49 -30.97
CA ASN B 483 -7.93 40.43 -31.87
C ASN B 483 -8.08 39.10 -31.16
N SER B 484 -9.06 39.00 -30.26
CA SER B 484 -9.27 37.78 -29.51
C SER B 484 -10.67 37.75 -28.93
N ASN B 485 -11.09 36.59 -28.46
CA ASN B 485 -12.40 36.43 -27.88
C ASN B 485 -12.44 36.74 -26.38
N LEU B 486 -11.42 37.45 -25.89
CA LEU B 486 -11.36 37.81 -24.48
C LEU B 486 -12.44 38.83 -24.06
N LYS B 487 -13.17 38.49 -23.01
CA LYS B 487 -14.10 39.43 -22.39
C LYS B 487 -13.68 39.65 -20.94
N LEU B 488 -12.95 40.74 -20.71
CA LEU B 488 -12.50 41.10 -19.36
C LEU B 488 -13.69 41.44 -18.47
N PRO B 489 -13.54 41.22 -17.15
CA PRO B 489 -14.53 41.72 -16.18
C PRO B 489 -14.66 43.23 -16.33
N ALA B 490 -15.84 43.77 -16.06
CA ALA B 490 -16.07 45.21 -16.21
C ALA B 490 -15.07 46.04 -15.41
N ASP B 491 -14.78 45.59 -14.19
CA ASP B 491 -13.87 46.32 -13.31
C ASP B 491 -12.91 45.38 -12.60
N LEU B 492 -11.65 45.37 -13.04
CA LEU B 492 -10.62 44.51 -12.47
C LEU B 492 -10.15 44.99 -11.08
N THR B 493 -10.58 46.18 -10.69
CA THR B 493 -10.16 46.79 -9.43
C THR B 493 -10.41 45.88 -8.23
N GLY B 494 -9.33 45.55 -7.53
CA GLY B 494 -9.41 44.69 -6.35
C GLY B 494 -9.40 43.20 -6.65
N MET B 495 -9.37 42.83 -7.92
CA MET B 495 -9.38 41.42 -8.30
C MET B 495 -8.00 40.77 -8.21
N ASN B 496 -7.97 39.47 -7.90
CA ASN B 496 -6.71 38.75 -7.82
C ASN B 496 -6.36 38.09 -9.14
N VAL B 497 -5.37 38.65 -9.82
CA VAL B 497 -5.07 38.27 -11.20
C VAL B 497 -3.70 37.60 -11.35
N GLU B 498 -3.53 36.89 -12.46
CA GLU B 498 -2.35 36.08 -12.69
C GLU B 498 -1.95 36.11 -14.15
N LEU B 499 -0.64 36.16 -14.40
CA LEU B 499 -0.12 35.93 -15.75
C LEU B 499 0.68 34.63 -15.75
N TYR B 500 0.19 33.63 -16.48
CA TYR B 500 0.82 32.32 -16.51
C TYR B 500 1.56 32.09 -17.84
N ALA B 501 2.85 31.77 -17.73
CA ALA B 501 3.66 31.48 -18.90
C ALA B 501 3.65 29.98 -19.24
N GLY B 502 2.75 29.60 -20.15
CA GLY B 502 2.71 28.22 -20.64
C GLY B 502 3.68 28.07 -21.79
N VAL B 503 4.95 28.34 -21.52
CA VAL B 503 5.98 28.43 -22.55
C VAL B 503 7.04 27.33 -22.43
N ALA B 504 7.40 26.72 -23.56
CA ALA B 504 8.47 25.73 -23.60
C ALA B 504 9.61 26.21 -24.50
N THR B 505 10.82 25.73 -24.25
CA THR B 505 12.00 26.14 -25.00
C THR B 505 12.68 24.92 -25.62
N CYS B 506 13.31 25.11 -26.78
CA CYS B 506 13.92 24.01 -27.50
C CYS B 506 15.38 23.76 -27.12
N PHE B 507 15.76 22.48 -27.12
CA PHE B 507 17.14 22.07 -26.86
C PHE B 507 17.48 20.97 -27.87
N ASN B 508 18.76 20.64 -27.98
CA ASN B 508 19.17 19.55 -28.86
C ASN B 508 19.24 18.22 -28.11
N LYS B 509 19.29 17.11 -28.85
CA LYS B 509 19.40 15.79 -28.24
C LYS B 509 20.84 15.29 -28.32
N GLY B 510 21.24 14.51 -27.32
CA GLY B 510 22.55 13.89 -27.35
C GLY B 510 22.59 12.77 -28.37
N GLY B 511 23.78 12.48 -28.88
CA GLY B 511 23.95 11.42 -29.87
C GLY B 511 25.39 11.27 -30.28
N TYR B 512 25.60 10.66 -31.44
CA TYR B 512 26.94 10.43 -31.95
C TYR B 512 27.68 11.75 -32.24
N GLY B 513 28.81 11.92 -31.58
CA GLY B 513 29.65 13.09 -31.80
C GLY B 513 29.19 14.35 -31.10
N VAL B 514 28.06 14.26 -30.40
CA VAL B 514 27.50 15.42 -29.70
C VAL B 514 28.11 15.56 -28.32
N GLU B 515 28.85 16.64 -28.10
CA GLU B 515 29.53 16.84 -26.83
C GLU B 515 28.63 17.42 -25.75
N ASP B 516 27.84 18.43 -26.11
CA ASP B 516 27.04 19.14 -25.13
C ASP B 516 25.60 19.37 -25.59
N VAL B 517 24.66 19.21 -24.67
CA VAL B 517 23.28 19.60 -24.90
C VAL B 517 23.11 21.05 -24.45
N VAL B 518 22.61 21.89 -25.36
CA VAL B 518 22.44 23.31 -25.08
C VAL B 518 21.16 23.79 -25.75
N ALA B 519 20.71 24.98 -25.38
CA ALA B 519 19.60 25.63 -26.07
C ALA B 519 19.88 25.69 -27.57
N THR B 520 18.94 25.17 -28.35
CA THR B 520 19.07 25.13 -29.80
C THR B 520 17.80 25.69 -30.40
N PRO B 521 17.92 26.52 -31.45
CA PRO B 521 16.72 27.05 -32.11
C PRO B 521 15.83 25.91 -32.60
N CYS B 522 14.52 25.99 -32.32
CA CYS B 522 13.58 24.93 -32.65
C CYS B 522 13.68 24.47 -34.09
N SER B 523 13.58 23.15 -34.28
CA SER B 523 13.65 22.54 -35.60
C SER B 523 12.89 21.22 -35.57
N THR B 524 13.05 20.42 -36.63
CA THR B 524 12.43 19.09 -36.65
C THR B 524 13.28 18.07 -35.87
N ASP B 525 14.43 18.50 -35.40
CA ASP B 525 15.33 17.62 -34.67
C ASP B 525 15.46 17.96 -33.18
N THR B 526 14.90 19.10 -32.79
CA THR B 526 14.98 19.54 -31.40
C THR B 526 13.89 18.91 -30.54
N ARG B 527 14.06 19.02 -29.23
CA ARG B 527 13.04 18.65 -28.27
C ARG B 527 12.74 19.89 -27.44
N TYR B 528 11.52 19.98 -26.92
CA TYR B 528 11.15 21.13 -26.11
C TYR B 528 11.06 20.76 -24.63
N ALA B 529 11.31 21.72 -23.76
CA ALA B 529 11.09 21.55 -22.34
C ALA B 529 10.42 22.82 -21.83
N TYR B 530 9.46 22.66 -20.93
CA TYR B 530 8.76 23.82 -20.38
C TYR B 530 9.65 24.58 -19.41
N ILE B 531 9.51 25.90 -19.40
CA ILE B 531 10.21 26.71 -18.40
C ILE B 531 9.58 26.40 -17.04
N GLN B 532 10.27 26.76 -15.97
CA GLN B 532 9.81 26.45 -14.61
C GLN B 532 9.90 27.63 -13.67
N ASP B 533 8.87 28.46 -13.66
CA ASP B 533 8.79 29.59 -12.73
C ASP B 533 7.43 29.63 -12.06
N GLN B 534 7.23 30.59 -11.17
CA GLN B 534 5.93 30.77 -10.54
C GLN B 534 5.13 31.80 -11.33
N PRO B 535 3.81 31.59 -11.44
CA PRO B 535 2.92 32.53 -12.12
C PRO B 535 3.01 33.91 -11.48
N PHE B 536 3.07 34.96 -12.30
CA PHE B 536 3.09 36.32 -11.77
C PHE B 536 1.69 36.70 -11.27
N ARG B 537 1.56 36.82 -9.95
CA ARG B 537 0.27 37.11 -9.34
C ARG B 537 0.28 38.44 -8.57
N PHE B 538 -0.80 39.21 -8.71
CA PHE B 538 -0.94 40.48 -8.00
C PHE B 538 -2.40 40.91 -7.91
N LYS B 539 -2.69 41.89 -7.04
CA LYS B 539 -4.03 42.44 -6.93
C LYS B 539 -4.13 43.73 -7.75
N TRP B 540 -5.11 43.77 -8.66
CA TRP B 540 -5.26 44.86 -9.61
C TRP B 540 -5.71 46.17 -8.95
N ASN B 541 -4.83 47.17 -8.94
CA ASN B 541 -5.18 48.47 -8.37
C ASN B 541 -5.36 49.57 -9.42
N GLY B 542 -4.81 49.35 -10.61
CA GLY B 542 -4.97 50.28 -11.71
C GLY B 542 -3.71 51.07 -12.01
N THR B 543 -2.77 51.06 -11.07
CA THR B 543 -1.56 51.87 -11.23
C THR B 543 -0.26 51.04 -11.26
N ASP B 544 -0.23 49.93 -10.54
CA ASP B 544 0.98 49.10 -10.47
C ASP B 544 0.69 47.62 -10.16
N THR B 545 1.76 46.83 -10.00
CA THR B 545 1.62 45.41 -9.71
C THR B 545 2.30 45.04 -8.41
N ASN B 546 2.32 45.97 -7.47
CA ASN B 546 3.04 45.77 -6.23
C ASN B 546 2.19 45.15 -5.11
N SER B 547 0.88 45.37 -5.14
CA SER B 547 -0.02 44.77 -4.16
C SER B 547 -0.10 43.24 -4.31
N ALA B 548 0.15 42.53 -3.21
CA ALA B 548 0.04 41.07 -3.21
C ALA B 548 -1.39 40.63 -3.47
N ALA B 549 -1.53 39.49 -4.14
CA ALA B 549 -2.85 38.90 -4.38
C ALA B 549 -3.27 37.99 -3.23
N GLU B 550 -4.57 37.85 -3.02
CA GLU B 550 -5.09 36.90 -2.05
C GLU B 550 -4.71 35.48 -2.48
N LYS B 551 -4.33 34.64 -1.53
CA LYS B 551 -3.92 33.27 -1.83
C LYS B 551 -5.12 32.32 -1.87
N ARG B 552 -5.11 31.40 -2.83
CA ARG B 552 -6.10 30.34 -2.87
C ARG B 552 -5.83 29.37 -1.73
N ARG B 553 -6.88 28.74 -1.21
CA ARG B 553 -6.76 27.73 -0.17
C ARG B 553 -5.79 26.61 -0.59
N ALA B 554 -5.12 25.99 0.37
CA ALA B 554 -4.23 24.89 0.07
C ALA B 554 -5.04 23.64 -0.23
N ILE B 555 -4.81 23.04 -1.39
CA ILE B 555 -5.52 21.81 -1.76
C ILE B 555 -4.56 20.64 -1.97
N ILE B 556 -3.62 20.81 -2.89
CA ILE B 556 -2.62 19.77 -3.13
C ILE B 556 -1.21 20.24 -2.82
N ASP B 557 -0.33 19.28 -2.56
CA ASP B 557 1.09 19.55 -2.40
C ASP B 557 1.79 19.17 -3.70
N THR B 558 2.19 20.17 -4.47
CA THR B 558 2.79 19.93 -5.78
C THR B 558 4.08 19.11 -5.69
N ALA B 559 4.78 19.22 -4.57
CA ALA B 559 6.01 18.46 -4.36
C ALA B 559 5.74 16.96 -4.41
N LYS B 560 4.57 16.56 -3.91
CA LYS B 560 4.14 15.17 -4.03
C LYS B 560 3.96 14.76 -5.50
N CYS B 561 3.36 15.63 -6.30
CA CYS B 561 3.23 15.37 -7.73
C CYS B 561 4.60 15.13 -8.32
N SER B 562 5.54 16.01 -7.94
CA SER B 562 6.88 16.01 -8.51
C SER B 562 7.70 14.79 -8.10
N GLY B 563 7.38 14.22 -6.94
CA GLY B 563 8.09 13.05 -6.45
C GLY B 563 7.95 11.86 -7.38
N CYS B 564 6.76 11.70 -7.97
CA CYS B 564 6.51 10.55 -8.84
C CYS B 564 6.74 10.90 -10.30
N HIS B 565 6.40 12.13 -10.67
CA HIS B 565 6.39 12.53 -12.08
C HIS B 565 7.70 13.16 -12.53
N ASN B 566 8.47 13.64 -11.55
CA ASN B 566 9.76 14.31 -11.79
C ASN B 566 9.63 15.68 -12.43
N LYS B 567 10.06 15.80 -13.69
CA LYS B 567 10.13 17.12 -14.33
C LYS B 567 8.83 17.61 -14.97
N GLU B 568 8.12 16.72 -15.66
CA GLU B 568 6.87 17.10 -16.32
C GLU B 568 5.78 16.03 -16.10
N ILE B 569 4.53 16.44 -16.26
CA ILE B 569 3.40 15.54 -15.99
C ILE B 569 2.66 15.10 -17.26
N VAL B 570 2.21 16.05 -18.07
CA VAL B 570 1.47 15.71 -19.29
C VAL B 570 1.53 16.80 -20.39
N HIS B 571 1.18 18.03 -20.02
CA HIS B 571 1.29 19.17 -20.93
C HIS B 571 1.22 20.48 -20.15
N TYR B 572 1.66 21.57 -20.79
CA TYR B 572 1.75 22.88 -20.14
C TYR B 572 2.45 22.79 -18.79
N ASP B 573 3.54 22.03 -18.77
CA ASP B 573 4.21 21.67 -17.53
C ASP B 573 5.15 22.73 -16.96
N ASN B 574 4.69 23.98 -16.93
CA ASN B 574 5.38 24.99 -16.15
C ASN B 574 4.85 24.92 -14.73
N GLY B 575 5.42 24.02 -13.94
CA GLY B 575 4.92 23.73 -12.62
C GLY B 575 3.58 23.02 -12.72
N VAL B 576 2.84 23.02 -11.62
CA VAL B 576 1.50 22.47 -11.58
C VAL B 576 0.52 23.60 -11.40
N ASN B 577 0.05 24.14 -12.52
CA ASN B 577 -0.89 25.25 -12.52
C ASN B 577 -2.12 24.86 -13.33
N CYS B 578 -2.40 23.56 -13.38
CA CYS B 578 -3.47 23.02 -14.19
C CYS B 578 -4.82 23.67 -13.92
N GLN B 579 -5.01 24.16 -12.70
CA GLN B 579 -6.30 24.71 -12.29
C GLN B 579 -6.68 25.98 -13.06
N ALA B 580 -5.71 26.60 -13.72
CA ALA B 580 -5.98 27.81 -14.50
C ALA B 580 -6.82 27.50 -15.75
N CYS B 581 -6.75 26.26 -16.22
CA CYS B 581 -7.49 25.84 -17.42
C CYS B 581 -8.58 24.83 -17.10
N HIS B 582 -8.23 23.82 -16.29
CA HIS B 582 -9.14 22.74 -15.98
C HIS B 582 -10.06 23.11 -14.81
N THR B 583 -10.99 24.02 -15.07
CA THR B 583 -11.90 24.55 -14.05
C THR B 583 -13.04 23.57 -13.77
N PRO B 584 -13.67 23.70 -12.57
CA PRO B 584 -14.75 22.78 -12.22
C PRO B 584 -15.98 22.85 -13.12
N ASP B 585 -16.12 23.94 -13.88
CA ASP B 585 -17.26 24.09 -14.79
C ASP B 585 -16.85 23.97 -16.25
N LYS B 586 -15.65 23.42 -16.50
CA LYS B 586 -15.17 23.22 -17.86
C LYS B 586 -16.07 22.24 -18.60
N GLY B 587 -16.21 22.42 -19.91
CA GLY B 587 -17.10 21.59 -20.70
C GLY B 587 -16.78 20.11 -20.62
N LEU B 588 -17.78 19.27 -20.87
CA LEU B 588 -17.60 17.82 -20.81
C LEU B 588 -16.85 17.30 -22.03
N LYS B 589 -16.15 16.18 -21.88
CA LYS B 589 -15.54 15.49 -23.02
C LYS B 589 -16.24 14.15 -23.23
N THR B 590 -16.21 13.63 -24.44
CA THR B 590 -16.84 12.36 -24.73
C THR B 590 -15.98 11.19 -24.26
N ASP B 591 -16.61 10.26 -23.54
CA ASP B 591 -15.95 9.02 -23.13
C ASP B 591 -16.94 7.86 -23.27
N ASN B 592 -16.90 7.20 -24.44
CA ASN B 592 -17.86 6.14 -24.74
C ASN B 592 -17.79 4.90 -23.86
N THR B 593 -16.80 4.86 -22.96
CA THR B 593 -16.70 3.79 -21.98
C THR B 593 -17.34 4.20 -20.66
N TYR B 594 -17.94 5.39 -20.63
CA TYR B 594 -18.56 5.93 -19.43
C TYR B 594 -20.08 5.98 -19.63
N PRO B 595 -20.84 5.79 -18.53
CA PRO B 595 -22.30 5.89 -18.59
C PRO B 595 -22.75 7.29 -18.98
N GLY B 596 -23.49 7.39 -20.09
CA GLY B 596 -23.91 8.68 -20.62
C GLY B 596 -22.90 9.23 -21.61
N THR B 597 -21.74 8.58 -21.67
CA THR B 597 -20.62 8.93 -22.57
C THR B 597 -19.98 10.31 -22.34
N LYS B 598 -20.37 10.99 -21.26
CA LYS B 598 -19.85 12.32 -20.97
C LYS B 598 -19.19 12.39 -19.60
N VAL B 599 -17.91 12.78 -19.58
CA VAL B 599 -17.16 12.96 -18.34
C VAL B 599 -16.74 14.41 -18.19
N PRO B 600 -16.51 14.86 -16.94
CA PRO B 600 -15.99 16.22 -16.70
C PRO B 600 -14.56 16.34 -17.20
N THR B 601 -14.03 17.57 -17.22
CA THR B 601 -12.64 17.80 -17.59
C THR B 601 -11.93 18.68 -16.57
N SER B 602 -12.41 18.65 -15.33
CA SER B 602 -11.84 19.47 -14.26
C SER B 602 -10.53 18.89 -13.77
N PHE B 603 -9.71 19.73 -13.13
CA PHE B 603 -8.44 19.30 -12.54
C PHE B 603 -8.65 18.09 -11.64
N ALA B 604 -9.56 18.23 -10.66
CA ALA B 604 -9.91 17.13 -9.77
C ALA B 604 -10.23 15.85 -10.54
N TRP B 605 -11.03 15.96 -11.60
CA TRP B 605 -11.36 14.79 -12.39
C TRP B 605 -10.12 14.18 -13.04
N LYS B 606 -9.28 15.03 -13.64
CA LYS B 606 -8.07 14.56 -14.30
C LYS B 606 -7.19 13.74 -13.35
N ALA B 607 -7.00 14.26 -12.13
CA ALA B 607 -6.17 13.57 -11.15
C ALA B 607 -6.85 12.38 -10.49
N HIS B 608 -8.09 12.57 -10.06
CA HIS B 608 -8.81 11.52 -9.33
C HIS B 608 -9.07 10.29 -10.19
N GLU B 609 -9.30 10.52 -11.47
CA GLU B 609 -9.77 9.45 -12.35
C GLU B 609 -8.63 8.86 -13.20
N SER B 610 -7.45 9.43 -13.07
CA SER B 610 -6.28 8.95 -13.82
C SER B 610 -5.93 7.51 -13.42
N GLU B 611 -5.70 6.67 -14.42
CA GLU B 611 -5.49 5.25 -14.22
C GLU B 611 -4.30 4.95 -13.32
N GLY B 612 -3.22 5.72 -13.49
CA GLY B 612 -2.01 5.50 -12.73
C GLY B 612 -2.10 5.84 -11.25
N HIS B 613 -3.21 6.47 -10.85
CA HIS B 613 -3.39 6.87 -9.46
C HIS B 613 -4.20 5.84 -8.67
N TYR B 614 -4.51 4.73 -9.34
CA TYR B 614 -5.26 3.65 -8.73
C TYR B 614 -4.86 2.33 -9.38
N LEU B 615 -3.85 1.68 -8.81
CA LEU B 615 -3.28 0.47 -9.42
C LEU B 615 -3.73 -0.79 -8.70
N LYS B 616 -5.02 -0.83 -8.34
CA LYS B 616 -5.60 -2.00 -7.70
C LYS B 616 -5.99 -3.05 -8.74
N TYR B 617 -6.52 -2.59 -9.86
CA TYR B 617 -6.90 -3.47 -10.96
C TYR B 617 -6.10 -3.17 -12.23
N ALA B 618 -5.61 -1.93 -12.33
CA ALA B 618 -4.80 -1.52 -13.47
C ALA B 618 -3.33 -1.92 -13.29
N GLY B 619 -2.53 -1.78 -14.35
CA GLY B 619 -1.14 -2.16 -14.30
C GLY B 619 -0.94 -3.61 -13.90
N VAL B 620 0.05 -3.88 -13.07
CA VAL B 620 0.26 -5.24 -12.57
C VAL B 620 -0.43 -5.45 -11.22
N GLN B 621 -1.34 -4.53 -10.89
CA GLN B 621 -2.25 -4.67 -9.76
C GLN B 621 -1.53 -4.81 -8.42
N SER B 622 -0.60 -3.88 -8.16
CA SER B 622 0.25 -3.96 -7.00
C SER B 622 -0.24 -3.04 -5.90
N GLY B 623 -1.17 -2.17 -6.26
CA GLY B 623 -1.62 -1.13 -5.35
C GLY B 623 -0.47 -0.20 -5.00
N THR B 624 0.43 0.01 -5.94
CA THR B 624 1.57 0.91 -5.74
C THR B 624 1.08 2.32 -5.47
N VAL B 625 0.11 2.77 -6.26
CA VAL B 625 -0.58 4.03 -5.99
C VAL B 625 -2.06 3.77 -5.77
N LEU B 626 -2.61 4.34 -4.70
CA LEU B 626 -4.03 4.21 -4.39
C LEU B 626 -4.67 5.58 -4.14
N LYS B 627 -5.65 5.93 -4.97
CA LYS B 627 -6.31 7.22 -4.85
C LYS B 627 -7.08 7.34 -3.54
N THR B 628 -7.48 6.21 -2.97
CA THR B 628 -8.16 6.20 -1.67
C THR B 628 -7.32 6.81 -0.56
N ASP B 629 -6.01 6.87 -0.78
CA ASP B 629 -5.11 7.52 0.15
C ASP B 629 -4.99 8.97 -0.26
N CYS B 630 -5.77 9.82 0.40
CA CYS B 630 -5.88 11.22 0.00
C CYS B 630 -4.59 11.98 0.21
N ALA B 631 -3.83 11.57 1.21
CA ALA B 631 -2.54 12.22 1.50
C ALA B 631 -1.51 11.99 0.38
N THR B 632 -1.80 11.08 -0.54
CA THR B 632 -0.91 10.86 -1.68
C THR B 632 -0.69 12.15 -2.48
N CYS B 633 -1.71 12.99 -2.57
CA CYS B 633 -1.63 14.22 -3.36
C CYS B 633 -1.94 15.47 -2.55
N HIS B 634 -2.85 15.34 -1.60
CA HIS B 634 -3.37 16.50 -0.89
C HIS B 634 -2.45 17.01 0.22
N THR B 635 -2.62 18.28 0.55
CA THR B 635 -1.82 18.90 1.60
C THR B 635 -2.20 18.33 2.97
N ALA B 636 -1.18 18.09 3.79
CA ALA B 636 -1.38 17.68 5.18
C ALA B 636 -0.38 18.40 6.07
N ASP B 637 -0.77 18.69 7.31
CA ASP B 637 0.12 19.38 8.25
C ASP B 637 1.11 18.44 8.94
N LYS B 638 1.89 18.98 9.88
CA LYS B 638 2.90 18.20 10.59
C LYS B 638 2.25 17.13 11.46
N SER B 639 0.97 17.32 11.78
CA SER B 639 0.22 16.35 12.56
C SER B 639 -0.43 15.29 11.66
N ASN B 640 -0.05 15.30 10.38
CA ASN B 640 -0.61 14.39 9.38
C ASN B 640 -2.12 14.54 9.14
N VAL B 641 -2.65 15.73 9.44
CA VAL B 641 -4.05 16.02 9.15
C VAL B 641 -4.19 16.55 7.72
N VAL B 642 -4.89 15.81 6.87
CA VAL B 642 -5.01 16.17 5.46
C VAL B 642 -5.93 17.38 5.25
N THR B 643 -5.42 18.56 5.60
CA THR B 643 -6.17 19.80 5.44
C THR B 643 -6.51 20.09 3.98
N GLY B 644 -5.84 19.41 3.07
CA GLY B 644 -6.05 19.60 1.65
C GLY B 644 -7.42 19.17 1.17
N ILE B 645 -8.07 18.26 1.91
CA ILE B 645 -9.38 17.78 1.52
C ILE B 645 -10.54 18.35 2.34
N ALA B 646 -10.27 19.41 3.11
CA ALA B 646 -11.29 20.07 3.91
C ALA B 646 -12.46 20.59 3.07
N LEU B 647 -13.68 20.30 3.50
CA LEU B 647 -14.87 20.70 2.75
C LEU B 647 -15.41 22.06 3.20
N GLY B 648 -16.25 22.67 2.36
CA GLY B 648 -16.90 23.92 2.69
C GLY B 648 -16.05 25.17 2.50
N ARG B 649 -14.86 24.99 1.91
CA ARG B 649 -13.93 26.11 1.72
C ARG B 649 -14.21 26.91 0.46
N SER B 650 -15.07 26.38 -0.41
CA SER B 650 -15.43 27.09 -1.64
C SER B 650 -16.92 26.97 -1.98
N PRO B 651 -17.77 27.59 -1.15
CA PRO B 651 -19.25 27.45 -1.17
C PRO B 651 -19.90 27.86 -2.48
N GLU B 652 -19.29 28.81 -3.18
CA GLU B 652 -19.90 29.39 -4.37
C GLU B 652 -19.53 28.68 -5.67
N ARG B 653 -18.84 27.54 -5.55
CA ARG B 653 -18.40 26.80 -6.72
C ARG B 653 -19.48 25.85 -7.22
N ALA B 654 -19.64 25.79 -8.54
CA ALA B 654 -20.58 24.85 -9.15
C ALA B 654 -19.83 23.96 -10.15
N TRP B 655 -20.09 22.66 -10.12
CA TRP B 655 -19.39 21.72 -11.00
C TRP B 655 -20.22 21.36 -12.22
N LEU B 656 -19.55 21.17 -13.35
CA LEU B 656 -20.23 20.69 -14.55
C LEU B 656 -20.10 19.17 -14.66
N TYR B 657 -21.23 18.49 -14.77
CA TYR B 657 -21.25 17.04 -14.89
C TYR B 657 -22.24 16.60 -15.97
N GLY B 658 -22.20 15.31 -16.33
CA GLY B 658 -23.17 14.77 -17.27
C GLY B 658 -24.10 13.78 -16.59
N ASP B 659 -25.39 13.84 -16.93
CA ASP B 659 -26.37 12.89 -16.40
C ASP B 659 -26.14 11.52 -17.02
N ILE B 660 -25.67 10.57 -16.20
CA ILE B 660 -25.33 9.23 -16.69
C ILE B 660 -26.57 8.40 -16.98
N LYS B 661 -27.71 8.88 -16.49
CA LYS B 661 -28.98 8.20 -16.75
C LYS B 661 -29.69 8.81 -17.97
N ASN B 662 -29.25 9.99 -18.39
CA ASN B 662 -29.85 10.67 -19.56
C ASN B 662 -28.86 11.13 -20.62
N ASN B 663 -28.04 10.20 -21.11
CA ASN B 663 -27.10 10.44 -22.21
C ASN B 663 -26.15 11.61 -22.04
N GLY B 664 -25.60 11.76 -20.83
CA GLY B 664 -24.60 12.77 -20.54
C GLY B 664 -25.12 14.20 -20.64
N ALA B 665 -26.42 14.36 -20.48
CA ALA B 665 -27.03 15.68 -20.47
C ALA B 665 -26.41 16.54 -19.38
N VAL B 666 -26.14 17.80 -19.70
CA VAL B 666 -25.48 18.72 -18.78
C VAL B 666 -26.25 18.97 -17.48
N ILE B 667 -25.60 18.71 -16.35
CA ILE B 667 -26.16 19.01 -15.04
C ILE B 667 -25.16 19.82 -14.21
N TRP B 668 -25.65 20.54 -13.21
CA TRP B 668 -24.78 21.35 -12.37
C TRP B 668 -24.80 20.89 -10.92
N VAL B 669 -23.62 20.74 -10.32
CA VAL B 669 -23.48 20.14 -9.00
C VAL B 669 -22.88 21.12 -7.98
N SER B 670 -23.38 21.08 -6.75
CA SER B 670 -22.86 21.94 -5.69
C SER B 670 -21.41 21.61 -5.34
N SER B 671 -20.77 22.51 -4.58
CA SER B 671 -19.32 22.50 -4.40
C SER B 671 -18.74 21.22 -3.80
N ASP B 672 -19.13 20.89 -2.57
CA ASP B 672 -18.61 19.70 -1.91
C ASP B 672 -19.03 18.42 -2.63
N ALA B 673 -20.29 18.35 -3.04
CA ALA B 673 -20.82 17.17 -3.71
C ALA B 673 -20.08 16.90 -5.02
N GLY B 674 -19.75 17.98 -5.74
CA GLY B 674 -19.03 17.86 -6.99
C GLY B 674 -17.66 17.23 -6.79
N ALA B 675 -17.06 17.51 -5.63
CA ALA B 675 -15.75 16.97 -5.31
C ALA B 675 -15.80 15.47 -5.04
N CYS B 676 -16.87 15.01 -4.39
CA CYS B 676 -17.04 13.58 -4.14
C CYS B 676 -17.42 12.84 -5.42
N LEU B 677 -18.16 13.50 -6.30
CA LEU B 677 -18.62 12.83 -7.53
C LEU B 677 -17.51 12.56 -8.54
N SER B 678 -16.39 13.26 -8.41
CA SER B 678 -15.26 13.01 -9.32
C SER B 678 -14.73 11.58 -9.17
N CYS B 679 -15.12 10.91 -8.09
CA CYS B 679 -14.86 9.47 -7.92
C CYS B 679 -16.15 8.67 -7.75
N HIS B 680 -17.18 9.30 -7.19
CA HIS B 680 -18.38 8.59 -6.77
C HIS B 680 -19.56 8.63 -7.75
N GLN B 681 -19.40 9.34 -8.87
CA GLN B 681 -20.52 9.52 -9.79
C GLN B 681 -21.00 8.23 -10.44
N LYS B 682 -20.08 7.49 -11.02
CA LYS B 682 -20.40 6.30 -11.80
C LYS B 682 -21.29 5.31 -11.07
N TYR B 683 -20.96 5.01 -9.82
CA TYR B 683 -21.70 4.05 -9.02
C TYR B 683 -22.43 4.70 -7.85
N LEU B 684 -23.11 5.81 -8.12
CA LEU B 684 -23.82 6.56 -7.09
C LEU B 684 -25.21 5.95 -6.82
N SER B 685 -25.40 5.49 -5.58
CA SER B 685 -26.66 4.87 -5.18
C SER B 685 -27.74 5.92 -4.93
N ASP B 686 -29.00 5.55 -5.14
CA ASP B 686 -30.12 6.46 -4.88
C ASP B 686 -30.11 6.92 -3.42
N ALA B 687 -29.66 6.05 -2.53
CA ALA B 687 -29.51 6.41 -1.12
C ALA B 687 -28.45 7.49 -0.93
N ALA B 688 -27.34 7.37 -1.66
CA ALA B 688 -26.29 8.37 -1.59
C ALA B 688 -26.78 9.71 -2.12
N LYS B 689 -27.54 9.67 -3.22
CA LYS B 689 -28.11 10.89 -3.78
C LYS B 689 -29.03 11.55 -2.77
N SER B 690 -29.89 10.74 -2.15
CA SER B 690 -30.77 11.22 -1.09
C SER B 690 -29.98 11.85 0.04
N HIS B 691 -28.92 11.17 0.47
CA HIS B 691 -28.06 11.66 1.55
C HIS B 691 -27.47 13.04 1.23
N ILE B 692 -26.99 13.22 0.01
CA ILE B 692 -26.40 14.49 -0.41
C ILE B 692 -27.44 15.60 -0.47
N GLU B 693 -28.59 15.31 -1.07
CA GLU B 693 -29.66 16.30 -1.18
C GLU B 693 -30.20 16.72 0.18
N THR B 694 -30.29 15.77 1.10
CA THR B 694 -30.75 16.08 2.45
C THR B 694 -29.82 17.06 3.15
N ASN B 695 -28.52 16.90 2.93
CA ASN B 695 -27.55 17.76 3.61
C ASN B 695 -27.14 19.00 2.84
N GLY B 696 -27.95 19.38 1.86
CA GLY B 696 -27.81 20.66 1.19
C GLY B 696 -27.13 20.59 -0.16
N GLY B 697 -26.98 19.38 -0.69
CA GLY B 697 -26.30 19.21 -1.96
C GLY B 697 -27.25 19.32 -3.13
N ILE B 698 -26.69 19.67 -4.30
CA ILE B 698 -27.48 19.76 -5.53
C ILE B 698 -26.85 18.90 -6.60
N LEU B 699 -27.67 18.05 -7.22
CA LEU B 699 -27.18 17.12 -8.25
C LEU B 699 -27.91 17.30 -9.57
N ASN B 700 -28.84 18.26 -9.60
CA ASN B 700 -29.69 18.49 -10.77
C ASN B 700 -29.82 19.95 -11.17
N GLY B 701 -28.80 20.75 -10.85
CA GLY B 701 -28.82 22.17 -11.21
C GLY B 701 -28.89 22.36 -12.71
N THR B 702 -29.66 23.36 -13.14
CA THR B 702 -29.79 23.66 -14.56
C THR B 702 -28.73 24.67 -14.99
N SER B 703 -28.13 25.35 -14.01
CA SER B 703 -27.09 26.33 -14.26
C SER B 703 -26.28 26.56 -13.00
N ALA B 704 -25.22 27.35 -13.10
CA ALA B 704 -24.41 27.67 -11.92
C ALA B 704 -25.21 28.51 -10.94
N ALA B 705 -25.95 29.49 -11.45
CA ALA B 705 -26.76 30.36 -10.60
C ALA B 705 -27.88 29.58 -9.91
N ASP B 706 -28.42 28.58 -10.60
CA ASP B 706 -29.44 27.71 -10.02
C ASP B 706 -28.89 27.00 -8.78
N VAL B 707 -27.67 26.47 -8.91
CA VAL B 707 -27.04 25.75 -7.82
C VAL B 707 -26.80 26.65 -6.60
N GLN B 708 -26.30 27.85 -6.84
CA GLN B 708 -25.96 28.76 -5.76
C GLN B 708 -27.15 29.22 -4.93
N THR B 709 -28.34 29.22 -5.53
CA THR B 709 -29.53 29.66 -4.83
C THR B 709 -30.17 28.53 -4.04
N ARG B 710 -30.00 27.29 -4.53
CA ARG B 710 -30.64 26.13 -3.94
C ARG B 710 -29.75 25.34 -2.96
N ALA B 711 -28.45 25.39 -3.16
CA ALA B 711 -27.53 24.62 -2.34
C ALA B 711 -27.31 25.23 -0.96
N SER B 712 -27.19 24.37 0.05
CA SER B 712 -26.85 24.80 1.40
C SER B 712 -26.09 23.68 2.08
N GLU B 713 -24.88 23.41 1.59
CA GLU B 713 -24.09 22.27 2.03
C GLU B 713 -23.56 22.44 3.45
N SER B 714 -23.49 21.34 4.19
CA SER B 714 -22.93 21.34 5.54
C SER B 714 -22.18 20.03 5.77
N CYS B 715 -21.50 19.57 4.73
CA CYS B 715 -20.79 18.29 4.78
C CYS B 715 -19.59 18.37 5.70
N ALA B 716 -18.99 19.55 5.81
CA ALA B 716 -17.79 19.74 6.62
C ALA B 716 -17.96 19.37 8.09
N THR B 717 -19.20 19.40 8.58
CA THR B 717 -19.46 19.10 9.98
C THR B 717 -19.21 17.62 10.30
N CYS B 718 -19.64 16.75 9.39
CA CYS B 718 -19.48 15.31 9.58
C CYS B 718 -18.25 14.78 8.84
N HIS B 719 -18.14 15.15 7.56
CA HIS B 719 -17.03 14.68 6.73
C HIS B 719 -15.77 15.54 6.89
N THR B 720 -15.14 15.42 8.05
CA THR B 720 -13.88 16.10 8.34
C THR B 720 -12.74 15.38 7.62
N PRO B 721 -11.55 16.01 7.55
CA PRO B 721 -10.41 15.31 6.93
C PRO B 721 -10.10 13.97 7.59
N SER B 722 -10.12 13.91 8.92
CA SER B 722 -9.91 12.66 9.63
C SER B 722 -10.97 11.62 9.27
N GLN B 723 -12.24 12.06 9.22
CA GLN B 723 -13.35 11.21 8.80
C GLN B 723 -13.15 10.63 7.40
N LEU B 724 -12.73 11.48 6.47
CA LEU B 724 -12.57 11.08 5.08
C LEU B 724 -11.42 10.09 4.91
N MET B 725 -10.31 10.34 5.59
CA MET B 725 -9.17 9.43 5.56
C MET B 725 -9.55 8.06 6.10
N GLU B 726 -10.29 8.06 7.21
CA GLU B 726 -10.71 6.82 7.87
C GLU B 726 -11.70 6.03 7.01
N ALA B 727 -12.69 6.74 6.47
CA ALA B 727 -13.71 6.14 5.62
C ALA B 727 -13.15 5.46 4.38
N HIS B 728 -11.95 5.89 3.95
CA HIS B 728 -11.35 5.34 2.75
C HIS B 728 -10.28 4.29 3.08
N GLY B 729 -10.13 3.98 4.36
CA GLY B 729 -9.31 2.86 4.79
C GLY B 729 -7.87 3.20 5.08
N ASN B 730 -7.64 4.30 5.80
CA ASN B 730 -6.29 4.70 6.15
C ASN B 730 -6.02 4.59 7.66
N LYS B 731 -4.80 4.18 8.00
CA LYS B 731 -4.42 3.88 9.40
C LYS B 731 -5.28 2.77 10.01
N GLY C 39 -56.64 13.77 -20.42
CA GLY C 39 -55.98 12.79 -19.58
C GLY C 39 -56.56 11.39 -19.71
N VAL C 40 -56.43 10.60 -18.65
CA VAL C 40 -56.94 9.23 -18.63
C VAL C 40 -57.96 9.04 -17.51
N ASN C 41 -59.01 8.25 -17.77
CA ASN C 41 -60.07 7.99 -16.80
C ASN C 41 -59.61 7.06 -15.68
N ILE C 42 -60.01 7.36 -14.45
CA ILE C 42 -59.61 6.59 -13.28
C ILE C 42 -60.04 5.12 -13.34
N ASN C 43 -61.17 4.84 -13.97
CA ASN C 43 -61.69 3.47 -14.03
C ASN C 43 -60.99 2.61 -15.09
N SER C 44 -60.12 3.23 -15.88
CA SER C 44 -59.45 2.52 -16.97
C SER C 44 -57.94 2.38 -16.75
N THR C 45 -57.36 3.35 -16.03
CA THR C 45 -55.91 3.38 -15.84
C THR C 45 -55.42 2.22 -14.98
N SER C 46 -54.38 1.55 -15.46
CA SER C 46 -53.82 0.40 -14.78
C SER C 46 -52.80 0.82 -13.72
N THR C 47 -52.36 2.06 -13.79
CA THR C 47 -51.42 2.60 -12.81
C THR C 47 -51.93 3.92 -12.25
N LEU C 48 -51.59 4.20 -10.99
CA LEU C 48 -52.05 5.43 -10.34
C LEU C 48 -51.11 5.85 -9.23
N LYS C 49 -50.78 7.15 -9.20
CA LYS C 49 -49.89 7.69 -8.19
C LYS C 49 -50.49 8.98 -7.62
N ALA C 50 -50.68 8.99 -6.31
CA ALA C 50 -51.27 10.14 -5.64
C ALA C 50 -50.20 10.96 -4.90
N LYS C 51 -50.26 12.28 -5.06
CA LYS C 51 -49.32 13.17 -4.41
C LYS C 51 -50.03 14.41 -3.89
N PHE C 52 -49.95 14.63 -2.58
CA PHE C 52 -50.47 15.87 -2.01
C PHE C 52 -49.58 17.03 -2.45
N THR C 53 -50.19 18.19 -2.67
CA THR C 53 -49.44 19.37 -3.10
C THR C 53 -49.36 20.39 -1.97
N ASN C 54 -50.50 20.67 -1.34
CA ASN C 54 -50.55 21.61 -0.22
C ASN C 54 -51.75 21.37 0.71
N ALA C 55 -51.65 21.84 1.94
CA ALA C 55 -52.72 21.69 2.90
C ALA C 55 -52.89 22.98 3.70
N THR C 56 -54.14 23.33 3.98
CA THR C 56 -54.42 24.53 4.75
C THR C 56 -55.30 24.18 5.95
N VAL C 57 -55.17 24.95 7.02
CA VAL C 57 -56.02 24.76 8.20
C VAL C 57 -56.70 26.08 8.54
N ASP C 58 -58.03 26.08 8.54
CA ASP C 58 -58.79 27.29 8.80
C ASP C 58 -59.81 27.05 9.92
N ALA C 59 -59.42 27.37 11.15
CA ALA C 59 -60.28 27.20 12.31
C ALA C 59 -60.78 25.77 12.46
N GLY C 60 -59.86 24.82 12.33
CA GLY C 60 -60.20 23.42 12.47
C GLY C 60 -60.57 22.76 11.15
N LYS C 61 -60.96 23.56 10.16
CA LYS C 61 -61.29 23.03 8.84
C LYS C 61 -60.02 22.79 8.05
N VAL C 62 -59.79 21.52 7.69
CA VAL C 62 -58.60 21.14 6.94
C VAL C 62 -58.95 20.88 5.48
N THR C 63 -58.25 21.55 4.58
CA THR C 63 -58.43 21.32 3.16
C THR C 63 -57.13 20.84 2.55
N VAL C 64 -57.19 19.72 1.84
CA VAL C 64 -55.99 19.14 1.25
C VAL C 64 -56.11 19.06 -0.27
N ASN C 65 -55.04 19.45 -0.96
CA ASN C 65 -55.00 19.39 -2.41
C ASN C 65 -54.03 18.32 -2.87
N PHE C 66 -54.39 17.61 -3.92
CA PHE C 66 -53.55 16.52 -4.42
C PHE C 66 -53.78 16.28 -5.90
N THR C 67 -52.93 15.46 -6.51
CA THR C 67 -53.03 15.14 -7.92
C THR C 67 -53.03 13.64 -8.15
N LEU C 68 -53.62 13.23 -9.27
CA LEU C 68 -53.64 11.83 -9.66
C LEU C 68 -53.02 11.67 -11.04
N GLU C 69 -51.97 10.86 -11.10
CA GLU C 69 -51.29 10.61 -12.37
C GLU C 69 -50.97 9.13 -12.52
N ASN C 70 -50.74 8.69 -13.76
CA ASN C 70 -50.30 7.33 -14.02
C ASN C 70 -48.78 7.25 -14.06
N ALA C 71 -48.26 6.10 -14.49
CA ALA C 71 -46.82 5.88 -14.57
C ALA C 71 -46.14 6.83 -15.57
N ASN C 72 -46.91 7.31 -16.55
CA ASN C 72 -46.36 8.21 -17.56
C ASN C 72 -46.56 9.68 -17.24
N GLY C 73 -47.02 9.98 -16.03
CA GLY C 73 -47.21 11.35 -15.59
C GLY C 73 -48.47 12.00 -16.13
N VAL C 74 -49.28 11.24 -16.86
CA VAL C 74 -50.55 11.72 -17.41
C VAL C 74 -51.59 11.86 -16.31
N ALA C 75 -52.35 12.96 -16.32
CA ALA C 75 -53.36 13.21 -15.29
C ALA C 75 -54.50 12.19 -15.29
N VAL C 76 -54.96 11.81 -14.10
CA VAL C 76 -56.05 10.85 -13.94
C VAL C 76 -57.35 11.52 -13.47
N LEU C 77 -58.41 11.37 -14.26
CA LEU C 77 -59.66 12.09 -14.02
C LEU C 77 -60.80 11.17 -13.58
N GLY C 78 -61.79 11.74 -12.91
CA GLY C 78 -63.01 11.02 -12.60
C GLY C 78 -63.09 10.42 -11.21
N LEU C 79 -62.19 10.82 -10.33
CA LEU C 79 -62.25 10.38 -8.94
C LEU C 79 -63.48 10.99 -8.29
N THR C 80 -64.35 10.15 -7.73
CA THR C 80 -65.54 10.64 -7.02
C THR C 80 -65.56 10.17 -5.57
N LYS C 81 -66.48 10.73 -4.79
CA LYS C 81 -66.61 10.38 -3.37
C LYS C 81 -67.09 8.95 -3.17
N ASP C 82 -67.71 8.39 -4.20
CA ASP C 82 -68.31 7.07 -4.10
C ASP C 82 -67.32 5.94 -4.41
N HIS C 83 -66.12 6.31 -4.87
CA HIS C 83 -65.03 5.36 -4.96
C HIS C 83 -64.59 5.02 -3.54
N ASP C 84 -63.88 3.92 -3.35
CA ASP C 84 -63.39 3.59 -2.02
C ASP C 84 -62.22 4.51 -1.68
N LEU C 85 -62.56 5.76 -1.35
CA LEU C 85 -61.59 6.81 -1.07
C LEU C 85 -61.79 7.30 0.35
N ARG C 86 -60.74 7.20 1.17
CA ARG C 86 -60.84 7.62 2.55
C ARG C 86 -59.64 8.49 2.95
N PHE C 87 -59.85 9.35 3.93
CA PHE C 87 -58.81 10.28 4.37
C PHE C 87 -58.56 10.17 5.87
N GLY C 88 -57.30 10.35 6.27
CA GLY C 88 -56.95 10.39 7.68
C GLY C 88 -56.22 11.67 8.02
N ILE C 89 -56.33 12.11 9.28
CA ILE C 89 -55.62 13.31 9.74
C ILE C 89 -55.12 13.13 11.17
N ALA C 90 -53.85 13.45 11.40
CA ALA C 90 -53.25 13.24 12.71
C ALA C 90 -52.19 14.28 13.06
N GLN C 91 -51.88 14.38 14.35
CA GLN C 91 -50.86 15.29 14.83
C GLN C 91 -49.68 14.52 15.41
N LEU C 92 -48.47 14.99 15.12
CA LEU C 92 -47.26 14.44 15.74
C LEU C 92 -47.01 15.20 17.04
N THR C 93 -47.65 14.73 18.09
CA THR C 93 -47.71 15.43 19.36
C THR C 93 -46.56 15.07 20.28
N PRO C 94 -45.89 16.08 20.84
CA PRO C 94 -44.92 15.79 21.91
C PRO C 94 -45.67 15.28 23.13
N VAL C 95 -45.27 14.12 23.63
CA VAL C 95 -45.99 13.47 24.72
C VAL C 95 -45.09 13.30 25.94
N LYS C 96 -45.63 13.53 27.13
CA LYS C 96 -44.88 13.22 28.34
C LYS C 96 -45.75 12.44 29.30
N GLU C 97 -45.17 11.43 29.94
CA GLU C 97 -45.91 10.53 30.81
C GLU C 97 -45.50 10.69 32.27
N LYS C 98 -46.49 10.80 33.14
CA LYS C 98 -46.21 10.97 34.55
C LYS C 98 -45.92 9.63 35.22
N VAL C 99 -44.68 9.42 35.65
CA VAL C 99 -44.34 8.22 36.41
C VAL C 99 -44.02 8.60 37.85
N GLY C 100 -44.92 8.20 38.75
CA GLY C 100 -44.85 8.63 40.13
C GLY C 100 -45.06 10.12 40.26
N GLU C 101 -44.00 10.83 40.67
CA GLU C 101 -44.08 12.27 40.80
C GLU C 101 -43.12 12.97 39.84
N THR C 102 -42.63 12.25 38.84
CA THR C 102 -41.77 12.85 37.82
C THR C 102 -42.32 12.59 36.43
N GLU C 103 -41.99 13.46 35.48
CA GLU C 103 -42.44 13.29 34.10
C GLU C 103 -41.34 12.72 33.20
N ALA C 104 -41.74 11.75 32.37
CA ALA C 104 -40.81 11.09 31.48
C ALA C 104 -41.07 11.51 30.04
N ASP C 105 -40.02 11.87 29.33
CA ASP C 105 -40.15 12.26 27.94
C ASP C 105 -40.44 11.03 27.08
N ARG C 106 -41.54 11.09 26.31
CA ARG C 106 -41.90 9.98 25.44
C ARG C 106 -41.68 10.32 23.97
N GLY C 107 -41.00 11.44 23.71
CA GLY C 107 -40.76 11.87 22.35
C GLY C 107 -42.04 12.34 21.68
N TYR C 108 -42.16 12.09 20.39
CA TYR C 108 -43.33 12.49 19.63
C TYR C 108 -44.17 11.29 19.20
N GLN C 109 -45.47 11.34 19.48
CA GLN C 109 -46.37 10.25 19.16
C GLN C 109 -47.47 10.72 18.21
N TRP C 110 -47.82 9.89 17.23
CA TRP C 110 -48.93 10.19 16.34
C TRP C 110 -50.25 10.18 17.11
N GLN C 111 -51.06 11.21 16.90
CA GLN C 111 -52.38 11.27 17.49
C GLN C 111 -53.43 11.59 16.43
N ALA C 112 -54.21 10.58 16.06
CA ALA C 112 -55.24 10.75 15.05
C ALA C 112 -56.41 11.58 15.58
N TYR C 113 -56.97 12.42 14.73
CA TYR C 113 -58.11 13.25 15.13
C TYR C 113 -59.42 12.46 15.06
N ILE C 114 -59.39 11.34 14.36
CA ILE C 114 -60.57 10.48 14.24
C ILE C 114 -60.38 9.20 15.04
N ASN C 115 -61.07 9.09 16.18
CA ASN C 115 -61.01 7.90 17.00
C ASN C 115 -62.39 7.41 17.40
N ALA C 116 -62.49 6.13 17.74
CA ALA C 116 -63.74 5.55 18.17
C ALA C 116 -63.55 4.70 19.42
N LYS C 117 -64.49 4.79 20.34
CA LYS C 117 -64.50 3.97 21.54
C LYS C 117 -65.21 2.66 21.21
N LYS C 118 -64.52 1.55 21.39
CA LYS C 118 -65.06 0.25 20.99
C LYS C 118 -65.12 -0.78 22.12
N GLU C 119 -66.34 -1.23 22.44
CA GLU C 119 -66.52 -2.33 23.37
C GLU C 119 -66.28 -3.63 22.61
N PRO C 120 -65.69 -4.63 23.28
CA PRO C 120 -65.32 -5.85 22.55
C PRO C 120 -66.52 -6.55 21.91
N GLY C 121 -66.33 -7.02 20.69
CA GLY C 121 -67.35 -7.80 20.01
C GLY C 121 -67.09 -9.26 20.26
N THR C 122 -67.40 -10.12 19.29
CA THR C 122 -67.22 -11.56 19.43
C THR C 122 -65.80 -11.95 19.85
N VAL C 123 -65.66 -12.50 21.05
CA VAL C 123 -64.41 -13.14 21.45
C VAL C 123 -64.64 -14.65 21.58
N PRO C 124 -63.73 -15.44 21.00
CA PRO C 124 -63.93 -16.89 20.93
C PRO C 124 -63.56 -17.58 22.23
N SER C 125 -64.09 -18.78 22.45
CA SER C 125 -63.85 -19.51 23.69
C SER C 125 -62.72 -20.52 23.52
N GLY C 126 -62.13 -20.90 24.64
CA GLY C 126 -61.03 -21.85 24.64
C GLY C 126 -59.74 -21.27 24.09
N VAL C 127 -59.67 -19.95 23.97
CA VAL C 127 -58.47 -19.29 23.50
C VAL C 127 -57.79 -18.53 24.64
N ASP C 128 -56.54 -18.88 24.92
CA ASP C 128 -55.82 -18.27 26.03
C ASP C 128 -55.15 -16.95 25.64
N ASN C 129 -54.59 -16.27 26.64
CA ASN C 129 -53.82 -15.05 26.45
C ASN C 129 -54.61 -13.86 25.91
N LEU C 130 -55.92 -13.87 26.17
CA LEU C 130 -56.79 -12.76 25.83
C LEU C 130 -57.25 -12.04 27.09
N ASN C 131 -57.51 -10.74 26.96
CA ASN C 131 -58.08 -9.97 28.07
C ASN C 131 -59.00 -8.90 27.52
N PRO C 132 -60.19 -9.30 27.07
CA PRO C 132 -61.17 -8.42 26.41
C PRO C 132 -61.51 -7.20 27.27
N SER C 133 -61.36 -6.02 26.71
CA SER C 133 -61.63 -4.78 27.42
C SER C 133 -61.92 -3.65 26.45
N THR C 134 -62.54 -2.58 26.94
CA THR C 134 -62.84 -1.42 26.11
C THR C 134 -61.55 -0.82 25.55
N GLN C 135 -61.53 -0.54 24.25
CA GLN C 135 -60.35 0.03 23.62
C GLN C 135 -60.71 1.13 22.65
N PHE C 136 -59.78 2.04 22.43
CA PHE C 136 -59.94 3.05 21.39
C PHE C 136 -59.28 2.56 20.11
N GLN C 137 -59.80 3.03 18.97
CA GLN C 137 -59.18 2.76 17.69
C GLN C 137 -59.26 4.00 16.82
N ALA C 138 -58.10 4.44 16.34
CA ALA C 138 -58.05 5.52 15.35
C ALA C 138 -58.67 5.03 14.05
N ASN C 139 -59.10 5.96 13.20
CA ASN C 139 -59.71 5.59 11.94
C ASN C 139 -59.50 6.63 10.85
N VAL C 140 -59.98 6.31 9.65
CA VAL C 140 -60.05 7.28 8.56
C VAL C 140 -61.52 7.65 8.37
N GLU C 141 -61.79 8.70 7.60
CA GLU C 141 -63.15 9.05 7.25
C GLU C 141 -63.39 8.81 5.76
N SER C 142 -64.55 8.25 5.42
CA SER C 142 -64.89 7.98 4.02
C SER C 142 -65.46 9.23 3.35
N ALA C 143 -65.11 9.44 2.09
CA ALA C 143 -65.53 10.63 1.36
C ALA C 143 -66.99 10.60 0.96
N ASN C 144 -67.54 9.39 0.81
CA ASN C 144 -68.95 9.25 0.40
C ASN C 144 -69.94 9.72 1.47
N LYS C 145 -69.42 10.03 2.67
CA LYS C 145 -70.26 10.52 3.74
C LYS C 145 -70.52 12.02 3.60
N CYS C 146 -69.84 12.64 2.64
CA CYS C 146 -69.93 14.07 2.45
C CYS C 146 -70.08 14.42 0.97
N ASP C 147 -71.18 15.10 0.64
CA ASP C 147 -71.53 15.37 -0.76
C ASP C 147 -70.68 16.46 -1.40
N THR C 148 -70.15 17.37 -0.58
CA THR C 148 -69.46 18.55 -1.11
C THR C 148 -67.99 18.64 -0.72
N CYS C 149 -67.47 17.60 -0.05
CA CYS C 149 -66.11 17.62 0.46
C CYS C 149 -65.05 17.44 -0.62
N LEU C 150 -65.35 16.62 -1.61
CA LEU C 150 -64.41 16.35 -2.69
C LEU C 150 -64.69 17.24 -3.90
N VAL C 151 -63.64 17.78 -4.51
CA VAL C 151 -63.79 18.61 -5.69
C VAL C 151 -62.83 18.17 -6.81
N ASP C 152 -63.40 17.78 -7.95
CA ASP C 152 -62.61 17.42 -9.12
C ASP C 152 -62.37 18.68 -9.96
N HIS C 153 -61.11 19.02 -10.20
CA HIS C 153 -60.77 20.21 -10.96
C HIS C 153 -60.65 19.94 -12.45
N GLY C 154 -60.78 18.66 -12.84
CA GLY C 154 -60.80 18.30 -14.24
C GLY C 154 -59.46 18.26 -14.94
N ASP C 155 -58.40 18.62 -14.22
CA ASP C 155 -57.06 18.64 -14.80
C ASP C 155 -56.13 17.68 -14.09
N GLY C 156 -56.69 16.78 -13.31
CA GLY C 156 -55.90 15.82 -12.57
C GLY C 156 -55.63 16.28 -11.15
N SER C 157 -56.13 17.46 -10.81
CA SER C 157 -55.98 17.98 -9.45
C SER C 157 -57.31 17.90 -8.70
N TYR C 158 -57.23 17.73 -7.39
CA TYR C 158 -58.42 17.56 -6.56
C TYR C 158 -58.29 18.36 -5.26
N SER C 159 -59.39 18.47 -4.53
CA SER C 159 -59.37 19.09 -3.22
C SER C 159 -60.35 18.38 -2.29
N TYR C 160 -59.91 18.05 -1.08
CA TYR C 160 -60.78 17.44 -0.09
C TYR C 160 -60.78 18.23 1.20
N THR C 161 -61.97 18.57 1.66
CA THR C 161 -62.12 19.27 2.93
C THR C 161 -62.63 18.27 3.96
N TYR C 162 -61.84 18.07 5.02
CA TYR C 162 -62.15 17.07 6.03
C TYR C 162 -63.49 17.31 6.71
N GLN C 163 -64.18 16.22 7.03
CA GLN C 163 -65.46 16.30 7.72
C GLN C 163 -65.22 16.57 9.20
N VAL C 164 -64.17 15.97 9.75
CA VAL C 164 -63.79 16.20 11.14
C VAL C 164 -63.15 17.57 11.33
N ASN C 165 -63.54 18.27 12.38
CA ASN C 165 -62.88 19.53 12.72
C ASN C 165 -61.74 19.29 13.72
N VAL C 166 -60.56 19.80 13.37
CA VAL C 166 -59.32 19.52 14.09
C VAL C 166 -59.15 20.40 15.34
N ALA C 167 -59.86 21.53 15.37
CA ALA C 167 -59.70 22.51 16.46
C ALA C 167 -59.99 21.98 17.88
N ASN C 168 -61.13 21.35 18.07
CA ASN C 168 -61.51 20.88 19.40
C ASN C 168 -61.96 19.42 19.47
N VAL C 169 -61.02 18.50 19.33
CA VAL C 169 -61.32 17.08 19.50
C VAL C 169 -61.06 16.66 20.96
N THR C 170 -62.13 16.25 21.65
CA THR C 170 -62.04 15.96 23.08
C THR C 170 -62.51 14.55 23.43
N GLU C 171 -63.38 14.01 22.58
CA GLU C 171 -64.04 12.75 22.84
C GLU C 171 -64.11 11.98 21.53
N PRO C 172 -63.90 10.65 21.56
CA PRO C 172 -63.55 9.81 22.72
C PRO C 172 -62.07 9.94 23.11
N VAL C 173 -61.23 10.45 22.22
CA VAL C 173 -59.81 10.61 22.49
C VAL C 173 -59.40 12.06 22.30
N LYS C 174 -58.87 12.67 23.34
CA LYS C 174 -58.50 14.08 23.29
C LYS C 174 -57.21 14.30 22.50
N VAL C 175 -57.25 15.22 21.55
CA VAL C 175 -56.06 15.60 20.80
C VAL C 175 -55.96 17.13 20.81
N THR C 176 -55.04 17.65 21.60
CA THR C 176 -54.86 19.10 21.69
C THR C 176 -54.10 19.60 20.48
N TYR C 177 -54.74 20.46 19.69
CA TYR C 177 -54.15 20.95 18.46
C TYR C 177 -53.10 22.03 18.70
N SER C 178 -51.95 21.88 18.04
CA SER C 178 -50.92 22.91 18.02
C SER C 178 -50.55 23.22 16.58
N ALA C 179 -50.51 24.51 16.24
CA ALA C 179 -50.14 24.92 14.89
C ALA C 179 -48.67 24.67 14.61
N ASP C 180 -47.85 24.70 15.67
CA ASP C 180 -46.41 24.48 15.55
C ASP C 180 -46.10 23.00 15.37
N ALA C 181 -47.01 22.15 15.85
CA ALA C 181 -46.84 20.70 15.72
C ALA C 181 -47.05 20.23 14.29
N THR C 182 -46.28 19.23 13.88
CA THR C 182 -46.43 18.64 12.55
C THR C 182 -47.77 17.92 12.43
N GLN C 183 -48.47 18.15 11.31
CA GLN C 183 -49.72 17.46 11.02
C GLN C 183 -49.52 16.53 9.83
N ARG C 184 -50.08 15.31 9.91
CA ARG C 184 -50.03 14.37 8.80
C ARG C 184 -51.40 14.06 8.22
N ALA C 185 -51.56 14.31 6.92
CA ALA C 185 -52.77 13.94 6.21
C ALA C 185 -52.49 12.66 5.44
N THR C 186 -53.42 11.69 5.51
CA THR C 186 -53.30 10.46 4.76
C THR C 186 -54.51 10.25 3.87
N MET C 187 -54.29 9.55 2.76
CA MET C 187 -55.41 9.13 1.92
C MET C 187 -55.18 7.71 1.41
N GLU C 188 -56.27 6.98 1.25
CA GLU C 188 -56.23 5.61 0.74
C GLU C 188 -57.32 5.44 -0.30
N LEU C 189 -57.00 4.73 -1.38
CA LEU C 189 -57.94 4.57 -2.48
C LEU C 189 -57.89 3.15 -3.03
N GLU C 190 -59.05 2.51 -3.11
CA GLU C 190 -59.12 1.14 -3.62
C GLU C 190 -59.95 1.05 -4.89
N LEU C 191 -59.29 0.71 -5.99
CA LEU C 191 -59.93 0.56 -7.29
C LEU C 191 -59.91 -0.93 -7.65
N PRO C 192 -60.63 -1.32 -8.72
CA PRO C 192 -60.58 -2.71 -9.19
C PRO C 192 -59.17 -3.19 -9.49
N GLN C 193 -58.37 -2.35 -10.14
CA GLN C 193 -57.10 -2.79 -10.68
C GLN C 193 -55.91 -2.50 -9.76
N LEU C 194 -56.10 -1.61 -8.78
CA LEU C 194 -55.00 -1.17 -7.92
C LEU C 194 -55.49 -0.55 -6.62
N ALA C 195 -54.60 -0.45 -5.65
CA ALA C 195 -54.85 0.30 -4.42
C ALA C 195 -53.74 1.34 -4.27
N ALA C 196 -54.08 2.53 -3.80
CA ALA C 196 -53.09 3.59 -3.67
C ALA C 196 -53.08 4.25 -2.29
N ASN C 197 -51.89 4.68 -1.86
CA ASN C 197 -51.76 5.45 -0.63
C ASN C 197 -50.94 6.72 -0.86
N ALA C 198 -51.10 7.68 0.04
CA ALA C 198 -50.32 8.91 0.02
C ALA C 198 -50.40 9.59 1.39
N HIS C 199 -49.37 10.35 1.74
CA HIS C 199 -49.35 11.08 2.98
C HIS C 199 -48.74 12.47 2.75
N PHE C 200 -48.83 13.33 3.75
CA PHE C 200 -48.36 14.70 3.63
C PHE C 200 -48.13 15.29 5.00
N ASP C 201 -46.87 15.59 5.32
CA ASP C 201 -46.54 16.23 6.57
C ASP C 201 -46.26 17.71 6.37
N TRP C 202 -46.75 18.54 7.29
CA TRP C 202 -46.55 19.98 7.18
C TRP C 202 -46.77 20.66 8.53
N GLN C 203 -46.26 21.89 8.65
CA GLN C 203 -46.44 22.68 9.87
C GLN C 203 -47.37 23.86 9.57
N PRO C 204 -48.62 23.78 10.07
CA PRO C 204 -49.66 24.78 9.80
C PRO C 204 -49.20 26.21 10.04
N SER C 205 -48.45 26.44 11.13
CA SER C 205 -48.03 27.78 11.48
C SER C 205 -47.15 28.43 10.41
N THR C 206 -46.32 27.63 9.74
CA THR C 206 -45.40 28.14 8.74
C THR C 206 -45.70 27.66 7.33
N GLY C 207 -46.19 26.43 7.21
CA GLY C 207 -46.47 25.84 5.92
C GLY C 207 -45.30 25.03 5.41
N LYS C 208 -44.29 24.86 6.26
CA LYS C 208 -43.07 24.13 5.87
C LYS C 208 -43.32 22.62 5.74
N THR C 209 -42.73 22.03 4.71
CA THR C 209 -42.79 20.59 4.50
C THR C 209 -41.41 19.97 4.72
N GLU C 210 -40.42 20.83 4.94
CA GLU C 210 -39.06 20.38 5.21
C GLU C 210 -38.51 21.12 6.42
N GLY C 211 -37.54 20.53 7.10
CA GLY C 211 -36.96 21.13 8.28
C GLY C 211 -37.91 21.23 9.46
N ILE C 212 -38.90 20.33 9.50
CA ILE C 212 -39.85 20.29 10.60
C ILE C 212 -39.70 18.98 11.37
N GLN C 213 -40.29 18.93 12.56
CA GLN C 213 -40.27 17.71 13.36
C GLN C 213 -40.93 16.57 12.60
N THR C 214 -40.27 15.41 12.58
CA THR C 214 -40.80 14.24 11.89
C THR C 214 -40.72 12.99 12.76
N ARG C 215 -41.34 11.91 12.29
CA ARG C 215 -41.17 10.60 12.92
C ARG C 215 -40.98 9.55 11.84
N ASN C 216 -39.90 9.70 11.08
CA ASN C 216 -39.57 8.73 10.05
C ASN C 216 -38.47 7.80 10.54
N VAL C 217 -38.88 6.62 11.02
CA VAL C 217 -37.99 5.71 11.71
C VAL C 217 -37.54 4.55 10.82
N VAL C 218 -38.50 3.87 10.19
CA VAL C 218 -38.19 2.73 9.32
C VAL C 218 -38.63 2.95 7.88
N SER C 219 -38.09 2.15 6.97
CA SER C 219 -38.50 2.19 5.57
C SER C 219 -38.95 0.79 5.11
N ILE C 220 -39.96 0.76 4.25
CA ILE C 220 -40.53 -0.51 3.80
C ILE C 220 -39.50 -1.37 3.06
N GLN C 221 -38.45 -0.72 2.56
CA GLN C 221 -37.38 -1.44 1.86
C GLN C 221 -36.69 -2.45 2.75
N ALA C 222 -36.51 -2.11 4.03
CA ALA C 222 -35.93 -3.05 4.98
C ALA C 222 -36.87 -4.24 5.22
N CYS C 223 -38.15 -3.95 5.35
CA CYS C 223 -39.16 -5.01 5.49
C CYS C 223 -39.13 -5.94 4.30
N TYR C 224 -38.96 -5.37 3.09
CA TYR C 224 -39.00 -6.14 1.86
C TYR C 224 -37.87 -7.17 1.74
N THR C 225 -36.87 -7.07 2.62
CA THR C 225 -35.79 -8.05 2.65
C THR C 225 -36.34 -9.42 2.99
N CYS C 226 -37.29 -9.45 3.92
CA CYS C 226 -37.95 -10.70 4.32
C CYS C 226 -39.31 -10.87 3.65
N HIS C 227 -40.00 -9.76 3.44
CA HIS C 227 -41.41 -9.79 3.05
C HIS C 227 -41.67 -9.70 1.55
N GLN C 228 -42.48 -10.63 1.05
CA GLN C 228 -43.18 -10.44 -0.22
C GLN C 228 -44.01 -9.18 -0.06
N PRO C 229 -43.99 -8.30 -1.09
CA PRO C 229 -44.75 -7.04 -1.04
C PRO C 229 -46.23 -7.26 -0.72
N GLU C 230 -46.79 -8.34 -1.25
CA GLU C 230 -48.21 -8.65 -1.03
C GLU C 230 -48.50 -8.88 0.45
N SER C 231 -47.57 -9.52 1.14
CA SER C 231 -47.75 -9.85 2.56
C SER C 231 -47.77 -8.60 3.45
N LEU C 232 -47.33 -7.46 2.92
CA LEU C 232 -47.38 -6.22 3.68
C LEU C 232 -48.53 -5.31 3.26
N ALA C 233 -49.27 -5.72 2.23
CA ALA C 233 -50.48 -5.01 1.84
C ALA C 233 -51.65 -5.50 2.70
N LEU C 234 -51.90 -4.82 3.80
CA LEU C 234 -52.87 -5.30 4.79
C LEU C 234 -54.26 -4.70 4.66
N HIS C 235 -55.20 -5.29 5.41
CA HIS C 235 -56.58 -4.81 5.45
C HIS C 235 -57.23 -4.81 4.07
N GLY C 236 -57.22 -5.98 3.43
CA GLY C 236 -57.80 -6.11 2.10
C GLY C 236 -56.88 -5.62 1.01
N GLY C 237 -55.64 -5.32 1.39
CA GLY C 237 -54.63 -4.86 0.45
C GLY C 237 -54.74 -3.37 0.20
N ARG C 238 -55.55 -2.69 1.00
CA ARG C 238 -55.84 -1.28 0.79
C ARG C 238 -54.78 -0.37 1.41
N ARG C 239 -54.02 -0.92 2.34
CA ARG C 239 -53.02 -0.12 3.06
C ARG C 239 -51.60 -0.61 2.79
N ILE C 240 -50.79 0.27 2.21
CA ILE C 240 -49.49 -0.10 1.65
C ILE C 240 -48.32 0.63 2.31
N ASP C 241 -48.45 1.94 2.48
CA ASP C 241 -47.33 2.75 2.94
C ASP C 241 -47.18 2.74 4.45
N ILE C 242 -45.92 2.70 4.89
CA ILE C 242 -45.58 2.75 6.31
C ILE C 242 -46.22 3.95 7.01
N GLU C 243 -46.17 5.11 6.35
CA GLU C 243 -46.70 6.33 6.95
C GLU C 243 -48.18 6.21 7.27
N ASN C 244 -48.91 5.43 6.46
CA ASN C 244 -50.32 5.14 6.74
C ASN C 244 -50.52 4.28 7.98
N CYS C 245 -49.74 3.20 8.10
CA CYS C 245 -49.78 2.35 9.29
C CYS C 245 -49.59 3.19 10.55
N ALA C 246 -48.61 4.08 10.50
CA ALA C 246 -48.28 4.91 11.66
C ALA C 246 -49.37 5.92 12.00
N SER C 247 -50.13 6.33 10.99
CA SER C 247 -51.16 7.35 11.19
C SER C 247 -52.38 6.80 11.94
N CYS C 248 -52.53 5.47 11.93
CA CYS C 248 -53.71 4.84 12.52
C CYS C 248 -53.39 3.93 13.71
N HIS C 249 -52.24 3.25 13.66
CA HIS C 249 -51.81 2.39 14.76
C HIS C 249 -51.15 3.22 15.86
N THR C 250 -51.96 4.00 16.56
CA THR C 250 -51.49 4.99 17.51
C THR C 250 -51.36 4.45 18.93
N ALA C 251 -50.67 5.21 19.79
CA ALA C 251 -50.37 4.78 21.16
C ALA C 251 -51.62 4.56 22.01
N THR C 252 -52.73 5.17 21.60
CA THR C 252 -53.98 5.04 22.34
C THR C 252 -54.89 3.95 21.78
N SER C 253 -54.47 3.34 20.67
CA SER C 253 -55.29 2.35 19.96
C SER C 253 -55.05 0.92 20.44
N GLY C 254 -56.12 0.12 20.49
CA GLY C 254 -56.00 -1.29 20.85
C GLY C 254 -57.07 -2.18 20.24
N ASP C 255 -56.87 -3.49 20.33
CA ASP C 255 -57.88 -4.48 19.93
C ASP C 255 -58.71 -4.86 21.15
N PRO C 256 -59.98 -4.44 21.18
CA PRO C 256 -60.85 -4.68 22.34
C PRO C 256 -61.04 -6.15 22.69
N GLU C 257 -61.10 -7.01 21.69
CA GLU C 257 -61.42 -8.42 21.92
C GLU C 257 -60.27 -9.19 22.55
N SER C 258 -59.04 -8.73 22.33
CA SER C 258 -57.87 -9.35 22.93
C SER C 258 -57.34 -8.49 24.08
N GLY C 259 -57.59 -7.19 24.00
CA GLY C 259 -57.11 -6.25 24.99
C GLY C 259 -55.72 -5.75 24.67
N ASN C 260 -55.10 -6.32 23.63
CA ASN C 260 -53.75 -5.94 23.26
C ASN C 260 -53.66 -4.57 22.61
N SER C 261 -52.54 -3.89 22.83
CA SER C 261 -52.25 -2.65 22.13
C SER C 261 -51.98 -2.96 20.66
N ILE C 262 -52.46 -2.09 19.77
CA ILE C 262 -52.11 -2.18 18.37
C ILE C 262 -51.29 -0.98 17.93
N GLU C 263 -50.59 -0.37 18.88
CA GLU C 263 -49.70 0.74 18.56
C GLU C 263 -48.58 0.21 17.67
N PHE C 264 -48.27 0.96 16.60
CA PHE C 264 -47.36 0.51 15.55
C PHE C 264 -46.08 -0.12 16.08
N THR C 265 -45.38 0.59 16.96
CA THR C 265 -44.16 0.06 17.57
C THR C 265 -44.42 -1.25 18.33
N TYR C 266 -45.35 -1.22 19.27
CA TYR C 266 -45.66 -2.38 20.11
C TYR C 266 -46.04 -3.57 19.24
N MET C 267 -47.01 -3.36 18.35
CA MET C 267 -47.52 -4.41 17.46
C MET C 267 -46.42 -5.10 16.63
N ILE C 268 -45.68 -4.33 15.85
CA ILE C 268 -44.64 -4.90 14.99
C ILE C 268 -43.58 -5.67 15.80
N HIS C 269 -43.17 -5.11 16.92
CA HIS C 269 -42.24 -5.82 17.82
C HIS C 269 -42.83 -7.17 18.27
N ALA C 270 -44.07 -7.12 18.78
CA ALA C 270 -44.70 -8.31 19.33
C ALA C 270 -44.89 -9.41 18.29
N ILE C 271 -45.24 -9.01 17.08
CA ILE C 271 -45.43 -9.95 15.98
C ILE C 271 -44.15 -10.72 15.67
N HIS C 272 -43.03 -10.01 15.60
CA HIS C 272 -41.76 -10.64 15.21
C HIS C 272 -41.05 -11.36 16.36
N LYS C 273 -41.43 -11.05 17.59
CA LYS C 273 -40.95 -11.83 18.72
C LYS C 273 -41.57 -13.23 18.61
N GLY C 274 -42.83 -13.27 18.16
CA GLY C 274 -43.47 -14.52 17.79
C GLY C 274 -43.54 -15.59 18.85
N GLY C 275 -43.21 -16.82 18.47
CA GLY C 275 -43.22 -17.94 19.39
C GLY C 275 -42.22 -17.77 20.51
N GLU C 276 -41.26 -16.87 20.33
CA GLU C 276 -40.25 -16.63 21.34
C GLU C 276 -40.64 -15.51 22.29
N ARG C 277 -41.91 -15.15 22.30
CA ARG C 277 -42.40 -14.13 23.23
C ARG C 277 -42.95 -14.77 24.50
N HIS C 278 -42.39 -14.37 25.64
CA HIS C 278 -42.74 -14.99 26.89
C HIS C 278 -42.61 -14.02 28.06
N THR C 279 -43.13 -14.43 29.20
CA THR C 279 -43.09 -13.62 30.41
C THR C 279 -42.85 -14.54 31.61
N PHE C 280 -42.88 -13.98 32.81
CA PHE C 280 -42.70 -14.79 34.02
C PHE C 280 -43.86 -14.58 34.98
N ASP C 281 -44.37 -15.67 35.54
CA ASP C 281 -45.48 -15.58 36.50
C ASP C 281 -44.97 -15.27 37.92
N ALA C 282 -45.90 -15.19 38.86
CA ALA C 282 -45.56 -14.83 40.24
C ALA C 282 -44.58 -15.81 40.86
N THR C 283 -44.63 -17.07 40.44
CA THR C 283 -43.72 -18.09 40.96
C THR C 283 -42.33 -18.00 40.33
N GLY C 284 -42.16 -17.08 39.37
CA GLY C 284 -40.89 -16.92 38.70
C GLY C 284 -40.66 -17.94 37.60
N ALA C 285 -41.74 -18.55 37.11
CA ALA C 285 -41.66 -19.55 36.06
C ALA C 285 -41.87 -18.93 34.68
N GLN C 286 -41.08 -19.38 33.70
CA GLN C 286 -41.20 -18.88 32.33
C GLN C 286 -42.47 -19.41 31.66
N VAL C 287 -43.29 -18.49 31.16
CA VAL C 287 -44.57 -18.82 30.56
C VAL C 287 -44.67 -18.10 29.21
N PRO C 288 -45.27 -18.76 28.21
CA PRO C 288 -45.47 -18.12 26.90
C PRO C 288 -46.33 -16.86 27.00
N ALA C 289 -45.96 -15.83 26.24
CA ALA C 289 -46.79 -14.63 26.15
C ALA C 289 -47.03 -14.28 24.69
N PRO C 290 -47.78 -15.13 23.97
CA PRO C 290 -48.00 -14.84 22.55
C PRO C 290 -48.89 -13.60 22.34
N TYR C 291 -48.60 -12.84 21.28
CA TYR C 291 -49.39 -11.68 20.90
C TYR C 291 -50.55 -12.13 20.01
N LYS C 292 -51.78 -11.91 20.46
CA LYS C 292 -52.95 -12.36 19.71
C LYS C 292 -53.88 -11.20 19.35
N ILE C 293 -54.34 -11.19 18.10
CA ILE C 293 -55.34 -10.23 17.67
C ILE C 293 -56.62 -10.96 17.28
N ILE C 294 -57.73 -10.57 17.89
CA ILE C 294 -59.02 -11.15 17.56
C ILE C 294 -59.76 -10.20 16.62
N GLY C 295 -60.17 -10.70 15.45
CA GLY C 295 -60.85 -9.90 14.46
C GLY C 295 -62.23 -10.40 14.04
N TYR C 296 -62.61 -10.11 12.81
CA TYR C 296 -63.95 -10.41 12.28
C TYR C 296 -64.38 -11.85 12.52
N GLY C 297 -65.58 -12.00 13.08
CA GLY C 297 -66.15 -13.29 13.37
C GLY C 297 -65.53 -13.93 14.59
N GLY C 298 -64.68 -13.20 15.29
CA GLY C 298 -63.97 -13.75 16.43
C GLY C 298 -62.80 -14.65 16.02
N LYS C 299 -62.32 -14.45 14.80
CA LYS C 299 -61.17 -15.23 14.33
C LYS C 299 -59.91 -14.85 15.10
N VAL C 300 -59.01 -15.82 15.22
CA VAL C 300 -57.79 -15.62 15.99
C VAL C 300 -56.58 -15.53 15.08
N ILE C 301 -55.77 -14.48 15.28
CA ILE C 301 -54.47 -14.42 14.65
C ILE C 301 -53.42 -14.56 15.75
N ASP C 302 -52.89 -15.77 15.90
CA ASP C 302 -51.96 -16.07 16.97
C ASP C 302 -50.52 -15.87 16.49
N TYR C 303 -49.93 -14.75 16.88
CA TYR C 303 -48.57 -14.46 16.46
C TYR C 303 -47.54 -15.29 17.22
N GLY C 304 -48.01 -16.18 18.09
CA GLY C 304 -47.16 -17.18 18.72
C GLY C 304 -46.73 -18.23 17.71
N LYS C 305 -47.37 -18.22 16.54
CA LYS C 305 -47.07 -19.18 15.48
C LYS C 305 -45.98 -18.64 14.55
N VAL C 306 -45.60 -17.39 14.76
CA VAL C 306 -44.57 -16.74 13.97
C VAL C 306 -43.17 -17.15 14.39
N HIS C 307 -42.38 -17.65 13.43
CA HIS C 307 -40.98 -18.00 13.69
C HIS C 307 -40.05 -17.03 12.96
N TYR C 308 -39.48 -16.10 13.72
CA TYR C 308 -38.57 -15.10 13.19
C TYR C 308 -37.26 -15.76 12.76
N PRO C 309 -36.86 -15.55 11.49
CA PRO C 309 -35.73 -16.28 10.86
C PRO C 309 -34.35 -15.84 11.33
N GLN C 310 -34.22 -14.68 11.95
CA GLN C 310 -32.91 -14.13 12.32
C GLN C 310 -32.24 -14.82 13.52
N LYS C 311 -31.03 -15.33 13.30
CA LYS C 311 -30.18 -15.79 14.41
C LYS C 311 -28.89 -14.98 14.45
N PRO C 312 -28.67 -14.22 15.53
CA PRO C 312 -29.55 -14.05 16.69
C PRO C 312 -30.70 -13.10 16.37
N ALA C 313 -31.64 -12.96 17.30
CA ALA C 313 -32.85 -12.18 17.03
C ALA C 313 -32.78 -10.76 17.58
N ALA C 314 -31.63 -10.38 18.13
CA ALA C 314 -31.50 -9.07 18.78
C ALA C 314 -30.89 -8.00 17.90
N ASP C 315 -30.66 -8.33 16.62
CA ASP C 315 -30.07 -7.36 15.69
C ASP C 315 -31.14 -6.41 15.17
N CYS C 316 -31.34 -5.31 15.86
CA CYS C 316 -32.40 -4.35 15.54
C CYS C 316 -32.25 -3.75 14.15
N ALA C 317 -31.07 -3.89 13.55
CA ALA C 317 -30.79 -3.31 12.23
C ALA C 317 -31.60 -3.96 11.12
N ALA C 318 -32.21 -5.11 11.41
CA ALA C 318 -33.06 -5.78 10.43
C ALA C 318 -34.19 -4.87 9.99
N CYS C 319 -34.65 -4.03 10.90
CA CYS C 319 -35.68 -3.04 10.58
C CYS C 319 -35.15 -1.62 10.78
N HIS C 320 -34.40 -1.40 11.86
CA HIS C 320 -33.90 -0.08 12.15
C HIS C 320 -32.59 0.21 11.42
N VAL C 321 -32.70 0.49 10.13
CA VAL C 321 -31.52 0.71 9.28
C VAL C 321 -30.96 2.12 9.48
N GLU C 322 -29.63 2.20 9.62
CA GLU C 322 -28.96 3.50 9.74
C GLU C 322 -27.91 3.69 8.64
N GLY C 323 -27.66 4.93 8.27
CA GLY C 323 -26.67 5.23 7.25
C GLY C 323 -27.11 6.28 6.23
N ALA C 324 -26.50 6.22 5.05
CA ALA C 324 -26.81 7.17 3.99
C ALA C 324 -28.13 6.81 3.33
N GLY C 325 -29.04 7.79 3.25
CA GLY C 325 -30.34 7.57 2.65
C GLY C 325 -31.34 6.99 3.64
N ALA C 326 -30.89 6.74 4.87
CA ALA C 326 -31.76 6.24 5.91
C ALA C 326 -32.74 7.32 6.33
N PRO C 327 -33.90 6.92 6.87
CA PRO C 327 -34.90 7.88 7.36
C PRO C 327 -34.31 8.86 8.38
N ALA C 328 -34.89 10.05 8.46
CA ALA C 328 -34.38 11.14 9.30
C ALA C 328 -34.30 10.81 10.79
N ASN C 329 -35.24 10.00 11.27
CA ASN C 329 -35.32 9.68 12.69
C ASN C 329 -35.01 8.23 12.97
N ALA C 330 -34.16 7.64 12.14
CA ALA C 330 -33.82 6.22 12.24
C ALA C 330 -33.23 5.85 13.60
N ASP C 331 -32.57 6.81 14.25
CA ASP C 331 -31.92 6.55 15.52
C ASP C 331 -32.89 6.64 16.70
N LEU C 332 -34.19 6.67 16.42
CA LEU C 332 -35.19 6.78 17.48
C LEU C 332 -35.18 5.55 18.39
N PHE C 333 -34.76 4.41 17.85
CA PHE C 333 -34.77 3.17 18.63
C PHE C 333 -33.68 3.16 19.72
N LYS C 334 -32.78 4.14 19.67
CA LYS C 334 -31.73 4.28 20.66
C LYS C 334 -32.02 5.45 21.59
N ALA C 335 -33.11 6.16 21.32
CA ALA C 335 -33.41 7.39 22.05
C ALA C 335 -33.83 7.13 23.49
N ASP C 336 -34.20 5.89 23.78
CA ASP C 336 -34.65 5.49 25.11
C ASP C 336 -35.84 6.34 25.59
N LEU C 337 -36.86 6.47 24.73
CA LEU C 337 -38.02 7.28 25.06
C LEU C 337 -39.30 6.45 25.28
N SER C 338 -39.20 5.13 25.16
CA SER C 338 -40.39 4.29 25.23
C SER C 338 -40.18 3.03 26.06
N ASN C 339 -41.07 2.82 27.03
CA ASN C 339 -41.13 1.53 27.73
C ASN C 339 -41.91 0.55 26.88
N GLN C 340 -43.03 1.02 26.32
CA GLN C 340 -43.90 0.20 25.48
C GLN C 340 -43.14 -0.54 24.38
N ALA C 341 -42.13 0.12 23.81
CA ALA C 341 -41.31 -0.50 22.77
C ALA C 341 -40.64 -1.78 23.28
N CYS C 342 -40.06 -1.72 24.47
CA CYS C 342 -39.42 -2.88 25.08
C CYS C 342 -40.44 -3.94 25.47
N ILE C 343 -41.55 -3.49 26.05
CA ILE C 343 -42.62 -4.37 26.49
C ILE C 343 -43.15 -5.20 25.32
N GLY C 344 -43.24 -4.58 24.15
CA GLY C 344 -43.66 -5.25 22.93
C GLY C 344 -42.96 -6.59 22.71
N CYS C 345 -41.68 -6.66 23.08
CA CYS C 345 -40.90 -7.88 22.91
C CYS C 345 -40.71 -8.67 24.21
N HIS C 346 -40.52 -7.97 25.33
CA HIS C 346 -40.14 -8.63 26.58
C HIS C 346 -41.27 -8.75 27.62
N THR C 347 -42.43 -8.22 27.27
CA THR C 347 -43.54 -8.06 28.23
C THR C 347 -43.20 -7.16 29.41
N GLU C 348 -44.06 -7.14 30.42
CA GLU C 348 -43.83 -6.26 31.56
C GLU C 348 -43.03 -6.95 32.65
N LYS C 349 -42.93 -8.27 32.56
CA LYS C 349 -42.08 -9.04 33.46
C LYS C 349 -41.09 -9.89 32.68
N PRO C 350 -39.98 -9.27 32.23
CA PRO C 350 -38.96 -9.88 31.36
C PRO C 350 -37.96 -10.82 32.06
N SER C 351 -38.04 -10.91 33.38
CA SER C 351 -37.28 -11.91 34.12
C SER C 351 -37.98 -12.26 35.42
N ALA C 352 -37.46 -13.26 36.12
CA ALA C 352 -38.00 -13.67 37.41
C ALA C 352 -37.76 -12.62 38.49
N HIS C 353 -36.86 -11.66 38.22
CA HIS C 353 -36.43 -10.72 39.24
C HIS C 353 -36.97 -9.31 39.02
N HIS C 354 -37.67 -9.09 37.92
CA HIS C 354 -38.22 -7.78 37.64
C HIS C 354 -39.48 -7.48 38.47
N SER C 355 -39.63 -6.22 38.88
CA SER C 355 -40.78 -5.78 39.65
C SER C 355 -41.37 -4.51 39.03
N SER C 356 -40.51 -3.52 38.80
CA SER C 356 -40.92 -2.26 38.19
C SER C 356 -41.04 -2.38 36.67
N THR C 357 -42.03 -1.71 36.11
CA THR C 357 -42.27 -1.74 34.68
C THR C 357 -41.71 -0.51 33.96
N ASP C 358 -41.06 0.37 34.71
CA ASP C 358 -40.50 1.60 34.15
C ASP C 358 -39.14 1.32 33.52
N CYS C 359 -39.14 0.71 32.34
CA CYS C 359 -37.91 0.25 31.69
C CYS C 359 -36.83 1.32 31.58
N MET C 360 -37.22 2.52 31.15
CA MET C 360 -36.25 3.58 30.89
C MET C 360 -35.64 4.19 32.16
N ALA C 361 -36.15 3.80 33.31
CA ALA C 361 -35.60 4.28 34.58
C ALA C 361 -34.34 3.51 34.98
N CYS C 362 -34.24 2.26 34.49
CA CYS C 362 -33.08 1.42 34.78
C CYS C 362 -32.24 1.17 33.52
N HIS C 363 -32.92 0.93 32.41
CA HIS C 363 -32.23 0.60 31.17
C HIS C 363 -32.08 1.82 30.28
N ASN C 364 -31.04 2.60 30.52
CA ASN C 364 -30.74 3.75 29.66
C ASN C 364 -29.25 4.02 29.62
N ALA C 365 -28.86 5.04 28.86
CA ALA C 365 -27.45 5.29 28.59
C ALA C 365 -26.84 6.38 29.47
N THR C 366 -27.67 7.34 29.88
CA THR C 366 -27.20 8.47 30.68
C THR C 366 -26.88 8.07 32.13
N LYS C 367 -27.91 7.71 32.88
CA LYS C 367 -27.69 7.17 34.22
C LYS C 367 -28.29 5.78 34.33
N PRO C 368 -27.55 4.75 33.86
CA PRO C 368 -28.10 3.39 33.90
C PRO C 368 -28.29 2.89 35.32
N TYR C 369 -28.89 1.72 35.46
CA TYR C 369 -29.07 1.12 36.77
C TYR C 369 -27.83 0.32 37.10
N GLY C 370 -27.63 0.04 38.39
CA GLY C 370 -26.51 -0.76 38.83
C GLY C 370 -26.56 -2.16 38.23
N GLY C 371 -25.48 -2.56 37.57
CA GLY C 371 -25.34 -3.92 37.08
C GLY C 371 -25.84 -4.15 35.68
N THR C 372 -26.62 -3.22 35.16
CA THR C 372 -27.19 -3.35 33.81
C THR C 372 -26.85 -2.12 32.94
N GLY C 373 -27.52 -1.99 31.80
CA GLY C 373 -27.30 -0.87 30.90
C GLY C 373 -28.42 -0.68 29.87
N SER C 374 -28.21 0.20 28.91
CA SER C 374 -29.21 0.49 27.89
C SER C 374 -29.44 -0.72 26.98
N ALA C 375 -30.59 -0.72 26.30
CA ALA C 375 -30.87 -1.75 25.31
C ALA C 375 -29.73 -1.87 24.29
N ALA C 376 -29.27 -0.73 23.79
CA ALA C 376 -28.18 -0.70 22.80
C ALA C 376 -26.96 -1.50 23.27
N LYS C 377 -26.60 -1.31 24.54
CA LYS C 377 -25.43 -1.96 25.11
C LYS C 377 -25.69 -3.44 25.32
N ARG C 378 -26.81 -3.77 25.92
CA ARG C 378 -27.15 -5.14 26.22
C ARG C 378 -27.40 -5.96 24.95
N HIS C 379 -28.21 -5.43 24.04
CA HIS C 379 -28.39 -6.06 22.73
C HIS C 379 -27.05 -6.18 22.02
N GLY C 380 -26.22 -5.16 22.19
CA GLY C 380 -24.86 -5.18 21.67
C GLY C 380 -24.04 -6.32 22.25
N ASP C 381 -24.26 -6.61 23.53
CA ASP C 381 -23.57 -7.73 24.19
C ASP C 381 -23.91 -9.04 23.47
N VAL C 382 -25.16 -9.15 23.01
CA VAL C 382 -25.60 -10.33 22.27
C VAL C 382 -24.93 -10.35 20.90
N MET C 383 -24.85 -9.20 20.26
CA MET C 383 -24.26 -9.09 18.93
C MET C 383 -22.75 -9.36 18.93
N LYS C 384 -22.09 -8.96 20.01
CA LYS C 384 -20.63 -9.01 20.13
C LYS C 384 -19.99 -10.33 19.65
N ALA C 385 -20.48 -11.46 20.16
CA ALA C 385 -19.93 -12.76 19.81
C ALA C 385 -19.99 -13.01 18.30
N TYR C 386 -21.07 -12.57 17.67
CA TYR C 386 -21.24 -12.79 16.25
C TYR C 386 -20.46 -11.78 15.41
N ASN C 387 -20.47 -10.52 15.84
CA ASN C 387 -19.71 -9.48 15.17
C ASN C 387 -18.21 -9.79 15.15
N ASP C 388 -17.67 -10.19 16.30
CA ASP C 388 -16.28 -10.62 16.40
C ASP C 388 -15.98 -11.79 15.48
N SER C 389 -16.90 -12.74 15.41
CA SER C 389 -16.71 -13.94 14.61
C SER C 389 -16.67 -13.67 13.11
N LEU C 390 -17.13 -12.50 12.69
CA LEU C 390 -17.04 -12.11 11.29
C LEU C 390 -15.58 -11.94 10.88
N GLY C 391 -14.74 -11.60 11.85
CA GLY C 391 -13.32 -11.46 11.61
C GLY C 391 -12.51 -12.66 12.03
N TYR C 392 -13.17 -13.80 12.22
CA TYR C 392 -12.48 -15.05 12.51
C TYR C 392 -12.29 -15.85 11.23
N LYS C 393 -11.07 -16.36 11.01
CA LYS C 393 -10.77 -17.17 9.82
C LYS C 393 -9.96 -18.40 10.17
N ALA C 394 -9.77 -19.27 9.18
CA ALA C 394 -8.93 -20.45 9.36
C ALA C 394 -7.71 -20.39 8.44
N LYS C 395 -6.54 -20.69 8.99
CA LYS C 395 -5.29 -20.66 8.24
C LYS C 395 -4.71 -22.07 8.10
N PHE C 396 -4.71 -22.59 6.87
CA PHE C 396 -4.14 -23.92 6.63
C PHE C 396 -2.69 -23.82 6.14
N SER C 397 -1.91 -24.87 6.40
CA SER C 397 -0.52 -24.93 5.96
C SER C 397 -0.06 -26.38 5.92
N ASN C 398 1.08 -26.62 5.27
CA ASN C 398 1.70 -27.95 5.20
C ASN C 398 0.73 -29.05 4.77
N ILE C 399 -0.08 -28.75 3.76
CA ILE C 399 -1.03 -29.73 3.22
C ILE C 399 -0.28 -30.75 2.37
N GLY C 400 -0.70 -32.01 2.42
CA GLY C 400 -0.09 -33.05 1.61
C GLY C 400 -0.47 -34.46 2.00
N ILE C 401 0.33 -35.42 1.53
CA ILE C 401 0.08 -36.83 1.80
C ILE C 401 1.24 -37.49 2.55
N LYS C 402 0.94 -38.08 3.70
CA LYS C 402 1.92 -38.83 4.48
C LYS C 402 1.46 -40.27 4.63
N ASN C 403 2.13 -41.19 3.92
CA ASN C 403 1.78 -42.60 3.93
C ASN C 403 0.32 -42.86 3.53
N ASN C 404 -0.05 -42.37 2.34
CA ASN C 404 -1.40 -42.54 1.77
C ASN C 404 -2.51 -41.88 2.57
N ALA C 405 -2.14 -41.04 3.53
CA ALA C 405 -3.12 -40.37 4.38
C ALA C 405 -3.01 -38.85 4.21
N LEU C 406 -4.16 -38.19 4.17
CA LEU C 406 -4.21 -36.73 4.08
C LEU C 406 -3.68 -36.11 5.36
N THR C 407 -2.89 -35.06 5.22
CA THR C 407 -2.35 -34.38 6.38
C THR C 407 -2.20 -32.88 6.13
N PHE C 408 -2.39 -32.09 7.18
CA PHE C 408 -2.26 -30.64 7.10
C PHE C 408 -2.22 -30.01 8.49
N ASP C 409 -1.82 -28.74 8.52
CA ASP C 409 -1.88 -27.96 9.75
C ASP C 409 -3.01 -26.95 9.67
N VAL C 410 -3.54 -26.54 10.82
CA VAL C 410 -4.61 -25.56 10.85
C VAL C 410 -4.55 -24.68 12.09
N GLN C 411 -4.69 -23.38 11.90
CA GLN C 411 -4.85 -22.43 12.99
C GLN C 411 -6.22 -21.77 12.85
N ILE C 412 -6.83 -21.43 13.97
CA ILE C 412 -8.05 -20.63 13.97
C ILE C 412 -7.68 -19.24 14.49
N LEU C 413 -7.84 -18.23 13.64
CA LEU C 413 -7.39 -16.88 13.97
C LEU C 413 -8.56 -15.98 14.41
N ASP C 414 -8.28 -15.05 15.33
CA ASP C 414 -9.28 -14.03 15.68
C ASP C 414 -9.18 -12.80 14.77
N ASN C 415 -9.95 -11.75 15.06
CA ASN C 415 -9.88 -10.55 14.22
C ASN C 415 -8.68 -9.64 14.49
N LYS C 416 -7.65 -10.19 15.12
CA LYS C 416 -6.36 -9.52 15.24
C LYS C 416 -5.35 -10.39 14.48
N ASP C 417 -5.88 -11.34 13.72
CA ASP C 417 -5.08 -12.31 12.98
C ASP C 417 -4.16 -13.13 13.89
N GLN C 418 -4.56 -13.28 15.15
CA GLN C 418 -3.81 -14.08 16.10
C GLN C 418 -4.51 -15.41 16.36
N PRO C 419 -3.72 -16.50 16.46
CA PRO C 419 -4.30 -17.83 16.70
C PRO C 419 -4.91 -17.93 18.08
N ILE C 420 -5.95 -18.75 18.23
CA ILE C 420 -6.60 -18.93 19.51
C ILE C 420 -6.33 -20.34 20.06
N GLY C 421 -6.23 -20.46 21.39
CA GLY C 421 -5.96 -21.74 22.02
C GLY C 421 -7.10 -22.73 21.85
N LYS C 422 -6.80 -24.01 21.99
CA LYS C 422 -7.81 -25.05 21.76
C LYS C 422 -8.95 -25.01 22.79
N GLU C 423 -8.70 -24.32 23.91
CA GLU C 423 -9.71 -24.18 24.95
C GLU C 423 -10.85 -23.25 24.52
N PHE C 424 -10.64 -22.51 23.44
CA PHE C 424 -11.68 -21.62 22.90
C PHE C 424 -12.51 -22.27 21.81
N ILE C 425 -12.04 -23.41 21.30
CA ILE C 425 -12.74 -24.09 20.21
C ILE C 425 -13.91 -24.90 20.75
N SER C 426 -15.08 -24.73 20.15
CA SER C 426 -16.31 -25.31 20.69
C SER C 426 -16.67 -26.66 20.08
N ASP C 427 -17.16 -27.55 20.94
CA ASP C 427 -17.92 -28.71 20.49
C ASP C 427 -19.35 -28.55 20.96
N PRO C 428 -20.21 -27.99 20.10
CA PRO C 428 -21.62 -27.72 20.37
C PRO C 428 -22.36 -28.90 21.00
N SER C 429 -22.06 -30.11 20.55
CA SER C 429 -22.65 -31.32 21.14
C SER C 429 -21.73 -32.52 20.93
N ALA C 430 -22.21 -33.71 21.26
CA ALA C 430 -21.42 -34.91 21.04
C ALA C 430 -21.48 -35.33 19.57
N TYR C 431 -22.52 -34.85 18.88
CA TYR C 431 -22.76 -35.23 17.49
C TYR C 431 -22.45 -34.08 16.53
N THR C 432 -22.11 -32.92 17.08
CA THR C 432 -21.72 -31.77 16.26
C THR C 432 -20.45 -31.14 16.83
N LYS C 433 -19.33 -31.30 16.12
CA LYS C 433 -18.03 -30.85 16.60
C LYS C 433 -17.38 -29.88 15.63
N SER C 434 -16.49 -29.02 16.14
CA SER C 434 -15.67 -28.19 15.27
C SER C 434 -14.71 -29.10 14.51
N SER C 435 -14.98 -29.26 13.22
CA SER C 435 -14.19 -30.18 12.40
C SER C 435 -13.72 -29.49 11.13
N ILE C 436 -12.65 -30.03 10.54
CA ILE C 436 -12.22 -29.58 9.22
C ILE C 436 -12.64 -30.63 8.20
N TYR C 437 -13.32 -30.19 7.14
CA TYR C 437 -13.83 -31.12 6.14
C TYR C 437 -13.09 -30.98 4.81
N PHE C 438 -12.63 -32.11 4.29
CA PHE C 438 -11.93 -32.14 3.01
C PHE C 438 -12.84 -32.63 1.90
N SER C 439 -12.97 -31.83 0.85
CA SER C 439 -13.84 -32.17 -0.26
C SER C 439 -13.12 -32.13 -1.59
N TRP C 440 -13.61 -32.91 -2.54
CA TRP C 440 -13.12 -32.88 -3.91
C TRP C 440 -14.34 -32.89 -4.83
N GLY C 441 -14.13 -32.58 -6.10
CA GLY C 441 -15.24 -32.44 -7.02
C GLY C 441 -16.14 -31.30 -6.61
N ILE C 442 -15.53 -30.22 -6.12
CA ILE C 442 -16.29 -29.06 -5.65
C ILE C 442 -16.86 -28.25 -6.81
N ASP C 443 -16.39 -28.54 -8.02
CA ASP C 443 -16.88 -27.85 -9.21
C ASP C 443 -18.15 -28.52 -9.75
N LYS C 444 -18.42 -29.73 -9.25
CA LYS C 444 -19.60 -30.48 -9.66
C LYS C 444 -20.69 -30.40 -8.59
N ASP C 445 -20.78 -31.44 -7.77
CA ASP C 445 -21.74 -31.48 -6.68
C ASP C 445 -21.15 -32.14 -5.43
N TYR C 446 -19.83 -32.07 -5.30
CA TYR C 446 -19.11 -32.60 -4.15
C TYR C 446 -19.11 -34.14 -4.13
N PRO C 447 -18.31 -34.77 -3.24
CA PRO C 447 -18.15 -36.23 -3.32
C PRO C 447 -19.44 -37.03 -3.17
N ALA C 448 -19.37 -38.32 -3.49
CA ALA C 448 -20.51 -39.21 -3.38
C ALA C 448 -20.72 -39.61 -1.92
N TYR C 449 -21.97 -39.86 -1.55
CA TYR C 449 -22.26 -40.33 -0.20
C TYR C 449 -22.09 -41.84 -0.15
N THR C 450 -20.83 -42.28 -0.11
CA THR C 450 -20.49 -43.69 -0.04
C THR C 450 -19.38 -43.90 0.98
N ALA C 451 -19.17 -45.14 1.38
CA ALA C 451 -18.16 -45.46 2.37
C ALA C 451 -16.78 -44.96 1.95
N GLY C 452 -16.23 -44.04 2.73
CA GLY C 452 -14.92 -43.47 2.45
C GLY C 452 -15.00 -42.03 1.96
N SER C 453 -16.11 -41.68 1.31
CA SER C 453 -16.26 -40.33 0.76
C SER C 453 -17.44 -39.54 1.33
N ARG C 454 -18.08 -40.08 2.37
CA ARG C 454 -19.11 -39.33 3.10
C ARG C 454 -18.52 -38.12 3.81
N TYR C 455 -19.36 -37.15 4.14
CA TYR C 455 -18.93 -35.98 4.91
C TYR C 455 -18.23 -36.43 6.19
N SER C 456 -18.76 -37.49 6.79
CA SER C 456 -18.30 -37.94 8.09
C SER C 456 -16.98 -38.70 7.94
N ASP C 457 -16.76 -39.22 6.75
CA ASP C 457 -15.51 -39.91 6.44
C ASP C 457 -14.45 -38.88 6.03
N ARG C 458 -14.90 -37.72 5.59
CA ARG C 458 -14.02 -36.64 5.16
C ARG C 458 -13.93 -35.54 6.21
N GLY C 459 -14.37 -35.84 7.42
CA GLY C 459 -14.38 -34.87 8.50
C GLY C 459 -13.40 -35.18 9.61
N PHE C 460 -12.84 -34.14 10.21
CA PHE C 460 -11.85 -34.33 11.27
C PHE C 460 -12.03 -33.31 12.39
N ALA C 461 -12.51 -33.78 13.54
CA ALA C 461 -12.76 -32.93 14.69
C ALA C 461 -11.46 -32.55 15.38
N LEU C 462 -11.35 -31.28 15.79
CA LEU C 462 -10.12 -30.79 16.41
C LEU C 462 -9.88 -31.39 17.80
N SER C 463 -10.95 -31.88 18.43
CA SER C 463 -10.83 -32.47 19.76
C SER C 463 -10.47 -33.95 19.71
N ASN C 464 -10.70 -34.57 18.57
CA ASN C 464 -10.41 -35.99 18.40
C ASN C 464 -8.91 -36.25 18.31
N SER C 465 -8.35 -36.87 19.35
CA SER C 465 -6.91 -37.10 19.41
C SER C 465 -6.45 -38.11 18.35
N LYS C 466 -7.38 -38.94 17.88
CA LYS C 466 -7.06 -39.96 16.88
C LYS C 466 -6.67 -39.38 15.52
N VAL C 467 -7.07 -38.13 15.26
CA VAL C 467 -6.74 -37.49 13.99
C VAL C 467 -6.12 -36.12 14.17
N SER C 468 -6.31 -35.51 15.33
CA SER C 468 -5.87 -34.14 15.55
C SER C 468 -4.85 -34.06 16.68
N THR C 469 -3.82 -33.24 16.48
CA THR C 469 -2.78 -33.05 17.49
C THR C 469 -2.48 -31.55 17.60
N TYR C 470 -2.50 -31.03 18.83
CA TYR C 470 -2.37 -29.59 19.05
C TYR C 470 -0.99 -29.22 19.57
N ASN C 471 -0.35 -28.28 18.87
CA ASN C 471 0.96 -27.75 19.28
C ASN C 471 0.75 -26.48 20.10
N GLU C 472 0.99 -26.57 21.40
CA GLU C 472 0.78 -25.43 22.28
C GLU C 472 1.78 -24.30 22.03
N ALA C 473 2.89 -24.62 21.37
CA ALA C 473 3.91 -23.61 21.08
C ALA C 473 3.51 -22.70 19.91
N THR C 474 2.78 -23.25 18.95
CA THR C 474 2.36 -22.49 17.78
C THR C 474 0.85 -22.28 17.70
N LYS C 475 0.14 -22.82 18.68
CA LYS C 475 -1.33 -22.85 18.66
C LYS C 475 -1.84 -23.40 17.33
N THR C 476 -1.29 -24.53 16.93
CA THR C 476 -1.60 -25.13 15.63
C THR C 476 -2.04 -26.58 15.78
N PHE C 477 -3.08 -26.96 15.06
CA PHE C 477 -3.51 -28.35 15.04
C PHE C 477 -2.90 -29.03 13.82
N THR C 478 -2.49 -30.28 13.99
CA THR C 478 -2.05 -31.09 12.86
C THR C 478 -3.04 -32.24 12.68
N ILE C 479 -3.56 -32.38 11.47
CA ILE C 479 -4.54 -33.42 11.17
C ILE C 479 -3.92 -34.55 10.36
N ASP C 480 -4.22 -35.78 10.75
CA ASP C 480 -3.76 -36.97 10.04
C ASP C 480 -4.96 -37.89 9.85
N SER C 481 -5.22 -38.28 8.61
CA SER C 481 -6.39 -39.10 8.30
C SER C 481 -6.09 -40.60 8.38
N THR C 482 -4.96 -40.94 9.00
CA THR C 482 -4.57 -42.34 9.15
C THR C 482 -5.62 -43.13 9.94
N ASN C 483 -5.95 -42.64 11.13
CA ASN C 483 -6.90 -43.33 11.98
C ASN C 483 -8.32 -42.82 11.75
N SER C 484 -8.82 -43.01 10.53
CA SER C 484 -10.19 -42.63 10.17
C SER C 484 -10.74 -43.54 9.08
N ASN C 485 -11.92 -43.21 8.57
CA ASN C 485 -12.55 -44.00 7.52
C ASN C 485 -12.46 -43.33 6.16
N LEU C 486 -11.55 -42.36 6.05
CA LEU C 486 -11.36 -41.63 4.81
C LEU C 486 -10.78 -42.51 3.72
N LYS C 487 -11.36 -42.45 2.53
CA LYS C 487 -10.80 -43.09 1.35
C LYS C 487 -10.67 -42.07 0.23
N LEU C 488 -9.47 -41.50 0.09
CA LEU C 488 -9.17 -40.55 -0.97
C LEU C 488 -9.30 -41.20 -2.35
N PRO C 489 -9.59 -40.39 -3.39
CA PRO C 489 -9.61 -40.91 -4.76
C PRO C 489 -8.25 -41.51 -5.14
N ALA C 490 -8.23 -42.33 -6.19
CA ALA C 490 -6.99 -42.94 -6.66
C ALA C 490 -5.93 -41.88 -6.93
N ASP C 491 -6.28 -40.90 -7.75
CA ASP C 491 -5.39 -39.80 -8.08
C ASP C 491 -6.06 -38.45 -7.88
N LEU C 492 -5.49 -37.62 -7.00
CA LEU C 492 -6.03 -36.29 -6.73
C LEU C 492 -5.57 -35.26 -7.76
N THR C 493 -4.60 -35.64 -8.59
CA THR C 493 -3.99 -34.72 -9.55
C THR C 493 -5.01 -34.12 -10.51
N GLY C 494 -5.16 -32.80 -10.47
CA GLY C 494 -6.08 -32.10 -11.35
C GLY C 494 -7.45 -31.87 -10.74
N MET C 495 -7.69 -32.45 -9.57
CA MET C 495 -8.99 -32.35 -8.92
C MET C 495 -9.18 -31.02 -8.20
N ASN C 496 -10.42 -30.56 -8.13
CA ASN C 496 -10.75 -29.33 -7.42
C ASN C 496 -11.15 -29.65 -5.99
N VAL C 497 -10.26 -29.35 -5.05
CA VAL C 497 -10.43 -29.74 -3.66
C VAL C 497 -10.67 -28.55 -2.74
N GLU C 498 -11.05 -28.84 -1.51
CA GLU C 498 -11.42 -27.80 -0.55
C GLU C 498 -11.17 -28.25 0.89
N LEU C 499 -10.63 -27.35 1.70
CA LEU C 499 -10.57 -27.55 3.14
C LEU C 499 -11.53 -26.58 3.82
N TYR C 500 -12.55 -27.12 4.48
CA TYR C 500 -13.60 -26.30 5.08
C TYR C 500 -13.60 -26.38 6.61
N ALA C 501 -13.54 -25.22 7.25
CA ALA C 501 -13.46 -25.16 8.71
C ALA C 501 -14.83 -24.99 9.36
N GLY C 502 -15.52 -26.10 9.61
CA GLY C 502 -16.78 -26.07 10.32
C GLY C 502 -16.53 -25.87 11.80
N VAL C 503 -16.09 -24.68 12.17
CA VAL C 503 -15.56 -24.41 13.49
C VAL C 503 -16.33 -23.28 14.19
N ALA C 504 -16.63 -23.48 15.47
CA ALA C 504 -17.24 -22.46 16.29
C ALA C 504 -16.33 -22.13 17.47
N THR C 505 -16.43 -20.92 18.00
CA THR C 505 -15.60 -20.47 19.10
C THR C 505 -16.47 -19.97 20.24
N CYS C 506 -15.99 -20.15 21.48
CA CYS C 506 -16.78 -19.78 22.66
C CYS C 506 -16.64 -18.32 23.10
N PHE C 507 -17.74 -17.78 23.60
CA PHE C 507 -17.79 -16.41 24.11
C PHE C 507 -18.64 -16.39 25.37
N ASN C 508 -18.45 -15.37 26.20
CA ASN C 508 -19.32 -15.20 27.36
C ASN C 508 -20.64 -14.50 26.98
N LYS C 509 -21.56 -14.40 27.92
CA LYS C 509 -22.84 -13.75 27.69
C LYS C 509 -22.91 -12.48 28.52
N GLY C 510 -23.75 -11.53 28.12
CA GLY C 510 -23.98 -10.35 28.94
C GLY C 510 -24.79 -10.71 30.19
N GLY C 511 -24.79 -9.83 31.17
CA GLY C 511 -25.53 -10.06 32.40
C GLY C 511 -25.23 -9.00 33.43
N TYR C 512 -25.62 -9.26 34.68
CA TYR C 512 -25.37 -8.33 35.78
C TYR C 512 -23.87 -8.10 35.98
N GLY C 513 -23.46 -6.84 35.89
CA GLY C 513 -22.08 -6.45 36.10
C GLY C 513 -21.07 -6.97 35.09
N VAL C 514 -21.55 -7.33 33.90
CA VAL C 514 -20.66 -7.75 32.83
C VAL C 514 -20.44 -6.59 31.88
N GLU C 515 -19.26 -5.99 31.94
CA GLU C 515 -18.95 -4.83 31.10
C GLU C 515 -18.83 -5.24 29.65
N ASP C 516 -17.86 -6.10 29.36
CA ASP C 516 -17.56 -6.47 28.00
C ASP C 516 -17.83 -7.95 27.72
N VAL C 517 -18.23 -8.24 26.50
CA VAL C 517 -18.35 -9.62 26.04
C VAL C 517 -17.10 -9.95 25.23
N VAL C 518 -16.39 -11.01 25.63
CA VAL C 518 -15.10 -11.33 25.03
C VAL C 518 -15.01 -12.83 24.73
N ALA C 519 -14.02 -13.22 23.94
CA ALA C 519 -13.73 -14.63 23.76
C ALA C 519 -13.45 -15.26 25.11
N THR C 520 -14.15 -16.34 25.42
CA THR C 520 -14.01 -16.99 26.73
C THR C 520 -13.88 -18.49 26.50
N PRO C 521 -13.00 -19.17 27.28
CA PRO C 521 -12.86 -20.61 27.11
C PRO C 521 -14.18 -21.35 27.30
N CYS C 522 -14.43 -22.33 26.45
CA CYS C 522 -15.70 -23.07 26.47
C CYS C 522 -15.98 -23.69 27.82
N SER C 523 -17.13 -23.35 28.40
CA SER C 523 -17.54 -23.89 29.67
C SER C 523 -19.02 -24.23 29.62
N THR C 524 -19.61 -24.49 30.78
CA THR C 524 -21.04 -24.76 30.86
C THR C 524 -21.84 -23.45 30.84
N ASP C 525 -21.13 -22.33 30.89
CA ASP C 525 -21.79 -21.02 30.91
C ASP C 525 -21.54 -20.20 29.64
N THR C 526 -20.88 -20.81 28.66
CA THR C 526 -20.54 -20.07 27.45
C THR C 526 -21.51 -20.35 26.31
N ARG C 527 -21.45 -19.48 25.31
CA ARG C 527 -22.17 -19.69 24.05
C ARG C 527 -21.13 -19.81 22.96
N TYR C 528 -21.50 -20.44 21.85
CA TYR C 528 -20.60 -20.59 20.72
C TYR C 528 -21.09 -19.83 19.50
N ALA C 529 -20.15 -19.37 18.68
CA ALA C 529 -20.46 -18.75 17.40
C ALA C 529 -19.46 -19.27 16.36
N TYR C 530 -19.95 -19.57 15.17
CA TYR C 530 -19.09 -20.07 14.11
C TYR C 530 -18.20 -18.99 13.55
N ILE C 531 -17.00 -19.37 13.11
CA ILE C 531 -16.14 -18.43 12.42
C ILE C 531 -16.78 -18.14 11.06
N GLN C 532 -16.39 -17.04 10.42
CA GLN C 532 -16.96 -16.70 9.12
C GLN C 532 -15.86 -16.39 8.11
N ASP C 533 -15.45 -17.40 7.37
CA ASP C 533 -14.45 -17.20 6.32
C ASP C 533 -14.84 -17.93 5.04
N GLN C 534 -13.98 -17.88 4.03
CA GLN C 534 -14.26 -18.60 2.80
C GLN C 534 -13.45 -19.89 2.80
N PRO C 535 -14.07 -20.99 2.32
CA PRO C 535 -13.38 -22.28 2.26
C PRO C 535 -12.09 -22.17 1.44
N PHE C 536 -11.04 -22.87 1.86
CA PHE C 536 -9.79 -22.85 1.13
C PHE C 536 -9.89 -23.80 -0.06
N ARG C 537 -9.88 -23.24 -1.26
CA ARG C 537 -10.06 -24.04 -2.47
C ARG C 537 -8.86 -23.93 -3.40
N PHE C 538 -8.43 -25.08 -3.95
CA PHE C 538 -7.34 -25.12 -4.92
C PHE C 538 -7.41 -26.36 -5.79
N LYS C 539 -6.67 -26.35 -6.91
CA LYS C 539 -6.58 -27.51 -7.77
C LYS C 539 -5.31 -28.30 -7.41
N TRP C 540 -5.47 -29.60 -7.15
CA TRP C 540 -4.37 -30.44 -6.65
C TRP C 540 -3.34 -30.74 -7.74
N ASN C 541 -2.07 -30.43 -7.45
CA ASN C 541 -0.99 -30.69 -8.40
C ASN C 541 0.16 -31.52 -7.80
N GLY C 542 0.08 -31.79 -6.51
CA GLY C 542 1.07 -32.61 -5.83
C GLY C 542 2.22 -31.82 -5.24
N THR C 543 2.25 -30.53 -5.50
CA THR C 543 3.38 -29.68 -5.10
C THR C 543 2.98 -28.51 -4.20
N ASP C 544 2.02 -27.71 -4.67
CA ASP C 544 1.60 -26.52 -3.92
C ASP C 544 0.10 -26.28 -4.00
N THR C 545 -0.34 -25.22 -3.32
CA THR C 545 -1.75 -24.85 -3.30
C THR C 545 -1.97 -23.48 -3.93
N ASN C 546 -1.27 -23.21 -5.04
CA ASN C 546 -1.31 -21.91 -5.69
C ASN C 546 -2.18 -21.86 -6.95
N SER C 547 -2.51 -23.04 -7.49
CA SER C 547 -3.38 -23.13 -8.65
C SER C 547 -4.84 -23.07 -8.23
N ALA C 548 -5.62 -22.23 -8.90
CA ALA C 548 -7.03 -22.04 -8.54
C ALA C 548 -7.90 -23.22 -8.99
N ALA C 549 -8.94 -23.51 -8.20
CA ALA C 549 -9.88 -24.56 -8.57
C ALA C 549 -10.97 -24.03 -9.50
N GLU C 550 -11.60 -24.93 -10.24
CA GLU C 550 -12.69 -24.56 -11.13
C GLU C 550 -13.92 -24.16 -10.30
N LYS C 551 -14.52 -23.02 -10.61
CA LYS C 551 -15.70 -22.57 -9.87
C LYS C 551 -16.91 -23.46 -10.16
N ARG C 552 -17.77 -23.66 -9.16
CA ARG C 552 -19.02 -24.40 -9.36
C ARG C 552 -20.03 -23.45 -9.99
N ARG C 553 -21.02 -23.99 -10.69
CA ARG C 553 -22.07 -23.18 -11.30
C ARG C 553 -22.79 -22.36 -10.24
N ALA C 554 -23.22 -21.15 -10.60
CA ALA C 554 -23.97 -20.31 -9.65
C ALA C 554 -25.37 -20.87 -9.48
N ILE C 555 -25.77 -21.09 -8.23
CA ILE C 555 -27.11 -21.63 -7.94
C ILE C 555 -27.92 -20.72 -7.03
N ILE C 556 -27.41 -20.50 -5.82
CA ILE C 556 -28.10 -19.63 -4.87
C ILE C 556 -27.22 -18.43 -4.49
N ASP C 557 -27.86 -17.29 -4.24
CA ASP C 557 -27.14 -16.12 -3.75
C ASP C 557 -27.18 -16.12 -2.22
N THR C 558 -26.05 -16.44 -1.60
CA THR C 558 -25.95 -16.56 -0.14
C THR C 558 -26.29 -15.26 0.57
N ALA C 559 -26.19 -14.15 -0.13
CA ALA C 559 -26.57 -12.86 0.43
C ALA C 559 -28.06 -12.86 0.76
N LYS C 560 -28.84 -13.55 -0.07
CA LYS C 560 -30.28 -13.64 0.15
C LYS C 560 -30.61 -14.39 1.43
N CYS C 561 -29.99 -15.55 1.64
CA CYS C 561 -30.14 -16.30 2.88
C CYS C 561 -29.88 -15.38 4.07
N SER C 562 -28.74 -14.69 4.02
CA SER C 562 -28.29 -13.89 5.14
C SER C 562 -29.19 -12.68 5.42
N GLY C 563 -29.83 -12.18 4.38
CA GLY C 563 -30.79 -11.09 4.54
C GLY C 563 -31.91 -11.48 5.50
N CYS C 564 -32.31 -12.74 5.47
CA CYS C 564 -33.38 -13.22 6.33
C CYS C 564 -32.84 -13.83 7.62
N HIS C 565 -31.76 -14.59 7.51
CA HIS C 565 -31.25 -15.41 8.62
C HIS C 565 -30.17 -14.73 9.47
N ASN C 566 -29.66 -13.60 8.98
CA ASN C 566 -28.62 -12.83 9.65
C ASN C 566 -27.25 -13.52 9.78
N LYS C 567 -26.84 -13.84 11.00
CA LYS C 567 -25.49 -14.36 11.23
C LYS C 567 -25.35 -15.85 10.97
N GLU C 568 -26.32 -16.62 11.42
CA GLU C 568 -26.29 -18.08 11.30
C GLU C 568 -27.66 -18.61 10.90
N ILE C 569 -27.69 -19.83 10.35
CA ILE C 569 -28.92 -20.38 9.80
C ILE C 569 -29.46 -21.58 10.60
N VAL C 570 -28.63 -22.61 10.79
CA VAL C 570 -29.05 -23.76 11.58
C VAL C 570 -27.89 -24.51 12.26
N HIS C 571 -26.90 -24.93 11.47
CA HIS C 571 -25.74 -25.61 12.04
C HIS C 571 -24.57 -25.53 11.06
N TYR C 572 -23.36 -25.71 11.59
CA TYR C 572 -22.13 -25.54 10.79
C TYR C 572 -22.19 -24.26 10.00
N ASP C 573 -22.40 -23.16 10.69
CA ASP C 573 -22.70 -21.88 10.05
C ASP C 573 -21.45 -21.02 9.79
N ASN C 574 -20.44 -21.63 9.19
CA ASN C 574 -19.32 -20.88 8.63
C ASN C 574 -19.72 -20.52 7.21
N GLY C 575 -20.45 -19.41 7.08
CA GLY C 575 -21.06 -19.05 5.81
C GLY C 575 -22.04 -20.13 5.38
N VAL C 576 -22.32 -20.17 4.08
CA VAL C 576 -23.26 -21.15 3.55
C VAL C 576 -22.55 -22.16 2.65
N ASN C 577 -22.02 -23.22 3.26
CA ASN C 577 -21.30 -24.27 2.53
C ASN C 577 -22.01 -25.61 2.69
N CYS C 578 -23.32 -25.57 2.85
CA CYS C 578 -24.14 -26.76 3.15
C CYS C 578 -24.00 -27.89 2.15
N GLN C 579 -23.66 -27.55 0.90
CA GLN C 579 -23.60 -28.54 -0.17
C GLN C 579 -22.41 -29.49 -0.02
N ALA C 580 -21.46 -29.12 0.85
CA ALA C 580 -20.31 -29.97 1.13
C ALA C 580 -20.70 -31.24 1.89
N CYS C 581 -21.79 -31.17 2.66
CA CYS C 581 -22.29 -32.34 3.37
C CYS C 581 -23.59 -32.85 2.76
N HIS C 582 -24.50 -31.93 2.47
CA HIS C 582 -25.82 -32.30 1.99
C HIS C 582 -25.85 -32.53 0.47
N THR C 583 -25.22 -33.62 0.05
CA THR C 583 -25.13 -33.99 -1.35
C THR C 583 -26.46 -34.58 -1.86
N PRO C 584 -26.72 -34.48 -3.17
CA PRO C 584 -27.96 -35.00 -3.76
C PRO C 584 -28.12 -36.51 -3.63
N ASP C 585 -27.05 -37.22 -3.27
CA ASP C 585 -27.12 -38.67 -3.11
C ASP C 585 -26.97 -39.08 -1.65
N LYS C 586 -27.21 -38.14 -0.74
CA LYS C 586 -27.07 -38.40 0.69
C LYS C 586 -28.20 -39.31 1.16
N GLY C 587 -27.92 -40.15 2.16
CA GLY C 587 -28.88 -41.10 2.67
C GLY C 587 -30.21 -40.50 3.06
N LEU C 588 -31.26 -41.31 3.07
CA LEU C 588 -32.62 -40.85 3.35
C LEU C 588 -32.90 -40.77 4.86
N LYS C 589 -33.73 -39.81 5.27
CA LYS C 589 -34.17 -39.70 6.67
C LYS C 589 -35.61 -40.18 6.81
N THR C 590 -35.94 -40.74 7.97
CA THR C 590 -37.30 -41.18 8.26
C THR C 590 -38.22 -40.03 8.69
N ASP C 591 -39.28 -39.80 7.91
CA ASP C 591 -40.33 -38.84 8.27
C ASP C 591 -41.71 -39.51 8.21
N ASN C 592 -42.28 -39.79 9.38
CA ASN C 592 -43.55 -40.52 9.46
C ASN C 592 -44.76 -39.82 8.85
N THR C 593 -44.62 -38.53 8.55
CA THR C 593 -45.71 -37.74 7.97
C THR C 593 -45.65 -37.70 6.45
N TYR C 594 -44.69 -38.44 5.89
CA TYR C 594 -44.46 -38.42 4.45
C TYR C 594 -44.76 -39.79 3.86
N PRO C 595 -45.39 -39.82 2.68
CA PRO C 595 -45.68 -41.11 2.03
C PRO C 595 -44.41 -41.90 1.76
N GLY C 596 -44.34 -43.11 2.30
CA GLY C 596 -43.15 -43.94 2.18
C GLY C 596 -42.32 -43.86 3.44
N THR C 597 -42.58 -42.83 4.24
CA THR C 597 -41.90 -42.59 5.52
C THR C 597 -40.40 -42.29 5.38
N LYS C 598 -39.95 -41.99 4.18
CA LYS C 598 -38.54 -41.66 3.95
C LYS C 598 -38.36 -40.50 2.96
N VAL C 599 -37.59 -39.50 3.39
CA VAL C 599 -37.36 -38.28 2.63
C VAL C 599 -35.89 -38.09 2.30
N PRO C 600 -35.58 -37.29 1.26
CA PRO C 600 -34.18 -36.97 0.95
C PRO C 600 -33.55 -36.09 2.03
N THR C 601 -32.24 -35.91 1.97
CA THR C 601 -31.55 -35.03 2.92
C THR C 601 -30.56 -34.12 2.20
N SER C 602 -30.82 -33.86 0.92
CA SER C 602 -29.95 -32.99 0.13
C SER C 602 -30.12 -31.54 0.53
N PHE C 603 -29.15 -30.69 0.15
CA PHE C 603 -29.21 -29.26 0.42
C PHE C 603 -30.47 -28.67 -0.23
N ALA C 604 -30.66 -29.00 -1.51
CA ALA C 604 -31.86 -28.56 -2.23
C ALA C 604 -33.13 -28.93 -1.48
N TRP C 605 -33.16 -30.14 -0.91
CA TRP C 605 -34.33 -30.57 -0.14
C TRP C 605 -34.51 -29.73 1.11
N LYS C 606 -33.44 -29.53 1.86
CA LYS C 606 -33.51 -28.78 3.11
C LYS C 606 -34.06 -27.36 2.90
N ALA C 607 -33.71 -26.74 1.77
CA ALA C 607 -34.14 -25.38 1.50
C ALA C 607 -35.51 -25.31 0.84
N HIS C 608 -35.77 -26.20 -0.11
CA HIS C 608 -37.04 -26.19 -0.82
C HIS C 608 -38.20 -26.62 0.07
N GLU C 609 -37.91 -27.48 1.04
CA GLU C 609 -38.97 -28.10 1.82
C GLU C 609 -39.07 -27.56 3.26
N SER C 610 -38.29 -26.54 3.58
CA SER C 610 -38.37 -25.92 4.90
C SER C 610 -39.71 -25.20 5.07
N GLU C 611 -40.29 -25.33 6.26
CA GLU C 611 -41.63 -24.80 6.51
C GLU C 611 -41.69 -23.27 6.38
N GLY C 612 -40.62 -22.60 6.81
CA GLY C 612 -40.59 -21.16 6.80
C GLY C 612 -40.41 -20.53 5.42
N HIS C 613 -40.17 -21.37 4.42
CA HIS C 613 -39.95 -20.88 3.07
C HIS C 613 -41.22 -20.92 2.24
N TYR C 614 -42.31 -21.30 2.88
CA TYR C 614 -43.62 -21.37 2.23
C TYR C 614 -44.70 -21.07 3.26
N LEU C 615 -44.94 -19.78 3.51
CA LEU C 615 -45.86 -19.36 4.57
C LEU C 615 -47.26 -19.11 4.02
N LYS C 616 -47.72 -20.00 3.14
CA LYS C 616 -49.08 -19.93 2.61
C LYS C 616 -50.07 -20.55 3.60
N TYR C 617 -49.72 -21.72 4.13
CA TYR C 617 -50.55 -22.40 5.12
C TYR C 617 -49.86 -22.46 6.48
N ALA C 618 -48.59 -22.08 6.49
CA ALA C 618 -47.81 -22.10 7.74
C ALA C 618 -47.74 -20.71 8.36
N GLY C 619 -47.31 -20.63 9.61
CA GLY C 619 -47.26 -19.38 10.35
C GLY C 619 -48.64 -18.75 10.45
N VAL C 620 -48.72 -17.46 10.20
CA VAL C 620 -50.02 -16.79 10.19
C VAL C 620 -50.58 -16.68 8.77
N GLN C 621 -50.01 -17.47 7.86
CA GLN C 621 -50.51 -17.59 6.49
C GLN C 621 -50.58 -16.24 5.76
N SER C 622 -49.45 -15.55 5.73
CA SER C 622 -49.39 -14.20 5.17
C SER C 622 -48.73 -14.20 3.80
N GLY C 623 -48.11 -15.32 3.44
CA GLY C 623 -47.33 -15.40 2.21
C GLY C 623 -46.11 -14.51 2.25
N THR C 624 -45.53 -14.36 3.44
CA THR C 624 -44.35 -13.53 3.64
C THR C 624 -43.15 -14.07 2.87
N VAL C 625 -42.98 -15.39 2.93
CA VAL C 625 -41.97 -16.09 2.15
C VAL C 625 -42.64 -17.18 1.33
N LEU C 626 -42.55 -17.07 0.01
CA LEU C 626 -43.13 -18.08 -0.88
C LEU C 626 -42.06 -18.75 -1.73
N LYS C 627 -41.89 -20.07 -1.54
CA LYS C 627 -40.89 -20.83 -2.28
C LYS C 627 -41.16 -20.87 -3.79
N THR C 628 -42.35 -20.44 -4.19
CA THR C 628 -42.71 -20.41 -5.60
C THR C 628 -42.03 -19.26 -6.32
N ASP C 629 -41.53 -18.31 -5.55
CA ASP C 629 -40.72 -17.23 -6.11
C ASP C 629 -39.27 -17.66 -6.02
N CYS C 630 -38.76 -18.23 -7.11
CA CYS C 630 -37.43 -18.83 -7.10
C CYS C 630 -36.33 -17.79 -6.88
N ALA C 631 -36.63 -16.53 -7.18
CA ALA C 631 -35.65 -15.46 -7.02
C ALA C 631 -35.46 -15.07 -5.56
N THR C 632 -36.16 -15.77 -4.67
CA THR C 632 -36.02 -15.54 -3.24
C THR C 632 -34.66 -16.01 -2.75
N CYS C 633 -34.17 -17.09 -3.35
CA CYS C 633 -32.89 -17.66 -2.95
C CYS C 633 -31.89 -17.80 -4.09
N HIS C 634 -32.39 -18.04 -5.30
CA HIS C 634 -31.51 -18.31 -6.43
C HIS C 634 -30.86 -17.06 -7.03
N THR C 635 -29.72 -17.29 -7.69
CA THR C 635 -28.97 -16.23 -8.34
C THR C 635 -29.76 -15.67 -9.52
N ALA C 636 -29.67 -14.35 -9.71
CA ALA C 636 -30.32 -13.69 -10.84
C ALA C 636 -29.44 -12.56 -11.36
N ASP C 637 -29.46 -12.34 -12.68
CA ASP C 637 -28.66 -11.27 -13.28
C ASP C 637 -29.32 -9.91 -13.09
N LYS C 638 -28.70 -8.88 -13.65
CA LYS C 638 -29.21 -7.51 -13.51
C LYS C 638 -30.46 -7.31 -14.37
N SER C 639 -30.70 -8.22 -15.30
CA SER C 639 -31.92 -8.22 -16.09
C SER C 639 -33.00 -9.06 -15.41
N ASN C 640 -32.76 -9.41 -14.15
CA ASN C 640 -33.68 -10.20 -13.34
C ASN C 640 -34.06 -11.56 -13.94
N VAL C 641 -33.10 -12.19 -14.61
CA VAL C 641 -33.26 -13.57 -15.08
C VAL C 641 -32.64 -14.52 -14.05
N VAL C 642 -33.46 -15.41 -13.50
CA VAL C 642 -33.03 -16.31 -12.44
C VAL C 642 -32.11 -17.41 -13.00
N THR C 643 -30.86 -17.04 -13.26
CA THR C 643 -29.88 -17.95 -13.86
C THR C 643 -29.51 -19.10 -12.94
N GLY C 644 -29.88 -19.00 -11.66
CA GLY C 644 -29.56 -20.00 -10.68
C GLY C 644 -30.41 -21.25 -10.76
N ILE C 645 -31.53 -21.17 -11.49
CA ILE C 645 -32.39 -22.35 -11.66
C ILE C 645 -32.27 -22.96 -13.05
N ALA C 646 -31.25 -22.55 -13.80
CA ALA C 646 -30.99 -23.08 -15.13
C ALA C 646 -30.73 -24.59 -15.12
N LEU C 647 -31.44 -25.31 -15.97
CA LEU C 647 -31.36 -26.78 -16.01
C LEU C 647 -30.26 -27.28 -16.95
N GLY C 648 -29.97 -28.57 -16.86
CA GLY C 648 -28.99 -29.21 -17.72
C GLY C 648 -27.58 -28.71 -17.53
N ARG C 649 -27.25 -28.27 -16.32
CA ARG C 649 -25.90 -27.78 -16.02
C ARG C 649 -25.07 -28.79 -15.23
N SER C 650 -25.68 -29.90 -14.86
CA SER C 650 -24.99 -30.98 -14.18
C SER C 650 -25.67 -32.31 -14.46
N PRO C 651 -25.50 -32.83 -15.69
CA PRO C 651 -26.19 -34.07 -16.12
C PRO C 651 -25.67 -35.33 -15.47
N GLU C 652 -24.43 -35.32 -14.98
CA GLU C 652 -23.86 -36.50 -14.30
C GLU C 652 -24.34 -36.66 -12.87
N ARG C 653 -25.26 -35.80 -12.45
CA ARG C 653 -25.79 -35.86 -11.09
C ARG C 653 -26.92 -36.88 -11.00
N ALA C 654 -26.89 -37.68 -9.93
CA ALA C 654 -27.98 -38.60 -9.64
C ALA C 654 -28.53 -38.29 -8.24
N TRP C 655 -29.85 -38.17 -8.14
CA TRP C 655 -30.49 -37.87 -6.88
C TRP C 655 -30.92 -39.14 -6.16
N LEU C 656 -30.94 -39.09 -4.83
CA LEU C 656 -31.39 -40.22 -4.04
C LEU C 656 -32.74 -39.94 -3.39
N TYR C 657 -33.74 -40.73 -3.76
CA TYR C 657 -35.09 -40.55 -3.23
C TYR C 657 -35.63 -41.85 -2.64
N GLY C 658 -36.86 -41.81 -2.11
CA GLY C 658 -37.54 -43.02 -1.70
C GLY C 658 -38.83 -43.18 -2.50
N ASP C 659 -39.18 -44.42 -2.81
CA ASP C 659 -40.44 -44.67 -3.50
C ASP C 659 -41.62 -44.46 -2.52
N ILE C 660 -42.47 -43.49 -2.85
CA ILE C 660 -43.60 -43.14 -1.99
C ILE C 660 -44.66 -44.24 -1.98
N LYS C 661 -44.71 -45.00 -3.07
CA LYS C 661 -45.59 -46.16 -3.16
C LYS C 661 -45.12 -47.29 -2.22
N ASN C 662 -43.87 -47.73 -2.38
CA ASN C 662 -43.29 -48.71 -1.46
C ASN C 662 -42.92 -48.09 -0.11
N ASN C 663 -42.27 -48.86 0.76
CA ASN C 663 -41.88 -48.33 2.07
C ASN C 663 -40.66 -47.44 2.00
N GLY C 664 -40.76 -46.38 1.20
CA GLY C 664 -39.66 -45.45 1.00
C GLY C 664 -38.45 -46.09 0.35
N ALA C 665 -38.69 -47.17 -0.39
CA ALA C 665 -37.62 -47.96 -1.01
C ALA C 665 -36.67 -47.07 -1.81
N VAL C 666 -35.38 -47.28 -1.59
CA VAL C 666 -34.34 -46.48 -2.23
C VAL C 666 -34.49 -46.45 -3.75
N ILE C 667 -34.43 -45.25 -4.31
CA ILE C 667 -34.66 -45.08 -5.74
C ILE C 667 -33.81 -43.92 -6.27
N TRP C 668 -33.32 -44.04 -7.49
CA TRP C 668 -32.43 -43.02 -8.02
C TRP C 668 -33.11 -42.21 -9.12
N VAL C 669 -32.98 -40.89 -9.03
CA VAL C 669 -33.60 -40.00 -9.98
C VAL C 669 -32.50 -39.23 -10.73
N SER C 670 -32.79 -38.85 -11.98
CA SER C 670 -31.85 -38.12 -12.83
C SER C 670 -31.79 -36.63 -12.49
N SER C 671 -30.86 -35.93 -13.12
CA SER C 671 -30.44 -34.60 -12.66
C SER C 671 -31.54 -33.55 -12.48
N ASP C 672 -32.05 -32.99 -13.57
CA ASP C 672 -33.07 -31.94 -13.43
C ASP C 672 -34.36 -32.49 -12.81
N ALA C 673 -34.64 -33.77 -13.06
CA ALA C 673 -35.84 -34.41 -12.53
C ALA C 673 -35.83 -34.43 -11.00
N GLY C 674 -34.67 -34.72 -10.42
CA GLY C 674 -34.52 -34.73 -8.97
C GLY C 674 -34.71 -33.36 -8.35
N ALA C 675 -34.25 -32.33 -9.05
CA ALA C 675 -34.41 -30.96 -8.57
C ALA C 675 -35.89 -30.59 -8.53
N CYS C 676 -36.64 -31.09 -9.52
CA CYS C 676 -38.08 -30.84 -9.57
C CYS C 676 -38.81 -31.60 -8.47
N LEU C 677 -38.33 -32.80 -8.16
CA LEU C 677 -38.97 -33.64 -7.16
C LEU C 677 -38.65 -33.19 -5.73
N SER C 678 -37.89 -32.11 -5.61
CA SER C 678 -37.64 -31.51 -4.30
C SER C 678 -38.94 -30.95 -3.73
N CYS C 679 -39.87 -30.61 -4.62
CA CYS C 679 -41.18 -30.10 -4.20
C CYS C 679 -42.32 -30.91 -4.81
N HIS C 680 -42.10 -31.44 -6.01
CA HIS C 680 -43.18 -32.05 -6.77
C HIS C 680 -43.38 -33.54 -6.55
N GLN C 681 -42.48 -34.18 -5.80
CA GLN C 681 -42.51 -35.64 -5.66
C GLN C 681 -43.78 -36.16 -4.98
N LYS C 682 -44.28 -35.40 -4.01
CA LYS C 682 -45.39 -35.86 -3.18
C LYS C 682 -46.72 -35.95 -3.93
N TYR C 683 -47.00 -34.95 -4.75
CA TYR C 683 -48.27 -34.91 -5.48
C TYR C 683 -48.07 -35.11 -6.99
N LEU C 684 -47.05 -35.88 -7.35
CA LEU C 684 -46.69 -36.08 -8.76
C LEU C 684 -47.76 -36.89 -9.48
N SER C 685 -48.37 -36.30 -10.50
CA SER C 685 -49.38 -37.01 -11.30
C SER C 685 -48.74 -38.00 -12.26
N ASP C 686 -49.48 -39.06 -12.58
CA ASP C 686 -48.99 -40.10 -13.48
C ASP C 686 -48.72 -39.50 -14.86
N ALA C 687 -49.45 -38.44 -15.19
CA ALA C 687 -49.20 -37.70 -16.43
C ALA C 687 -47.85 -37.02 -16.38
N ALA C 688 -47.54 -36.44 -15.22
CA ALA C 688 -46.28 -35.72 -15.03
C ALA C 688 -45.08 -36.66 -15.16
N LYS C 689 -45.21 -37.86 -14.60
CA LYS C 689 -44.16 -38.88 -14.71
C LYS C 689 -43.91 -39.22 -16.17
N SER C 690 -44.98 -39.41 -16.92
CA SER C 690 -44.89 -39.72 -18.34
C SER C 690 -44.31 -38.55 -19.11
N HIS C 691 -44.62 -37.33 -18.68
CA HIS C 691 -44.06 -36.14 -19.30
C HIS C 691 -42.53 -36.13 -19.14
N ILE C 692 -42.09 -36.41 -17.91
CA ILE C 692 -40.67 -36.46 -17.59
C ILE C 692 -39.94 -37.59 -18.33
N GLU C 693 -40.44 -38.82 -18.17
CA GLU C 693 -39.84 -40.01 -18.76
C GLU C 693 -39.71 -39.92 -20.29
N THR C 694 -40.78 -39.45 -20.93
CA THR C 694 -40.79 -39.31 -22.39
C THR C 694 -40.03 -38.06 -22.84
N ASN C 695 -39.30 -37.45 -21.91
CA ASN C 695 -38.44 -36.32 -22.25
C ASN C 695 -36.97 -36.58 -21.92
N GLY C 696 -36.70 -37.65 -21.18
CA GLY C 696 -35.32 -38.05 -20.90
C GLY C 696 -35.06 -38.28 -19.43
N GLY C 697 -36.08 -38.07 -18.61
CA GLY C 697 -35.96 -38.20 -17.16
C GLY C 697 -36.16 -39.62 -16.67
N ILE C 698 -35.50 -39.96 -15.56
CA ILE C 698 -35.59 -41.28 -14.96
C ILE C 698 -36.02 -41.20 -13.50
N LEU C 699 -37.06 -41.95 -13.15
CA LEU C 699 -37.61 -41.96 -11.81
C LEU C 699 -37.60 -43.38 -11.26
N ASN C 700 -36.78 -44.25 -11.86
CA ASN C 700 -36.70 -45.65 -11.44
C ASN C 700 -35.30 -46.26 -11.54
N GLY C 701 -34.33 -45.61 -10.90
CA GLY C 701 -32.96 -46.07 -10.93
C GLY C 701 -32.62 -47.01 -9.79
N THR C 702 -31.63 -47.85 -10.03
CA THR C 702 -31.17 -48.79 -9.00
C THR C 702 -29.81 -48.36 -8.48
N SER C 703 -29.20 -47.41 -9.19
CA SER C 703 -27.89 -46.90 -8.83
C SER C 703 -27.63 -45.61 -9.60
N ALA C 704 -26.52 -44.95 -9.27
CA ALA C 704 -26.15 -43.73 -9.99
C ALA C 704 -25.83 -44.04 -11.44
N ALA C 705 -25.11 -45.14 -11.66
CA ALA C 705 -24.73 -45.55 -13.01
C ALA C 705 -25.97 -45.89 -13.85
N ASP C 706 -26.95 -46.53 -13.20
CA ASP C 706 -28.22 -46.87 -13.83
C ASP C 706 -28.82 -45.59 -14.46
N VAL C 707 -28.88 -44.53 -13.68
CA VAL C 707 -29.36 -43.24 -14.15
C VAL C 707 -28.44 -42.66 -15.22
N GLN C 708 -27.12 -42.73 -14.97
CA GLN C 708 -26.12 -42.18 -15.88
C GLN C 708 -26.30 -42.64 -17.32
N THR C 709 -26.44 -43.94 -17.48
CA THR C 709 -26.51 -44.54 -18.80
C THR C 709 -27.84 -44.29 -19.54
N ARG C 710 -28.94 -44.28 -18.79
CA ARG C 710 -30.29 -44.19 -19.37
C ARG C 710 -30.83 -42.76 -19.48
N ALA C 711 -29.98 -41.76 -19.25
CA ALA C 711 -30.45 -40.37 -19.21
C ALA C 711 -30.19 -39.57 -20.48
N SER C 712 -31.18 -38.76 -20.85
CA SER C 712 -31.04 -37.81 -21.96
C SER C 712 -32.04 -36.68 -21.77
N GLU C 713 -31.80 -35.86 -20.76
CA GLU C 713 -32.73 -34.79 -20.44
C GLU C 713 -32.50 -33.55 -21.29
N SER C 714 -33.57 -33.10 -21.93
CA SER C 714 -33.54 -31.87 -22.71
C SER C 714 -34.52 -30.89 -22.09
N CYS C 715 -34.56 -30.86 -20.75
CA CYS C 715 -35.51 -30.01 -20.03
C CYS C 715 -35.26 -28.53 -20.26
N ALA C 716 -33.99 -28.17 -20.41
CA ALA C 716 -33.61 -26.76 -20.55
C ALA C 716 -34.11 -26.13 -21.84
N THR C 717 -34.50 -26.96 -22.79
CA THR C 717 -35.03 -26.47 -24.06
C THR C 717 -36.37 -25.75 -23.86
N CYS C 718 -37.25 -26.35 -23.07
CA CYS C 718 -38.57 -25.76 -22.79
C CYS C 718 -38.62 -25.07 -21.43
N HIS C 719 -38.24 -25.80 -20.38
CA HIS C 719 -38.23 -25.25 -19.03
C HIS C 719 -37.07 -24.30 -18.81
N THR C 720 -37.20 -23.08 -19.33
CA THR C 720 -36.19 -22.05 -19.14
C THR C 720 -36.42 -21.36 -17.80
N PRO C 721 -35.37 -20.71 -17.27
CA PRO C 721 -35.48 -19.93 -16.03
C PRO C 721 -36.66 -18.96 -16.05
N SER C 722 -36.92 -18.36 -17.21
CA SER C 722 -38.01 -17.41 -17.35
C SER C 722 -39.37 -18.11 -17.42
N GLN C 723 -39.39 -19.28 -18.04
CA GLN C 723 -40.62 -20.07 -18.14
C GLN C 723 -40.95 -20.71 -16.78
N LEU C 724 -39.92 -20.99 -16.00
CA LEU C 724 -40.10 -21.58 -14.67
C LEU C 724 -40.69 -20.56 -13.69
N MET C 725 -40.25 -19.31 -13.79
CA MET C 725 -40.80 -18.24 -12.97
C MET C 725 -42.26 -17.98 -13.31
N GLU C 726 -42.56 -17.86 -14.60
CA GLU C 726 -43.91 -17.60 -15.06
C GLU C 726 -44.85 -18.73 -14.66
N ALA C 727 -44.36 -19.96 -14.73
CA ALA C 727 -45.17 -21.12 -14.37
C ALA C 727 -45.44 -21.21 -12.88
N HIS C 728 -44.66 -20.48 -12.09
CA HIS C 728 -44.82 -20.54 -10.64
C HIS C 728 -45.49 -19.31 -10.06
N GLY C 729 -45.98 -18.43 -10.93
CA GLY C 729 -46.81 -17.32 -10.51
C GLY C 729 -46.13 -15.95 -10.52
N ASN C 730 -44.97 -15.84 -11.14
CA ASN C 730 -44.24 -14.57 -11.14
C ASN C 730 -44.27 -13.89 -12.49
N VAL D 38 -12.28 -13.14 109.53
CA VAL D 38 -13.32 -12.56 108.70
C VAL D 38 -12.70 -11.87 107.48
N GLY D 39 -12.58 -12.62 106.39
CA GLY D 39 -12.14 -12.10 105.11
C GLY D 39 -10.73 -11.55 105.01
N VAL D 40 -10.35 -11.15 103.80
CA VAL D 40 -9.01 -10.59 103.54
C VAL D 40 -9.10 -9.17 102.97
N ASN D 41 -8.02 -8.40 103.10
CA ASN D 41 -8.01 -7.02 102.63
C ASN D 41 -7.79 -6.90 101.11
N ILE D 42 -8.46 -5.94 100.49
CA ILE D 42 -8.45 -5.79 99.03
C ILE D 42 -7.08 -5.41 98.47
N ASN D 43 -6.30 -4.67 99.25
CA ASN D 43 -5.02 -4.17 98.74
C ASN D 43 -4.00 -5.28 98.55
N SER D 44 -4.19 -6.39 99.26
CA SER D 44 -3.19 -7.46 99.25
C SER D 44 -3.72 -8.81 98.74
N THR D 45 -4.89 -8.80 98.12
CA THR D 45 -5.44 -10.01 97.53
C THR D 45 -4.87 -10.23 96.11
N SER D 46 -4.38 -11.43 95.84
CA SER D 46 -3.80 -11.71 94.52
C SER D 46 -4.90 -12.06 93.53
N THR D 47 -6.07 -12.39 94.06
CA THR D 47 -7.23 -12.76 93.26
C THR D 47 -8.46 -12.01 93.75
N LEU D 48 -9.35 -11.68 92.82
CA LEU D 48 -10.61 -11.02 93.17
C LEU D 48 -11.71 -11.32 92.16
N LYS D 49 -12.90 -11.63 92.66
CA LYS D 49 -14.07 -11.90 91.81
C LYS D 49 -15.23 -11.05 92.30
N ALA D 50 -15.81 -10.26 91.40
CA ALA D 50 -16.92 -9.38 91.76
C ALA D 50 -18.25 -9.94 91.23
N LYS D 51 -19.32 -9.89 92.04
CA LYS D 51 -20.63 -10.36 91.64
C LYS D 51 -21.79 -9.47 92.13
N PHE D 52 -22.62 -8.98 91.20
CA PHE D 52 -23.83 -8.26 91.57
C PHE D 52 -24.89 -9.19 92.16
N THR D 53 -25.66 -8.68 93.13
CA THR D 53 -26.71 -9.49 93.76
C THR D 53 -28.10 -8.90 93.49
N ASN D 54 -28.28 -7.63 93.81
CA ASN D 54 -29.55 -6.96 93.52
C ASN D 54 -29.31 -5.60 92.86
N ALA D 55 -30.38 -5.02 92.32
CA ALA D 55 -30.34 -3.65 91.83
C ALA D 55 -31.76 -3.11 91.86
N THR D 56 -31.91 -1.87 92.32
CA THR D 56 -33.22 -1.23 92.37
C THR D 56 -33.17 0.16 91.76
N VAL D 57 -34.29 0.62 91.23
CA VAL D 57 -34.41 1.99 90.75
C VAL D 57 -35.54 2.68 91.50
N ASP D 58 -35.29 3.89 91.96
CA ASP D 58 -36.28 4.65 92.70
C ASP D 58 -36.24 6.10 92.25
N ALA D 59 -37.22 6.50 91.45
CA ALA D 59 -37.30 7.85 90.91
C ALA D 59 -36.03 8.25 90.18
N GLY D 60 -35.40 7.28 89.52
CA GLY D 60 -34.19 7.52 88.77
C GLY D 60 -32.92 7.21 89.55
N LYS D 61 -33.08 6.99 90.85
CA LYS D 61 -31.94 6.66 91.71
C LYS D 61 -31.67 5.16 91.66
N VAL D 62 -30.51 4.79 91.13
CA VAL D 62 -30.16 3.39 90.99
C VAL D 62 -29.28 2.97 92.15
N THR D 63 -29.62 1.85 92.78
CA THR D 63 -28.80 1.30 93.85
C THR D 63 -28.47 -0.15 93.53
N VAL D 64 -27.17 -0.49 93.55
CA VAL D 64 -26.75 -1.87 93.27
C VAL D 64 -26.10 -2.50 94.49
N ASN D 65 -26.18 -3.83 94.56
CA ASN D 65 -25.53 -4.59 95.62
C ASN D 65 -24.59 -5.61 95.02
N PHE D 66 -23.42 -5.76 95.62
CA PHE D 66 -22.44 -6.69 95.11
C PHE D 66 -21.51 -7.27 96.17
N THR D 67 -20.91 -8.41 95.86
CA THR D 67 -19.98 -9.07 96.76
C THR D 67 -18.59 -9.18 96.12
N LEU D 68 -17.56 -9.14 96.95
CA LEU D 68 -16.19 -9.36 96.50
C LEU D 68 -15.62 -10.59 97.21
N GLU D 69 -14.86 -11.40 96.47
CA GLU D 69 -14.24 -12.60 97.04
C GLU D 69 -12.97 -12.96 96.28
N ASN D 70 -12.14 -13.81 96.88
CA ASN D 70 -10.95 -14.34 96.20
C ASN D 70 -11.24 -15.67 95.50
N ALA D 71 -10.19 -16.39 95.12
CA ALA D 71 -10.36 -17.65 94.41
C ALA D 71 -10.92 -18.76 95.30
N ASN D 72 -10.76 -18.60 96.61
CA ASN D 72 -11.22 -19.62 97.56
C ASN D 72 -12.56 -19.29 98.19
N GLY D 73 -13.22 -18.26 97.66
CA GLY D 73 -14.53 -17.86 98.16
C GLY D 73 -14.49 -16.93 99.37
N VAL D 74 -13.28 -16.63 99.85
CA VAL D 74 -13.10 -15.80 101.03
C VAL D 74 -13.45 -14.33 100.77
N ALA D 75 -14.24 -13.74 101.66
CA ALA D 75 -14.70 -12.35 101.51
C ALA D 75 -13.54 -11.36 101.40
N VAL D 76 -13.68 -10.42 100.47
CA VAL D 76 -12.67 -9.38 100.31
C VAL D 76 -13.20 -8.04 100.83
N LEU D 77 -12.50 -7.50 101.82
CA LEU D 77 -12.96 -6.30 102.54
C LEU D 77 -12.07 -5.10 102.24
N GLY D 78 -12.59 -3.90 102.48
CA GLY D 78 -11.78 -2.70 102.41
C GLY D 78 -11.84 -1.93 101.09
N LEU D 79 -12.80 -2.28 100.24
CA LEU D 79 -13.00 -1.53 98.99
C LEU D 79 -13.45 -0.11 99.33
N THR D 80 -12.91 0.86 98.61
CA THR D 80 -13.12 2.26 98.92
C THR D 80 -13.35 3.07 97.64
N LYS D 81 -13.96 4.25 97.78
CA LYS D 81 -14.29 5.09 96.63
C LYS D 81 -13.04 5.61 95.90
N ASP D 82 -11.92 5.64 96.62
CA ASP D 82 -10.69 6.21 96.10
C ASP D 82 -9.81 5.17 95.41
N HIS D 83 -10.23 3.90 95.47
CA HIS D 83 -9.68 2.89 94.58
C HIS D 83 -10.17 3.21 93.17
N ASP D 84 -9.55 2.62 92.16
CA ASP D 84 -9.96 2.91 90.79
C ASP D 84 -11.25 2.16 90.47
N LEU D 85 -12.34 2.61 91.08
CA LEU D 85 -13.62 1.94 91.00
C LEU D 85 -14.61 2.79 90.22
N ARG D 86 -15.12 2.25 89.12
CA ARG D 86 -16.05 2.97 88.27
C ARG D 86 -17.32 2.16 88.01
N PHE D 87 -18.42 2.87 87.76
CA PHE D 87 -19.70 2.22 87.51
C PHE D 87 -20.36 2.77 86.26
N GLY D 88 -21.15 1.93 85.59
CA GLY D 88 -21.90 2.35 84.43
C GLY D 88 -23.33 1.88 84.55
N ILE D 89 -24.22 2.48 83.76
CA ILE D 89 -25.62 2.06 83.74
C ILE D 89 -26.20 2.33 82.35
N ALA D 90 -26.96 1.38 81.83
CA ALA D 90 -27.45 1.48 80.47
C ALA D 90 -28.82 0.82 80.32
N GLN D 91 -29.58 1.26 79.33
CA GLN D 91 -30.86 0.64 79.05
C GLN D 91 -30.81 -0.17 77.75
N LEU D 92 -31.46 -1.33 77.77
CA LEU D 92 -31.63 -2.10 76.54
C LEU D 92 -32.88 -1.59 75.83
N THR D 93 -32.70 -0.54 75.03
CA THR D 93 -33.80 0.21 74.42
C THR D 93 -34.20 -0.32 73.05
N PRO D 94 -35.52 -0.49 72.83
CA PRO D 94 -36.10 -0.77 71.50
C PRO D 94 -35.87 0.43 70.58
N VAL D 95 -35.35 0.19 69.38
CA VAL D 95 -35.02 1.28 68.47
C VAL D 95 -35.68 1.12 67.10
N LYS D 96 -36.28 2.20 66.61
CA LYS D 96 -36.79 2.24 65.24
C LYS D 96 -35.99 3.30 64.49
N GLU D 97 -35.73 3.07 63.21
CA GLU D 97 -35.06 4.08 62.41
C GLU D 97 -35.98 4.57 61.30
N LYS D 98 -36.06 5.88 61.14
CA LYS D 98 -36.89 6.48 60.12
C LYS D 98 -36.12 6.54 58.80
N VAL D 99 -36.24 5.46 58.01
CA VAL D 99 -35.67 5.41 56.67
C VAL D 99 -36.71 5.80 55.62
N GLY D 100 -36.53 6.96 54.99
CA GLY D 100 -37.50 7.47 54.03
C GLY D 100 -38.82 7.84 54.68
N GLU D 101 -39.90 7.20 54.25
CA GLU D 101 -41.24 7.48 54.78
C GLU D 101 -41.72 6.32 55.65
N THR D 102 -40.85 5.34 55.86
CA THR D 102 -41.19 4.17 56.67
C THR D 102 -40.22 3.97 57.83
N GLU D 103 -40.60 3.13 58.78
CA GLU D 103 -39.76 2.83 59.92
C GLU D 103 -39.23 1.40 59.91
N ALA D 104 -37.92 1.26 60.13
CA ALA D 104 -37.28 -0.04 60.22
C ALA D 104 -36.99 -0.39 61.67
N ASP D 105 -37.29 -1.64 62.05
CA ASP D 105 -36.97 -2.12 63.39
C ASP D 105 -35.48 -2.44 63.49
N ARG D 106 -34.81 -1.85 64.47
CA ARG D 106 -33.37 -2.05 64.68
C ARG D 106 -33.10 -2.95 65.89
N GLY D 107 -34.12 -3.63 66.37
CA GLY D 107 -33.98 -4.47 67.54
C GLY D 107 -33.71 -3.65 68.79
N TYR D 108 -32.95 -4.22 69.71
CA TYR D 108 -32.63 -3.55 70.97
C TYR D 108 -31.17 -3.10 71.04
N GLN D 109 -30.96 -1.80 71.24
CA GLN D 109 -29.62 -1.25 71.35
C GLN D 109 -29.32 -0.78 72.77
N TRP D 110 -28.08 -0.94 73.21
CA TRP D 110 -27.67 -0.42 74.51
C TRP D 110 -27.60 1.09 74.48
N GLN D 111 -28.18 1.73 75.49
CA GLN D 111 -28.09 3.18 75.61
C GLN D 111 -27.62 3.51 77.02
N ALA D 112 -26.39 4.02 77.13
CA ALA D 112 -25.85 4.40 78.43
C ALA D 112 -26.44 5.74 78.90
N TYR D 113 -26.61 5.87 80.20
CA TYR D 113 -27.17 7.10 80.77
C TYR D 113 -26.08 8.14 81.01
N ILE D 114 -24.84 7.72 80.87
CA ILE D 114 -23.71 8.63 81.02
C ILE D 114 -23.00 8.78 79.68
N ASN D 115 -23.14 9.94 79.06
CA ASN D 115 -22.45 10.21 77.80
C ASN D 115 -21.76 11.57 77.82
N ALA D 116 -20.89 11.82 76.86
CA ALA D 116 -20.19 13.11 76.78
C ALA D 116 -19.86 13.55 75.36
N LYS D 117 -20.03 14.85 75.11
CA LYS D 117 -19.72 15.45 73.82
C LYS D 117 -18.20 15.55 73.67
N LYS D 118 -17.68 15.04 72.56
CA LYS D 118 -16.25 15.04 72.31
C LYS D 118 -15.93 15.83 71.05
N GLU D 119 -15.00 16.78 71.17
CA GLU D 119 -14.54 17.54 70.02
C GLU D 119 -13.24 16.96 69.53
N PRO D 120 -13.07 16.86 68.20
CA PRO D 120 -11.86 16.30 67.62
C PRO D 120 -10.60 17.02 68.08
N GLY D 121 -9.57 16.26 68.45
CA GLY D 121 -8.32 16.83 68.91
C GLY D 121 -7.50 17.36 67.76
N THR D 122 -6.19 17.45 67.96
CA THR D 122 -5.31 17.97 66.92
C THR D 122 -5.18 16.97 65.77
N VAL D 123 -4.94 17.49 64.56
CA VAL D 123 -4.96 16.66 63.36
C VAL D 123 -3.72 15.78 63.21
N PRO D 124 -3.92 14.46 63.12
CA PRO D 124 -2.83 13.52 62.84
C PRO D 124 -2.19 13.83 61.49
N SER D 125 -0.87 14.01 61.49
CA SER D 125 -0.17 14.48 60.29
C SER D 125 -0.05 13.43 59.20
N GLY D 126 -0.63 13.72 58.03
CA GLY D 126 -0.51 12.86 56.87
C GLY D 126 -1.27 11.56 56.94
N VAL D 127 -2.12 11.40 57.96
CA VAL D 127 -2.91 10.19 58.10
C VAL D 127 -4.19 10.26 57.28
N ASP D 128 -4.40 9.28 56.40
CA ASP D 128 -5.57 9.29 55.53
C ASP D 128 -6.76 8.58 56.17
N ASN D 129 -7.90 8.63 55.48
CA ASN D 129 -9.12 7.90 55.87
C ASN D 129 -9.72 8.38 57.20
N LEU D 130 -9.45 9.63 57.54
CA LEU D 130 -10.00 10.22 58.76
C LEU D 130 -10.98 11.34 58.41
N ASN D 131 -12.17 11.28 58.99
CA ASN D 131 -13.15 12.35 58.80
C ASN D 131 -13.57 12.90 60.16
N PRO D 132 -12.72 13.75 60.76
CA PRO D 132 -12.95 14.28 62.11
C PRO D 132 -14.26 15.04 62.22
N SER D 133 -14.94 14.87 63.35
CA SER D 133 -16.19 15.57 63.62
C SER D 133 -16.50 15.47 65.11
N THR D 134 -17.56 16.15 65.55
CA THR D 134 -17.99 16.07 66.94
C THR D 134 -18.72 14.76 67.19
N GLN D 135 -18.24 13.97 68.15
CA GLN D 135 -18.85 12.68 68.45
C GLN D 135 -19.27 12.58 69.91
N PHE D 136 -20.20 11.68 70.20
CA PHE D 136 -20.58 11.38 71.57
C PHE D 136 -19.83 10.13 72.03
N GLN D 137 -19.59 10.01 73.34
CA GLN D 137 -19.01 8.80 73.89
C GLN D 137 -19.65 8.43 75.23
N ALA D 138 -20.17 7.22 75.32
CA ALA D 138 -20.64 6.68 76.58
C ALA D 138 -19.45 6.54 77.53
N ASN D 139 -19.74 6.35 78.81
CA ASN D 139 -18.69 6.27 79.81
C ASN D 139 -19.20 5.68 81.12
N VAL D 140 -18.27 5.46 82.05
CA VAL D 140 -18.63 5.10 83.41
C VAL D 140 -18.46 6.32 84.30
N GLU D 141 -18.98 6.26 85.52
CA GLU D 141 -18.77 7.33 86.51
C GLU D 141 -17.78 6.87 87.56
N SER D 142 -16.92 7.78 88.02
CA SER D 142 -15.93 7.43 89.05
C SER D 142 -16.53 7.56 90.45
N ALA D 143 -16.36 6.53 91.26
CA ALA D 143 -16.87 6.54 92.62
C ALA D 143 -16.24 7.64 93.50
N ASN D 144 -15.03 8.07 93.15
CA ASN D 144 -14.32 9.06 93.95
C ASN D 144 -14.96 10.45 93.97
N LYS D 145 -15.99 10.64 93.16
CA LYS D 145 -16.73 11.90 93.11
C LYS D 145 -17.82 11.98 94.18
N CYS D 146 -18.13 10.84 94.79
CA CYS D 146 -19.22 10.75 95.76
C CYS D 146 -18.74 10.08 97.04
N ASP D 147 -18.71 10.83 98.13
CA ASP D 147 -18.19 10.33 99.40
C ASP D 147 -19.05 9.28 100.08
N THR D 148 -20.35 9.29 99.80
CA THR D 148 -21.29 8.41 100.51
C THR D 148 -21.99 7.39 99.60
N CYS D 149 -21.68 7.43 98.31
CA CYS D 149 -22.32 6.54 97.33
C CYS D 149 -22.03 5.07 97.60
N LEU D 150 -20.86 4.78 98.16
CA LEU D 150 -20.43 3.40 98.36
C LEU D 150 -20.40 3.02 99.84
N VAL D 151 -20.95 1.84 100.15
CA VAL D 151 -20.99 1.37 101.52
C VAL D 151 -20.40 -0.03 101.67
N ASP D 152 -19.45 -0.17 102.60
CA ASP D 152 -18.81 -1.45 102.92
C ASP D 152 -19.52 -2.07 104.12
N HIS D 153 -20.09 -3.25 103.94
CA HIS D 153 -20.82 -3.91 105.02
C HIS D 153 -19.94 -4.82 105.88
N GLY D 154 -18.63 -4.82 105.60
CA GLY D 154 -17.67 -5.55 106.40
C GLY D 154 -17.77 -7.07 106.36
N ASP D 155 -18.56 -7.60 105.43
CA ASP D 155 -18.72 -9.04 105.31
C ASP D 155 -18.42 -9.52 103.90
N GLY D 156 -17.90 -8.62 103.07
CA GLY D 156 -17.58 -8.95 101.69
C GLY D 156 -18.62 -8.41 100.74
N SER D 157 -19.72 -7.90 101.29
CA SER D 157 -20.78 -7.31 100.47
C SER D 157 -20.73 -5.78 100.52
N TYR D 158 -21.17 -5.16 99.43
CA TYR D 158 -21.13 -3.71 99.31
C TYR D 158 -22.41 -3.19 98.67
N SER D 159 -22.62 -1.88 98.77
CA SER D 159 -23.74 -1.25 98.10
C SER D 159 -23.27 0.06 97.45
N TYR D 160 -23.73 0.30 96.22
CA TYR D 160 -23.39 1.53 95.53
C TYR D 160 -24.64 2.21 94.99
N THR D 161 -24.76 3.50 95.26
CA THR D 161 -25.85 4.30 94.72
C THR D 161 -25.27 5.16 93.61
N TYR D 162 -25.91 5.16 92.45
CA TYR D 162 -25.36 5.89 91.31
C TYR D 162 -25.50 7.39 91.49
N GLN D 163 -24.47 8.11 91.05
CA GLN D 163 -24.50 9.56 91.03
C GLN D 163 -25.46 10.04 89.95
N VAL D 164 -25.36 9.43 88.77
CA VAL D 164 -26.26 9.78 87.67
C VAL D 164 -27.71 9.42 88.01
N ASN D 165 -28.64 10.32 87.70
CA ASN D 165 -30.06 9.99 87.83
C ASN D 165 -30.65 9.58 86.49
N VAL D 166 -31.36 8.46 86.50
CA VAL D 166 -31.78 7.78 85.28
C VAL D 166 -33.11 8.30 84.72
N ALA D 167 -33.95 8.85 85.59
CA ALA D 167 -35.33 9.22 85.25
C ALA D 167 -35.48 10.15 84.04
N ASN D 168 -34.54 11.07 83.85
CA ASN D 168 -34.67 12.03 82.76
C ASN D 168 -33.32 12.52 82.23
N VAL D 169 -32.58 11.63 81.59
CA VAL D 169 -31.34 12.02 80.91
C VAL D 169 -31.68 12.52 79.51
N THR D 170 -31.25 13.74 79.20
CA THR D 170 -31.61 14.35 77.93
C THR D 170 -30.42 14.96 77.21
N GLU D 171 -29.34 15.27 77.94
CA GLU D 171 -28.13 15.79 77.31
C GLU D 171 -26.87 15.03 77.76
N PRO D 172 -25.88 14.90 76.86
CA PRO D 172 -25.98 15.34 75.47
C PRO D 172 -26.62 14.26 74.60
N VAL D 173 -26.89 13.11 75.20
CA VAL D 173 -27.59 12.04 74.52
C VAL D 173 -28.83 11.71 75.30
N LYS D 174 -29.99 11.75 74.66
CA LYS D 174 -31.24 11.48 75.34
C LYS D 174 -31.53 9.99 75.44
N VAL D 175 -31.88 9.54 76.64
CA VAL D 175 -32.32 8.16 76.85
C VAL D 175 -33.67 8.14 77.56
N THR D 176 -34.72 7.79 76.83
CA THR D 176 -36.05 7.75 77.41
C THR D 176 -36.23 6.50 78.27
N TYR D 177 -36.24 6.71 79.58
CA TYR D 177 -36.33 5.60 80.53
C TYR D 177 -37.65 4.85 80.40
N SER D 178 -37.60 3.54 80.60
CA SER D 178 -38.78 2.70 80.62
C SER D 178 -38.56 1.62 81.65
N ALA D 179 -39.50 1.48 82.59
CA ALA D 179 -39.36 0.51 83.66
C ALA D 179 -39.47 -0.93 83.15
N ASP D 180 -40.00 -1.08 81.93
CA ASP D 180 -40.18 -2.41 81.34
C ASP D 180 -38.95 -2.86 80.57
N ALA D 181 -38.18 -1.89 80.10
CA ALA D 181 -36.93 -2.18 79.40
C ALA D 181 -35.89 -2.75 80.36
N THR D 182 -35.04 -3.62 79.85
CA THR D 182 -33.97 -4.18 80.65
C THR D 182 -32.86 -3.14 80.85
N GLN D 183 -32.36 -3.05 82.07
CA GLN D 183 -31.25 -2.16 82.39
C GLN D 183 -30.02 -2.99 82.71
N ARG D 184 -28.83 -2.45 82.41
CA ARG D 184 -27.57 -3.11 82.75
C ARG D 184 -26.64 -2.26 83.59
N ALA D 185 -26.42 -2.69 84.82
CA ALA D 185 -25.38 -2.08 85.66
C ALA D 185 -24.03 -2.74 85.35
N THR D 186 -23.00 -1.93 85.15
CA THR D 186 -21.63 -2.42 85.05
C THR D 186 -20.71 -1.84 86.12
N MET D 187 -19.71 -2.62 86.50
CA MET D 187 -18.64 -2.14 87.35
C MET D 187 -17.28 -2.54 86.79
N GLU D 188 -16.30 -1.66 86.97
CA GLU D 188 -14.91 -1.98 86.68
C GLU D 188 -14.01 -1.54 87.84
N LEU D 189 -13.04 -2.38 88.16
CA LEU D 189 -12.11 -2.09 89.26
C LEU D 189 -10.69 -2.41 88.83
N GLU D 190 -9.85 -1.39 88.72
CA GLU D 190 -8.44 -1.60 88.39
C GLU D 190 -7.57 -1.44 89.64
N LEU D 191 -7.19 -2.57 90.23
CA LEU D 191 -6.16 -2.57 91.25
C LEU D 191 -4.82 -2.64 90.52
N PRO D 192 -3.72 -2.34 91.23
CA PRO D 192 -2.40 -2.44 90.61
C PRO D 192 -1.99 -3.89 90.31
N GLN D 193 -2.60 -4.84 91.00
CA GLN D 193 -2.24 -6.24 90.85
C GLN D 193 -3.27 -7.06 90.05
N LEU D 194 -4.44 -6.49 89.81
CA LEU D 194 -5.50 -7.19 89.10
C LEU D 194 -6.61 -6.24 88.63
N ALA D 195 -7.44 -6.72 87.71
CA ALA D 195 -8.63 -6.00 87.29
C ALA D 195 -9.85 -6.91 87.33
N ALA D 196 -11.01 -6.34 87.61
CA ALA D 196 -12.25 -7.12 87.66
C ALA D 196 -13.42 -6.35 87.06
N ASN D 197 -14.30 -7.07 86.39
CA ASN D 197 -15.54 -6.49 85.88
C ASN D 197 -16.73 -7.26 86.44
N ALA D 198 -17.89 -6.59 86.48
CA ALA D 198 -19.13 -7.28 86.78
C ALA D 198 -20.26 -6.62 86.02
N HIS D 199 -21.34 -7.36 85.78
CA HIS D 199 -22.50 -6.80 85.12
C HIS D 199 -23.78 -7.38 85.74
N PHE D 200 -24.90 -6.68 85.56
CA PHE D 200 -26.17 -7.12 86.12
C PHE D 200 -27.33 -6.61 85.28
N ASP D 201 -28.08 -7.55 84.71
CA ASP D 201 -29.25 -7.23 83.89
C ASP D 201 -30.53 -7.51 84.68
N TRP D 202 -31.45 -6.56 84.66
CA TRP D 202 -32.73 -6.74 85.35
C TRP D 202 -33.81 -5.82 84.79
N GLN D 203 -35.06 -6.22 84.99
CA GLN D 203 -36.22 -5.40 84.59
C GLN D 203 -36.77 -4.72 85.84
N PRO D 204 -36.65 -3.39 85.91
CA PRO D 204 -37.07 -2.63 87.10
C PRO D 204 -38.53 -2.85 87.49
N SER D 205 -39.44 -2.87 86.51
CA SER D 205 -40.86 -2.98 86.80
C SER D 205 -41.22 -4.28 87.52
N THR D 206 -40.48 -5.35 87.24
CA THR D 206 -40.78 -6.66 87.82
C THR D 206 -39.71 -7.13 88.81
N GLY D 207 -38.51 -6.60 88.69
CA GLY D 207 -37.39 -7.07 89.50
C GLY D 207 -36.82 -8.38 88.95
N LYS D 208 -37.25 -8.78 87.76
CA LYS D 208 -36.82 -10.05 87.20
C LYS D 208 -35.41 -9.93 86.62
N THR D 209 -34.64 -11.01 86.74
CA THR D 209 -33.27 -11.07 86.21
C THR D 209 -33.19 -12.12 85.09
N GLU D 210 -34.17 -13.02 85.08
CA GLU D 210 -34.27 -14.04 84.05
C GLU D 210 -35.67 -14.06 83.42
N GLY D 211 -35.74 -14.50 82.17
CA GLY D 211 -37.00 -14.47 81.44
C GLY D 211 -37.33 -13.07 80.97
N ILE D 212 -36.30 -12.22 80.92
CA ILE D 212 -36.45 -10.85 80.43
C ILE D 212 -35.72 -10.66 79.10
N GLN D 213 -36.00 -9.55 78.44
CA GLN D 213 -35.36 -9.22 77.16
C GLN D 213 -33.86 -9.04 77.37
N THR D 214 -33.06 -9.64 76.49
CA THR D 214 -31.60 -9.57 76.61
C THR D 214 -30.92 -9.33 75.27
N ARG D 215 -29.62 -9.05 75.32
CA ARG D 215 -28.81 -8.96 74.11
C ARG D 215 -27.50 -9.73 74.31
N ASN D 216 -27.62 -10.99 74.71
CA ASN D 216 -26.46 -11.85 74.82
C ASN D 216 -26.19 -12.54 73.47
N VAL D 217 -25.22 -12.02 72.73
CA VAL D 217 -24.97 -12.43 71.36
C VAL D 217 -23.73 -13.33 71.20
N VAL D 218 -22.59 -12.85 71.71
CA VAL D 218 -21.34 -13.58 71.61
C VAL D 218 -20.76 -13.95 72.98
N SER D 219 -19.87 -14.93 72.99
CA SER D 219 -19.15 -15.33 74.19
C SER D 219 -17.67 -15.12 73.96
N ILE D 220 -16.92 -14.79 75.01
CA ILE D 220 -15.50 -14.53 74.85
C ILE D 220 -14.72 -15.82 74.58
N GLN D 221 -15.38 -16.96 74.77
CA GLN D 221 -14.74 -18.24 74.51
C GLN D 221 -14.49 -18.46 73.02
N ALA D 222 -15.37 -17.91 72.19
CA ALA D 222 -15.16 -17.96 70.75
C ALA D 222 -13.99 -17.07 70.36
N CYS D 223 -13.88 -15.92 71.02
CA CYS D 223 -12.76 -15.01 70.79
C CYS D 223 -11.45 -15.67 71.21
N TYR D 224 -11.49 -16.42 72.30
CA TYR D 224 -10.27 -17.00 72.88
C TYR D 224 -9.66 -18.08 71.99
N THR D 225 -10.38 -18.47 70.94
CA THR D 225 -9.84 -19.45 69.98
C THR D 225 -8.64 -18.87 69.24
N CYS D 226 -8.72 -17.57 68.91
CA CYS D 226 -7.62 -16.87 68.24
C CYS D 226 -6.83 -16.00 69.21
N HIS D 227 -7.48 -15.58 70.29
CA HIS D 227 -6.97 -14.50 71.13
C HIS D 227 -6.33 -14.93 72.44
N GLN D 228 -5.05 -14.60 72.61
CA GLN D 228 -4.42 -14.57 73.92
C GLN D 228 -5.31 -13.68 74.79
N PRO D 229 -5.68 -14.17 75.98
CA PRO D 229 -6.55 -13.45 76.93
C PRO D 229 -6.11 -12.00 77.20
N GLU D 230 -4.81 -11.73 77.23
CA GLU D 230 -4.34 -10.36 77.46
C GLU D 230 -4.69 -9.41 76.32
N SER D 231 -4.70 -9.92 75.08
CA SER D 231 -4.96 -9.08 73.91
C SER D 231 -6.40 -8.56 73.87
N LEU D 232 -7.27 -9.14 74.69
CA LEU D 232 -8.64 -8.66 74.76
C LEU D 232 -8.90 -7.90 76.05
N ALA D 233 -7.88 -7.82 76.90
CA ALA D 233 -7.96 -7.00 78.10
C ALA D 233 -7.57 -5.57 77.74
N LEU D 234 -8.50 -4.82 77.18
CA LEU D 234 -8.17 -3.52 76.61
C LEU D 234 -8.22 -2.35 77.59
N HIS D 235 -7.84 -1.18 77.10
CA HIS D 235 -7.87 0.05 77.89
C HIS D 235 -7.00 -0.05 79.14
N GLY D 236 -5.81 -0.62 78.96
CA GLY D 236 -4.87 -0.79 80.05
C GLY D 236 -5.17 -2.02 80.87
N GLY D 237 -6.12 -2.83 80.42
CA GLY D 237 -6.46 -4.07 81.08
C GLY D 237 -7.59 -3.96 82.08
N ARG D 238 -8.18 -2.77 82.18
CA ARG D 238 -9.28 -2.54 83.11
C ARG D 238 -10.59 -3.13 82.60
N ARG D 239 -10.66 -3.42 81.31
CA ARG D 239 -11.90 -3.94 80.74
C ARG D 239 -11.72 -5.35 80.14
N ILE D 240 -12.45 -6.30 80.71
CA ILE D 240 -12.29 -7.72 80.39
C ILE D 240 -13.55 -8.34 79.79
N ASP D 241 -14.69 -8.11 80.43
CA ASP D 241 -15.92 -8.81 80.06
C ASP D 241 -16.62 -8.19 78.85
N ILE D 242 -17.09 -9.06 77.96
CA ILE D 242 -17.84 -8.63 76.78
C ILE D 242 -19.00 -7.71 77.15
N GLU D 243 -19.77 -8.08 78.18
CA GLU D 243 -20.89 -7.26 78.64
C GLU D 243 -20.45 -5.82 78.93
N ASN D 244 -19.30 -5.67 79.56
CA ASN D 244 -18.71 -4.34 79.77
C ASN D 244 -18.45 -3.58 78.45
N CYS D 245 -17.86 -4.24 77.45
CA CYS D 245 -17.67 -3.61 76.14
C CYS D 245 -18.98 -3.08 75.57
N ALA D 246 -20.00 -3.93 75.58
CA ALA D 246 -21.27 -3.61 74.94
C ALA D 246 -22.04 -2.53 75.71
N SER D 247 -21.67 -2.30 76.96
CA SER D 247 -22.34 -1.30 77.78
C SER D 247 -21.90 0.11 77.42
N CYS D 248 -20.73 0.23 76.81
CA CYS D 248 -20.13 1.53 76.56
C CYS D 248 -19.89 1.82 75.07
N HIS D 249 -19.58 0.77 74.30
CA HIS D 249 -19.42 0.91 72.86
C HIS D 249 -20.80 0.90 72.19
N THR D 250 -21.53 1.99 72.36
CA THR D 250 -22.93 2.07 71.99
C THR D 250 -23.13 2.63 70.58
N ALA D 251 -24.33 2.45 70.05
CA ALA D 251 -24.65 2.88 68.69
C ALA D 251 -24.48 4.39 68.47
N THR D 252 -24.58 5.18 69.54
CA THR D 252 -24.43 6.64 69.44
C THR D 252 -23.00 7.12 69.62
N SER D 253 -22.07 6.20 69.88
CA SER D 253 -20.70 6.55 70.22
C SER D 253 -19.73 6.46 69.03
N GLY D 254 -18.77 7.38 68.97
CA GLY D 254 -17.78 7.38 67.93
C GLY D 254 -16.45 8.03 68.32
N ASP D 255 -15.46 7.91 67.45
CA ASP D 255 -14.16 8.53 67.65
C ASP D 255 -14.09 9.87 66.93
N PRO D 256 -13.96 10.97 67.69
CA PRO D 256 -13.97 12.33 67.13
C PRO D 256 -12.88 12.63 66.09
N GLU D 257 -11.68 12.09 66.26
CA GLU D 257 -10.57 12.40 65.36
C GLU D 257 -10.59 11.58 64.06
N SER D 258 -11.44 10.58 64.00
CA SER D 258 -11.58 9.79 62.77
C SER D 258 -13.01 9.84 62.25
N GLY D 259 -13.96 10.15 63.13
CA GLY D 259 -15.35 10.23 62.77
C GLY D 259 -16.01 8.87 62.68
N ASN D 260 -15.25 7.82 62.96
CA ASN D 260 -15.77 6.46 62.86
C ASN D 260 -16.60 6.04 64.07
N SER D 261 -17.57 5.17 63.84
CA SER D 261 -18.40 4.62 64.92
C SER D 261 -17.58 3.65 65.76
N ILE D 262 -17.73 3.73 67.08
CA ILE D 262 -17.09 2.76 67.95
C ILE D 262 -18.14 1.84 68.59
N GLU D 263 -19.33 1.81 67.99
CA GLU D 263 -20.37 0.89 68.40
C GLU D 263 -19.86 -0.55 68.35
N PHE D 264 -20.17 -1.34 69.37
CA PHE D 264 -19.64 -2.70 69.52
C PHE D 264 -19.65 -3.50 68.21
N THR D 265 -20.83 -3.67 67.63
CA THR D 265 -20.98 -4.44 66.38
C THR D 265 -20.09 -3.90 65.25
N TYR D 266 -20.26 -2.62 64.93
CA TYR D 266 -19.51 -1.99 63.84
C TYR D 266 -18.01 -2.13 64.03
N MET D 267 -17.53 -1.76 65.20
CA MET D 267 -16.10 -1.76 65.50
C MET D 267 -15.47 -3.15 65.35
N ILE D 268 -16.06 -4.14 66.01
CA ILE D 268 -15.52 -5.50 65.96
C ILE D 268 -15.49 -6.06 64.53
N HIS D 269 -16.58 -5.87 63.80
CA HIS D 269 -16.63 -6.28 62.39
C HIS D 269 -15.56 -5.58 61.56
N ALA D 270 -15.43 -4.27 61.73
CA ALA D 270 -14.49 -3.47 60.94
C ALA D 270 -13.04 -3.84 61.23
N ILE D 271 -12.75 -4.15 62.48
CA ILE D 271 -11.40 -4.52 62.87
C ILE D 271 -10.97 -5.78 62.15
N HIS D 272 -11.83 -6.79 62.19
CA HIS D 272 -11.48 -8.11 61.65
C HIS D 272 -11.57 -8.19 60.13
N LYS D 273 -12.26 -7.24 59.52
CA LYS D 273 -12.20 -7.11 58.06
C LYS D 273 -10.79 -6.65 57.72
N GLY D 274 -10.29 -5.71 58.52
CA GLY D 274 -8.92 -5.26 58.45
C GLY D 274 -8.46 -4.77 57.09
N GLY D 275 -7.34 -5.32 56.62
CA GLY D 275 -6.78 -4.96 55.32
C GLY D 275 -7.59 -5.43 54.13
N GLU D 276 -8.65 -6.20 54.40
CA GLU D 276 -9.55 -6.65 53.34
C GLU D 276 -10.78 -5.75 53.25
N ARG D 277 -10.80 -4.69 54.05
CA ARG D 277 -11.91 -3.74 54.03
C ARG D 277 -11.72 -2.73 52.91
N HIS D 278 -12.65 -2.70 51.97
CA HIS D 278 -12.53 -1.85 50.80
C HIS D 278 -13.87 -1.27 50.37
N THR D 279 -13.84 -0.31 49.47
CA THR D 279 -15.08 0.29 48.95
C THR D 279 -14.91 0.61 47.47
N PHE D 280 -15.86 1.37 46.91
CA PHE D 280 -15.74 1.76 45.50
C PHE D 280 -16.03 3.26 45.35
N ASP D 281 -15.27 3.95 44.50
CA ASP D 281 -15.53 5.38 44.32
C ASP D 281 -16.63 5.67 43.29
N ALA D 282 -16.65 6.90 42.78
CA ALA D 282 -17.64 7.31 41.80
C ALA D 282 -17.37 6.59 40.48
N THR D 283 -16.10 6.35 40.21
CA THR D 283 -15.66 5.65 39.01
C THR D 283 -16.11 4.18 39.02
N GLY D 284 -16.08 3.57 40.19
CA GLY D 284 -16.41 2.16 40.31
C GLY D 284 -15.16 1.34 40.59
N ALA D 285 -14.09 2.04 40.96
CA ALA D 285 -12.80 1.43 41.22
C ALA D 285 -12.71 0.97 42.68
N GLN D 286 -12.12 -0.20 42.91
CA GLN D 286 -11.96 -0.71 44.26
C GLN D 286 -10.88 0.07 45.01
N VAL D 287 -11.28 0.68 46.13
CA VAL D 287 -10.37 1.50 46.92
C VAL D 287 -10.29 0.97 48.36
N PRO D 288 -9.06 0.91 48.92
CA PRO D 288 -8.89 0.48 50.31
C PRO D 288 -9.68 1.37 51.25
N ALA D 289 -10.40 0.77 52.18
CA ALA D 289 -11.19 1.54 53.15
C ALA D 289 -10.92 1.11 54.58
N PRO D 290 -9.67 1.30 55.06
CA PRO D 290 -9.29 0.79 56.37
C PRO D 290 -10.04 1.48 57.52
N TYR D 291 -10.35 0.72 58.57
CA TYR D 291 -10.99 1.28 59.77
C TYR D 291 -9.93 1.82 60.72
N LYS D 292 -9.88 3.15 60.89
CA LYS D 292 -8.87 3.76 61.75
C LYS D 292 -9.47 4.39 63.00
N ILE D 293 -8.83 4.18 64.14
CA ILE D 293 -9.21 4.86 65.37
C ILE D 293 -8.03 5.60 65.96
N ILE D 294 -8.23 6.86 66.32
CA ILE D 294 -7.23 7.60 67.08
C ILE D 294 -7.50 7.33 68.57
N GLY D 295 -6.56 6.66 69.24
CA GLY D 295 -6.75 6.25 70.63
C GLY D 295 -6.01 7.13 71.64
N TYR D 296 -5.58 6.53 72.74
CA TYR D 296 -4.89 7.26 73.80
C TYR D 296 -3.62 7.95 73.26
N GLY D 297 -3.49 9.24 73.57
CA GLY D 297 -2.28 9.99 73.21
C GLY D 297 -2.21 10.41 71.76
N GLY D 298 -3.34 10.30 71.06
CA GLY D 298 -3.39 10.60 69.65
C GLY D 298 -2.79 9.50 68.77
N LYS D 299 -2.64 8.31 69.36
CA LYS D 299 -2.07 7.15 68.66
C LYS D 299 -3.00 6.68 67.54
N VAL D 300 -2.47 6.58 66.32
CA VAL D 300 -3.25 6.11 65.18
C VAL D 300 -3.24 4.59 65.08
N ILE D 301 -4.39 3.96 65.36
CA ILE D 301 -4.52 2.51 65.22
C ILE D 301 -5.12 2.16 63.87
N ASP D 302 -4.26 1.83 62.91
CA ASP D 302 -4.69 1.51 61.56
C ASP D 302 -5.05 0.04 61.47
N TYR D 303 -6.35 -0.26 61.53
CA TYR D 303 -6.78 -1.65 61.49
C TYR D 303 -6.66 -2.26 60.09
N GLY D 304 -6.21 -1.46 59.13
CA GLY D 304 -5.85 -1.96 57.82
C GLY D 304 -4.65 -2.88 57.91
N LYS D 305 -3.94 -2.82 59.04
CA LYS D 305 -2.78 -3.68 59.26
C LYS D 305 -3.21 -5.07 59.71
N VAL D 306 -4.50 -5.22 59.98
CA VAL D 306 -5.02 -6.49 60.49
C VAL D 306 -5.19 -7.52 59.36
N HIS D 307 -4.69 -8.72 59.60
CA HIS D 307 -4.86 -9.81 58.64
C HIS D 307 -5.62 -10.98 59.27
N TYR D 308 -6.95 -10.95 59.12
CA TYR D 308 -7.82 -12.00 59.60
C TYR D 308 -7.39 -13.35 59.04
N PRO D 309 -7.18 -14.34 59.92
CA PRO D 309 -6.60 -15.63 59.52
C PRO D 309 -7.59 -16.61 58.92
N GLN D 310 -8.89 -16.34 58.98
CA GLN D 310 -9.88 -17.29 58.48
C GLN D 310 -9.98 -17.30 56.96
N LYS D 311 -9.95 -18.50 56.38
CA LYS D 311 -10.24 -18.70 54.97
C LYS D 311 -11.26 -19.81 54.83
N PRO D 312 -12.47 -19.47 54.31
CA PRO D 312 -12.90 -18.13 53.91
C PRO D 312 -13.33 -17.28 55.11
N ALA D 313 -13.36 -15.97 54.91
CA ALA D 313 -13.58 -15.02 56.00
C ALA D 313 -15.05 -14.66 56.20
N ALA D 314 -15.93 -15.31 55.45
CA ALA D 314 -17.36 -15.07 55.57
C ALA D 314 -18.04 -16.05 56.54
N ASP D 315 -17.25 -16.78 57.31
CA ASP D 315 -17.80 -17.76 58.24
C ASP D 315 -18.13 -17.12 59.59
N CYS D 316 -19.38 -16.67 59.73
CA CYS D 316 -19.81 -15.94 60.91
C CYS D 316 -19.66 -16.72 62.21
N ALA D 317 -19.69 -18.05 62.12
CA ALA D 317 -19.62 -18.91 63.30
C ALA D 317 -18.32 -18.75 64.11
N ALA D 318 -17.32 -18.10 63.52
CA ALA D 318 -16.08 -17.82 64.23
C ALA D 318 -16.32 -17.01 65.50
N CYS D 319 -17.36 -16.18 65.49
CA CYS D 319 -17.75 -15.43 66.68
C CYS D 319 -19.20 -15.70 67.05
N HIS D 320 -20.03 -15.85 66.02
CA HIS D 320 -21.45 -16.08 66.22
C HIS D 320 -21.75 -17.57 66.35
N VAL D 321 -21.42 -18.10 67.52
CA VAL D 321 -21.61 -19.51 67.82
C VAL D 321 -23.06 -19.78 68.21
N GLU D 322 -23.66 -20.80 67.62
CA GLU D 322 -25.00 -21.22 68.01
C GLU D 322 -24.99 -22.66 68.52
N GLY D 323 -26.09 -23.08 69.13
CA GLY D 323 -26.20 -24.44 69.65
C GLY D 323 -26.50 -24.51 71.12
N ALA D 324 -26.07 -25.61 71.74
CA ALA D 324 -26.31 -25.83 73.17
C ALA D 324 -25.28 -25.09 74.01
N GLY D 325 -25.77 -24.28 74.95
CA GLY D 325 -24.89 -23.50 75.80
C GLY D 325 -24.58 -22.14 75.22
N ALA D 326 -24.99 -21.92 73.97
CA ALA D 326 -24.80 -20.65 73.30
C ALA D 326 -25.62 -19.58 73.99
N PRO D 327 -25.18 -18.32 73.91
CA PRO D 327 -25.91 -17.19 74.47
C PRO D 327 -27.35 -17.12 73.94
N ALA D 328 -28.27 -16.58 74.75
CA ALA D 328 -29.69 -16.60 74.44
C ALA D 328 -30.08 -15.90 73.15
N ASN D 329 -29.28 -14.92 72.72
CA ASN D 329 -29.60 -14.17 71.51
C ASN D 329 -28.55 -14.35 70.43
N ALA D 330 -27.94 -15.52 70.40
CA ALA D 330 -26.88 -15.83 69.45
C ALA D 330 -27.33 -15.74 67.99
N ASP D 331 -28.63 -15.90 67.75
CA ASP D 331 -29.15 -15.86 66.39
C ASP D 331 -29.44 -14.45 65.90
N LEU D 332 -29.03 -13.45 66.68
CA LEU D 332 -29.28 -12.06 66.33
C LEU D 332 -28.61 -11.68 65.01
N PHE D 333 -27.48 -12.30 64.69
CA PHE D 333 -26.75 -11.97 63.46
C PHE D 333 -27.53 -12.36 62.20
N LYS D 334 -28.55 -13.19 62.38
CA LYS D 334 -29.41 -13.61 61.28
C LYS D 334 -30.74 -12.87 61.32
N ALA D 335 -30.88 -11.94 62.26
CA ALA D 335 -32.18 -11.29 62.47
C ALA D 335 -32.47 -10.18 61.48
N ASP D 336 -31.45 -9.75 60.75
CA ASP D 336 -31.59 -8.73 59.71
C ASP D 336 -32.18 -7.42 60.24
N LEU D 337 -31.63 -6.92 61.34
CA LEU D 337 -32.16 -5.70 61.97
C LEU D 337 -31.19 -4.53 61.90
N SER D 338 -30.03 -4.74 61.29
CA SER D 338 -28.99 -3.71 61.28
C SER D 338 -28.35 -3.54 59.92
N ASN D 339 -28.33 -2.31 59.42
CA ASN D 339 -27.54 -1.98 58.25
C ASN D 339 -26.10 -1.73 58.68
N GLN D 340 -25.94 -1.10 59.84
CA GLN D 340 -24.63 -0.73 60.38
C GLN D 340 -23.75 -1.95 60.58
N ALA D 341 -24.37 -3.09 60.87
CA ALA D 341 -23.65 -4.35 61.03
C ALA D 341 -22.90 -4.71 59.74
N CYS D 342 -23.58 -4.63 58.61
CA CYS D 342 -22.99 -4.98 57.33
C CYS D 342 -21.94 -3.95 56.94
N ILE D 343 -22.30 -2.68 57.10
CA ILE D 343 -21.45 -1.55 56.70
C ILE D 343 -20.07 -1.63 57.39
N GLY D 344 -20.06 -2.11 58.63
CA GLY D 344 -18.83 -2.34 59.36
C GLY D 344 -17.81 -3.13 58.56
N CYS D 345 -18.27 -4.14 57.83
CA CYS D 345 -17.38 -4.95 57.00
C CYS D 345 -17.34 -4.47 55.56
N HIS D 346 -18.52 -4.14 55.01
CA HIS D 346 -18.66 -3.91 53.58
C HIS D 346 -18.61 -2.43 53.14
N THR D 347 -18.64 -1.51 54.10
CA THR D 347 -18.83 -0.06 53.87
C THR D 347 -20.23 0.28 53.34
N GLU D 348 -20.43 1.55 52.98
CA GLU D 348 -21.74 1.99 52.50
C GLU D 348 -21.89 1.76 51.01
N LYS D 349 -20.78 1.54 50.31
CA LYS D 349 -20.81 1.20 48.90
C LYS D 349 -20.03 -0.09 48.68
N PRO D 350 -20.72 -1.24 48.84
CA PRO D 350 -20.09 -2.57 48.84
C PRO D 350 -19.72 -3.09 47.44
N SER D 351 -20.34 -2.57 46.39
CA SER D 351 -19.97 -2.96 45.02
C SER D 351 -19.97 -1.74 44.13
N ALA D 352 -19.51 -1.91 42.90
CA ALA D 352 -19.47 -0.80 41.94
C ALA D 352 -20.88 -0.39 41.50
N HIS D 353 -21.87 -1.23 41.79
CA HIS D 353 -23.22 -1.04 41.27
C HIS D 353 -24.22 -0.62 42.33
N HIS D 354 -23.76 -0.54 43.58
CA HIS D 354 -24.62 -0.12 44.68
C HIS D 354 -24.84 1.40 44.66
N SER D 355 -26.01 1.82 45.10
CA SER D 355 -26.33 3.25 45.14
C SER D 355 -27.13 3.60 46.39
N SER D 356 -27.77 2.60 46.96
CA SER D 356 -28.54 2.80 48.18
C SER D 356 -27.81 2.23 49.38
N THR D 357 -28.08 2.78 50.57
CA THR D 357 -27.40 2.34 51.79
C THR D 357 -28.32 1.57 52.74
N ASP D 358 -29.56 1.33 52.34
CA ASP D 358 -30.51 0.63 53.20
C ASP D 358 -30.44 -0.87 52.98
N CYS D 359 -29.41 -1.49 53.57
CA CYS D 359 -29.08 -2.89 53.30
C CYS D 359 -30.23 -3.86 53.53
N MET D 360 -30.93 -3.71 54.66
CA MET D 360 -32.03 -4.62 54.99
C MET D 360 -33.24 -4.48 54.08
N ALA D 361 -33.29 -3.40 53.30
CA ALA D 361 -34.39 -3.20 52.36
C ALA D 361 -34.28 -4.18 51.18
N CYS D 362 -33.06 -4.55 50.84
CA CYS D 362 -32.81 -5.45 49.71
C CYS D 362 -32.32 -6.81 50.17
N HIS D 363 -31.37 -6.79 51.11
CA HIS D 363 -30.75 -8.02 51.58
C HIS D 363 -31.45 -8.53 52.82
N ASN D 364 -32.56 -9.23 52.63
CA ASN D 364 -33.28 -9.86 53.74
C ASN D 364 -33.92 -11.16 53.29
N ALA D 365 -34.61 -11.83 54.22
CA ALA D 365 -35.10 -13.17 53.94
C ALA D 365 -36.58 -13.22 53.58
N THR D 366 -37.34 -12.25 54.06
CA THR D 366 -38.79 -12.23 53.86
C THR D 366 -39.17 -11.71 52.47
N LYS D 367 -38.69 -10.53 52.13
CA LYS D 367 -38.95 -9.95 50.82
C LYS D 367 -37.66 -9.52 50.15
N PRO D 368 -36.85 -10.48 49.68
CA PRO D 368 -35.55 -10.12 49.10
C PRO D 368 -35.70 -9.29 47.83
N TYR D 369 -34.71 -8.46 47.54
CA TYR D 369 -34.69 -7.70 46.29
C TYR D 369 -34.37 -8.65 45.14
N GLY D 370 -34.80 -8.29 43.94
CA GLY D 370 -34.63 -9.15 42.77
C GLY D 370 -33.18 -9.48 42.48
N GLY D 371 -32.83 -10.77 42.55
CA GLY D 371 -31.52 -11.21 42.15
C GLY D 371 -30.56 -11.55 43.29
N THR D 372 -30.86 -11.07 44.49
CA THR D 372 -29.98 -11.33 45.63
C THR D 372 -30.73 -12.07 46.74
N GLY D 373 -30.17 -12.04 47.96
CA GLY D 373 -30.80 -12.67 49.11
C GLY D 373 -30.30 -12.11 50.41
N SER D 374 -30.67 -12.77 51.51
CA SER D 374 -30.23 -12.38 52.85
C SER D 374 -28.73 -12.63 53.01
N ALA D 375 -28.14 -12.02 54.04
CA ALA D 375 -26.74 -12.25 54.36
C ALA D 375 -26.47 -13.72 54.60
N ALA D 376 -27.35 -14.38 55.36
CA ALA D 376 -27.20 -15.80 55.63
C ALA D 376 -27.11 -16.63 54.33
N LYS D 377 -27.98 -16.33 53.38
CA LYS D 377 -28.01 -17.07 52.12
C LYS D 377 -26.77 -16.82 51.26
N ARG D 378 -26.37 -15.55 51.17
CA ARG D 378 -25.24 -15.19 50.33
C ARG D 378 -23.90 -15.57 50.95
N HIS D 379 -23.75 -15.32 52.25
CA HIS D 379 -22.58 -15.81 52.96
C HIS D 379 -22.58 -17.33 52.88
N GLY D 380 -23.77 -17.92 53.02
CA GLY D 380 -23.94 -19.35 52.84
C GLY D 380 -23.47 -19.85 51.48
N ASP D 381 -23.69 -19.05 50.44
CA ASP D 381 -23.22 -19.40 49.10
C ASP D 381 -21.71 -19.59 49.07
N VAL D 382 -21.02 -18.75 49.85
CA VAL D 382 -19.57 -18.86 49.97
C VAL D 382 -19.19 -20.14 50.70
N MET D 383 -19.84 -20.39 51.84
CA MET D 383 -19.54 -21.55 52.67
C MET D 383 -19.82 -22.87 51.97
N LYS D 384 -20.72 -22.86 51.00
CA LYS D 384 -21.22 -24.08 50.38
C LYS D 384 -20.10 -24.94 49.80
N ALA D 385 -19.23 -24.31 49.01
CA ALA D 385 -18.11 -25.00 48.39
C ALA D 385 -17.22 -25.67 49.43
N TYR D 386 -17.04 -25.00 50.57
CA TYR D 386 -16.19 -25.52 51.63
C TYR D 386 -16.86 -26.59 52.49
N ASN D 387 -18.13 -26.40 52.83
CA ASN D 387 -18.87 -27.40 53.61
C ASN D 387 -19.07 -28.71 52.83
N ASP D 388 -19.28 -28.60 51.53
CA ASP D 388 -19.38 -29.77 50.67
C ASP D 388 -18.05 -30.48 50.60
N SER D 389 -16.98 -29.71 50.44
CA SER D 389 -15.63 -30.27 50.33
C SER D 389 -15.19 -31.06 51.57
N LEU D 390 -15.81 -30.78 52.72
CA LEU D 390 -15.53 -31.55 53.93
C LEU D 390 -15.90 -33.03 53.75
N GLY D 391 -16.80 -33.30 52.82
CA GLY D 391 -17.22 -34.67 52.53
C GLY D 391 -16.55 -35.29 51.31
N TYR D 392 -15.71 -34.52 50.62
CA TYR D 392 -14.97 -35.04 49.48
C TYR D 392 -13.76 -35.85 49.94
N LYS D 393 -13.47 -36.95 49.24
CA LYS D 393 -12.38 -37.86 49.61
C LYS D 393 -11.79 -38.55 48.39
N ALA D 394 -10.62 -39.17 48.56
CA ALA D 394 -10.01 -39.96 47.50
C ALA D 394 -10.17 -41.44 47.80
N LYS D 395 -10.26 -42.24 46.74
CA LYS D 395 -10.37 -43.68 46.87
C LYS D 395 -9.23 -44.30 46.07
N PHE D 396 -8.27 -44.92 46.77
CA PHE D 396 -7.14 -45.55 46.10
C PHE D 396 -7.37 -47.04 45.94
N SER D 397 -6.89 -47.60 44.84
CA SER D 397 -7.03 -49.02 44.57
C SER D 397 -5.91 -49.50 43.66
N ASN D 398 -5.74 -50.82 43.59
CA ASN D 398 -4.75 -51.45 42.71
C ASN D 398 -3.33 -50.89 42.92
N ILE D 399 -2.96 -50.72 44.18
CA ILE D 399 -1.65 -50.20 44.51
C ILE D 399 -0.59 -51.30 44.44
N GLY D 400 0.56 -50.99 43.84
CA GLY D 400 1.65 -51.93 43.75
C GLY D 400 2.75 -51.48 42.82
N ILE D 401 3.68 -52.40 42.54
CA ILE D 401 4.77 -52.11 41.60
C ILE D 401 4.49 -52.69 40.22
N LYS D 402 4.58 -51.87 39.19
CA LYS D 402 4.44 -52.35 37.82
C LYS D 402 5.66 -51.95 37.03
N ASN D 403 6.51 -52.94 36.73
CA ASN D 403 7.75 -52.74 36.00
C ASN D 403 8.66 -51.76 36.74
N ASN D 404 8.88 -52.02 38.02
CA ASN D 404 9.75 -51.22 38.88
C ASN D 404 9.28 -49.79 39.10
N ALA D 405 7.99 -49.54 38.83
CA ALA D 405 7.42 -48.21 39.02
C ALA D 405 6.20 -48.30 39.93
N LEU D 406 5.90 -47.20 40.62
CA LEU D 406 4.69 -47.13 41.44
C LEU D 406 3.46 -47.04 40.54
N THR D 407 2.42 -47.80 40.88
CA THR D 407 1.18 -47.74 40.14
C THR D 407 -0.02 -47.87 41.07
N PHE D 408 -1.08 -47.15 40.75
CA PHE D 408 -2.31 -47.18 41.54
C PHE D 408 -3.46 -46.51 40.77
N ASP D 409 -4.69 -46.81 41.19
CA ASP D 409 -5.86 -46.12 40.68
C ASP D 409 -6.39 -45.18 41.77
N VAL D 410 -6.94 -44.05 41.33
CA VAL D 410 -7.56 -43.11 42.26
C VAL D 410 -8.87 -42.55 41.69
N GLN D 411 -9.88 -42.42 42.55
CA GLN D 411 -11.12 -41.72 42.21
C GLN D 411 -11.30 -40.62 43.25
N ILE D 412 -11.95 -39.53 42.85
CA ILE D 412 -12.29 -38.48 43.79
C ILE D 412 -13.80 -38.52 44.04
N LEU D 413 -14.20 -38.82 45.28
CA LEU D 413 -15.62 -38.94 45.60
C LEU D 413 -16.14 -37.67 46.26
N ASP D 414 -17.43 -37.39 46.06
CA ASP D 414 -18.07 -36.24 46.69
C ASP D 414 -18.63 -36.60 48.06
N ASN D 415 -19.40 -35.68 48.64
CA ASN D 415 -20.01 -35.92 49.94
C ASN D 415 -21.12 -36.98 49.91
N LYS D 416 -21.37 -37.56 48.74
CA LYS D 416 -22.33 -38.65 48.61
C LYS D 416 -21.63 -39.92 48.14
N ASP D 417 -20.31 -39.96 48.35
CA ASP D 417 -19.48 -41.11 47.98
C ASP D 417 -19.55 -41.48 46.50
N GLN D 418 -19.89 -40.51 45.66
CA GLN D 418 -19.98 -40.76 44.23
C GLN D 418 -18.80 -40.15 43.48
N PRO D 419 -18.12 -40.97 42.66
CA PRO D 419 -16.96 -40.53 41.87
C PRO D 419 -17.31 -39.33 40.99
N ILE D 420 -16.40 -38.36 40.89
CA ILE D 420 -16.66 -37.17 40.08
C ILE D 420 -15.82 -37.19 38.80
N GLY D 421 -16.36 -36.61 37.73
CA GLY D 421 -15.61 -36.48 36.50
C GLY D 421 -14.38 -35.60 36.63
N LYS D 422 -13.41 -35.80 35.72
CA LYS D 422 -12.16 -35.06 35.73
C LYS D 422 -12.34 -33.59 35.44
N GLU D 423 -13.52 -33.23 34.94
CA GLU D 423 -13.80 -31.84 34.56
C GLU D 423 -14.12 -31.01 35.79
N PHE D 424 -14.33 -31.71 36.91
CA PHE D 424 -14.56 -31.05 38.19
C PHE D 424 -13.27 -30.88 38.97
N ILE D 425 -12.22 -31.59 38.55
CA ILE D 425 -10.95 -31.52 39.26
C ILE D 425 -10.11 -30.31 38.82
N SER D 426 -9.64 -29.54 39.79
CA SER D 426 -9.02 -28.25 39.53
C SER D 426 -7.50 -28.31 39.35
N ASP D 427 -6.99 -27.45 38.48
CA ASP D 427 -5.58 -27.11 38.51
C ASP D 427 -5.49 -25.63 38.84
N PRO D 428 -5.35 -25.30 40.14
CA PRO D 428 -5.38 -23.93 40.64
C PRO D 428 -4.51 -22.95 39.86
N SER D 429 -3.31 -23.37 39.46
CA SER D 429 -2.42 -22.54 38.65
C SER D 429 -1.59 -23.39 37.71
N ALA D 430 -0.68 -22.76 36.98
CA ALA D 430 0.17 -23.47 36.04
C ALA D 430 1.32 -24.15 36.77
N TYR D 431 1.42 -23.90 38.07
CA TYR D 431 2.49 -24.47 38.88
C TYR D 431 1.94 -25.37 39.98
N THR D 432 0.66 -25.16 40.30
CA THR D 432 -0.03 -25.95 41.30
C THR D 432 -1.10 -26.79 40.64
N LYS D 433 -0.99 -28.11 40.76
CA LYS D 433 -1.92 -29.02 40.10
C LYS D 433 -2.43 -30.04 41.09
N SER D 434 -3.69 -30.44 40.94
CA SER D 434 -4.25 -31.52 41.74
C SER D 434 -3.43 -32.77 41.47
N SER D 435 -2.52 -33.08 42.39
CA SER D 435 -1.62 -34.20 42.21
C SER D 435 -1.80 -35.20 43.34
N ILE D 436 -1.32 -36.42 43.12
CA ILE D 436 -1.22 -37.38 44.20
C ILE D 436 0.25 -37.46 44.61
N TYR D 437 0.51 -37.53 45.91
CA TYR D 437 1.87 -37.57 46.42
C TYR D 437 2.16 -38.87 47.16
N PHE D 438 3.32 -39.47 46.86
CA PHE D 438 3.72 -40.70 47.52
C PHE D 438 4.88 -40.45 48.47
N SER D 439 4.71 -40.86 49.72
CA SER D 439 5.75 -40.65 50.72
C SER D 439 6.17 -41.95 51.40
N TRP D 440 7.41 -41.98 51.88
CA TRP D 440 7.91 -43.08 52.69
C TRP D 440 8.64 -42.48 53.90
N GLY D 441 8.96 -43.31 54.89
CA GLY D 441 9.53 -42.80 56.13
C GLY D 441 8.62 -41.78 56.81
N ILE D 442 7.31 -42.02 56.76
CA ILE D 442 6.33 -41.09 57.29
C ILE D 442 6.28 -41.07 58.83
N ASP D 443 6.91 -42.06 59.46
CA ASP D 443 6.99 -42.11 60.92
C ASP D 443 8.22 -41.35 61.43
N LYS D 444 9.02 -40.83 60.49
CA LYS D 444 10.23 -40.08 60.82
C LYS D 444 10.04 -38.61 60.49
N ASP D 445 10.51 -38.21 59.31
CA ASP D 445 10.36 -36.83 58.85
C ASP D 445 10.12 -36.72 57.35
N TYR D 446 9.65 -37.83 56.75
CA TYR D 446 9.36 -37.88 55.32
C TYR D 446 10.64 -37.92 54.47
N PRO D 447 10.55 -38.31 53.19
CA PRO D 447 11.78 -38.59 52.44
C PRO D 447 12.73 -37.39 52.30
N ALA D 448 13.99 -37.68 52.01
CA ALA D 448 15.02 -36.64 51.86
C ALA D 448 14.75 -35.78 50.63
N TYR D 449 14.99 -34.48 50.75
CA TYR D 449 14.85 -33.57 49.60
C TYR D 449 16.08 -33.71 48.71
N THR D 450 16.14 -34.81 47.97
CA THR D 450 17.24 -35.08 47.05
C THR D 450 16.67 -35.61 45.74
N ALA D 451 17.51 -35.66 44.71
CA ALA D 451 17.09 -36.14 43.39
C ALA D 451 16.33 -37.47 43.47
N GLY D 452 15.08 -37.45 43.01
CA GLY D 452 14.25 -38.64 43.02
C GLY D 452 13.31 -38.75 44.20
N SER D 453 13.58 -38.00 45.27
CA SER D 453 12.77 -38.11 46.47
C SER D 453 12.21 -36.78 47.00
N ARG D 454 12.41 -35.71 46.24
CA ARG D 454 11.79 -34.42 46.54
C ARG D 454 10.27 -34.56 46.40
N TYR D 455 9.51 -33.58 46.91
CA TYR D 455 8.06 -33.61 46.79
C TYR D 455 7.65 -33.71 45.31
N SER D 456 8.39 -33.00 44.46
CA SER D 456 8.07 -32.90 43.04
C SER D 456 8.36 -34.18 42.26
N ASP D 457 9.32 -34.98 42.74
CA ASP D 457 9.63 -36.24 42.08
C ASP D 457 8.66 -37.31 42.57
N ARG D 458 7.94 -36.99 43.64
CA ARG D 458 7.03 -37.93 44.29
C ARG D 458 5.58 -37.59 44.03
N GLY D 459 5.35 -36.50 43.29
CA GLY D 459 4.01 -36.05 42.98
C GLY D 459 3.58 -36.30 41.55
N PHE D 460 2.31 -36.70 41.38
CA PHE D 460 1.79 -37.04 40.07
C PHE D 460 0.46 -36.33 39.78
N ALA D 461 0.49 -35.37 38.86
CA ALA D 461 -0.71 -34.61 38.51
C ALA D 461 -1.68 -35.45 37.66
N LEU D 462 -2.97 -35.36 37.99
CA LEU D 462 -4.00 -36.10 37.29
C LEU D 462 -4.16 -35.63 35.84
N SER D 463 -3.79 -34.39 35.58
CA SER D 463 -3.91 -33.83 34.23
C SER D 463 -2.70 -34.13 33.34
N ASN D 464 -1.63 -34.67 33.93
CA ASN D 464 -0.43 -35.01 33.17
C ASN D 464 -0.49 -36.40 32.54
N SER D 465 -0.75 -36.45 31.24
CA SER D 465 -0.93 -37.70 30.50
C SER D 465 0.31 -38.60 30.50
N LYS D 466 1.47 -38.03 30.82
CA LYS D 466 2.69 -38.82 30.93
C LYS D 466 2.63 -39.80 32.09
N VAL D 467 1.84 -39.47 33.11
CA VAL D 467 1.76 -40.33 34.30
C VAL D 467 0.33 -40.72 34.65
N SER D 468 -0.64 -39.98 34.12
CA SER D 468 -2.03 -40.19 34.49
C SER D 468 -2.90 -40.54 33.28
N THR D 469 -3.64 -41.64 33.39
CA THR D 469 -4.56 -42.05 32.35
C THR D 469 -5.98 -42.16 32.93
N TYR D 470 -6.92 -41.45 32.31
CA TYR D 470 -8.29 -41.36 32.84
C TYR D 470 -9.28 -42.25 32.08
N ASN D 471 -10.02 -43.06 32.83
CA ASN D 471 -11.12 -43.85 32.27
C ASN D 471 -12.45 -43.11 32.44
N GLU D 472 -13.01 -42.64 31.33
CA GLU D 472 -14.23 -41.83 31.33
C GLU D 472 -15.41 -42.59 31.94
N ALA D 473 -15.47 -43.89 31.68
CA ALA D 473 -16.59 -44.71 32.11
C ALA D 473 -16.66 -44.92 33.62
N THR D 474 -15.50 -45.12 34.26
CA THR D 474 -15.45 -45.41 35.69
C THR D 474 -14.94 -44.22 36.50
N LYS D 475 -14.72 -43.10 35.84
CA LYS D 475 -14.19 -41.90 36.50
C LYS D 475 -12.95 -42.24 37.35
N THR D 476 -12.07 -43.07 36.81
CA THR D 476 -10.90 -43.51 37.56
C THR D 476 -9.61 -43.10 36.88
N PHE D 477 -8.68 -42.53 37.64
CA PHE D 477 -7.36 -42.21 37.11
C PHE D 477 -6.40 -43.36 37.37
N THR D 478 -5.62 -43.72 36.37
CA THR D 478 -4.56 -44.70 36.54
C THR D 478 -3.22 -43.97 36.54
N ILE D 479 -2.44 -44.15 37.60
CA ILE D 479 -1.16 -43.47 37.74
C ILE D 479 0.01 -44.44 37.58
N ASP D 480 0.97 -44.06 36.73
CA ASP D 480 2.18 -44.84 36.52
C ASP D 480 3.38 -43.91 36.62
N SER D 481 4.28 -44.20 37.54
CA SER D 481 5.40 -43.30 37.81
C SER D 481 6.54 -43.40 36.80
N THR D 482 6.41 -44.28 35.80
CA THR D 482 7.51 -44.54 34.86
C THR D 482 8.09 -43.26 34.24
N ASN D 483 7.25 -42.45 33.57
CA ASN D 483 7.73 -41.20 32.99
C ASN D 483 7.85 -40.07 34.00
N SER D 484 8.63 -40.29 35.06
CA SER D 484 8.84 -39.26 36.07
C SER D 484 10.23 -39.40 36.67
N ASN D 485 10.64 -38.38 37.43
CA ASN D 485 11.95 -38.40 38.07
C ASN D 485 11.96 -39.12 39.41
N LEU D 486 10.91 -39.88 39.69
CA LEU D 486 10.82 -40.64 40.94
C LEU D 486 11.94 -41.67 41.07
N LYS D 487 12.72 -41.58 42.14
CA LYS D 487 13.65 -42.65 42.50
C LYS D 487 13.07 -43.43 43.67
N LEU D 488 12.31 -44.48 43.34
CA LEU D 488 11.65 -45.30 44.34
C LEU D 488 12.68 -46.17 45.05
N PRO D 489 12.57 -46.30 46.38
CA PRO D 489 13.46 -47.18 47.14
C PRO D 489 13.40 -48.62 46.60
N ALA D 490 14.54 -49.31 46.59
CA ALA D 490 14.62 -50.64 45.97
C ALA D 490 13.77 -51.69 46.69
N ASP D 491 13.65 -51.57 48.00
CA ASP D 491 12.85 -52.50 48.79
C ASP D 491 11.91 -51.76 49.73
N LEU D 492 10.65 -51.67 49.34
CA LEU D 492 9.64 -50.95 50.10
C LEU D 492 9.14 -51.75 51.30
N THR D 493 9.54 -53.03 51.36
CA THR D 493 9.03 -53.92 52.38
C THR D 493 9.32 -53.44 53.80
N GLY D 494 8.25 -53.25 54.57
CA GLY D 494 8.37 -52.82 55.96
C GLY D 494 8.37 -51.32 56.11
N MET D 495 8.35 -50.60 55.00
CA MET D 495 8.37 -49.13 55.04
C MET D 495 6.98 -48.55 55.30
N ASN D 496 6.96 -47.43 56.01
CA ASN D 496 5.70 -46.76 56.27
C ASN D 496 5.40 -45.73 55.18
N VAL D 497 4.44 -46.07 54.32
CA VAL D 497 4.17 -45.27 53.13
C VAL D 497 2.83 -44.52 53.18
N GLU D 498 2.69 -43.52 52.33
CA GLU D 498 1.51 -42.66 52.33
C GLU D 498 1.13 -42.25 50.92
N LEU D 499 -0.16 -42.35 50.61
CA LEU D 499 -0.70 -41.74 49.40
C LEU D 499 -1.54 -40.52 49.81
N TYR D 500 -1.07 -39.33 49.44
CA TYR D 500 -1.73 -38.08 49.80
C TYR D 500 -2.30 -37.39 48.57
N ALA D 501 -3.56 -37.03 48.63
CA ALA D 501 -4.24 -36.38 47.52
C ALA D 501 -4.34 -34.86 47.69
N GLY D 502 -3.36 -34.14 47.14
CA GLY D 502 -3.43 -32.69 47.09
C GLY D 502 -4.35 -32.28 45.96
N VAL D 503 -5.64 -32.51 46.16
CA VAL D 503 -6.63 -32.35 45.10
C VAL D 503 -7.71 -31.33 45.46
N ALA D 504 -7.96 -30.40 44.54
CA ALA D 504 -9.07 -29.45 44.70
C ALA D 504 -10.11 -29.66 43.60
N THR D 505 -11.37 -29.42 43.91
CA THR D 505 -12.44 -29.51 42.93
C THR D 505 -13.15 -28.16 42.74
N CYS D 506 -13.91 -28.04 41.66
CA CYS D 506 -14.46 -26.75 41.24
C CYS D 506 -15.93 -26.54 41.60
N PHE D 507 -16.25 -25.31 41.99
CA PHE D 507 -17.62 -24.93 42.33
C PHE D 507 -17.96 -23.59 41.67
N ASN D 508 -19.26 -23.29 41.57
CA ASN D 508 -19.67 -21.98 41.06
C ASN D 508 -19.74 -20.97 42.20
N LYS D 509 -19.86 -19.68 41.86
CA LYS D 509 -19.94 -18.61 42.85
C LYS D 509 -21.38 -18.12 43.00
N GLY D 510 -21.68 -17.52 44.14
CA GLY D 510 -22.96 -16.85 44.33
C GLY D 510 -22.97 -15.51 43.61
N GLY D 511 -24.17 -14.98 43.35
CA GLY D 511 -24.30 -13.71 42.65
C GLY D 511 -25.70 -13.46 42.15
N TYR D 512 -25.85 -12.48 41.26
CA TYR D 512 -27.17 -12.13 40.73
C TYR D 512 -27.87 -13.29 40.04
N GLY D 513 -29.01 -13.71 40.59
CA GLY D 513 -29.84 -14.71 39.97
C GLY D 513 -29.40 -16.13 40.24
N VAL D 514 -28.30 -16.29 40.96
CA VAL D 514 -27.77 -17.62 41.25
C VAL D 514 -28.45 -18.21 42.48
N GLU D 515 -29.29 -19.22 42.26
CA GLU D 515 -30.05 -19.87 43.32
C GLU D 515 -29.17 -20.70 44.27
N ASP D 516 -28.48 -21.70 43.71
CA ASP D 516 -27.70 -22.63 44.52
C ASP D 516 -26.24 -22.69 44.06
N VAL D 517 -25.34 -22.88 45.03
CA VAL D 517 -23.94 -23.16 44.72
C VAL D 517 -23.75 -24.67 44.61
N VAL D 518 -23.26 -25.13 43.46
CA VAL D 518 -23.12 -26.56 43.19
C VAL D 518 -21.77 -26.88 42.56
N ALA D 519 -21.36 -28.14 42.66
CA ALA D 519 -20.19 -28.62 41.92
C ALA D 519 -20.33 -28.26 40.44
N THR D 520 -19.39 -27.47 39.96
CA THR D 520 -19.42 -26.96 38.59
C THR D 520 -18.10 -27.29 37.93
N PRO D 521 -18.14 -27.77 36.67
CA PRO D 521 -16.91 -28.03 35.91
C PRO D 521 -16.00 -26.81 35.85
N CYS D 522 -14.71 -27.01 36.09
CA CYS D 522 -13.73 -25.92 36.15
C CYS D 522 -13.75 -25.03 34.91
N SER D 523 -13.63 -23.73 35.13
CA SER D 523 -13.63 -22.74 34.06
C SER D 523 -12.96 -21.47 34.55
N THR D 524 -13.02 -20.41 33.74
CA THR D 524 -12.45 -19.12 34.14
C THR D 524 -13.37 -18.35 35.07
N ASP D 525 -14.53 -18.94 35.40
CA ASP D 525 -15.51 -18.28 36.26
C ASP D 525 -15.74 -19.03 37.57
N THR D 526 -15.16 -20.22 37.67
CA THR D 526 -15.35 -21.06 38.86
C THR D 526 -14.30 -20.76 39.94
N ARG D 527 -14.53 -21.32 41.12
CA ARG D 527 -13.54 -21.27 42.19
C ARG D 527 -13.25 -22.70 42.60
N TYR D 528 -12.07 -22.91 43.18
CA TYR D 528 -11.69 -24.25 43.60
C TYR D 528 -11.62 -24.37 45.12
N ALA D 529 -12.02 -25.53 45.64
CA ALA D 529 -11.83 -25.83 47.05
C ALA D 529 -11.21 -27.20 47.18
N TYR D 530 -10.22 -27.31 48.05
CA TYR D 530 -9.55 -28.59 48.30
C TYR D 530 -10.49 -29.57 48.97
N ILE D 531 -10.36 -30.85 48.61
CA ILE D 531 -11.07 -31.91 49.29
C ILE D 531 -10.47 -32.06 50.70
N GLN D 532 -11.15 -32.78 51.58
CA GLN D 532 -10.72 -32.89 52.97
C GLN D 532 -10.83 -34.32 53.47
N ASP D 533 -9.73 -35.06 53.41
CA ASP D 533 -9.70 -36.41 53.96
C ASP D 533 -8.37 -36.69 54.64
N GLN D 534 -8.21 -37.90 55.16
CA GLN D 534 -6.95 -38.28 55.79
C GLN D 534 -6.11 -39.08 54.80
N PRO D 535 -4.81 -38.78 54.74
CA PRO D 535 -3.89 -39.46 53.83
C PRO D 535 -3.94 -40.96 54.01
N PHE D 536 -3.92 -41.71 52.90
CA PHE D 536 -3.93 -43.16 52.99
C PHE D 536 -2.53 -43.65 53.40
N ARG D 537 -2.45 -44.25 54.58
CA ARG D 537 -1.18 -44.74 55.13
C ARG D 537 -1.26 -46.21 55.47
N PHE D 538 -0.17 -46.94 55.20
CA PHE D 538 -0.05 -48.35 55.53
C PHE D 538 1.41 -48.77 55.51
N LYS D 539 1.71 -49.91 56.12
CA LYS D 539 3.06 -50.48 56.05
C LYS D 539 3.15 -51.44 54.87
N TRP D 540 4.04 -51.13 53.92
CA TRP D 540 4.19 -51.93 52.70
C TRP D 540 4.60 -53.37 53.00
N ASN D 541 3.78 -54.33 52.55
CA ASN D 541 4.04 -55.74 52.81
C ASN D 541 4.16 -56.61 51.55
N GLY D 542 3.74 -56.08 50.41
CA GLY D 542 3.89 -56.80 49.16
C GLY D 542 2.61 -57.46 48.67
N THR D 543 1.62 -57.58 49.56
CA THR D 543 0.37 -58.25 49.22
C THR D 543 -0.85 -57.35 49.35
N ASP D 544 -0.95 -56.64 50.47
CA ASP D 544 -2.12 -55.79 50.71
C ASP D 544 -1.78 -54.44 51.36
N THR D 545 -2.81 -53.67 51.68
CA THR D 545 -2.63 -52.41 52.38
C THR D 545 -3.34 -52.46 53.73
N ASN D 546 -3.46 -53.66 54.29
CA ASN D 546 -4.19 -53.84 55.53
C ASN D 546 -3.32 -53.77 56.80
N SER D 547 -2.01 -53.59 56.62
CA SER D 547 -1.10 -53.43 57.76
C SER D 547 -0.94 -51.96 58.13
N ALA D 548 -1.27 -51.62 59.38
CA ALA D 548 -1.16 -50.24 59.84
C ALA D 548 0.27 -49.74 59.81
N ALA D 549 0.47 -48.53 59.34
CA ALA D 549 1.79 -47.91 59.34
C ALA D 549 2.11 -47.41 60.75
N GLU D 550 3.40 -47.34 61.07
CA GLU D 550 3.82 -46.76 62.35
C GLU D 550 3.51 -45.27 62.37
N LYS D 551 2.97 -44.79 63.48
CA LYS D 551 2.60 -43.38 63.60
C LYS D 551 3.83 -42.51 63.90
N ARG D 552 3.88 -41.34 63.28
CA ARG D 552 4.89 -40.35 63.64
C ARG D 552 4.58 -39.80 65.04
N ARG D 553 5.61 -39.30 65.71
CA ARG D 553 5.46 -38.71 67.04
C ARG D 553 4.49 -37.54 66.99
N ALA D 554 3.84 -37.23 68.12
CA ALA D 554 2.98 -36.06 68.13
C ALA D 554 3.82 -34.78 68.16
N ILE D 555 3.47 -33.82 67.31
CA ILE D 555 4.13 -32.51 67.30
C ILE D 555 3.13 -31.36 67.42
N ILE D 556 2.22 -31.26 66.45
CA ILE D 556 1.21 -30.20 66.46
C ILE D 556 -0.22 -30.75 66.47
N ASP D 557 -1.13 -29.96 67.02
CA ASP D 557 -2.55 -30.27 67.01
C ASP D 557 -3.20 -29.45 65.90
N THR D 558 -3.52 -30.11 64.79
CA THR D 558 -4.03 -29.41 63.63
C THR D 558 -5.37 -28.71 63.90
N ALA D 559 -6.16 -29.26 64.81
CA ALA D 559 -7.40 -28.60 65.23
C ALA D 559 -7.13 -27.17 65.71
N LYS D 560 -5.95 -26.95 66.27
CA LYS D 560 -5.54 -25.59 66.64
C LYS D 560 -5.30 -24.71 65.41
N CYS D 561 -4.62 -25.25 64.40
CA CYS D 561 -4.44 -24.53 63.15
C CYS D 561 -5.81 -24.11 62.64
N SER D 562 -6.71 -25.09 62.56
CA SER D 562 -8.04 -24.90 62.00
C SER D 562 -8.92 -23.94 62.78
N GLY D 563 -8.70 -23.86 64.10
CA GLY D 563 -9.45 -22.93 64.93
C GLY D 563 -9.30 -21.49 64.47
N CYS D 564 -8.10 -21.13 64.03
CA CYS D 564 -7.84 -19.77 63.57
C CYS D 564 -8.05 -19.65 62.07
N HIS D 565 -7.65 -20.68 61.33
CA HIS D 565 -7.59 -20.59 59.88
C HIS D 565 -8.86 -21.04 59.17
N ASN D 566 -9.68 -21.80 59.89
CA ASN D 566 -10.95 -22.34 59.39
C ASN D 566 -10.77 -23.46 58.37
N LYS D 567 -11.20 -23.24 57.14
CA LYS D 567 -11.23 -24.30 56.13
C LYS D 567 -9.89 -24.58 55.43
N GLU D 568 -9.16 -23.52 55.09
CA GLU D 568 -7.90 -23.64 54.37
C GLU D 568 -6.86 -22.65 54.90
N ILE D 569 -5.57 -22.99 54.76
CA ILE D 569 -4.52 -22.17 55.35
C ILE D 569 -3.72 -21.35 54.33
N VAL D 570 -3.19 -21.99 53.29
CA VAL D 570 -2.42 -21.27 52.28
C VAL D 570 -2.40 -21.96 50.90
N HIS D 571 -2.04 -23.24 50.86
CA HIS D 571 -2.13 -24.03 49.62
C HIS D 571 -2.05 -25.51 49.93
N TYR D 572 -2.42 -26.34 48.96
CA TYR D 572 -2.51 -27.79 49.15
C TYR D 572 -3.25 -28.09 50.44
N ASP D 573 -4.44 -27.53 50.55
CA ASP D 573 -5.15 -27.46 51.82
C ASP D 573 -6.07 -28.65 52.08
N ASN D 574 -5.67 -29.83 51.61
CA ASN D 574 -6.32 -31.06 52.05
C ASN D 574 -5.79 -31.41 53.43
N GLY D 575 -6.45 -30.88 54.46
CA GLY D 575 -5.99 -31.05 55.83
C GLY D 575 -4.68 -30.34 56.08
N VAL D 576 -3.99 -30.75 57.14
CA VAL D 576 -2.68 -30.18 57.46
C VAL D 576 -1.62 -31.27 57.34
N ASN D 577 -1.11 -31.44 56.13
CA ASN D 577 -0.14 -32.49 55.81
C ASN D 577 1.08 -31.83 55.18
N CYS D 578 1.37 -30.59 55.59
CA CYS D 578 2.43 -29.78 55.01
C CYS D 578 3.81 -30.44 55.08
N GLN D 579 3.99 -31.30 56.09
CA GLN D 579 5.29 -31.91 56.33
C GLN D 579 5.66 -32.94 55.26
N ALA D 580 4.72 -33.24 54.36
CA ALA D 580 4.99 -34.17 53.27
C ALA D 580 5.91 -33.53 52.23
N CYS D 581 5.80 -32.21 52.09
CA CYS D 581 6.61 -31.46 51.14
C CYS D 581 7.68 -30.61 51.82
N HIS D 582 7.30 -29.97 52.92
CA HIS D 582 8.20 -29.04 53.59
C HIS D 582 9.12 -29.74 54.59
N THR D 583 10.07 -30.51 54.06
CA THR D 583 10.97 -31.32 54.86
C THR D 583 12.07 -30.44 55.50
N PRO D 584 12.72 -30.94 56.56
CA PRO D 584 13.77 -30.17 57.23
C PRO D 584 14.99 -29.92 56.34
N ASP D 585 15.20 -30.76 55.34
CA ASP D 585 16.35 -30.60 54.46
C ASP D 585 16.00 -29.99 53.11
N LYS D 586 14.80 -29.42 53.01
CA LYS D 586 14.32 -28.83 51.76
C LYS D 586 15.19 -27.63 51.36
N GLY D 587 15.23 -27.33 50.06
CA GLY D 587 16.05 -26.25 49.55
C GLY D 587 15.80 -24.88 50.16
N LEU D 588 16.82 -24.04 50.13
CA LEU D 588 16.72 -22.69 50.68
C LEU D 588 15.92 -21.77 49.76
N LYS D 589 15.34 -20.73 50.34
CA LYS D 589 14.64 -19.69 49.58
C LYS D 589 15.36 -18.36 49.78
N THR D 590 15.33 -17.51 48.76
CA THR D 590 15.93 -16.18 48.87
C THR D 590 15.03 -15.20 49.61
N ASP D 591 15.58 -14.54 50.62
CA ASP D 591 14.89 -13.50 51.36
C ASP D 591 15.86 -12.36 51.66
N ASN D 592 15.85 -11.35 50.80
CA ASN D 592 16.82 -10.25 50.89
C ASN D 592 16.68 -9.38 52.13
N THR D 593 15.58 -9.55 52.86
CA THR D 593 15.39 -8.86 54.14
C THR D 593 16.01 -9.65 55.28
N TYR D 594 16.57 -10.82 54.95
CA TYR D 594 17.18 -11.71 55.94
C TYR D 594 18.69 -11.76 55.73
N PRO D 595 19.47 -11.71 56.82
CA PRO D 595 20.93 -11.73 56.73
C PRO D 595 21.45 -12.97 56.01
N GLY D 596 22.21 -12.77 54.94
CA GLY D 596 22.70 -13.87 54.12
C GLY D 596 21.76 -14.15 52.96
N THR D 597 20.60 -13.51 52.98
CA THR D 597 19.57 -13.63 51.93
C THR D 597 18.99 -15.03 51.72
N LYS D 598 19.29 -15.94 52.64
CA LYS D 598 18.83 -17.33 52.52
C LYS D 598 18.09 -17.84 53.75
N VAL D 599 16.88 -18.33 53.55
CA VAL D 599 16.09 -18.91 54.64
C VAL D 599 15.65 -20.33 54.32
N PRO D 600 15.37 -21.13 55.37
CA PRO D 600 14.85 -22.49 55.15
C PRO D 600 13.44 -22.44 54.60
N THR D 601 12.91 -23.60 54.20
CA THR D 601 11.53 -23.71 53.71
C THR D 601 10.83 -24.89 54.36
N SER D 602 11.29 -25.25 55.55
CA SER D 602 10.75 -26.38 56.29
C SER D 602 9.41 -26.00 56.91
N PHE D 603 8.62 -27.03 57.26
CA PHE D 603 7.32 -26.80 57.90
C PHE D 603 7.50 -25.94 59.15
N ALA D 604 8.41 -26.36 60.03
CA ALA D 604 8.73 -25.59 61.24
C ALA D 604 9.02 -24.13 60.91
N TRP D 605 9.86 -23.90 59.89
CA TRP D 605 10.15 -22.54 59.49
C TRP D 605 8.87 -21.80 59.10
N LYS D 606 8.11 -22.38 58.17
CA LYS D 606 6.89 -21.73 57.68
C LYS D 606 5.96 -21.32 58.82
N ALA D 607 5.80 -22.19 59.81
CA ALA D 607 4.91 -21.89 60.94
C ALA D 607 5.52 -20.90 61.94
N HIS D 608 6.72 -21.22 62.43
CA HIS D 608 7.39 -20.39 63.44
C HIS D 608 7.65 -18.96 62.94
N GLU D 609 8.00 -18.84 61.66
CA GLU D 609 8.45 -17.55 61.11
C GLU D 609 7.32 -16.68 60.56
N SER D 610 6.16 -17.28 60.36
CA SER D 610 5.00 -16.58 59.80
C SER D 610 4.62 -15.35 60.63
N GLU D 611 4.42 -14.22 59.96
CA GLU D 611 4.27 -12.93 60.63
C GLU D 611 3.10 -12.88 61.60
N GLY D 612 1.96 -13.44 61.18
CA GLY D 612 0.74 -13.38 61.97
C GLY D 612 0.72 -14.31 63.17
N HIS D 613 1.79 -15.07 63.33
CA HIS D 613 1.94 -15.94 64.50
C HIS D 613 2.72 -15.24 65.61
N TYR D 614 3.07 -13.97 65.37
CA TYR D 614 3.79 -13.16 66.34
C TYR D 614 3.39 -11.68 66.24
N LEU D 615 2.22 -11.34 66.76
CA LEU D 615 1.68 -9.99 66.63
C LEU D 615 2.11 -9.07 67.78
N LYS D 616 3.38 -9.15 68.14
CA LYS D 616 3.96 -8.27 69.16
C LYS D 616 4.31 -6.92 68.55
N TYR D 617 4.97 -6.95 67.39
CA TYR D 617 5.31 -5.73 66.67
C TYR D 617 4.51 -5.63 65.38
N ALA D 618 4.14 -6.78 64.81
CA ALA D 618 3.33 -6.81 63.59
C ALA D 618 1.86 -6.54 63.90
N GLY D 619 1.06 -6.34 62.85
CA GLY D 619 -0.35 -6.04 63.00
C GLY D 619 -0.59 -4.74 63.73
N VAL D 620 -1.50 -4.77 64.69
CA VAL D 620 -1.76 -3.60 65.53
C VAL D 620 -1.16 -3.82 66.93
N GLN D 621 -0.20 -4.75 67.00
CA GLN D 621 0.66 -4.96 68.16
C GLN D 621 -0.09 -5.33 69.43
N SER D 622 -1.16 -6.09 69.26
CA SER D 622 -2.04 -6.49 70.34
C SER D 622 -1.53 -7.73 71.03
N GLY D 623 -0.59 -8.41 70.38
CA GLY D 623 -0.13 -9.70 70.86
C GLY D 623 -1.23 -10.74 70.86
N THR D 624 -2.16 -10.65 69.91
CA THR D 624 -3.26 -11.60 69.80
C THR D 624 -2.74 -13.03 69.63
N VAL D 625 -1.72 -13.18 68.79
CA VAL D 625 -1.01 -14.45 68.66
C VAL D 625 0.46 -14.25 69.02
N LEU D 626 0.97 -15.11 69.90
CA LEU D 626 2.36 -15.03 70.32
C LEU D 626 3.04 -16.40 70.18
N LYS D 627 4.00 -16.50 69.27
CA LYS D 627 4.69 -17.76 69.02
C LYS D 627 5.47 -18.26 70.23
N THR D 628 5.76 -17.36 71.18
CA THR D 628 6.43 -17.74 72.42
C THR D 628 5.59 -18.73 73.23
N ASP D 629 4.29 -18.72 72.98
CA ASP D 629 3.38 -19.65 73.65
C ASP D 629 3.26 -20.89 72.78
N CYS D 630 4.09 -21.88 73.07
CA CYS D 630 4.21 -23.07 72.23
C CYS D 630 2.91 -23.87 72.14
N ALA D 631 2.08 -23.80 73.19
CA ALA D 631 0.82 -24.55 73.22
C ALA D 631 -0.22 -23.98 72.25
N THR D 632 0.10 -22.84 71.64
CA THR D 632 -0.74 -22.25 70.61
C THR D 632 -0.92 -23.21 69.44
N CYS D 633 0.15 -23.92 69.08
CA CYS D 633 0.10 -24.86 67.95
C CYS D 633 0.37 -26.30 68.35
N HIS D 634 1.31 -26.48 69.28
CA HIS D 634 1.80 -27.82 69.59
C HIS D 634 0.84 -28.68 70.42
N THR D 635 1.02 -29.99 70.34
CA THR D 635 0.23 -30.95 71.09
C THR D 635 0.53 -30.85 72.59
N ALA D 636 -0.53 -30.82 73.39
CA ALA D 636 -0.39 -30.81 74.85
C ALA D 636 -1.33 -31.85 75.46
N ASP D 637 -0.92 -32.46 76.57
CA ASP D 637 -1.75 -33.48 77.23
C ASP D 637 -2.81 -32.86 78.14
N LYS D 638 -3.53 -33.69 78.89
CA LYS D 638 -4.54 -33.19 79.81
C LYS D 638 -3.93 -32.47 81.00
N SER D 639 -2.64 -32.68 81.23
CA SER D 639 -1.94 -32.03 82.33
C SER D 639 -1.29 -30.74 81.85
N ASN D 640 -1.64 -30.30 80.65
CA ASN D 640 -1.08 -29.10 80.03
C ASN D 640 0.44 -29.13 79.79
N VAL D 641 0.99 -30.34 79.70
CA VAL D 641 2.37 -30.51 79.30
C VAL D 641 2.44 -30.56 77.77
N VAL D 642 3.30 -29.71 77.20
CA VAL D 642 3.41 -29.60 75.75
C VAL D 642 4.32 -30.70 75.21
N THR D 643 3.77 -31.90 75.09
CA THR D 643 4.54 -33.05 74.62
C THR D 643 4.99 -32.89 73.18
N GLY D 644 4.34 -31.97 72.45
CA GLY D 644 4.64 -31.74 71.05
C GLY D 644 6.01 -31.16 70.79
N ILE D 645 6.55 -30.42 71.77
CA ILE D 645 7.87 -29.81 71.62
C ILE D 645 8.99 -30.61 72.27
N ALA D 646 8.69 -31.83 72.71
CA ALA D 646 9.69 -32.71 73.32
C ALA D 646 10.89 -32.94 72.39
N LEU D 647 12.10 -32.88 72.95
CA LEU D 647 13.33 -32.97 72.15
C LEU D 647 13.92 -34.38 72.14
N GLY D 648 14.92 -34.57 71.28
CA GLY D 648 15.63 -35.83 71.18
C GLY D 648 14.86 -36.97 70.52
N ARG D 649 13.66 -36.68 70.02
CA ARG D 649 12.80 -37.73 69.45
C ARG D 649 13.12 -38.08 67.99
N SER D 650 13.81 -37.17 67.30
CA SER D 650 14.21 -37.45 65.93
C SER D 650 15.69 -37.13 65.71
N PRO D 651 16.56 -37.89 66.39
CA PRO D 651 17.99 -37.54 66.46
C PRO D 651 18.74 -37.64 65.14
N GLU D 652 18.20 -38.35 64.16
CA GLU D 652 18.90 -38.50 62.89
C GLU D 652 18.56 -37.40 61.88
N ARG D 653 17.63 -36.52 62.24
CA ARG D 653 17.26 -35.40 61.37
C ARG D 653 18.37 -34.37 61.27
N ALA D 654 18.59 -33.89 60.04
CA ALA D 654 19.53 -32.80 59.80
C ALA D 654 18.81 -31.70 59.04
N TRP D 655 18.91 -30.47 59.55
CA TRP D 655 18.23 -29.33 58.95
C TRP D 655 19.12 -28.58 57.97
N LEU D 656 18.50 -28.00 56.94
CA LEU D 656 19.24 -27.19 55.98
C LEU D 656 19.05 -25.70 56.29
N TYR D 657 20.16 -25.00 56.53
CA TYR D 657 20.08 -23.57 56.82
C TYR D 657 21.04 -22.77 55.93
N GLY D 658 20.98 -21.45 56.03
CA GLY D 658 21.92 -20.60 55.36
C GLY D 658 22.81 -19.88 56.37
N ASP D 659 24.12 -19.94 56.15
CA ASP D 659 25.06 -19.23 57.01
C ASP D 659 24.86 -17.71 56.86
N ILE D 660 24.29 -17.08 57.89
CA ILE D 660 23.96 -15.66 57.80
C ILE D 660 25.18 -14.74 57.84
N LYS D 661 26.35 -15.32 58.08
CA LYS D 661 27.59 -14.56 58.10
C LYS D 661 28.49 -14.92 56.93
N ASN D 662 27.87 -15.41 55.85
CA ASN D 662 28.61 -15.87 54.68
C ASN D 662 27.69 -15.98 53.46
N ASN D 663 26.86 -14.95 53.28
CA ASN D 663 25.95 -14.86 52.13
C ASN D 663 25.03 -16.06 51.96
N GLY D 664 24.57 -16.61 53.07
CA GLY D 664 23.58 -17.67 53.06
C GLY D 664 24.09 -18.97 52.47
N ALA D 665 25.40 -19.21 52.60
CA ALA D 665 25.98 -20.47 52.15
C ALA D 665 25.35 -21.64 52.91
N VAL D 666 24.99 -22.68 52.17
CA VAL D 666 24.40 -23.89 52.73
C VAL D 666 25.16 -24.43 53.95
N ILE D 667 24.43 -24.63 55.06
CA ILE D 667 24.97 -25.30 56.23
C ILE D 667 23.99 -26.35 56.75
N TRP D 668 24.51 -27.37 57.43
CA TRP D 668 23.67 -28.43 57.97
C TRP D 668 23.64 -28.42 59.50
N VAL D 669 22.44 -28.52 60.06
CA VAL D 669 22.26 -28.35 61.51
C VAL D 669 21.68 -29.60 62.16
N SER D 670 22.14 -29.92 63.36
CA SER D 670 21.65 -31.09 64.08
C SER D 670 20.17 -30.93 64.49
N SER D 671 19.57 -32.03 64.95
CA SER D 671 18.13 -32.15 65.05
C SER D 671 17.43 -31.13 65.95
N ASP D 672 17.73 -31.17 67.25
CA ASP D 672 17.12 -30.26 68.19
C ASP D 672 17.53 -28.81 67.92
N ALA D 673 18.80 -28.60 67.59
CA ALA D 673 19.34 -27.27 67.31
C ALA D 673 18.62 -26.59 66.14
N GLY D 674 18.39 -27.35 65.08
CA GLY D 674 17.69 -26.82 63.91
C GLY D 674 16.29 -26.38 64.26
N ALA D 675 15.65 -27.11 65.18
CA ALA D 675 14.34 -26.72 65.68
C ALA D 675 14.42 -25.37 66.39
N CYS D 676 15.51 -25.15 67.14
CA CYS D 676 15.73 -23.89 67.82
C CYS D 676 16.05 -22.72 66.87
N LEU D 677 16.87 -22.99 65.86
CA LEU D 677 17.30 -21.93 64.94
C LEU D 677 16.16 -21.38 64.10
N SER D 678 15.07 -22.13 63.99
CA SER D 678 13.90 -21.68 63.23
C SER D 678 13.35 -20.36 63.78
N CYS D 679 13.70 -20.04 65.03
CA CYS D 679 13.45 -18.71 65.57
C CYS D 679 14.74 -18.02 66.00
N HIS D 680 15.71 -18.81 66.47
CA HIS D 680 16.89 -18.26 67.13
C HIS D 680 18.08 -17.96 66.23
N GLN D 681 18.00 -18.32 64.95
CA GLN D 681 19.15 -18.15 64.05
C GLN D 681 19.57 -16.70 63.90
N LYS D 682 18.61 -15.83 63.63
CA LYS D 682 18.89 -14.45 63.26
C LYS D 682 19.71 -13.67 64.28
N TYR D 683 19.48 -13.94 65.57
CA TYR D 683 20.22 -13.26 66.64
C TYR D 683 20.98 -14.22 67.55
N LEU D 684 21.42 -15.34 66.99
CA LEU D 684 22.17 -16.32 67.76
C LEU D 684 23.50 -15.74 68.23
N SER D 685 23.72 -15.73 69.55
CA SER D 685 24.94 -15.17 70.10
C SER D 685 26.07 -16.20 70.16
N ASP D 686 27.30 -15.70 70.22
CA ASP D 686 28.47 -16.58 70.34
C ASP D 686 28.35 -17.47 71.58
N ALA D 687 27.82 -16.90 72.67
CA ALA D 687 27.56 -17.69 73.87
C ALA D 687 26.56 -18.81 73.56
N ALA D 688 25.50 -18.49 72.84
CA ALA D 688 24.50 -19.49 72.47
C ALA D 688 25.11 -20.58 71.59
N LYS D 689 25.93 -20.19 70.61
CA LYS D 689 26.59 -21.14 69.73
C LYS D 689 27.50 -22.07 70.52
N SER D 690 28.29 -21.48 71.41
CA SER D 690 29.14 -22.24 72.32
C SER D 690 28.30 -23.23 73.11
N HIS D 691 27.18 -22.75 73.64
CA HIS D 691 26.28 -23.59 74.43
C HIS D 691 25.78 -24.82 73.66
N ILE D 692 25.35 -24.60 72.42
CA ILE D 692 24.84 -25.69 71.59
C ILE D 692 25.91 -26.72 71.25
N GLU D 693 27.07 -26.24 70.82
CA GLU D 693 28.17 -27.14 70.43
C GLU D 693 28.67 -27.98 71.61
N THR D 694 28.71 -27.36 72.79
CA THR D 694 29.15 -28.05 74.00
C THR D 694 28.20 -29.21 74.36
N ASN D 695 26.93 -29.05 74.05
CA ASN D 695 25.95 -30.08 74.37
C ASN D 695 25.60 -31.01 73.22
N GLY D 696 26.47 -31.07 72.22
CA GLY D 696 26.38 -32.09 71.19
C GLY D 696 25.78 -31.64 69.88
N GLY D 697 25.47 -30.35 69.78
CA GLY D 697 24.86 -29.82 68.57
C GLY D 697 25.88 -29.43 67.51
N ILE D 698 25.42 -29.36 66.27
CA ILE D 698 26.28 -28.97 65.14
C ILE D 698 25.62 -27.85 64.35
N LEU D 699 26.38 -26.79 64.07
CA LEU D 699 25.85 -25.63 63.36
C LEU D 699 26.57 -25.38 62.03
N ASN D 700 27.58 -26.21 61.76
CA ASN D 700 28.43 -26.01 60.59
C ASN D 700 28.60 -27.27 59.75
N GLY D 701 27.54 -28.07 59.65
CA GLY D 701 27.58 -29.29 58.88
C GLY D 701 27.83 -29.03 57.42
N THR D 702 28.50 -29.97 56.75
CA THR D 702 28.74 -29.86 55.31
C THR D 702 27.74 -30.73 54.57
N SER D 703 27.15 -31.70 55.28
CA SER D 703 26.13 -32.56 54.72
C SER D 703 25.33 -33.19 55.86
N ALA D 704 24.21 -33.81 55.54
CA ALA D 704 23.43 -34.55 56.51
C ALA D 704 24.31 -35.59 57.22
N ALA D 705 25.09 -36.32 56.42
CA ALA D 705 25.98 -37.34 56.95
C ALA D 705 27.01 -36.77 57.91
N ASP D 706 27.61 -35.64 57.54
CA ASP D 706 28.56 -34.95 58.41
C ASP D 706 27.95 -34.69 59.78
N VAL D 707 26.70 -34.19 59.79
CA VAL D 707 25.98 -33.93 61.04
C VAL D 707 25.75 -35.20 61.85
N GLN D 708 25.22 -36.23 61.20
CA GLN D 708 24.96 -37.50 61.86
C GLN D 708 26.22 -38.09 62.50
N THR D 709 27.36 -37.88 61.85
CA THR D 709 28.63 -38.40 62.32
C THR D 709 29.16 -37.65 63.53
N ARG D 710 29.08 -36.31 63.48
CA ARG D 710 29.68 -35.46 64.50
C ARG D 710 28.74 -35.10 65.66
N ALA D 711 27.43 -35.12 65.42
CA ALA D 711 26.49 -34.67 66.44
C ALA D 711 26.23 -35.71 67.54
N SER D 712 26.10 -35.22 68.77
CA SER D 712 25.72 -36.06 69.90
C SER D 712 24.84 -35.25 70.83
N GLU D 713 23.66 -34.86 70.35
CA GLU D 713 22.79 -33.94 71.08
C GLU D 713 22.20 -34.53 72.37
N SER D 714 22.32 -33.77 73.45
CA SER D 714 21.64 -34.10 74.69
C SER D 714 20.95 -32.84 75.19
N CYS D 715 19.89 -32.44 74.51
CA CYS D 715 19.17 -31.22 74.85
C CYS D 715 17.96 -31.53 75.72
N ALA D 716 17.34 -32.67 75.47
CA ALA D 716 16.09 -33.02 76.14
C ALA D 716 16.25 -33.22 77.64
N THR D 717 17.48 -33.42 78.09
CA THR D 717 17.73 -33.65 79.51
C THR D 717 17.48 -32.38 80.34
N CYS D 718 17.82 -31.22 79.78
CA CYS D 718 17.58 -29.95 80.46
C CYS D 718 16.34 -29.24 79.91
N HIS D 719 16.26 -29.16 78.59
CA HIS D 719 15.16 -28.44 77.93
C HIS D 719 13.94 -29.32 77.79
N THR D 720 13.27 -29.60 78.90
CA THR D 720 12.02 -30.35 78.87
C THR D 720 10.92 -29.44 78.34
N PRO D 721 9.77 -30.02 77.97
CA PRO D 721 8.67 -29.15 77.56
C PRO D 721 8.25 -28.18 78.67
N SER D 722 8.41 -28.58 79.92
CA SER D 722 8.02 -27.73 81.05
C SER D 722 8.91 -26.50 81.15
N GLN D 723 10.23 -26.69 81.03
CA GLN D 723 11.15 -25.57 81.16
C GLN D 723 11.19 -24.70 79.91
N LEU D 724 10.95 -25.32 78.75
CA LEU D 724 10.88 -24.60 77.49
C LEU D 724 9.72 -23.60 77.54
N MET D 725 8.55 -24.04 78.01
CA MET D 725 7.42 -23.15 78.21
C MET D 725 7.75 -22.03 79.20
N GLU D 726 8.36 -22.39 80.33
CA GLU D 726 8.84 -21.41 81.32
C GLU D 726 9.74 -20.36 80.70
N ALA D 727 10.76 -20.82 80.00
CA ALA D 727 11.77 -19.93 79.40
C ALA D 727 11.17 -18.92 78.42
N HIS D 728 10.02 -19.24 77.85
CA HIS D 728 9.38 -18.35 76.89
C HIS D 728 8.23 -17.54 77.50
N GLY D 729 8.21 -17.48 78.83
CA GLY D 729 7.31 -16.59 79.53
C GLY D 729 5.91 -17.12 79.80
N ASN D 730 5.73 -18.42 79.69
CA ASN D 730 4.41 -19.01 79.87
C ASN D 730 4.11 -19.43 81.31
N LYS D 731 2.87 -19.19 81.73
CA LYS D 731 2.40 -19.57 83.06
C LYS D 731 1.57 -20.85 82.97
N GLY D 732 1.01 -21.28 84.09
CA GLY D 732 0.12 -22.43 84.11
C GLY D 732 0.80 -23.75 83.76
#